data_4TQT
#
_entry.id   4TQT
#
_cell.length_a   156.690
_cell.length_b   88.830
_cell.length_c   221.240
_cell.angle_alpha   90.000
_cell.angle_beta   91.170
_cell.angle_gamma   90.000
#
_symmetry.space_group_name_H-M   'C 1 2 1'
#
loop_
_entity.id
_entity.type
_entity.pdbx_description
1 polymer D-hydantoinase
2 non-polymer 'ZINC ION'
3 non-polymer 1,2-ETHANEDIOL
4 water water
#
_entity_poly.entity_id   1
_entity_poly.type   'polypeptide(L)'
_entity_poly.pdbx_seq_one_letter_code
;MAHHHHHHMAKTGASKVIKGGTVITADRTFRADILIEDGKIAAIGDSLEGDEVIDASGCYVMPGGIDPHTHLQMPFMGTY
SSDDFDTGTAAALAGGTTMVVDFVLPDSEGNLLDALQEWFQKAGKARTDYSFHMAITGWNERTFNEMAEVVKRGINTF
(KCX)HFMAYKGALMVNDDEMFASFQRCAELGAMPLVHAENGDIVAQLQAKLMAEGNDGPEAHAYSRPPEVEGEATNRAI
MIADQAGVPLYVVHVSCEQSHEAIRRARQKGMRVFGEPLIQHLTLDESEYHNRDWDYAARRVMSPPFRDKLNQDSLWAGL
AAGSLQCVATDHCAFTTEQKRYGIGNFTKIPNGTGGLEERMPVLWTRGVRTGRLTPNEFVAVTSTNIAKILNIYPQKGAV
VPGADADLVIWDPETTKKISAKTQHSSIDYNVFEGFELKGLPIMTLSRGRIAFDKGQVTAKPGDGRFIEREPNGAVNRAL
SQWKEIVAPRKVERSAEHMPIGV
;
_entity_poly.pdbx_strand_id   A,B,C,D,E,F
#
loop_
_chem_comp.id
_chem_comp.type
_chem_comp.name
_chem_comp.formula
EDO non-polymer 1,2-ETHANEDIOL 'C2 H6 O2'
ZN non-polymer 'ZINC ION' 'Zn 2'
#
# COMPACT_ATOMS: atom_id res chain seq x y z
N ALA A 14 -50.74 -37.58 -48.66
CA ALA A 14 -50.57 -38.90 -48.05
C ALA A 14 -50.07 -38.77 -46.61
N SER A 15 -50.88 -39.15 -45.64
CA SER A 15 -50.54 -38.96 -44.22
C SER A 15 -49.68 -40.08 -43.63
N LYS A 16 -48.96 -39.75 -42.57
CA LYS A 16 -48.22 -40.74 -41.79
C LYS A 16 -48.75 -40.79 -40.37
N VAL A 17 -48.79 -42.00 -39.79
CA VAL A 17 -49.10 -42.13 -38.37
C VAL A 17 -47.98 -42.87 -37.67
N ILE A 18 -47.45 -42.26 -36.61
CA ILE A 18 -46.45 -42.89 -35.78
C ILE A 18 -47.15 -43.55 -34.60
N LYS A 19 -47.13 -44.89 -34.57
CA LYS A 19 -47.93 -45.65 -33.62
C LYS A 19 -47.07 -46.41 -32.61
N GLY A 20 -47.60 -46.52 -31.39
CA GLY A 20 -47.01 -47.40 -30.40
C GLY A 20 -45.90 -46.79 -29.58
N GLY A 21 -45.56 -45.54 -29.86
CA GLY A 21 -44.45 -44.88 -29.20
C GLY A 21 -44.83 -44.14 -27.93
N THR A 22 -43.82 -43.73 -27.18
CA THR A 22 -44.05 -42.89 -26.01
C THR A 22 -43.48 -41.53 -26.28
N VAL A 23 -44.36 -40.53 -26.28
CA VAL A 23 -43.96 -39.16 -26.55
C VAL A 23 -43.29 -38.55 -25.32
N ILE A 24 -42.13 -37.94 -25.54
CA ILE A 24 -41.47 -37.14 -24.50
C ILE A 24 -41.33 -35.71 -24.98
N THR A 25 -41.91 -34.78 -24.22
CA THR A 25 -41.73 -33.37 -24.49
C THR A 25 -41.07 -32.70 -23.29
N ALA A 26 -40.80 -31.42 -23.40
CA ALA A 26 -40.21 -30.69 -22.29
C ALA A 26 -41.16 -30.68 -21.10
N ASP A 27 -42.48 -30.82 -21.31
CA ASP A 27 -43.40 -30.70 -20.18
C ASP A 27 -44.01 -32.03 -19.68
N ARG A 28 -44.01 -33.06 -20.51
CA ARG A 28 -44.54 -34.34 -20.06
C ARG A 28 -44.11 -35.53 -20.91
N THR A 29 -44.42 -36.70 -20.38
CA THR A 29 -44.16 -37.98 -21.02
C THR A 29 -45.48 -38.77 -21.05
N PHE A 30 -45.87 -39.26 -22.22
CA PHE A 30 -47.13 -39.98 -22.33
C PHE A 30 -47.20 -40.85 -23.57
N ARG A 31 -47.89 -41.99 -23.46
CA ARG A 31 -48.10 -42.86 -24.61
C ARG A 31 -49.13 -42.20 -25.52
N ALA A 32 -48.81 -42.11 -26.81
CA ALA A 32 -49.72 -41.53 -27.80
C ALA A 32 -49.28 -41.83 -29.23
N ASP A 33 -50.26 -41.91 -30.13
CA ASP A 33 -50.00 -41.93 -31.56
C ASP A 33 -49.87 -40.51 -32.09
N ILE A 34 -49.14 -40.36 -33.19
CA ILE A 34 -48.99 -39.06 -33.82
C ILE A 34 -49.37 -39.14 -35.29
N LEU A 35 -50.38 -38.36 -35.67
CA LEU A 35 -50.80 -38.27 -37.06
C LEU A 35 -50.13 -37.06 -37.71
N ILE A 36 -49.50 -37.28 -38.87
CA ILE A 36 -48.82 -36.21 -39.57
C ILE A 36 -49.47 -35.96 -40.92
N GLU A 37 -49.85 -34.71 -41.18
CA GLU A 37 -50.42 -34.32 -42.46
C GLU A 37 -49.80 -33.01 -42.94
N ASP A 38 -49.47 -32.94 -44.24
CA ASP A 38 -48.94 -31.71 -44.85
C ASP A 38 -47.72 -31.18 -44.12
N GLY A 39 -46.83 -32.08 -43.71
CA GLY A 39 -45.61 -31.70 -43.03
C GLY A 39 -45.79 -31.27 -41.60
N LYS A 40 -47.00 -31.37 -41.07
CA LYS A 40 -47.27 -30.91 -39.70
C LYS A 40 -47.92 -31.97 -38.83
N ILE A 41 -47.85 -31.79 -37.52
CA ILE A 41 -48.56 -32.68 -36.61
C ILE A 41 -50.04 -32.32 -36.65
N ALA A 42 -50.86 -33.26 -37.12
CA ALA A 42 -52.30 -33.00 -37.25
C ALA A 42 -53.04 -33.40 -35.96
N ALA A 43 -52.61 -34.49 -35.34
CA ALA A 43 -53.30 -34.98 -34.15
C ALA A 43 -52.38 -35.84 -33.29
N ILE A 44 -52.63 -35.81 -31.99
CA ILE A 44 -51.90 -36.61 -31.00
C ILE A 44 -52.93 -37.29 -30.12
N GLY A 45 -52.88 -38.62 -30.03
CA GLY A 45 -53.90 -39.32 -29.30
C GLY A 45 -53.77 -40.82 -29.19
N ASP A 46 -54.77 -41.42 -28.54
CA ASP A 46 -54.76 -42.82 -28.16
C ASP A 46 -54.67 -43.80 -29.33
N SER A 47 -55.56 -43.66 -30.29
CA SER A 47 -55.53 -44.52 -31.47
C SER A 47 -55.86 -43.72 -32.70
N LEU A 48 -54.88 -43.57 -33.57
CA LEU A 48 -55.05 -42.75 -34.76
C LEU A 48 -54.74 -43.58 -36.00
N GLU A 49 -55.30 -43.17 -37.12
CA GLU A 49 -55.04 -43.86 -38.37
C GLU A 49 -54.43 -42.93 -39.37
N GLY A 50 -53.65 -43.49 -40.30
CA GLY A 50 -53.03 -42.71 -41.36
C GLY A 50 -52.70 -43.61 -42.54
N ASP A 51 -52.36 -42.99 -43.66
CA ASP A 51 -52.10 -43.74 -44.89
C ASP A 51 -50.91 -44.67 -44.73
N GLU A 52 -49.87 -44.15 -44.06
CA GLU A 52 -48.64 -44.91 -43.87
C GLU A 52 -48.32 -45.00 -42.38
N VAL A 53 -47.98 -46.20 -41.93
CA VAL A 53 -47.72 -46.43 -40.51
C VAL A 53 -46.23 -46.57 -40.25
N ILE A 54 -45.75 -45.81 -39.28
CA ILE A 54 -44.40 -45.94 -38.75
C ILE A 54 -44.52 -46.52 -37.34
N ASP A 55 -43.92 -47.69 -37.14
CA ASP A 55 -44.02 -48.40 -35.86
C ASP A 55 -42.98 -47.89 -34.86
N ALA A 56 -43.46 -47.30 -33.76
CA ALA A 56 -42.57 -46.76 -32.74
C ALA A 56 -42.70 -47.51 -31.41
N SER A 57 -43.18 -48.75 -31.49
CA SER A 57 -43.28 -49.61 -30.32
C SER A 57 -41.94 -49.72 -29.62
N GLY A 58 -41.94 -49.60 -28.31
CA GLY A 58 -40.71 -49.69 -27.53
C GLY A 58 -39.79 -48.49 -27.67
N CYS A 59 -40.23 -47.46 -28.39
CA CYS A 59 -39.40 -46.29 -28.62
C CYS A 59 -40.01 -45.05 -27.98
N TYR A 60 -39.18 -44.04 -27.81
CA TYR A 60 -39.62 -42.71 -27.41
C TYR A 60 -39.74 -41.85 -28.66
N VAL A 61 -40.69 -40.91 -28.64
CA VAL A 61 -40.79 -39.96 -29.74
C VAL A 61 -40.62 -38.55 -29.19
N MET A 62 -39.62 -37.85 -29.72
CA MET A 62 -39.27 -36.54 -29.21
C MET A 62 -39.24 -35.51 -30.34
N PRO A 63 -39.39 -34.22 -29.99
CA PRO A 63 -39.14 -33.18 -31.01
C PRO A 63 -37.71 -33.35 -31.55
N GLY A 64 -37.50 -33.18 -32.85
CA GLY A 64 -36.16 -33.20 -33.39
C GLY A 64 -35.30 -32.13 -32.74
N GLY A 65 -34.02 -32.45 -32.56
CA GLY A 65 -33.12 -31.51 -31.94
C GLY A 65 -32.94 -30.25 -32.75
N ILE A 66 -32.73 -29.14 -32.05
CA ILE A 66 -32.33 -27.89 -32.69
C ILE A 66 -30.95 -27.49 -32.16
N ASP A 67 -29.96 -27.41 -33.04
CA ASP A 67 -28.63 -26.99 -32.65
C ASP A 67 -28.39 -25.54 -33.08
N PRO A 68 -28.40 -24.60 -32.11
CA PRO A 68 -28.36 -23.18 -32.45
C PRO A 68 -26.96 -22.64 -32.76
N HIS A 69 -26.00 -23.53 -32.91
CA HIS A 69 -24.62 -23.07 -33.01
C HIS A 69 -23.81 -23.92 -33.97
N THR A 70 -23.82 -23.52 -35.23
CA THR A 70 -23.06 -24.22 -36.25
C THR A 70 -22.29 -23.24 -37.14
N HIS A 71 -21.23 -23.73 -37.78
CA HIS A 71 -20.44 -22.96 -38.72
C HIS A 71 -20.16 -23.83 -39.92
N LEU A 72 -21.15 -24.04 -40.76
CA LEU A 72 -21.01 -24.92 -41.91
C LEU A 72 -20.45 -24.16 -43.10
N GLN A 73 -19.50 -24.78 -43.79
CA GLN A 73 -18.74 -24.15 -44.86
C GLN A 73 -18.30 -22.74 -44.45
N MET A 74 -17.71 -22.63 -43.27
CA MET A 74 -17.25 -21.35 -42.77
C MET A 74 -15.93 -21.00 -43.42
N PRO A 75 -15.78 -19.74 -43.84
CA PRO A 75 -14.52 -19.31 -44.47
C PRO A 75 -13.36 -19.32 -43.47
N PHE A 76 -12.25 -19.96 -43.83
CA PHE A 76 -11.01 -19.87 -43.07
C PHE A 76 -9.82 -19.91 -44.01
N MET A 77 -8.99 -18.86 -43.94
CA MET A 77 -7.72 -18.77 -44.67
C MET A 77 -7.87 -19.03 -46.18
N GLY A 78 -8.91 -18.47 -46.79
CA GLY A 78 -9.08 -18.58 -48.23
C GLY A 78 -9.71 -19.90 -48.65
N THR A 79 -9.98 -20.75 -47.66
CA THR A 79 -10.68 -22.00 -47.91
C THR A 79 -11.99 -21.99 -47.14
N TYR A 80 -12.38 -23.16 -46.62
CA TYR A 80 -13.58 -23.28 -45.80
C TYR A 80 -13.43 -24.41 -44.79
N SER A 81 -14.27 -24.40 -43.76
CA SER A 81 -14.39 -25.57 -42.90
C SER A 81 -14.82 -26.76 -43.77
N SER A 82 -14.58 -27.97 -43.27
CA SER A 82 -14.70 -29.14 -44.11
C SER A 82 -16.12 -29.69 -44.21
N ASP A 83 -16.95 -29.44 -43.20
CA ASP A 83 -18.38 -29.77 -43.28
C ASP A 83 -19.17 -28.59 -43.85
N ASP A 84 -19.85 -28.81 -44.98
CA ASP A 84 -20.69 -27.76 -45.54
C ASP A 84 -22.14 -27.99 -45.08
N PHE A 85 -23.10 -27.29 -45.68
CA PHE A 85 -24.49 -27.46 -45.27
C PHE A 85 -25.05 -28.84 -45.67
N ASP A 86 -24.41 -29.48 -46.63
CA ASP A 86 -24.82 -30.84 -47.03
C ASP A 86 -24.37 -31.86 -45.99
N THR A 87 -23.06 -32.04 -45.81
CA THR A 87 -22.57 -33.04 -44.90
C THR A 87 -22.93 -32.66 -43.46
N GLY A 88 -22.96 -31.36 -43.19
CA GLY A 88 -23.35 -30.90 -41.87
C GLY A 88 -24.74 -31.32 -41.45
N THR A 89 -25.73 -31.13 -42.34
CA THR A 89 -27.10 -31.47 -41.99
C THR A 89 -27.32 -32.99 -42.03
N ALA A 90 -26.56 -33.69 -42.87
CA ALA A 90 -26.56 -35.14 -42.85
C ALA A 90 -26.16 -35.67 -41.47
N ALA A 91 -25.04 -35.17 -40.94
CA ALA A 91 -24.59 -35.54 -39.59
C ALA A 91 -25.66 -35.19 -38.54
N ALA A 92 -26.22 -33.99 -38.63
CA ALA A 92 -27.27 -33.58 -37.71
C ALA A 92 -28.43 -34.59 -37.68
N LEU A 93 -28.96 -34.91 -38.85
CA LEU A 93 -30.11 -35.81 -38.95
C LEU A 93 -29.80 -37.19 -38.37
N ALA A 94 -28.61 -37.71 -38.61
CA ALA A 94 -28.24 -39.02 -38.09
C ALA A 94 -28.13 -39.01 -36.56
N GLY A 95 -28.05 -37.81 -35.99
CA GLY A 95 -27.95 -37.66 -34.55
C GLY A 95 -29.24 -37.14 -33.94
N GLY A 96 -30.32 -37.16 -34.71
CA GLY A 96 -31.63 -36.75 -34.22
C GLY A 96 -31.91 -35.25 -34.26
N THR A 97 -30.99 -34.48 -34.86
CA THR A 97 -31.15 -33.04 -34.93
C THR A 97 -31.74 -32.62 -36.29
N THR A 98 -32.87 -31.90 -36.23
CA THR A 98 -33.64 -31.57 -37.41
C THR A 98 -33.50 -30.14 -37.86
N MET A 99 -32.81 -29.32 -37.07
CA MET A 99 -32.61 -27.92 -37.44
C MET A 99 -31.25 -27.42 -36.91
N VAL A 100 -30.56 -26.65 -37.73
CA VAL A 100 -29.31 -26.00 -37.32
C VAL A 100 -29.44 -24.48 -37.47
N VAL A 101 -28.77 -23.73 -36.62
CA VAL A 101 -28.72 -22.28 -36.81
C VAL A 101 -27.28 -21.84 -36.97
N ASP A 102 -26.98 -21.26 -38.14
CA ASP A 102 -25.62 -20.93 -38.53
C ASP A 102 -25.37 -19.44 -38.34
N PHE A 103 -24.10 -19.04 -38.39
CA PHE A 103 -23.74 -17.64 -38.20
C PHE A 103 -23.27 -16.99 -39.50
N VAL A 104 -24.02 -15.98 -39.94
CA VAL A 104 -23.59 -15.19 -41.10
C VAL A 104 -22.46 -14.28 -40.66
N LEU A 105 -21.34 -14.28 -41.39
CA LEU A 105 -20.19 -13.46 -41.01
C LEU A 105 -19.93 -12.40 -42.06
N PRO A 106 -20.39 -11.16 -41.80
CA PRO A 106 -20.17 -10.02 -42.70
C PRO A 106 -18.82 -9.35 -42.49
N ASP A 107 -18.40 -8.51 -43.43
CA ASP A 107 -17.21 -7.68 -43.24
C ASP A 107 -17.51 -6.57 -42.26
N SER A 108 -16.45 -5.95 -41.72
CA SER A 108 -16.60 -4.92 -40.70
C SER A 108 -17.27 -3.66 -41.25
N GLU A 109 -17.26 -3.51 -42.57
CA GLU A 109 -17.97 -2.41 -43.21
C GLU A 109 -19.47 -2.51 -42.96
N GLY A 110 -19.96 -3.70 -42.60
CA GLY A 110 -21.36 -3.91 -42.28
C GLY A 110 -22.25 -4.28 -43.45
N ASN A 111 -21.69 -5.07 -44.38
CA ASN A 111 -22.44 -5.55 -45.54
C ASN A 111 -23.30 -6.77 -45.18
N LEU A 112 -24.22 -6.56 -44.24
CA LEU A 112 -25.01 -7.64 -43.66
C LEU A 112 -25.87 -8.33 -44.71
N LEU A 113 -26.53 -7.54 -45.55
CA LEU A 113 -27.43 -8.13 -46.53
C LEU A 113 -26.65 -8.92 -47.58
N ASP A 114 -25.50 -8.39 -48.00
CA ASP A 114 -24.66 -9.10 -48.96
C ASP A 114 -24.17 -10.43 -48.38
N ALA A 115 -23.71 -10.39 -47.13
CA ALA A 115 -23.25 -11.59 -46.44
C ALA A 115 -24.40 -12.59 -46.30
N LEU A 116 -25.60 -12.08 -46.01
CA LEU A 116 -26.77 -12.93 -45.88
C LEU A 116 -27.02 -13.69 -47.19
N GLN A 117 -26.93 -12.99 -48.31
CA GLN A 117 -27.17 -13.63 -49.61
C GLN A 117 -26.14 -14.72 -49.86
N GLU A 118 -24.90 -14.46 -49.48
CA GLU A 118 -23.83 -15.42 -49.65
C GLU A 118 -24.14 -16.67 -48.81
N TRP A 119 -24.68 -16.46 -47.62
CA TRP A 119 -25.04 -17.59 -46.77
C TRP A 119 -26.25 -18.37 -47.27
N PHE A 120 -27.22 -17.70 -47.87
CA PHE A 120 -28.33 -18.41 -48.49
C PHE A 120 -27.83 -19.34 -49.59
N GLN A 121 -26.81 -18.90 -50.32
CA GLN A 121 -26.22 -19.71 -51.39
C GLN A 121 -25.61 -20.98 -50.81
N LYS A 122 -24.88 -20.84 -49.70
CA LYS A 122 -24.28 -21.98 -49.01
C LYS A 122 -25.36 -22.96 -48.56
N ALA A 123 -26.43 -22.42 -47.98
CA ALA A 123 -27.44 -23.25 -47.31
C ALA A 123 -28.40 -23.91 -48.31
N GLY A 124 -28.21 -23.63 -49.59
CA GLY A 124 -29.01 -24.27 -50.64
C GLY A 124 -28.86 -25.78 -50.62
N LYS A 125 -27.73 -26.26 -50.10
CA LYS A 125 -27.40 -27.68 -49.99
C LYS A 125 -27.96 -28.35 -48.73
N ALA A 126 -28.59 -27.57 -47.86
CA ALA A 126 -29.06 -28.12 -46.59
C ALA A 126 -30.07 -29.25 -46.80
N ARG A 127 -29.91 -30.32 -46.03
CA ARG A 127 -30.82 -31.46 -46.10
C ARG A 127 -31.96 -31.36 -45.10
N THR A 128 -31.83 -30.44 -44.15
CA THR A 128 -32.88 -30.26 -43.16
C THR A 128 -32.98 -28.76 -42.86
N ASP A 129 -34.02 -28.36 -42.14
CA ASP A 129 -34.30 -26.93 -41.98
C ASP A 129 -33.19 -26.23 -41.18
N TYR A 130 -33.10 -24.92 -41.39
CA TYR A 130 -32.03 -24.13 -40.82
C TYR A 130 -32.49 -22.69 -40.64
N SER A 131 -31.75 -21.93 -39.85
CA SER A 131 -31.92 -20.49 -39.79
C SER A 131 -30.57 -19.86 -39.51
N PHE A 132 -30.53 -18.54 -39.42
CA PHE A 132 -29.27 -17.83 -39.23
C PHE A 132 -29.28 -16.91 -38.02
N HIS A 133 -28.10 -16.72 -37.44
CA HIS A 133 -27.79 -15.57 -36.62
C HIS A 133 -27.00 -14.63 -37.51
N MET A 134 -27.18 -13.32 -37.36
CA MET A 134 -26.35 -12.37 -38.09
C MET A 134 -25.22 -11.81 -37.21
N ALA A 135 -23.97 -12.07 -37.58
CA ALA A 135 -22.85 -11.50 -36.84
C ALA A 135 -22.69 -10.03 -37.17
N ILE A 136 -22.19 -9.30 -36.19
CA ILE A 136 -21.89 -7.87 -36.28
C ILE A 136 -20.41 -7.72 -35.98
N THR A 137 -19.60 -7.34 -36.96
CA THR A 137 -18.14 -7.34 -36.80
C THR A 137 -17.53 -5.94 -36.90
N GLY A 138 -18.33 -4.93 -36.64
CA GLY A 138 -17.84 -3.56 -36.62
C GLY A 138 -19.01 -2.70 -36.22
N TRP A 139 -18.88 -1.39 -36.33
CA TRP A 139 -20.01 -0.52 -36.07
C TRP A 139 -19.88 0.75 -36.90
N ASN A 140 -20.98 1.10 -37.57
CA ASN A 140 -21.05 2.28 -38.42
C ASN A 140 -22.50 2.48 -38.87
N GLU A 141 -22.76 3.53 -39.64
CA GLU A 141 -24.13 3.85 -40.02
C GLU A 141 -24.74 2.73 -40.84
N ARG A 142 -23.95 2.12 -41.72
CA ARG A 142 -24.43 1.03 -42.56
C ARG A 142 -24.92 -0.15 -41.73
N THR A 143 -24.12 -0.52 -40.75
CA THR A 143 -24.47 -1.62 -39.86
C THR A 143 -25.79 -1.33 -39.14
N PHE A 144 -25.86 -0.15 -38.54
CA PHE A 144 -27.05 0.30 -37.85
C PHE A 144 -28.27 0.16 -38.75
N ASN A 145 -28.14 0.58 -40.00
CA ASN A 145 -29.25 0.55 -40.94
C ASN A 145 -29.63 -0.86 -41.37
N GLU A 146 -28.64 -1.65 -41.76
CA GLU A 146 -28.93 -2.96 -42.33
C GLU A 146 -29.44 -3.92 -41.25
N MET A 147 -29.18 -3.64 -39.96
CA MET A 147 -29.73 -4.47 -38.89
C MET A 147 -31.28 -4.52 -38.95
N ALA A 148 -31.90 -3.37 -39.22
CA ALA A 148 -33.34 -3.29 -39.38
C ALA A 148 -33.80 -4.15 -40.54
N GLU A 149 -33.05 -4.11 -41.64
CA GLU A 149 -33.39 -4.89 -42.83
C GLU A 149 -33.22 -6.40 -42.59
N VAL A 150 -32.19 -6.77 -41.82
CA VAL A 150 -31.94 -8.15 -41.47
C VAL A 150 -33.09 -8.72 -40.63
N VAL A 151 -33.58 -7.92 -39.68
CA VAL A 151 -34.71 -8.33 -38.84
C VAL A 151 -35.99 -8.52 -39.68
N LYS A 152 -36.19 -7.64 -40.67
CA LYS A 152 -37.35 -7.77 -41.56
C LYS A 152 -37.28 -9.07 -42.35
N ARG A 153 -36.08 -9.57 -42.56
CA ARG A 153 -35.95 -10.79 -43.34
C ARG A 153 -36.00 -12.06 -42.48
N GLY A 154 -36.33 -11.92 -41.21
CA GLY A 154 -36.57 -13.09 -40.37
C GLY A 154 -35.42 -13.58 -39.51
N ILE A 155 -34.43 -12.73 -39.29
CA ILE A 155 -33.35 -13.05 -38.35
C ILE A 155 -33.46 -12.11 -37.14
N ASN A 156 -33.66 -12.66 -35.95
CA ASN A 156 -33.92 -11.80 -34.81
C ASN A 156 -32.79 -11.84 -33.77
N THR A 157 -31.62 -12.33 -34.18
CA THR A 157 -30.44 -12.41 -33.31
C THR A 157 -29.18 -11.85 -33.98
N PHE A 158 -28.35 -11.18 -33.20
CA PHE A 158 -27.11 -10.61 -33.71
C PHE A 158 -25.95 -11.06 -32.82
N KCX A 159 -24.96 -11.66 -33.45
CA KCX A 159 -23.89 -12.28 -32.76
CB KCX A 159 -23.47 -13.52 -33.56
CG KCX A 159 -22.11 -14.04 -33.08
CD KCX A 159 -22.22 -14.51 -31.62
CE KCX A 159 -21.03 -15.39 -31.25
NZ KCX A 159 -20.93 -16.44 -32.26
C KCX A 159 -22.73 -11.30 -32.68
O KCX A 159 -22.43 -10.60 -33.69
CX KCX A 159 -19.94 -17.48 -32.11
OQ1 KCX A 159 -19.81 -18.38 -32.97
OQ2 KCX A 159 -19.21 -17.47 -31.08
N HIS A 160 -22.10 -11.23 -31.51
CA HIS A 160 -20.95 -10.33 -31.29
C HIS A 160 -19.73 -11.10 -30.76
N PHE A 161 -18.55 -10.75 -31.27
CA PHE A 161 -17.30 -11.36 -30.84
C PHE A 161 -16.48 -10.38 -30.02
N MET A 162 -16.16 -10.78 -28.80
CA MET A 162 -15.31 -9.97 -27.92
C MET A 162 -13.84 -10.38 -28.07
N ALA A 163 -13.60 -11.50 -28.72
CA ALA A 163 -12.24 -11.93 -29.07
C ALA A 163 -12.04 -11.90 -30.58
N TYR A 164 -10.99 -12.59 -31.03
CA TYR A 164 -10.54 -12.57 -32.42
C TYR A 164 -10.22 -11.15 -32.88
N LYS A 165 -9.34 -10.51 -32.12
CA LYS A 165 -8.90 -9.15 -32.40
C LYS A 165 -8.32 -9.05 -33.82
N GLY A 166 -8.61 -7.93 -34.49
CA GLY A 166 -8.14 -7.69 -35.84
C GLY A 166 -8.95 -8.38 -36.92
N ALA A 167 -9.91 -9.22 -36.53
CA ALA A 167 -10.75 -9.91 -37.51
C ALA A 167 -12.25 -9.68 -37.22
N LEU A 168 -12.76 -10.25 -36.12
CA LEU A 168 -14.20 -10.18 -35.81
C LEU A 168 -14.54 -9.30 -34.61
N MET A 169 -13.52 -8.91 -33.83
CA MET A 169 -13.76 -8.30 -32.52
C MET A 169 -14.45 -6.94 -32.56
N VAL A 170 -15.39 -6.71 -31.64
CA VAL A 170 -15.91 -5.36 -31.41
C VAL A 170 -15.55 -4.90 -29.99
N ASN A 171 -15.52 -3.58 -29.78
CA ASN A 171 -15.19 -3.06 -28.44
C ASN A 171 -16.47 -2.74 -27.66
N ASP A 172 -16.32 -2.23 -26.44
CA ASP A 172 -17.45 -1.95 -25.56
C ASP A 172 -18.38 -0.90 -26.13
N ASP A 173 -17.78 0.09 -26.77
CA ASP A 173 -18.52 1.19 -27.34
C ASP A 173 -19.43 0.70 -28.47
N GLU A 174 -18.83 -0.04 -29.40
CA GLU A 174 -19.56 -0.61 -30.54
C GLU A 174 -20.63 -1.59 -30.03
N MET A 175 -20.24 -2.43 -29.07
CA MET A 175 -21.14 -3.43 -28.53
C MET A 175 -22.35 -2.80 -27.87
N PHE A 176 -22.15 -1.71 -27.12
CA PHE A 176 -23.27 -1.01 -26.48
C PHE A 176 -24.23 -0.40 -27.52
N ALA A 177 -23.69 0.24 -28.54
CA ALA A 177 -24.50 0.82 -29.62
C ALA A 177 -25.30 -0.28 -30.32
N SER A 178 -24.66 -1.39 -30.60
CA SER A 178 -25.32 -2.49 -31.28
C SER A 178 -26.42 -3.09 -30.41
N PHE A 179 -26.14 -3.26 -29.12
CA PHE A 179 -27.11 -3.85 -28.19
C PHE A 179 -28.31 -2.94 -28.06
N GLN A 180 -28.09 -1.62 -28.06
CA GLN A 180 -29.19 -0.68 -27.98
C GLN A 180 -30.07 -0.77 -29.24
N ARG A 181 -29.42 -0.95 -30.39
CA ARG A 181 -30.12 -1.13 -31.63
C ARG A 181 -30.93 -2.42 -31.60
N CYS A 182 -30.35 -3.49 -31.06
CA CYS A 182 -31.08 -4.74 -30.85
C CYS A 182 -32.33 -4.51 -30.02
N ALA A 183 -32.17 -3.77 -28.91
CA ALA A 183 -33.30 -3.50 -28.03
C ALA A 183 -34.43 -2.81 -28.81
N GLU A 184 -34.06 -1.83 -29.61
CA GLU A 184 -34.99 -1.04 -30.41
C GLU A 184 -35.76 -1.86 -31.44
N LEU A 185 -35.06 -2.82 -32.03
CA LEU A 185 -35.63 -3.66 -33.09
C LEU A 185 -36.32 -4.89 -32.52
N GLY A 186 -36.19 -5.12 -31.22
CA GLY A 186 -36.72 -6.33 -30.62
C GLY A 186 -35.94 -7.58 -30.94
N ALA A 187 -34.66 -7.41 -31.28
CA ALA A 187 -33.75 -8.53 -31.51
C ALA A 187 -32.98 -8.86 -30.23
N MET A 188 -32.28 -9.99 -30.22
CA MET A 188 -31.48 -10.38 -29.06
C MET A 188 -30.02 -10.59 -29.46
N PRO A 189 -29.10 -9.92 -28.75
CA PRO A 189 -27.68 -10.17 -29.03
C PRO A 189 -27.20 -11.54 -28.53
N LEU A 190 -26.33 -12.16 -29.31
CA LEU A 190 -25.55 -13.31 -28.85
C LEU A 190 -24.13 -12.83 -28.66
N VAL A 191 -23.37 -13.47 -27.76
CA VAL A 191 -21.99 -13.05 -27.57
C VAL A 191 -21.02 -14.22 -27.40
N HIS A 192 -19.90 -14.13 -28.13
CA HIS A 192 -18.73 -14.93 -27.87
C HIS A 192 -17.88 -14.14 -26.86
N ALA A 193 -17.85 -14.60 -25.62
CA ALA A 193 -17.30 -13.79 -24.55
C ALA A 193 -15.93 -14.30 -24.07
N GLU A 194 -14.89 -13.77 -24.70
CA GLU A 194 -13.50 -13.90 -24.22
C GLU A 194 -12.87 -12.54 -24.39
N ASN A 195 -12.01 -12.13 -23.47
CA ASN A 195 -11.37 -10.83 -23.62
C ASN A 195 -10.30 -10.84 -24.71
N GLY A 196 -10.63 -10.28 -25.86
CA GLY A 196 -9.77 -10.32 -27.03
C GLY A 196 -8.41 -9.66 -26.89
N ASP A 197 -8.34 -8.56 -26.14
CA ASP A 197 -7.07 -7.86 -25.98
C ASP A 197 -6.09 -8.68 -25.15
N ILE A 198 -6.57 -9.29 -24.06
CA ILE A 198 -5.71 -10.06 -23.19
C ILE A 198 -5.30 -11.34 -23.92
N VAL A 199 -6.25 -11.97 -24.60
CA VAL A 199 -5.94 -13.15 -25.38
C VAL A 199 -4.86 -12.91 -26.43
N ALA A 200 -4.96 -11.82 -27.18
CA ALA A 200 -3.95 -11.52 -28.20
C ALA A 200 -2.56 -11.36 -27.57
N GLN A 201 -2.49 -10.67 -26.43
CA GLN A 201 -1.21 -10.47 -25.78
C GLN A 201 -0.67 -11.78 -25.20
N LEU A 202 -1.55 -12.62 -24.65
CA LEU A 202 -1.09 -13.91 -24.12
C LEU A 202 -0.58 -14.80 -25.25
N GLN A 203 -1.26 -14.77 -26.39
CA GLN A 203 -0.80 -15.50 -27.56
C GLN A 203 0.62 -15.10 -27.96
N ALA A 204 0.84 -13.80 -28.09
CA ALA A 204 2.13 -13.27 -28.52
C ALA A 204 3.25 -13.59 -27.52
N LYS A 205 2.94 -13.47 -26.23
CA LYS A 205 3.93 -13.78 -25.19
C LYS A 205 4.27 -15.27 -25.23
N LEU A 206 3.25 -16.11 -25.36
CA LEU A 206 3.49 -17.56 -25.42
C LEU A 206 4.35 -17.95 -26.62
N MET A 207 4.04 -17.41 -27.80
CA MET A 207 4.83 -17.69 -28.99
C MET A 207 6.28 -17.23 -28.80
N ALA A 208 6.44 -16.04 -28.23
CA ALA A 208 7.77 -15.47 -28.01
C ALA A 208 8.61 -16.32 -27.06
N GLU A 209 7.94 -17.11 -26.21
CA GLU A 209 8.64 -17.97 -25.25
C GLU A 209 8.84 -19.40 -25.76
N GLY A 210 8.48 -19.65 -27.03
CA GLY A 210 8.60 -20.98 -27.60
C GLY A 210 7.50 -21.93 -27.18
N ASN A 211 6.51 -21.41 -26.45
CA ASN A 211 5.35 -22.18 -26.03
C ASN A 211 4.34 -22.19 -27.17
N ASP A 212 4.63 -23.00 -28.19
CA ASP A 212 3.95 -22.83 -29.48
C ASP A 212 3.07 -24.03 -29.90
N GLY A 213 2.95 -25.01 -29.01
CA GLY A 213 2.17 -26.21 -29.28
C GLY A 213 0.68 -25.99 -29.10
N PRO A 214 -0.13 -27.01 -29.44
CA PRO A 214 -1.59 -26.95 -29.32
C PRO A 214 -2.06 -26.65 -27.90
N GLU A 215 -1.35 -27.18 -26.90
CA GLU A 215 -1.73 -26.96 -25.50
C GLU A 215 -1.66 -25.48 -25.13
N ALA A 216 -0.82 -24.73 -25.84
CA ALA A 216 -0.63 -23.31 -25.57
C ALA A 216 -1.84 -22.49 -26.05
N HIS A 217 -2.65 -23.08 -26.91
CA HIS A 217 -3.91 -22.43 -27.27
C HIS A 217 -4.77 -22.25 -26.02
N ALA A 218 -4.92 -23.31 -25.24
CA ALA A 218 -5.66 -23.24 -23.98
C ALA A 218 -4.99 -22.28 -22.98
N TYR A 219 -3.65 -22.30 -22.96
CA TYR A 219 -2.88 -21.40 -22.08
C TYR A 219 -3.16 -19.94 -22.41
N SER A 220 -3.37 -19.64 -23.69
CA SER A 220 -3.50 -18.27 -24.17
C SER A 220 -4.85 -17.65 -23.84
N ARG A 221 -5.78 -18.48 -23.38
CA ARG A 221 -7.11 -17.98 -23.03
C ARG A 221 -7.69 -18.78 -21.86
N PRO A 222 -7.13 -18.57 -20.66
CA PRO A 222 -7.59 -19.29 -19.46
C PRO A 222 -9.02 -18.88 -19.10
N PRO A 223 -9.72 -19.70 -18.30
CA PRO A 223 -11.14 -19.48 -17.97
C PRO A 223 -11.45 -18.08 -17.45
N GLU A 224 -10.56 -17.45 -16.69
CA GLU A 224 -10.82 -16.11 -16.13
C GLU A 224 -11.08 -15.11 -17.26
N VAL A 225 -10.43 -15.34 -18.39
CA VAL A 225 -10.57 -14.46 -19.54
C VAL A 225 -11.98 -14.57 -20.13
N GLU A 226 -12.55 -15.76 -20.09
CA GLU A 226 -13.93 -15.95 -20.54
C GLU A 226 -14.91 -15.41 -19.49
N GLY A 227 -14.63 -15.69 -18.21
CA GLY A 227 -15.45 -15.22 -17.11
C GLY A 227 -15.60 -13.70 -17.09
N GLU A 228 -14.50 -12.99 -17.30
CA GLU A 228 -14.55 -11.53 -17.33
C GLU A 228 -15.45 -11.04 -18.48
N ALA A 229 -15.19 -11.54 -19.69
CA ALA A 229 -15.92 -11.06 -20.86
C ALA A 229 -17.41 -11.36 -20.75
N THR A 230 -17.76 -12.50 -20.16
CA THR A 230 -19.17 -12.86 -19.99
C THR A 230 -19.83 -11.84 -19.08
N ASN A 231 -19.18 -11.59 -17.96
CA ASN A 231 -19.62 -10.58 -17.00
C ASN A 231 -19.82 -9.19 -17.61
N ARG A 232 -18.90 -8.77 -18.48
CA ARG A 232 -18.96 -7.47 -19.11
C ARG A 232 -20.11 -7.37 -20.14
N ALA A 233 -20.23 -8.38 -20.98
CA ALA A 233 -21.30 -8.41 -21.98
C ALA A 233 -22.68 -8.35 -21.31
N ILE A 234 -22.82 -9.06 -20.19
CA ILE A 234 -24.06 -9.05 -19.41
C ILE A 234 -24.36 -7.63 -18.94
N MET A 235 -23.37 -6.95 -18.38
CA MET A 235 -23.56 -5.57 -17.92
C MET A 235 -24.06 -4.70 -19.07
N ILE A 236 -23.44 -4.83 -20.22
CA ILE A 236 -23.78 -3.98 -21.35
C ILE A 236 -25.18 -4.33 -21.90
N ALA A 237 -25.52 -5.62 -21.98
CA ALA A 237 -26.87 -5.99 -22.42
C ALA A 237 -27.92 -5.44 -21.46
N ASP A 238 -27.67 -5.59 -20.16
CA ASP A 238 -28.61 -5.10 -19.17
C ASP A 238 -28.73 -3.58 -19.20
N GLN A 239 -27.62 -2.88 -19.39
CA GLN A 239 -27.68 -1.43 -19.54
C GLN A 239 -28.47 -1.04 -20.80
N ALA A 240 -28.39 -1.84 -21.87
CA ALA A 240 -29.12 -1.52 -23.10
C ALA A 240 -30.57 -1.98 -23.02
N GLY A 241 -30.89 -2.77 -21.99
CA GLY A 241 -32.25 -3.24 -21.80
C GLY A 241 -32.66 -4.32 -22.77
N VAL A 242 -31.74 -5.22 -23.09
CA VAL A 242 -32.01 -6.28 -24.05
C VAL A 242 -31.54 -7.60 -23.44
N PRO A 243 -32.28 -8.71 -23.65
CA PRO A 243 -31.78 -9.98 -23.13
C PRO A 243 -30.49 -10.36 -23.85
N LEU A 244 -29.68 -11.20 -23.22
CA LEU A 244 -28.42 -11.61 -23.80
C LEU A 244 -28.32 -13.13 -23.82
N TYR A 245 -27.79 -13.68 -24.90
CA TYR A 245 -27.53 -15.11 -25.02
C TYR A 245 -26.02 -15.33 -25.12
N VAL A 246 -25.46 -16.00 -24.12
CA VAL A 246 -24.04 -16.28 -24.10
C VAL A 246 -23.77 -17.65 -24.72
N VAL A 247 -23.07 -17.68 -25.85
CA VAL A 247 -22.78 -18.95 -26.53
C VAL A 247 -21.60 -19.66 -25.85
N HIS A 248 -21.58 -20.98 -25.99
CA HIS A 248 -20.52 -21.85 -25.46
C HIS A 248 -19.97 -21.40 -24.11
N VAL A 249 -20.83 -21.50 -23.09
CA VAL A 249 -20.42 -21.32 -21.70
C VAL A 249 -19.61 -22.55 -21.30
N SER A 250 -18.31 -22.37 -21.12
CA SER A 250 -17.41 -23.52 -21.01
C SER A 250 -16.91 -23.82 -19.59
N CYS A 251 -17.05 -22.86 -18.69
CA CYS A 251 -16.42 -22.95 -17.38
C CYS A 251 -17.26 -22.32 -16.29
N GLU A 252 -16.89 -22.59 -15.04
CA GLU A 252 -17.60 -22.12 -13.88
C GLU A 252 -17.58 -20.60 -13.80
N GLN A 253 -16.50 -19.97 -14.22
CA GLN A 253 -16.42 -18.50 -14.12
C GLN A 253 -17.51 -17.83 -14.96
N SER A 254 -17.70 -18.31 -16.19
CA SER A 254 -18.73 -17.69 -17.03
C SER A 254 -20.12 -18.13 -16.57
N HIS A 255 -20.28 -19.39 -16.18
CA HIS A 255 -21.54 -19.84 -15.63
C HIS A 255 -21.93 -19.02 -14.38
N GLU A 256 -20.96 -18.79 -13.48
CA GLU A 256 -21.19 -17.99 -12.27
C GLU A 256 -21.67 -16.58 -12.60
N ALA A 257 -21.07 -15.95 -13.61
CA ALA A 257 -21.50 -14.61 -14.02
C ALA A 257 -22.98 -14.63 -14.45
N ILE A 258 -23.38 -15.68 -15.15
CA ILE A 258 -24.76 -15.80 -15.61
C ILE A 258 -25.73 -16.01 -14.45
N ARG A 259 -25.38 -16.89 -13.50
CA ARG A 259 -26.23 -17.14 -12.32
C ARG A 259 -26.43 -15.89 -11.51
N ARG A 260 -25.33 -15.15 -11.32
CA ARG A 260 -25.33 -13.93 -10.52
C ARG A 260 -26.19 -12.86 -11.19
N ALA A 261 -26.08 -12.75 -12.51
CA ALA A 261 -26.88 -11.79 -13.25
C ALA A 261 -28.37 -12.14 -13.16
N ARG A 262 -28.68 -13.42 -13.38
CA ARG A 262 -30.07 -13.86 -13.35
C ARG A 262 -30.67 -13.59 -11.95
N GLN A 263 -29.86 -13.75 -10.89
CA GLN A 263 -30.34 -13.51 -9.54
C GLN A 263 -30.57 -12.02 -9.30
N LYS A 264 -30.01 -11.18 -10.14
CA LYS A 264 -30.28 -9.75 -10.08
C LYS A 264 -31.50 -9.39 -10.91
N GLY A 265 -32.09 -10.37 -11.58
CA GLY A 265 -33.21 -10.10 -12.46
C GLY A 265 -32.80 -9.77 -13.88
N MET A 266 -31.56 -10.00 -14.24
CA MET A 266 -31.18 -9.76 -15.63
C MET A 266 -31.59 -10.94 -16.51
N ARG A 267 -31.98 -10.64 -17.75
CA ARG A 267 -32.37 -11.70 -18.67
C ARG A 267 -31.18 -12.16 -19.48
N VAL A 268 -30.60 -13.28 -19.05
CA VAL A 268 -29.38 -13.82 -19.65
C VAL A 268 -29.57 -15.31 -19.89
N PHE A 269 -29.24 -15.78 -21.09
CA PHE A 269 -29.30 -17.20 -21.39
C PHE A 269 -27.90 -17.75 -21.56
N GLY A 270 -27.71 -19.03 -21.26
CA GLY A 270 -26.39 -19.61 -21.43
C GLY A 270 -26.42 -20.94 -22.16
N GLU A 271 -25.41 -21.16 -22.98
CA GLU A 271 -25.36 -22.35 -23.83
C GLU A 271 -24.08 -23.19 -23.64
N PRO A 272 -24.15 -24.29 -22.86
CA PRO A 272 -22.96 -25.15 -22.81
C PRO A 272 -22.88 -26.12 -24.01
N LEU A 273 -21.69 -26.25 -24.58
CA LEU A 273 -21.47 -27.20 -25.68
C LEU A 273 -21.32 -28.63 -25.15
N ILE A 274 -21.76 -29.61 -25.93
CA ILE A 274 -21.61 -31.00 -25.53
C ILE A 274 -20.13 -31.35 -25.28
N GLN A 275 -19.22 -30.71 -26.02
CA GLN A 275 -17.78 -30.88 -25.80
C GLN A 275 -17.36 -30.49 -24.39
N HIS A 276 -17.89 -29.38 -23.89
CA HIS A 276 -17.46 -28.89 -22.58
C HIS A 276 -18.13 -29.62 -21.42
N LEU A 277 -19.22 -30.31 -21.72
CA LEU A 277 -19.90 -31.16 -20.75
C LEU A 277 -19.19 -32.50 -20.55
N THR A 278 -18.43 -32.95 -21.55
CA THR A 278 -17.97 -34.34 -21.53
C THR A 278 -16.47 -34.52 -21.85
N LEU A 279 -15.81 -33.47 -22.33
CA LEU A 279 -14.39 -33.54 -22.67
C LEU A 279 -13.62 -32.52 -21.84
N ASP A 280 -12.31 -32.70 -21.72
CA ASP A 280 -11.52 -31.82 -20.88
C ASP A 280 -10.12 -31.57 -21.46
N GLU A 281 -9.42 -30.60 -20.87
CA GLU A 281 -8.17 -30.06 -21.41
C GLU A 281 -6.99 -31.03 -21.44
N SER A 282 -7.08 -32.15 -20.72
CA SER A 282 -5.99 -33.13 -20.75
C SER A 282 -5.77 -33.67 -22.16
N GLU A 283 -6.79 -33.57 -23.01
CA GLU A 283 -6.67 -33.97 -24.41
C GLU A 283 -5.52 -33.24 -25.10
N TYR A 284 -5.27 -32.00 -24.68
CA TYR A 284 -4.23 -31.19 -25.31
C TYR A 284 -2.83 -31.65 -24.93
N HIS A 285 -2.75 -32.49 -23.91
CA HIS A 285 -1.46 -32.95 -23.42
C HIS A 285 -1.17 -34.34 -23.94
N ASN A 286 -2.02 -34.81 -24.86
CA ASN A 286 -1.71 -36.03 -25.58
C ASN A 286 -0.40 -35.83 -26.34
N ARG A 287 0.44 -36.86 -26.31
CA ARG A 287 1.77 -36.80 -26.92
C ARG A 287 1.76 -36.60 -28.45
N ASP A 288 0.69 -37.04 -29.11
CA ASP A 288 0.59 -36.91 -30.56
C ASP A 288 0.09 -35.52 -30.94
N TRP A 289 0.88 -34.83 -31.76
CA TRP A 289 0.55 -33.46 -32.16
C TRP A 289 -0.82 -33.36 -32.83
N ASP A 290 -1.07 -34.23 -33.81
CA ASP A 290 -2.35 -34.27 -34.52
C ASP A 290 -3.51 -34.41 -33.53
N TYR A 291 -3.38 -35.34 -32.58
CA TYR A 291 -4.45 -35.59 -31.62
C TYR A 291 -4.81 -34.31 -30.86
N ALA A 292 -3.79 -33.61 -30.35
CA ALA A 292 -4.01 -32.41 -29.56
C ALA A 292 -4.57 -31.27 -30.42
N ALA A 293 -3.98 -31.07 -31.60
CA ALA A 293 -4.39 -30.00 -32.49
C ALA A 293 -5.84 -30.18 -32.95
N ARG A 294 -6.24 -31.43 -33.16
CA ARG A 294 -7.61 -31.73 -33.60
C ARG A 294 -8.62 -31.18 -32.60
N ARG A 295 -8.25 -31.18 -31.33
CA ARG A 295 -9.17 -30.75 -30.28
C ARG A 295 -9.18 -29.23 -30.04
N VAL A 296 -8.31 -28.50 -30.74
CA VAL A 296 -8.27 -27.05 -30.57
C VAL A 296 -9.55 -26.37 -31.05
N MET A 297 -10.18 -25.61 -30.15
CA MET A 297 -11.36 -24.80 -30.44
C MET A 297 -11.45 -23.69 -29.41
N SER A 298 -12.35 -22.74 -29.61
CA SER A 298 -12.51 -21.63 -28.67
C SER A 298 -13.97 -21.47 -28.27
N PRO A 299 -14.25 -21.49 -26.95
CA PRO A 299 -13.28 -21.70 -25.86
C PRO A 299 -12.70 -23.10 -25.86
N PRO A 300 -11.47 -23.26 -25.37
CA PRO A 300 -10.83 -24.58 -25.43
C PRO A 300 -11.48 -25.53 -24.43
N PHE A 301 -11.23 -26.82 -24.59
CA PHE A 301 -11.61 -27.80 -23.57
C PHE A 301 -11.02 -27.33 -22.25
N ARG A 302 -11.75 -27.55 -21.16
CA ARG A 302 -11.40 -26.99 -19.87
C ARG A 302 -10.98 -28.06 -18.88
N ASP A 303 -10.48 -27.62 -17.74
CA ASP A 303 -10.25 -28.52 -16.62
C ASP A 303 -11.55 -29.29 -16.39
N LYS A 304 -11.43 -30.61 -16.26
CA LYS A 304 -12.60 -31.47 -16.06
C LYS A 304 -13.56 -31.02 -14.95
N LEU A 305 -13.04 -30.35 -13.92
CA LEU A 305 -13.87 -29.91 -12.79
C LEU A 305 -15.02 -29.00 -13.23
N ASN A 306 -14.84 -28.33 -14.36
CA ASN A 306 -15.87 -27.42 -14.84
C ASN A 306 -17.16 -28.11 -15.30
N GLN A 307 -17.07 -29.36 -15.71
CA GLN A 307 -18.21 -30.11 -16.26
C GLN A 307 -19.39 -30.19 -15.28
N ASP A 308 -19.14 -30.54 -14.02
CA ASP A 308 -20.21 -30.63 -13.03
C ASP A 308 -20.97 -29.30 -12.91
N SER A 309 -20.25 -28.19 -13.04
CA SER A 309 -20.92 -26.89 -12.98
C SER A 309 -21.93 -26.73 -14.12
N LEU A 310 -21.50 -27.08 -15.33
CA LEU A 310 -22.37 -26.95 -16.50
C LEU A 310 -23.55 -27.91 -16.43
N TRP A 311 -23.31 -29.16 -16.02
CA TRP A 311 -24.39 -30.13 -15.90
C TRP A 311 -25.45 -29.63 -14.91
N ALA A 312 -25.00 -29.13 -13.76
CA ALA A 312 -25.90 -28.62 -12.74
C ALA A 312 -26.71 -27.45 -13.27
N GLY A 313 -26.07 -26.60 -14.08
CA GLY A 313 -26.75 -25.47 -14.69
C GLY A 313 -27.92 -25.90 -15.56
N LEU A 314 -27.72 -26.98 -16.30
CA LEU A 314 -28.80 -27.53 -17.13
C LEU A 314 -29.95 -28.06 -16.25
N ALA A 315 -29.62 -28.74 -15.17
CA ALA A 315 -30.65 -29.27 -14.27
C ALA A 315 -31.35 -28.16 -13.47
N ALA A 316 -30.62 -27.10 -13.13
CA ALA A 316 -31.15 -26.01 -12.33
C ALA A 316 -31.84 -24.92 -13.18
N GLY A 317 -31.63 -24.96 -14.49
CA GLY A 317 -32.20 -23.94 -15.37
C GLY A 317 -31.39 -22.66 -15.54
N SER A 318 -30.17 -22.60 -14.99
CA SER A 318 -29.35 -21.39 -15.19
C SER A 318 -28.64 -21.43 -16.54
N LEU A 319 -28.56 -22.61 -17.15
CA LEU A 319 -28.13 -22.77 -18.55
C LEU A 319 -29.27 -23.50 -19.29
N GLN A 320 -29.56 -23.12 -20.53
CA GLN A 320 -30.82 -23.54 -21.14
C GLN A 320 -30.69 -24.42 -22.37
N CYS A 321 -29.58 -24.31 -23.10
CA CYS A 321 -29.48 -24.94 -24.41
C CYS A 321 -28.13 -25.59 -24.62
N VAL A 322 -28.13 -26.85 -25.06
CA VAL A 322 -26.90 -27.53 -25.45
C VAL A 322 -26.68 -27.39 -26.97
N ALA A 323 -25.45 -27.09 -27.37
CA ALA A 323 -25.12 -26.90 -28.79
C ALA A 323 -23.78 -27.57 -29.09
N THR A 324 -23.27 -27.38 -30.30
CA THR A 324 -22.00 -28.00 -30.66
C THR A 324 -20.93 -27.06 -31.19
N ASP A 325 -21.34 -25.85 -31.62
CA ASP A 325 -20.41 -24.92 -32.26
C ASP A 325 -19.75 -25.64 -33.44
N HIS A 326 -20.55 -26.39 -34.19
CA HIS A 326 -19.99 -27.30 -35.17
C HIS A 326 -19.18 -26.62 -36.26
N CYS A 327 -17.88 -26.87 -36.22
CA CYS A 327 -16.96 -26.30 -37.19
C CYS A 327 -15.85 -27.31 -37.40
N ALA A 328 -15.97 -28.10 -38.47
CA ALA A 328 -15.12 -29.26 -38.66
C ALA A 328 -13.98 -29.01 -39.65
N PHE A 329 -12.76 -29.35 -39.24
CA PHE A 329 -11.58 -29.26 -40.10
C PHE A 329 -10.86 -30.59 -40.23
N THR A 330 -10.27 -30.82 -41.40
CA THR A 330 -9.49 -32.04 -41.64
C THR A 330 -8.19 -31.99 -40.84
N THR A 331 -7.56 -33.15 -40.67
CA THR A 331 -6.25 -33.16 -40.03
C THR A 331 -5.29 -32.29 -40.80
N GLU A 332 -5.39 -32.34 -42.14
CA GLU A 332 -4.52 -31.55 -43.01
C GLU A 332 -4.71 -30.06 -42.72
N GLN A 333 -5.96 -29.64 -42.51
CA GLN A 333 -6.22 -28.24 -42.18
C GLN A 333 -5.70 -27.85 -40.81
N LYS A 334 -5.90 -28.73 -39.83
CA LYS A 334 -5.37 -28.50 -38.48
C LYS A 334 -3.85 -28.31 -38.53
N ARG A 335 -3.19 -29.01 -39.44
CA ARG A 335 -1.73 -28.95 -39.52
C ARG A 335 -1.22 -27.63 -40.06
N TYR A 336 -2.11 -26.76 -40.50
CA TYR A 336 -1.70 -25.40 -40.86
C TYR A 336 -1.06 -24.71 -39.64
N GLY A 337 -1.38 -25.17 -38.43
CA GLY A 337 -0.85 -24.57 -37.21
C GLY A 337 0.38 -25.23 -36.62
N ILE A 338 1.07 -26.07 -37.40
CA ILE A 338 2.32 -26.66 -36.95
C ILE A 338 3.34 -25.57 -36.64
N GLY A 339 3.85 -25.58 -35.41
CA GLY A 339 4.83 -24.59 -34.96
C GLY A 339 4.22 -23.26 -34.57
N ASN A 340 2.90 -23.13 -34.72
CA ASN A 340 2.23 -21.89 -34.33
C ASN A 340 0.75 -22.16 -34.04
N PHE A 341 0.42 -22.30 -32.75
CA PHE A 341 -0.93 -22.67 -32.36
C PHE A 341 -2.00 -21.66 -32.76
N THR A 342 -1.62 -20.39 -32.95
CA THR A 342 -2.61 -19.39 -33.33
C THR A 342 -3.12 -19.62 -34.76
N LYS A 343 -2.42 -20.47 -35.50
CA LYS A 343 -2.80 -20.76 -36.88
C LYS A 343 -3.49 -22.11 -37.00
N ILE A 344 -3.68 -22.79 -35.89
CA ILE A 344 -4.50 -24.00 -35.91
C ILE A 344 -5.95 -23.57 -36.08
N PRO A 345 -6.62 -24.01 -37.15
CA PRO A 345 -8.02 -23.64 -37.26
C PRO A 345 -8.83 -24.14 -36.06
N ASN A 346 -9.58 -23.22 -35.44
CA ASN A 346 -10.34 -23.54 -34.24
C ASN A 346 -11.65 -24.23 -34.58
N GLY A 347 -11.89 -25.37 -33.95
CA GLY A 347 -13.18 -26.00 -34.06
C GLY A 347 -13.15 -27.52 -34.02
N THR A 348 -14.20 -28.07 -33.42
CA THR A 348 -14.43 -29.50 -33.42
C THR A 348 -15.86 -29.72 -33.90
N GLY A 349 -16.16 -30.91 -34.42
CA GLY A 349 -17.50 -31.19 -34.88
C GLY A 349 -18.24 -31.97 -33.82
N GLY A 350 -19.54 -31.68 -33.66
CA GLY A 350 -20.34 -32.48 -32.77
C GLY A 350 -21.80 -32.68 -33.13
N LEU A 351 -22.19 -32.27 -34.35
CA LEU A 351 -23.60 -32.22 -34.72
C LEU A 351 -24.28 -33.57 -34.53
N GLU A 352 -23.65 -34.63 -35.03
CA GLU A 352 -24.22 -35.96 -34.92
C GLU A 352 -24.19 -36.48 -33.47
N GLU A 353 -23.19 -36.06 -32.70
CA GLU A 353 -22.96 -36.64 -31.39
C GLU A 353 -23.72 -35.95 -30.26
N ARG A 354 -24.24 -34.75 -30.50
CA ARG A 354 -24.81 -33.92 -29.43
C ARG A 354 -25.91 -34.65 -28.64
N MET A 355 -27.01 -34.99 -29.29
CA MET A 355 -28.12 -35.64 -28.60
C MET A 355 -27.77 -37.05 -28.10
N PRO A 356 -27.11 -37.88 -28.95
CA PRO A 356 -26.77 -39.21 -28.41
C PRO A 356 -25.83 -39.18 -27.17
N VAL A 357 -24.80 -38.36 -27.19
CA VAL A 357 -23.92 -38.29 -26.03
C VAL A 357 -24.67 -37.73 -24.83
N LEU A 358 -25.47 -36.69 -25.04
CA LEU A 358 -26.23 -36.07 -23.95
C LEU A 358 -27.21 -37.06 -23.33
N TRP A 359 -27.79 -37.92 -24.16
CA TRP A 359 -28.73 -38.91 -23.65
C TRP A 359 -28.04 -39.92 -22.72
N THR A 360 -26.93 -40.51 -23.18
CA THR A 360 -26.21 -41.50 -22.40
C THR A 360 -25.63 -40.89 -21.11
N ARG A 361 -24.94 -39.77 -21.27
CA ARG A 361 -24.30 -39.08 -20.15
C ARG A 361 -25.27 -38.34 -19.22
N GLY A 362 -26.42 -37.93 -19.73
CA GLY A 362 -27.34 -37.13 -18.95
C GLY A 362 -28.62 -37.81 -18.50
N VAL A 363 -29.34 -38.42 -19.44
CA VAL A 363 -30.59 -39.08 -19.08
C VAL A 363 -30.37 -40.41 -18.37
N ARG A 364 -29.49 -41.26 -18.91
CA ARG A 364 -29.31 -42.59 -18.36
C ARG A 364 -28.65 -42.54 -16.99
N THR A 365 -27.94 -41.46 -16.70
CA THR A 365 -27.30 -41.27 -15.39
C THR A 365 -28.22 -40.57 -14.40
N GLY A 366 -29.31 -39.98 -14.90
CA GLY A 366 -30.22 -39.26 -14.03
C GLY A 366 -29.85 -37.82 -13.73
N ARG A 367 -28.85 -37.28 -14.41
CA ARG A 367 -28.49 -35.87 -14.27
C ARG A 367 -29.58 -34.99 -14.84
N LEU A 368 -30.23 -35.49 -15.88
CA LEU A 368 -31.35 -34.82 -16.52
C LEU A 368 -32.50 -35.79 -16.60
N THR A 369 -33.72 -35.32 -16.35
CA THR A 369 -34.91 -36.10 -16.71
C THR A 369 -35.00 -36.15 -18.22
N PRO A 370 -35.77 -37.13 -18.76
CA PRO A 370 -35.97 -37.15 -20.22
C PRO A 370 -36.61 -35.85 -20.71
N ASN A 371 -37.49 -35.27 -19.91
CA ASN A 371 -38.13 -34.03 -20.30
C ASN A 371 -37.14 -32.87 -20.35
N GLU A 372 -36.21 -32.83 -19.39
CA GLU A 372 -35.16 -31.81 -19.37
C GLU A 372 -34.25 -31.98 -20.57
N PHE A 373 -34.02 -33.24 -20.93
CA PHE A 373 -33.25 -33.56 -22.13
C PHE A 373 -33.88 -32.92 -23.35
N VAL A 374 -35.20 -33.04 -23.48
CA VAL A 374 -35.91 -32.42 -24.61
C VAL A 374 -35.81 -30.91 -24.52
N ALA A 375 -36.02 -30.37 -23.33
CA ALA A 375 -35.92 -28.92 -23.15
C ALA A 375 -34.58 -28.39 -23.64
N VAL A 376 -33.47 -29.02 -23.24
CA VAL A 376 -32.17 -28.44 -23.56
C VAL A 376 -31.61 -28.88 -24.91
N THR A 377 -32.31 -29.76 -25.64
CA THR A 377 -31.89 -30.10 -27.00
C THR A 377 -32.76 -29.50 -28.10
N SER A 378 -33.97 -29.06 -27.77
CA SER A 378 -34.81 -28.42 -28.78
C SER A 378 -35.77 -27.34 -28.24
N THR A 379 -36.60 -27.69 -27.26
CA THR A 379 -37.68 -26.78 -26.91
C THR A 379 -37.22 -25.43 -26.38
N ASN A 380 -36.20 -25.40 -25.52
CA ASN A 380 -35.74 -24.11 -24.98
C ASN A 380 -35.27 -23.15 -26.04
N ILE A 381 -34.41 -23.61 -26.95
CA ILE A 381 -33.86 -22.71 -27.96
C ILE A 381 -34.97 -22.26 -28.91
N ALA A 382 -35.93 -23.14 -29.21
CA ALA A 382 -37.06 -22.75 -30.07
C ALA A 382 -37.83 -21.59 -29.43
N LYS A 383 -38.09 -21.70 -28.12
CA LYS A 383 -38.76 -20.64 -27.38
C LYS A 383 -37.90 -19.38 -27.35
N ILE A 384 -36.60 -19.55 -27.14
CA ILE A 384 -35.71 -18.41 -27.05
C ILE A 384 -35.58 -17.68 -28.41
N LEU A 385 -35.59 -18.44 -29.51
CA LEU A 385 -35.45 -17.85 -30.84
C LEU A 385 -36.82 -17.44 -31.40
N ASN A 386 -37.85 -17.62 -30.59
CA ASN A 386 -39.23 -17.22 -30.89
C ASN A 386 -39.86 -18.06 -32.02
N ILE A 387 -39.47 -19.32 -32.13
CA ILE A 387 -40.06 -20.18 -33.13
C ILE A 387 -40.76 -21.39 -32.52
N TYR A 388 -41.16 -21.26 -31.26
CA TYR A 388 -41.98 -22.26 -30.60
C TYR A 388 -43.45 -21.82 -30.72
N PRO A 389 -44.36 -22.74 -31.10
CA PRO A 389 -44.18 -24.18 -31.29
C PRO A 389 -44.01 -24.67 -32.74
N GLN A 390 -43.65 -23.80 -33.68
CA GLN A 390 -43.38 -24.32 -35.03
C GLN A 390 -42.28 -25.40 -34.98
N LYS A 391 -41.25 -25.12 -34.19
CA LYS A 391 -40.16 -26.07 -33.93
C LYS A 391 -40.10 -26.38 -32.44
N GLY A 392 -39.43 -27.46 -32.08
CA GLY A 392 -39.24 -27.83 -30.69
C GLY A 392 -40.50 -28.29 -29.97
N ALA A 393 -41.53 -28.70 -30.71
CA ALA A 393 -42.80 -29.02 -30.08
C ALA A 393 -43.41 -30.30 -30.62
N VAL A 394 -44.15 -31.00 -29.76
CA VAL A 394 -45.03 -32.05 -30.23
C VAL A 394 -46.43 -31.61 -29.88
N VAL A 395 -46.99 -30.71 -30.68
CA VAL A 395 -48.36 -30.21 -30.51
C VAL A 395 -49.00 -30.09 -31.88
N PRO A 396 -50.34 -30.15 -31.95
CA PRO A 396 -50.98 -30.01 -33.26
C PRO A 396 -50.61 -28.68 -33.91
N GLY A 397 -50.26 -28.69 -35.20
CA GLY A 397 -49.86 -27.48 -35.89
C GLY A 397 -48.35 -27.28 -35.97
N ALA A 398 -47.59 -27.98 -35.12
CA ALA A 398 -46.13 -27.90 -35.15
C ALA A 398 -45.57 -28.53 -36.41
N ASP A 399 -44.42 -28.06 -36.86
CA ASP A 399 -43.74 -28.81 -37.92
C ASP A 399 -43.45 -30.22 -37.39
N ALA A 400 -43.68 -31.22 -38.25
CA ALA A 400 -43.44 -32.61 -37.86
C ALA A 400 -41.94 -32.91 -37.94
N ASP A 401 -41.18 -32.21 -37.11
CA ASP A 401 -39.76 -32.46 -36.96
C ASP A 401 -39.63 -33.34 -35.72
N LEU A 402 -39.37 -34.63 -35.94
CA LEU A 402 -39.45 -35.60 -34.86
C LEU A 402 -38.33 -36.62 -34.91
N VAL A 403 -37.92 -37.11 -33.74
CA VAL A 403 -36.97 -38.20 -33.71
C VAL A 403 -37.58 -39.39 -32.96
N ILE A 404 -37.44 -40.58 -33.55
CA ILE A 404 -37.88 -41.81 -32.91
C ILE A 404 -36.65 -42.47 -32.27
N TRP A 405 -36.70 -42.61 -30.96
CA TRP A 405 -35.54 -42.95 -30.15
C TRP A 405 -35.67 -44.33 -29.51
N ASP A 406 -34.79 -45.25 -29.90
CA ASP A 406 -34.75 -46.58 -29.31
C ASP A 406 -33.81 -46.54 -28.10
N PRO A 407 -34.36 -46.65 -26.88
CA PRO A 407 -33.57 -46.52 -25.65
C PRO A 407 -32.62 -47.68 -25.40
N GLU A 408 -32.79 -48.78 -26.14
CA GLU A 408 -31.99 -49.98 -25.87
C GLU A 408 -30.80 -50.19 -26.82
N THR A 409 -30.81 -49.53 -27.98
CA THR A 409 -29.75 -49.75 -28.95
C THR A 409 -28.44 -49.13 -28.48
N THR A 410 -27.33 -49.80 -28.80
CA THR A 410 -26.01 -49.38 -28.37
C THR A 410 -25.07 -49.20 -29.55
N LYS A 411 -24.02 -48.41 -29.35
CA LYS A 411 -22.97 -48.24 -30.33
C LYS A 411 -21.74 -47.64 -29.66
N LYS A 412 -20.58 -47.75 -30.29
CA LYS A 412 -19.39 -47.04 -29.84
C LYS A 412 -19.11 -45.97 -30.90
N ILE A 413 -18.97 -44.72 -30.47
CA ILE A 413 -18.75 -43.63 -31.42
C ILE A 413 -17.39 -43.83 -32.08
N SER A 414 -17.34 -43.70 -33.39
CA SER A 414 -16.09 -43.87 -34.13
C SER A 414 -16.08 -43.03 -35.39
N ALA A 415 -14.90 -42.52 -35.73
CA ALA A 415 -14.75 -41.76 -36.96
C ALA A 415 -15.08 -42.60 -38.20
N LYS A 416 -14.89 -43.91 -38.11
CA LYS A 416 -15.11 -44.81 -39.24
C LYS A 416 -16.59 -44.87 -39.64
N THR A 417 -17.48 -44.59 -38.69
CA THR A 417 -18.91 -44.66 -38.98
C THR A 417 -19.66 -43.32 -38.92
N GLN A 418 -18.95 -42.22 -38.64
CA GLN A 418 -19.60 -40.92 -38.50
C GLN A 418 -20.04 -40.39 -39.86
N HIS A 419 -21.00 -39.46 -39.88
CA HIS A 419 -21.46 -38.86 -41.13
C HIS A 419 -20.74 -37.56 -41.50
N SER A 420 -20.04 -36.97 -40.53
CA SER A 420 -19.20 -35.81 -40.78
C SER A 420 -18.12 -36.21 -41.77
N SER A 421 -17.66 -35.25 -42.57
CA SER A 421 -16.74 -35.56 -43.66
C SER A 421 -15.27 -35.60 -43.23
N ILE A 422 -14.96 -35.14 -42.02
CA ILE A 422 -13.56 -35.11 -41.59
C ILE A 422 -13.07 -36.49 -41.12
N ASP A 423 -11.78 -36.60 -40.87
CA ASP A 423 -11.15 -37.91 -40.71
C ASP A 423 -11.02 -38.37 -39.25
N TYR A 424 -11.60 -37.62 -38.31
CA TYR A 424 -11.53 -37.99 -36.90
C TYR A 424 -12.81 -37.59 -36.17
N ASN A 425 -12.90 -37.99 -34.91
CA ASN A 425 -14.07 -37.72 -34.08
C ASN A 425 -13.60 -37.51 -32.65
N VAL A 426 -13.85 -36.33 -32.10
CA VAL A 426 -13.35 -36.01 -30.76
C VAL A 426 -14.11 -36.78 -29.70
N PHE A 427 -15.21 -37.43 -30.09
CA PHE A 427 -15.95 -38.29 -29.17
C PHE A 427 -15.62 -39.76 -29.42
N GLU A 428 -14.52 -40.00 -30.12
CA GLU A 428 -14.03 -41.35 -30.40
C GLU A 428 -14.06 -42.25 -29.18
N GLY A 429 -14.70 -43.41 -29.29
CA GLY A 429 -14.70 -44.40 -28.24
C GLY A 429 -15.82 -44.27 -27.22
N PHE A 430 -16.60 -43.20 -27.31
CA PHE A 430 -17.74 -43.03 -26.42
C PHE A 430 -18.74 -44.16 -26.56
N GLU A 431 -19.06 -44.81 -25.45
CA GLU A 431 -20.04 -45.89 -25.43
C GLU A 431 -21.43 -45.33 -25.18
N LEU A 432 -22.34 -45.58 -26.10
CA LEU A 432 -23.68 -45.01 -25.99
C LEU A 432 -24.74 -46.10 -25.83
N LYS A 433 -25.83 -45.77 -25.15
CA LYS A 433 -27.01 -46.62 -25.18
C LYS A 433 -28.25 -45.72 -25.28
N GLY A 434 -29.09 -45.99 -26.27
CA GLY A 434 -30.21 -45.13 -26.58
C GLY A 434 -29.85 -44.25 -27.77
N LEU A 435 -30.47 -44.54 -28.90
CA LEU A 435 -30.07 -43.91 -30.15
C LEU A 435 -31.25 -43.53 -31.03
N PRO A 436 -31.07 -42.47 -31.82
CA PRO A 436 -32.04 -42.15 -32.86
C PRO A 436 -32.01 -43.22 -33.94
N ILE A 437 -33.17 -43.82 -34.22
CA ILE A 437 -33.26 -44.81 -35.30
C ILE A 437 -34.06 -44.26 -36.48
N MET A 438 -34.86 -43.23 -36.24
CA MET A 438 -35.50 -42.54 -37.35
C MET A 438 -35.63 -41.07 -37.07
N THR A 439 -35.35 -40.26 -38.09
CA THR A 439 -35.51 -38.82 -37.98
C THR A 439 -36.45 -38.32 -39.06
N LEU A 440 -37.44 -37.54 -38.67
CA LEU A 440 -38.37 -36.91 -39.60
C LEU A 440 -38.22 -35.40 -39.61
N SER A 441 -38.19 -34.84 -40.82
CA SER A 441 -38.13 -33.41 -41.01
C SER A 441 -39.39 -32.98 -41.78
N ARG A 442 -40.23 -32.20 -41.11
CA ARG A 442 -41.56 -31.84 -41.64
C ARG A 442 -42.24 -33.05 -42.26
N GLY A 443 -42.29 -34.13 -41.48
CA GLY A 443 -43.05 -35.31 -41.85
C GLY A 443 -42.38 -36.21 -42.87
N ARG A 444 -41.21 -35.80 -43.36
CA ARG A 444 -40.48 -36.62 -44.30
C ARG A 444 -39.48 -37.48 -43.55
N ILE A 445 -39.38 -38.75 -43.91
CA ILE A 445 -38.34 -39.60 -43.34
C ILE A 445 -37.00 -39.10 -43.85
N ALA A 446 -36.18 -38.61 -42.94
CA ALA A 446 -34.92 -37.92 -43.28
C ALA A 446 -33.70 -38.75 -42.92
N PHE A 447 -33.89 -39.63 -41.94
CA PHE A 447 -32.86 -40.56 -41.51
C PHE A 447 -33.57 -41.84 -41.07
N ASP A 448 -33.07 -42.97 -41.56
CA ASP A 448 -33.74 -44.26 -41.34
C ASP A 448 -32.77 -45.41 -41.54
N LYS A 449 -32.76 -46.35 -40.61
CA LYS A 449 -31.92 -47.54 -40.72
C LYS A 449 -30.45 -47.16 -41.00
N GLY A 450 -29.95 -46.17 -40.27
CA GLY A 450 -28.57 -45.75 -40.38
C GLY A 450 -28.22 -44.95 -41.61
N GLN A 451 -29.19 -44.70 -42.47
CA GLN A 451 -28.97 -43.95 -43.70
C GLN A 451 -29.65 -42.60 -43.72
N VAL A 452 -28.92 -41.57 -44.15
CA VAL A 452 -29.50 -40.25 -44.36
C VAL A 452 -30.28 -40.28 -45.67
N THR A 453 -31.59 -40.14 -45.56
CA THR A 453 -32.47 -40.25 -46.71
C THR A 453 -32.90 -38.88 -47.21
N ALA A 454 -32.75 -37.86 -46.38
CA ALA A 454 -33.01 -36.50 -46.84
C ALA A 454 -32.00 -36.09 -47.91
N LYS A 455 -32.46 -35.35 -48.90
CA LYS A 455 -31.61 -34.93 -50.02
C LYS A 455 -31.21 -33.46 -49.87
N PRO A 456 -30.07 -33.06 -50.46
CA PRO A 456 -29.67 -31.64 -50.43
C PRO A 456 -30.75 -30.76 -51.05
N GLY A 457 -31.11 -29.67 -50.38
CA GLY A 457 -32.18 -28.82 -50.86
C GLY A 457 -33.51 -29.08 -50.19
N ASP A 458 -33.60 -30.17 -49.43
CA ASP A 458 -34.82 -30.46 -48.68
C ASP A 458 -35.03 -29.47 -47.51
N GLY A 459 -33.94 -28.89 -47.04
CA GLY A 459 -34.01 -27.95 -45.95
C GLY A 459 -34.52 -26.60 -46.40
N ARG A 460 -35.32 -25.95 -45.57
CA ARG A 460 -35.78 -24.60 -45.88
C ARG A 460 -35.45 -23.62 -44.74
N PHE A 461 -35.29 -22.36 -45.11
CA PHE A 461 -34.96 -21.31 -44.16
C PHE A 461 -36.13 -21.03 -43.24
N ILE A 462 -35.86 -20.97 -41.94
CA ILE A 462 -36.91 -20.68 -40.98
C ILE A 462 -36.84 -19.24 -40.52
N GLU A 463 -37.84 -18.45 -40.90
CA GLU A 463 -37.93 -17.05 -40.49
C GLU A 463 -38.40 -16.94 -39.05
N ARG A 464 -37.89 -15.93 -38.36
CA ARG A 464 -38.20 -15.72 -36.95
C ARG A 464 -38.69 -14.28 -36.73
N GLU A 465 -39.68 -14.09 -35.84
CA GLU A 465 -40.21 -12.76 -35.55
C GLU A 465 -39.44 -12.11 -34.41
N PRO A 466 -39.27 -10.78 -34.47
CA PRO A 466 -38.65 -10.07 -33.36
C PRO A 466 -39.61 -9.92 -32.17
N ASN A 467 -39.13 -9.32 -31.09
CA ASN A 467 -39.96 -9.03 -29.91
C ASN A 467 -40.65 -10.24 -29.29
N GLY A 468 -39.89 -11.28 -29.01
CA GLY A 468 -40.41 -12.38 -28.20
C GLY A 468 -40.77 -11.91 -26.78
N ALA A 469 -41.40 -12.78 -26.02
CA ALA A 469 -41.93 -12.47 -24.70
C ALA A 469 -40.89 -11.90 -23.72
N VAL A 470 -39.69 -12.47 -23.69
CA VAL A 470 -38.71 -12.01 -22.73
C VAL A 470 -38.21 -10.59 -23.12
N ASN A 471 -37.98 -10.34 -24.41
CA ASN A 471 -37.67 -8.98 -24.86
C ASN A 471 -38.72 -7.98 -24.38
N ARG A 472 -39.99 -8.34 -24.57
CA ARG A 472 -41.09 -7.43 -24.23
C ARG A 472 -41.19 -7.19 -22.72
N ALA A 473 -41.04 -8.24 -21.93
CA ALA A 473 -41.10 -8.09 -20.49
C ALA A 473 -39.97 -7.20 -19.99
N LEU A 474 -38.77 -7.42 -20.51
CA LEU A 474 -37.62 -6.64 -20.08
C LEU A 474 -37.79 -5.16 -20.40
N SER A 475 -38.24 -4.85 -21.63
CA SER A 475 -38.45 -3.44 -22.01
C SER A 475 -39.49 -2.80 -21.09
N GLN A 476 -40.52 -3.56 -20.75
CA GLN A 476 -41.57 -3.03 -19.89
C GLN A 476 -40.99 -2.69 -18.52
N TRP A 477 -40.20 -3.61 -17.98
CA TRP A 477 -39.60 -3.42 -16.67
C TRP A 477 -38.64 -2.22 -16.63
N LYS A 478 -37.81 -2.08 -17.67
CA LYS A 478 -36.87 -0.96 -17.74
C LYS A 478 -37.59 0.37 -17.76
N GLU A 479 -38.73 0.42 -18.46
CA GLU A 479 -39.54 1.63 -18.50
C GLU A 479 -40.04 1.98 -17.11
N ILE A 480 -40.49 0.97 -16.38
CA ILE A 480 -40.95 1.19 -15.01
C ILE A 480 -39.87 1.72 -14.07
N VAL A 481 -38.66 1.16 -14.12
CA VAL A 481 -37.63 1.56 -13.17
C VAL A 481 -36.72 2.67 -13.74
N ALA A 482 -37.10 3.24 -14.89
CA ALA A 482 -36.30 4.31 -15.51
C ALA A 482 -36.17 5.52 -14.58
N PRO A 483 -34.92 5.99 -14.38
CA PRO A 483 -34.66 7.11 -13.47
C PRO A 483 -35.24 8.43 -13.96
N ARG A 484 -35.84 9.18 -13.05
CA ARG A 484 -36.58 10.37 -13.41
C ARG A 484 -35.91 11.64 -12.89
N LYS A 485 -36.02 12.70 -13.67
CA LYS A 485 -35.50 14.02 -13.33
C LYS A 485 -36.16 14.54 -12.06
N VAL A 486 -35.37 15.16 -11.20
CA VAL A 486 -35.90 15.81 -10.01
C VAL A 486 -36.47 17.18 -10.35
N GLU A 487 -37.73 17.40 -10.00
CA GLU A 487 -38.37 18.68 -10.30
C GLU A 487 -37.92 19.74 -9.30
N ARG A 488 -37.31 20.81 -9.80
CA ARG A 488 -36.82 21.87 -8.94
C ARG A 488 -37.39 23.21 -9.37
N SER A 489 -38.06 23.90 -8.44
CA SER A 489 -38.56 25.24 -8.71
C SER A 489 -37.39 26.23 -8.91
N ALA A 490 -37.69 27.38 -9.49
CA ALA A 490 -36.68 28.41 -9.71
C ALA A 490 -36.20 28.99 -8.38
N ALA B 14 -73.64 -32.23 -22.39
CA ALA B 14 -73.74 -30.86 -22.90
C ALA B 14 -72.38 -30.15 -22.89
N SER B 15 -71.86 -29.84 -24.07
CA SER B 15 -70.53 -29.26 -24.19
C SER B 15 -70.51 -27.74 -24.05
N LYS B 16 -69.33 -27.23 -23.68
CA LYS B 16 -69.06 -25.79 -23.66
C LYS B 16 -67.95 -25.47 -24.65
N VAL B 17 -68.05 -24.33 -25.32
CA VAL B 17 -66.94 -23.85 -26.13
C VAL B 17 -66.59 -22.44 -25.67
N ILE B 18 -65.32 -22.24 -25.35
CA ILE B 18 -64.81 -20.92 -24.99
C ILE B 18 -64.23 -20.30 -26.26
N LYS B 19 -64.86 -19.24 -26.73
CA LYS B 19 -64.53 -18.67 -28.03
C LYS B 19 -63.90 -17.29 -27.94
N GLY B 20 -62.95 -17.03 -28.84
CA GLY B 20 -62.45 -15.69 -29.04
C GLY B 20 -61.32 -15.29 -28.12
N GLY B 21 -60.93 -16.18 -27.21
CA GLY B 21 -59.92 -15.86 -26.24
C GLY B 21 -58.49 -16.10 -26.70
N THR B 22 -57.53 -15.62 -25.90
CA THR B 22 -56.13 -15.90 -26.16
C THR B 22 -55.63 -16.83 -25.07
N VAL B 23 -55.21 -18.03 -25.46
CA VAL B 23 -54.73 -19.00 -24.48
C VAL B 23 -53.30 -18.62 -24.06
N ILE B 24 -53.07 -18.56 -22.75
CA ILE B 24 -51.73 -18.41 -22.21
C ILE B 24 -51.42 -19.61 -21.35
N THR B 25 -50.40 -20.37 -21.73
CA THR B 25 -49.92 -21.47 -20.90
C THR B 25 -48.48 -21.19 -20.51
N ALA B 26 -47.88 -22.11 -19.76
CA ALA B 26 -46.52 -21.97 -19.34
C ALA B 26 -45.56 -21.98 -20.55
N ASP B 27 -45.96 -22.59 -21.68
CA ASP B 27 -45.12 -22.77 -22.87
CA ASP B 27 -45.04 -22.70 -22.81
C ASP B 27 -45.33 -21.75 -23.97
N ARG B 28 -46.56 -21.26 -24.10
CA ARG B 28 -46.87 -20.38 -25.23
C ARG B 28 -48.15 -19.60 -25.07
N THR B 29 -48.31 -18.62 -25.93
CA THR B 29 -49.49 -17.76 -25.98
C THR B 29 -50.03 -17.82 -27.38
N PHE B 30 -51.32 -18.10 -27.53
CA PHE B 30 -51.89 -18.22 -28.86
C PHE B 30 -53.42 -18.08 -28.85
N ARG B 31 -53.93 -17.54 -29.95
CA ARG B 31 -55.35 -17.40 -30.14
C ARG B 31 -55.93 -18.78 -30.41
N ALA B 32 -56.98 -19.16 -29.67
CA ALA B 32 -57.64 -20.45 -29.86
C ALA B 32 -58.99 -20.51 -29.15
N ASP B 33 -59.90 -21.32 -29.70
CA ASP B 33 -61.12 -21.72 -29.00
C ASP B 33 -60.84 -22.96 -28.16
N ILE B 34 -61.61 -23.15 -27.08
CA ILE B 34 -61.46 -24.34 -26.26
C ILE B 34 -62.80 -25.08 -26.12
N LEU B 35 -62.85 -26.33 -26.59
CA LEU B 35 -64.05 -27.16 -26.46
C LEU B 35 -63.93 -28.04 -25.22
N ILE B 36 -64.97 -28.00 -24.39
CA ILE B 36 -65.02 -28.74 -23.13
C ILE B 36 -66.13 -29.78 -23.16
N GLU B 37 -65.77 -31.04 -22.91
CA GLU B 37 -66.74 -32.13 -22.83
C GLU B 37 -66.41 -33.01 -21.62
N ASP B 38 -67.44 -33.36 -20.84
CA ASP B 38 -67.29 -34.23 -19.68
C ASP B 38 -66.24 -33.73 -18.67
N GLY B 39 -66.20 -32.43 -18.42
CA GLY B 39 -65.30 -31.85 -17.43
C GLY B 39 -63.84 -31.73 -17.84
N LYS B 40 -63.54 -32.12 -19.07
CA LYS B 40 -62.19 -32.11 -19.59
C LYS B 40 -62.08 -31.28 -20.86
N ILE B 41 -60.86 -30.87 -21.19
CA ILE B 41 -60.62 -30.19 -22.47
C ILE B 41 -60.66 -31.20 -23.62
N ALA B 42 -61.61 -31.02 -24.54
CA ALA B 42 -61.75 -31.98 -25.64
C ALA B 42 -60.91 -31.58 -26.86
N ALA B 43 -60.82 -30.28 -27.12
CA ALA B 43 -60.10 -29.82 -28.29
C ALA B 43 -59.69 -28.36 -28.13
N ILE B 44 -58.58 -28.01 -28.77
CA ILE B 44 -58.09 -26.65 -28.80
C ILE B 44 -57.73 -26.33 -30.23
N GLY B 45 -58.32 -25.27 -30.79
CA GLY B 45 -58.12 -24.96 -32.18
C GLY B 45 -58.81 -23.70 -32.69
N ASP B 46 -58.63 -23.44 -33.98
CA ASP B 46 -59.04 -22.17 -34.58
C ASP B 46 -60.53 -21.86 -34.46
N SER B 47 -61.35 -22.81 -34.89
CA SER B 47 -62.80 -22.58 -34.82
C SER B 47 -63.51 -23.81 -34.35
N LEU B 48 -64.08 -23.71 -33.16
CA LEU B 48 -64.73 -24.86 -32.58
C LEU B 48 -66.19 -24.52 -32.32
N GLU B 49 -67.04 -25.53 -32.33
CA GLU B 49 -68.43 -25.33 -32.01
C GLU B 49 -68.75 -26.17 -30.79
N GLY B 50 -69.71 -25.73 -30.00
CA GLY B 50 -70.13 -26.47 -28.82
C GLY B 50 -71.55 -26.07 -28.48
N ASP B 51 -72.20 -26.83 -27.59
CA ASP B 51 -73.60 -26.62 -27.27
C ASP B 51 -73.83 -25.27 -26.63
N GLU B 52 -72.91 -24.89 -25.75
CA GLU B 52 -73.03 -23.67 -24.99
C GLU B 52 -71.80 -22.82 -25.25
N VAL B 53 -72.00 -21.54 -25.57
CA VAL B 53 -70.88 -20.70 -25.95
C VAL B 53 -70.51 -19.73 -24.83
N ILE B 54 -69.22 -19.70 -24.49
CA ILE B 54 -68.69 -18.72 -23.57
C ILE B 54 -67.75 -17.77 -24.32
N ASP B 55 -68.09 -16.49 -24.29
CA ASP B 55 -67.35 -15.47 -25.02
C ASP B 55 -66.12 -14.95 -24.25
N ALA B 56 -64.92 -15.21 -24.78
CA ALA B 56 -63.69 -14.75 -24.12
C ALA B 56 -62.98 -13.73 -25.01
N SER B 57 -63.74 -13.08 -25.89
CA SER B 57 -63.17 -12.02 -26.74
C SER B 57 -62.50 -10.97 -25.87
N GLY B 58 -61.28 -10.59 -26.25
CA GLY B 58 -60.51 -9.63 -25.49
C GLY B 58 -59.93 -10.17 -24.19
N CYS B 59 -60.08 -11.47 -23.95
CA CYS B 59 -59.60 -12.03 -22.69
C CYS B 59 -58.51 -13.06 -22.86
N TYR B 60 -57.79 -13.32 -21.78
CA TYR B 60 -56.86 -14.42 -21.75
C TYR B 60 -57.50 -15.60 -21.08
N VAL B 61 -57.13 -16.80 -21.50
CA VAL B 61 -57.59 -18.01 -20.89
C VAL B 61 -56.38 -18.78 -20.38
N MET B 62 -56.36 -19.04 -19.08
CA MET B 62 -55.22 -19.67 -18.44
C MET B 62 -55.69 -20.87 -17.64
N PRO B 63 -54.76 -21.82 -17.34
CA PRO B 63 -55.10 -22.88 -16.39
C PRO B 63 -55.53 -22.24 -15.10
N GLY B 64 -56.55 -22.78 -14.42
CA GLY B 64 -56.91 -22.27 -13.11
C GLY B 64 -55.71 -22.40 -12.18
N GLY B 65 -55.56 -21.43 -11.28
CA GLY B 65 -54.45 -21.44 -10.34
C GLY B 65 -54.48 -22.65 -9.41
N ILE B 66 -53.31 -23.12 -9.01
CA ILE B 66 -53.22 -24.14 -7.98
C ILE B 66 -52.44 -23.53 -6.82
N ASP B 67 -53.07 -23.43 -5.65
CA ASP B 67 -52.40 -22.91 -4.48
C ASP B 67 -51.99 -24.08 -3.58
N PRO B 68 -50.69 -24.41 -3.53
CA PRO B 68 -50.24 -25.62 -2.84
C PRO B 68 -50.12 -25.47 -1.34
N HIS B 69 -50.59 -24.37 -0.79
CA HIS B 69 -50.30 -24.07 0.60
C HIS B 69 -51.45 -23.40 1.31
N THR B 70 -52.36 -24.20 1.89
CA THR B 70 -53.48 -23.63 2.61
C THR B 70 -53.68 -24.34 3.95
N HIS B 71 -54.34 -23.64 4.86
CA HIS B 71 -54.69 -24.18 6.17
C HIS B 71 -56.13 -23.82 6.47
N LEU B 72 -57.05 -24.50 5.79
CA LEU B 72 -58.46 -24.20 5.96
C LEU B 72 -59.03 -24.98 7.13
N GLN B 73 -59.82 -24.29 7.95
CA GLN B 73 -60.35 -24.83 9.20
C GLN B 73 -59.26 -25.54 9.99
N MET B 74 -58.13 -24.88 10.16
CA MET B 74 -57.02 -25.45 10.91
C MET B 74 -57.27 -25.33 12.40
N PRO B 75 -56.99 -26.41 13.16
CA PRO B 75 -57.22 -26.40 14.61
C PRO B 75 -56.31 -25.40 15.32
N PHE B 76 -56.92 -24.55 16.14
CA PHE B 76 -56.16 -23.65 17.00
C PHE B 76 -56.90 -23.40 18.33
N MET B 77 -56.22 -23.71 19.44
CA MET B 77 -56.69 -23.40 20.80
C MET B 77 -58.14 -23.83 21.04
N GLY B 78 -58.50 -25.02 20.57
CA GLY B 78 -59.83 -25.55 20.85
C GLY B 78 -60.89 -25.01 19.89
N THR B 79 -60.48 -24.12 19.00
CA THR B 79 -61.38 -23.60 17.96
C THR B 79 -60.80 -23.97 16.60
N TYR B 80 -60.96 -23.08 15.62
CA TYR B 80 -60.39 -23.25 14.30
C TYR B 80 -60.09 -21.89 13.67
N SER B 81 -59.25 -21.88 12.64
CA SER B 81 -59.12 -20.69 11.80
C SER B 81 -60.49 -20.38 11.18
N SER B 82 -60.69 -19.15 10.71
CA SER B 82 -62.03 -18.71 10.33
C SER B 82 -62.47 -19.08 8.92
N ASP B 83 -61.54 -19.24 8.00
CA ASP B 83 -61.91 -19.73 6.67
C ASP B 83 -61.85 -21.25 6.64
N ASP B 84 -62.98 -21.89 6.35
CA ASP B 84 -63.00 -23.34 6.22
C ASP B 84 -62.89 -23.71 4.74
N PHE B 85 -63.14 -24.96 4.38
CA PHE B 85 -63.00 -25.36 2.98
C PHE B 85 -64.10 -24.74 2.09
N ASP B 86 -65.19 -24.31 2.72
CA ASP B 86 -66.27 -23.60 2.01
C ASP B 86 -65.86 -22.16 1.66
N THR B 87 -65.63 -21.31 2.65
CA THR B 87 -65.31 -19.91 2.38
C THR B 87 -63.92 -19.80 1.72
N GLY B 88 -63.01 -20.70 2.08
CA GLY B 88 -61.68 -20.74 1.49
C GLY B 88 -61.67 -20.97 -0.01
N THR B 89 -62.45 -21.94 -0.47
CA THR B 89 -62.48 -22.25 -1.90
C THR B 89 -63.28 -21.20 -2.64
N ALA B 90 -64.26 -20.59 -1.98
CA ALA B 90 -64.96 -19.45 -2.56
C ALA B 90 -63.95 -18.33 -2.88
N ALA B 91 -63.14 -17.99 -1.89
CA ALA B 91 -62.08 -17.00 -2.07
C ALA B 91 -61.12 -17.42 -3.18
N ALA B 92 -60.70 -18.68 -3.17
CA ALA B 92 -59.82 -19.21 -4.22
C ALA B 92 -60.42 -18.97 -5.62
N LEU B 93 -61.67 -19.41 -5.80
CA LEU B 93 -62.33 -19.32 -7.10
C LEU B 93 -62.50 -17.89 -7.56
N ALA B 94 -62.83 -16.98 -6.64
CA ALA B 94 -63.01 -15.58 -6.99
C ALA B 94 -61.68 -14.95 -7.41
N GLY B 95 -60.57 -15.64 -7.11
CA GLY B 95 -59.26 -15.12 -7.48
C GLY B 95 -58.62 -15.90 -8.63
N GLY B 96 -59.40 -16.73 -9.31
CA GLY B 96 -58.89 -17.51 -10.43
C GLY B 96 -58.19 -18.82 -10.04
N THR B 97 -58.21 -19.15 -8.76
CA THR B 97 -57.56 -20.37 -8.28
C THR B 97 -58.59 -21.49 -8.18
N THR B 98 -58.33 -22.58 -8.88
CA THR B 98 -59.29 -23.69 -9.01
C THR B 98 -58.94 -24.90 -8.16
N MET B 99 -57.76 -24.90 -7.53
CA MET B 99 -57.38 -26.02 -6.69
C MET B 99 -56.52 -25.58 -5.51
N VAL B 100 -56.81 -26.15 -4.34
CA VAL B 100 -55.96 -25.89 -3.16
C VAL B 100 -55.36 -27.19 -2.65
N VAL B 101 -54.20 -27.11 -2.02
CA VAL B 101 -53.61 -28.26 -1.36
C VAL B 101 -53.42 -27.92 0.11
N ASP B 102 -54.09 -28.66 0.98
CA ASP B 102 -54.13 -28.36 2.40
C ASP B 102 -53.19 -29.29 3.18
N PHE B 103 -52.90 -28.94 4.43
CA PHE B 103 -52.00 -29.77 5.23
C PHE B 103 -52.73 -30.54 6.30
N VAL B 104 -52.70 -31.87 6.21
CA VAL B 104 -53.24 -32.72 7.26
C VAL B 104 -52.28 -32.71 8.46
N LEU B 105 -52.80 -32.46 9.67
CA LEU B 105 -51.95 -32.41 10.86
C LEU B 105 -52.28 -33.50 11.86
N PRO B 106 -51.51 -34.60 11.85
CA PRO B 106 -51.68 -35.71 12.80
C PRO B 106 -50.99 -35.43 14.12
N ASP B 107 -51.31 -36.22 15.13
CA ASP B 107 -50.62 -36.16 16.41
CA ASP B 107 -50.62 -36.19 16.42
C ASP B 107 -49.24 -36.81 16.30
N SER B 108 -48.37 -36.55 17.26
CA SER B 108 -47.00 -37.04 17.21
C SER B 108 -46.93 -38.56 17.30
N GLU B 109 -47.99 -39.18 17.80
CA GLU B 109 -48.07 -40.62 17.83
C GLU B 109 -48.06 -41.20 16.40
N GLY B 110 -48.40 -40.39 15.41
CA GLY B 110 -48.35 -40.82 14.03
C GLY B 110 -49.64 -41.43 13.51
N ASN B 111 -50.77 -40.91 13.99
CA ASN B 111 -52.08 -41.36 13.51
C ASN B 111 -52.43 -40.71 12.17
N LEU B 112 -51.60 -40.96 11.17
CA LEU B 112 -51.71 -40.27 9.88
C LEU B 112 -53.06 -40.51 9.23
N LEU B 113 -53.48 -41.78 9.21
CA LEU B 113 -54.72 -42.18 8.56
C LEU B 113 -55.97 -41.64 9.25
N ASP B 114 -55.98 -41.67 10.58
CA ASP B 114 -57.07 -41.05 11.32
C ASP B 114 -57.13 -39.54 11.05
N ALA B 115 -55.98 -38.87 11.05
CA ALA B 115 -55.96 -37.45 10.74
C ALA B 115 -56.48 -37.20 9.32
N LEU B 116 -56.11 -38.08 8.39
CA LEU B 116 -56.56 -37.96 7.01
C LEU B 116 -58.09 -38.01 6.91
N GLN B 117 -58.70 -38.95 7.61
CA GLN B 117 -60.16 -39.09 7.56
CA GLN B 117 -60.16 -39.12 7.61
C GLN B 117 -60.83 -37.84 8.08
N GLU B 118 -60.27 -37.26 9.14
CA GLU B 118 -60.77 -36.01 9.70
C GLU B 118 -60.64 -34.85 8.70
N TRP B 119 -59.55 -34.79 7.94
CA TRP B 119 -59.41 -33.72 6.95
C TRP B 119 -60.38 -33.92 5.78
N PHE B 120 -60.64 -35.17 5.41
CA PHE B 120 -61.64 -35.47 4.38
C PHE B 120 -63.02 -34.96 4.82
N GLN B 121 -63.33 -35.05 6.11
CA GLN B 121 -64.62 -34.55 6.59
C GLN B 121 -64.67 -33.03 6.42
N LYS B 122 -63.58 -32.36 6.79
CA LYS B 122 -63.47 -30.90 6.63
C LYS B 122 -63.64 -30.51 5.18
N ALA B 123 -62.98 -31.26 4.30
CA ALA B 123 -62.89 -30.87 2.90
C ALA B 123 -64.18 -31.17 2.14
N GLY B 124 -65.13 -31.80 2.80
CA GLY B 124 -66.42 -32.11 2.19
C GLY B 124 -67.13 -30.84 1.73
N LYS B 125 -66.80 -29.71 2.36
CA LYS B 125 -67.36 -28.41 2.02
C LYS B 125 -66.63 -27.70 0.87
N ALA B 126 -65.59 -28.32 0.33
CA ALA B 126 -64.82 -27.68 -0.73
C ALA B 126 -65.73 -27.39 -1.93
N ARG B 127 -65.62 -26.19 -2.48
CA ARG B 127 -66.41 -25.79 -3.64
C ARG B 127 -65.64 -26.05 -4.94
N THR B 128 -64.35 -26.33 -4.79
CA THR B 128 -63.53 -26.64 -5.94
C THR B 128 -62.52 -27.74 -5.57
N ASP B 129 -61.80 -28.28 -6.53
CA ASP B 129 -60.99 -29.47 -6.27
C ASP B 129 -59.86 -29.17 -5.29
N TYR B 130 -59.37 -30.22 -4.63
CA TYR B 130 -58.38 -30.03 -3.59
C TYR B 130 -57.53 -31.28 -3.46
N SER B 131 -56.40 -31.16 -2.78
CA SER B 131 -55.66 -32.33 -2.36
C SER B 131 -54.98 -32.03 -1.04
N PHE B 132 -54.23 -33.00 -0.52
CA PHE B 132 -53.59 -32.84 0.79
C PHE B 132 -52.07 -33.09 0.75
N HIS B 133 -51.36 -32.42 1.64
CA HIS B 133 -50.04 -32.84 2.08
C HIS B 133 -50.24 -33.54 3.42
N MET B 134 -49.45 -34.56 3.73
CA MET B 134 -49.52 -35.17 5.07
C MET B 134 -48.36 -34.69 5.93
N ALA B 135 -48.67 -34.00 7.03
CA ALA B 135 -47.60 -33.59 7.93
C ALA B 135 -47.12 -34.78 8.76
N ILE B 136 -45.87 -34.70 9.16
CA ILE B 136 -45.20 -35.67 10.02
C ILE B 136 -44.71 -34.92 11.24
N THR B 137 -45.29 -35.19 12.40
CA THR B 137 -45.01 -34.39 13.59
C THR B 137 -44.34 -35.19 14.70
N GLY B 138 -43.69 -36.28 14.34
CA GLY B 138 -42.94 -37.07 15.29
C GLY B 138 -42.30 -38.20 14.53
N TRP B 139 -41.75 -39.18 15.22
CA TRP B 139 -41.24 -40.33 14.51
C TRP B 139 -41.28 -41.58 15.36
N ASN B 140 -41.83 -42.64 14.77
CA ASN B 140 -41.99 -43.93 15.42
C ASN B 140 -42.43 -44.95 14.39
N GLU B 141 -42.59 -46.20 14.82
CA GLU B 141 -42.92 -47.27 13.89
C GLU B 141 -44.27 -47.06 13.20
N ARG B 142 -45.25 -46.57 13.95
CA ARG B 142 -46.58 -46.31 13.42
C ARG B 142 -46.50 -45.30 12.28
N THR B 143 -45.74 -44.23 12.51
CA THR B 143 -45.55 -43.20 11.49
C THR B 143 -44.94 -43.79 10.23
N PHE B 144 -43.86 -44.54 10.43
CA PHE B 144 -43.15 -45.23 9.34
C PHE B 144 -44.09 -46.12 8.52
N ASN B 145 -44.93 -46.91 9.19
CA ASN B 145 -45.84 -47.79 8.49
C ASN B 145 -46.96 -47.04 7.75
N GLU B 146 -47.59 -46.09 8.43
CA GLU B 146 -48.78 -45.43 7.85
C GLU B 146 -48.42 -44.54 6.69
N MET B 147 -47.16 -44.09 6.59
CA MET B 147 -46.72 -43.32 5.43
C MET B 147 -46.93 -44.11 4.14
N ALA B 148 -46.68 -45.42 4.18
CA ALA B 148 -46.86 -46.27 3.01
C ALA B 148 -48.33 -46.27 2.56
N GLU B 149 -49.21 -46.37 3.53
CA GLU B 149 -50.64 -46.37 3.25
C GLU B 149 -51.10 -45.00 2.76
N VAL B 150 -50.53 -43.94 3.32
CA VAL B 150 -50.88 -42.58 2.92
C VAL B 150 -50.53 -42.36 1.45
N VAL B 151 -49.38 -42.86 1.02
CA VAL B 151 -48.98 -42.75 -0.37
C VAL B 151 -49.96 -43.53 -1.26
N LYS B 152 -50.40 -44.70 -0.79
CA LYS B 152 -51.39 -45.49 -1.52
C LYS B 152 -52.73 -44.76 -1.67
N ARG B 153 -53.05 -43.87 -0.73
CA ARG B 153 -54.31 -43.13 -0.78
CA ARG B 153 -54.29 -43.11 -0.76
C ARG B 153 -54.21 -41.92 -1.72
N GLY B 154 -53.05 -41.72 -2.33
CA GLY B 154 -52.89 -40.65 -3.30
C GLY B 154 -52.25 -39.36 -2.82
N ILE B 155 -51.58 -39.41 -1.69
CA ILE B 155 -50.81 -38.28 -1.16
C ILE B 155 -49.32 -38.59 -1.28
N ASN B 156 -48.57 -37.80 -2.04
CA ASN B 156 -47.16 -38.12 -2.29
C ASN B 156 -46.18 -37.11 -1.71
N THR B 157 -46.67 -36.33 -0.76
CA THR B 157 -45.83 -35.34 -0.08
C THR B 157 -46.03 -35.41 1.43
N PHE B 158 -44.95 -35.20 2.16
CA PHE B 158 -44.99 -35.23 3.61
C PHE B 158 -44.35 -33.97 4.17
N KCX B 159 -45.12 -33.23 4.97
CA KCX B 159 -44.69 -31.97 5.44
CB KCX B 159 -45.95 -31.12 5.55
CG KCX B 159 -45.66 -29.84 6.36
CD KCX B 159 -44.62 -28.99 5.60
CE KCX B 159 -44.55 -27.62 6.26
NZ KCX B 159 -45.81 -26.97 5.96
C KCX B 159 -43.99 -32.05 6.78
O KCX B 159 -44.51 -32.70 7.74
CX KCX B 159 -46.12 -25.69 6.53
OQ1 KCX B 159 -47.32 -25.41 6.77
OQ2 KCX B 159 -45.22 -24.85 6.78
N HIS B 160 -42.84 -31.40 6.90
CA HIS B 160 -42.09 -31.42 8.17
C HIS B 160 -41.90 -30.01 8.74
N PHE B 161 -42.01 -29.90 10.07
CA PHE B 161 -41.80 -28.63 10.77
C PHE B 161 -40.50 -28.64 11.58
N MET B 162 -39.63 -27.67 11.30
CA MET B 162 -38.38 -27.52 12.04
C MET B 162 -38.58 -26.53 13.18
N ALA B 163 -39.70 -25.82 13.15
CA ALA B 163 -40.07 -24.93 14.25
C ALA B 163 -41.29 -25.47 14.99
N TYR B 164 -41.94 -24.60 15.77
CA TYR B 164 -43.03 -24.99 16.65
C TYR B 164 -42.61 -26.08 17.64
N LYS B 165 -41.57 -25.77 18.39
CA LYS B 165 -41.06 -26.65 19.41
C LYS B 165 -42.19 -26.97 20.40
N GLY B 166 -42.27 -28.23 20.83
CA GLY B 166 -43.31 -28.65 21.74
C GLY B 166 -44.66 -28.95 21.12
N ALA B 167 -44.78 -28.70 19.81
CA ALA B 167 -46.03 -28.97 19.11
C ALA B 167 -45.81 -29.84 17.87
N LEU B 168 -45.21 -29.26 16.84
CA LEU B 168 -45.09 -29.93 15.54
C LEU B 168 -43.64 -30.33 15.19
N MET B 169 -42.67 -29.81 15.94
CA MET B 169 -41.27 -29.90 15.57
C MET B 169 -40.71 -31.32 15.56
N VAL B 170 -39.91 -31.64 14.54
CA VAL B 170 -39.07 -32.85 14.54
C VAL B 170 -37.59 -32.44 14.54
N ASN B 171 -36.71 -33.33 14.98
CA ASN B 171 -35.28 -33.05 14.97
C ASN B 171 -34.60 -33.65 13.74
N ASP B 172 -33.28 -33.46 13.65
CA ASP B 172 -32.52 -33.92 12.48
C ASP B 172 -32.60 -35.43 12.33
N ASP B 173 -32.57 -36.13 13.46
CA ASP B 173 -32.58 -37.58 13.45
C ASP B 173 -33.89 -38.07 12.86
N GLU B 174 -35.00 -37.56 13.40
CA GLU B 174 -36.34 -37.92 12.94
C GLU B 174 -36.53 -37.50 11.48
N MET B 175 -36.09 -36.30 11.15
CA MET B 175 -36.24 -35.79 9.79
C MET B 175 -35.47 -36.65 8.77
N PHE B 176 -34.26 -37.06 9.11
CA PHE B 176 -33.48 -37.91 8.21
C PHE B 176 -34.16 -39.27 7.96
N ALA B 177 -34.65 -39.91 9.03
CA ALA B 177 -35.37 -41.17 8.90
C ALA B 177 -36.62 -40.98 8.05
N SER B 178 -37.34 -39.90 8.29
CA SER B 178 -38.56 -39.65 7.53
C SER B 178 -38.22 -39.38 6.05
N PHE B 179 -37.17 -38.62 5.79
CA PHE B 179 -36.80 -38.32 4.41
C PHE B 179 -36.41 -39.59 3.66
N GLN B 180 -35.73 -40.50 4.36
CA GLN B 180 -35.34 -41.78 3.77
C GLN B 180 -36.55 -42.64 3.44
N ARG B 181 -37.55 -42.62 4.33
CA ARG B 181 -38.80 -43.30 4.08
C ARG B 181 -39.49 -42.68 2.85
N CYS B 182 -39.47 -41.36 2.76
CA CYS B 182 -40.00 -40.67 1.57
C CYS B 182 -39.34 -41.15 0.29
N ALA B 183 -38.02 -41.21 0.31
CA ALA B 183 -37.23 -41.64 -0.84
C ALA B 183 -37.66 -43.04 -1.25
N GLU B 184 -37.80 -43.90 -0.25
CA GLU B 184 -38.18 -45.28 -0.45
C GLU B 184 -39.56 -45.39 -1.08
N LEU B 185 -40.49 -44.53 -0.66
CA LEU B 185 -41.87 -44.61 -1.14
C LEU B 185 -42.09 -43.83 -2.44
N GLY B 186 -41.07 -43.09 -2.86
CA GLY B 186 -41.18 -42.21 -4.00
C GLY B 186 -41.99 -40.95 -3.68
N ALA B 187 -42.03 -40.60 -2.41
CA ALA B 187 -42.68 -39.36 -2.00
C ALA B 187 -41.65 -38.21 -1.93
N MET B 188 -42.15 -36.99 -1.75
CA MET B 188 -41.28 -35.84 -1.62
C MET B 188 -41.57 -35.08 -0.33
N PRO B 189 -40.54 -34.82 0.48
CA PRO B 189 -40.73 -34.00 1.69
C PRO B 189 -40.91 -32.50 1.41
N LEU B 190 -41.77 -31.88 2.21
CA LEU B 190 -41.91 -30.42 2.31
C LEU B 190 -41.37 -30.00 3.65
N VAL B 191 -40.86 -28.78 3.76
CA VAL B 191 -40.34 -28.36 5.05
C VAL B 191 -40.70 -26.90 5.37
N HIS B 192 -41.13 -26.67 6.60
CA HIS B 192 -41.17 -25.34 7.20
C HIS B 192 -39.82 -25.14 7.88
N ALA B 193 -38.96 -24.31 7.27
CA ALA B 193 -37.57 -24.23 7.71
C ALA B 193 -37.29 -22.97 8.51
N GLU B 194 -37.45 -23.09 9.83
CA GLU B 194 -36.96 -22.12 10.79
C GLU B 194 -36.35 -22.93 11.92
N ASN B 195 -35.26 -22.45 12.53
CA ASN B 195 -34.67 -23.21 13.63
C ASN B 195 -35.50 -23.07 14.91
N GLY B 196 -36.28 -24.11 15.22
CA GLY B 196 -37.22 -24.11 16.34
C GLY B 196 -36.65 -23.91 17.74
N ASP B 197 -35.44 -24.42 17.98
CA ASP B 197 -34.81 -24.25 19.29
C ASP B 197 -34.40 -22.81 19.52
N ILE B 198 -33.86 -22.17 18.50
CA ILE B 198 -33.41 -20.79 18.61
C ILE B 198 -34.61 -19.85 18.72
N VAL B 199 -35.65 -20.07 17.92
CA VAL B 199 -36.89 -19.27 18.01
C VAL B 199 -37.52 -19.35 19.40
N ALA B 200 -37.63 -20.56 19.95
CA ALA B 200 -38.20 -20.72 21.29
C ALA B 200 -37.39 -19.95 22.34
N GLN B 201 -36.06 -19.99 22.25
CA GLN B 201 -35.27 -19.25 23.23
C GLN B 201 -35.38 -17.75 22.99
N LEU B 202 -35.42 -17.32 21.73
CA LEU B 202 -35.55 -15.90 21.44
C LEU B 202 -36.91 -15.37 21.89
N GLN B 203 -37.96 -16.15 21.70
CA GLN B 203 -39.30 -15.79 22.19
C GLN B 203 -39.28 -15.54 23.69
N ALA B 204 -38.71 -16.51 24.42
CA ALA B 204 -38.67 -16.44 25.87
C ALA B 204 -37.86 -15.24 26.34
N LYS B 205 -36.74 -14.97 25.66
CA LYS B 205 -35.90 -13.84 26.04
C LYS B 205 -36.62 -12.51 25.80
N LEU B 206 -37.27 -12.38 24.64
CA LEU B 206 -38.01 -11.17 24.29
C LEU B 206 -39.14 -10.93 25.28
N MET B 207 -39.89 -11.98 25.58
CA MET B 207 -40.97 -11.86 26.55
C MET B 207 -40.41 -11.47 27.94
N ALA B 208 -39.30 -12.07 28.35
CA ALA B 208 -38.69 -11.76 29.65
C ALA B 208 -38.24 -10.30 29.74
N GLU B 209 -37.93 -9.69 28.60
CA GLU B 209 -37.49 -8.31 28.58
C GLU B 209 -38.63 -7.32 28.37
N GLY B 210 -39.87 -7.81 28.33
CA GLY B 210 -41.01 -6.93 28.11
C GLY B 210 -41.24 -6.54 26.66
N ASN B 211 -40.47 -7.13 25.76
CA ASN B 211 -40.62 -6.93 24.32
C ASN B 211 -41.72 -7.84 23.79
N ASP B 212 -42.98 -7.45 24.00
CA ASP B 212 -44.09 -8.37 23.89
C ASP B 212 -45.12 -8.04 22.81
N GLY B 213 -44.87 -7.00 22.03
CA GLY B 213 -45.80 -6.58 21.00
C GLY B 213 -45.70 -7.43 19.75
N PRO B 214 -46.60 -7.20 18.78
CA PRO B 214 -46.63 -7.95 17.52
C PRO B 214 -45.29 -7.89 16.78
N GLU B 215 -44.59 -6.75 16.83
CA GLU B 215 -43.31 -6.60 16.15
C GLU B 215 -42.27 -7.57 16.69
N ALA B 216 -42.43 -7.97 17.95
CA ALA B 216 -41.48 -8.86 18.58
C ALA B 216 -41.59 -10.29 18.02
N HIS B 217 -42.72 -10.59 17.37
CA HIS B 217 -42.84 -11.86 16.67
C HIS B 217 -41.76 -11.95 15.60
N ALA B 218 -41.61 -10.89 14.84
CA ALA B 218 -40.58 -10.84 13.81
C ALA B 218 -39.17 -10.88 14.44
N TYR B 219 -38.99 -10.18 15.58
CA TYR B 219 -37.70 -10.16 16.28
C TYR B 219 -37.28 -11.56 16.73
N SER B 220 -38.26 -12.38 17.06
CA SER B 220 -38.00 -13.71 17.62
C SER B 220 -37.59 -14.73 16.56
N ARG B 221 -37.76 -14.38 15.28
CA ARG B 221 -37.37 -15.30 14.23
C ARG B 221 -36.85 -14.54 13.01
N PRO B 222 -35.67 -13.92 13.17
CA PRO B 222 -35.06 -13.13 12.10
C PRO B 222 -34.64 -14.02 10.92
N PRO B 223 -34.40 -13.41 9.75
CA PRO B 223 -34.10 -14.18 8.53
C PRO B 223 -32.97 -15.23 8.69
N GLU B 224 -31.94 -14.96 9.50
CA GLU B 224 -30.85 -15.93 9.63
C GLU B 224 -31.35 -17.29 10.14
N VAL B 225 -32.38 -17.25 10.98
CA VAL B 225 -32.95 -18.45 11.55
C VAL B 225 -33.68 -19.29 10.48
N GLU B 226 -34.27 -18.63 9.49
CA GLU B 226 -34.88 -19.35 8.37
C GLU B 226 -33.80 -19.85 7.41
N GLY B 227 -32.83 -18.98 7.12
CA GLY B 227 -31.74 -19.32 6.22
C GLY B 227 -30.98 -20.56 6.69
N GLU B 228 -30.70 -20.63 7.99
CA GLU B 228 -30.00 -21.80 8.53
C GLU B 228 -30.80 -23.10 8.36
N ALA B 229 -32.06 -23.10 8.79
CA ALA B 229 -32.89 -24.31 8.75
C ALA B 229 -33.09 -24.77 7.32
N THR B 230 -33.22 -23.82 6.40
CA THR B 230 -33.39 -24.14 4.99
C THR B 230 -32.16 -24.89 4.50
N ASN B 231 -31.01 -24.33 4.78
CA ASN B 231 -29.75 -24.98 4.44
C ASN B 231 -29.62 -26.39 5.04
N ARG B 232 -30.03 -26.55 6.30
CA ARG B 232 -29.93 -27.84 6.97
C ARG B 232 -30.90 -28.89 6.36
N ALA B 233 -32.15 -28.47 6.11
CA ALA B 233 -33.15 -29.38 5.53
C ALA B 233 -32.68 -29.88 4.16
N ILE B 234 -32.07 -28.97 3.41
CA ILE B 234 -31.50 -29.31 2.13
C ILE B 234 -30.39 -30.37 2.26
N MET B 235 -29.46 -30.17 3.19
CA MET B 235 -28.40 -31.16 3.40
C MET B 235 -28.99 -32.55 3.69
N ILE B 236 -29.99 -32.59 4.56
CA ILE B 236 -30.58 -33.86 4.98
C ILE B 236 -31.36 -34.57 3.85
N ALA B 237 -32.11 -33.81 3.06
CA ALA B 237 -32.83 -34.39 1.90
C ALA B 237 -31.86 -34.97 0.87
N ASP B 238 -30.80 -34.20 0.59
CA ASP B 238 -29.80 -34.64 -0.38
C ASP B 238 -29.08 -35.89 0.12
N GLN B 239 -28.78 -35.93 1.41
CA GLN B 239 -28.18 -37.14 1.99
C GLN B 239 -29.16 -38.31 1.90
N ALA B 240 -30.44 -38.02 2.03
CA ALA B 240 -31.45 -39.07 1.94
C ALA B 240 -31.76 -39.43 0.48
N GLY B 241 -31.27 -38.63 -0.46
CA GLY B 241 -31.51 -38.90 -1.87
C GLY B 241 -32.94 -38.64 -2.34
N VAL B 242 -33.56 -37.58 -1.82
CA VAL B 242 -34.94 -37.26 -2.18
C VAL B 242 -35.03 -35.76 -2.48
N PRO B 243 -35.85 -35.36 -3.48
CA PRO B 243 -36.01 -33.92 -3.71
C PRO B 243 -36.65 -33.26 -2.51
N LEU B 244 -36.47 -31.96 -2.35
CA LEU B 244 -37.04 -31.25 -1.22
C LEU B 244 -37.81 -30.05 -1.71
N TYR B 245 -38.95 -29.80 -1.10
CA TYR B 245 -39.72 -28.62 -1.43
C TYR B 245 -39.76 -27.71 -0.20
N VAL B 246 -39.18 -26.52 -0.33
CA VAL B 246 -39.16 -25.56 0.78
C VAL B 246 -40.38 -24.64 0.69
N VAL B 247 -41.28 -24.73 1.67
CA VAL B 247 -42.48 -23.88 1.64
C VAL B 247 -42.10 -22.49 2.15
N HIS B 248 -42.86 -21.49 1.70
CA HIS B 248 -42.70 -20.08 2.07
C HIS B 248 -41.25 -19.62 2.29
N VAL B 249 -40.52 -19.61 1.18
CA VAL B 249 -39.21 -18.99 1.11
C VAL B 249 -39.42 -17.48 1.18
N SER B 250 -39.05 -16.86 2.30
CA SER B 250 -39.42 -15.46 2.58
C SER B 250 -38.27 -14.45 2.44
N CYS B 251 -37.04 -14.93 2.40
CA CYS B 251 -35.91 -14.00 2.49
C CYS B 251 -34.72 -14.44 1.63
N GLU B 252 -33.77 -13.55 1.44
CA GLU B 252 -32.59 -13.86 0.62
C GLU B 252 -31.79 -15.00 1.22
N GLN B 253 -31.75 -15.11 2.55
CA GLN B 253 -30.96 -16.17 3.18
C GLN B 253 -31.45 -17.57 2.78
N SER B 254 -32.76 -17.78 2.82
CA SER B 254 -33.24 -19.10 2.44
C SER B 254 -33.19 -19.26 0.92
N HIS B 255 -33.50 -18.20 0.18
CA HIS B 255 -33.38 -18.28 -1.27
C HIS B 255 -31.92 -18.60 -1.68
N GLU B 256 -30.95 -17.93 -1.06
CA GLU B 256 -29.54 -18.21 -1.36
C GLU B 256 -29.19 -19.70 -1.10
N ALA B 257 -29.69 -20.26 -0.01
CA ALA B 257 -29.40 -21.66 0.30
C ALA B 257 -29.93 -22.58 -0.82
N ILE B 258 -31.10 -22.23 -1.36
CA ILE B 258 -31.68 -23.04 -2.45
C ILE B 258 -30.89 -22.92 -3.77
N ARG B 259 -30.51 -21.68 -4.13
CA ARG B 259 -29.71 -21.44 -5.34
C ARG B 259 -28.39 -22.20 -5.25
N ARG B 260 -27.77 -22.14 -4.09
CA ARG B 260 -26.47 -22.78 -3.89
C ARG B 260 -26.63 -24.31 -4.01
N ALA B 261 -27.68 -24.86 -3.40
CA ALA B 261 -27.92 -26.30 -3.49
C ALA B 261 -28.17 -26.75 -4.94
N ARG B 262 -29.02 -26.00 -5.64
CA ARG B 262 -29.35 -26.33 -7.02
C ARG B 262 -28.08 -26.29 -7.89
N GLN B 263 -27.16 -25.36 -7.60
CA GLN B 263 -25.93 -25.28 -8.37
C GLN B 263 -25.00 -26.45 -8.04
N LYS B 264 -25.22 -27.14 -6.91
CA LYS B 264 -24.47 -28.36 -6.62
C LYS B 264 -25.14 -29.56 -7.26
N GLY B 265 -26.25 -29.30 -7.94
CA GLY B 265 -26.98 -30.39 -8.56
C GLY B 265 -27.99 -31.03 -7.62
N MET B 266 -28.26 -30.40 -6.49
CA MET B 266 -29.29 -30.98 -5.60
C MET B 266 -30.66 -30.60 -6.13
N ARG B 267 -31.63 -31.48 -5.92
CA ARG B 267 -33.00 -31.22 -6.36
C ARG B 267 -33.81 -30.58 -5.23
N VAL B 268 -33.96 -29.26 -5.33
CA VAL B 268 -34.64 -28.46 -4.30
C VAL B 268 -35.60 -27.48 -4.97
N PHE B 269 -36.85 -27.42 -4.50
CA PHE B 269 -37.82 -26.44 -4.97
C PHE B 269 -38.07 -25.41 -3.90
N GLY B 270 -38.44 -24.21 -4.32
CA GLY B 270 -38.75 -23.13 -3.39
C GLY B 270 -40.05 -22.43 -3.74
N GLU B 271 -40.78 -22.02 -2.71
CA GLU B 271 -42.12 -21.45 -2.83
C GLU B 271 -42.22 -20.09 -2.13
N PRO B 272 -42.14 -18.97 -2.87
CA PRO B 272 -42.39 -17.71 -2.17
C PRO B 272 -43.89 -17.42 -2.05
N LEU B 273 -44.32 -16.92 -0.89
CA LEU B 273 -45.71 -16.49 -0.71
C LEU B 273 -45.92 -15.14 -1.37
N ILE B 274 -47.13 -14.89 -1.87
CA ILE B 274 -47.46 -13.60 -2.45
C ILE B 274 -47.28 -12.48 -1.39
N GLN B 275 -47.53 -12.79 -0.12
CA GLN B 275 -47.29 -11.82 0.98
C GLN B 275 -45.83 -11.37 1.04
N HIS B 276 -44.91 -12.31 0.87
CA HIS B 276 -43.48 -11.97 1.01
C HIS B 276 -42.94 -11.32 -0.24
N LEU B 277 -43.67 -11.46 -1.34
CA LEU B 277 -43.32 -10.78 -2.59
C LEU B 277 -43.72 -9.31 -2.58
N THR B 278 -44.73 -8.95 -1.79
CA THR B 278 -45.34 -7.62 -1.93
C THR B 278 -45.55 -6.87 -0.60
N LEU B 279 -45.37 -7.55 0.53
CA LEU B 279 -45.56 -6.90 1.82
C LEU B 279 -44.26 -6.94 2.61
N ASP B 280 -44.12 -6.07 3.60
CA ASP B 280 -42.88 -6.01 4.36
C ASP B 280 -43.09 -5.71 5.85
N GLU B 281 -42.02 -5.90 6.62
CA GLU B 281 -42.05 -5.88 8.07
C GLU B 281 -42.44 -4.53 8.68
N SER B 282 -42.41 -3.47 7.89
CA SER B 282 -42.79 -2.17 8.41
C SER B 282 -44.25 -2.19 8.89
N GLU B 283 -45.04 -3.13 8.36
CA GLU B 283 -46.42 -3.28 8.81
C GLU B 283 -46.49 -3.51 10.33
N TYR B 284 -45.49 -4.19 10.90
CA TYR B 284 -45.49 -4.50 12.33
C TYR B 284 -45.22 -3.25 13.18
N HIS B 285 -44.76 -2.18 12.54
CA HIS B 285 -44.44 -0.98 13.30
C HIS B 285 -45.53 0.08 13.18
N ASN B 286 -46.65 -0.31 12.59
CA ASN B 286 -47.84 0.53 12.64
C ASN B 286 -48.21 0.74 14.11
N ARG B 287 -48.60 1.97 14.45
CA ARG B 287 -48.94 2.35 15.82
C ARG B 287 -50.15 1.58 16.37
N ASP B 288 -51.01 1.10 15.48
CA ASP B 288 -52.21 0.37 15.90
C ASP B 288 -51.90 -1.11 16.18
N TRP B 289 -52.24 -1.56 17.39
CA TRP B 289 -51.96 -2.93 17.80
C TRP B 289 -52.64 -3.97 16.90
N ASP B 290 -53.94 -3.76 16.66
CA ASP B 290 -54.74 -4.61 15.79
C ASP B 290 -54.11 -4.72 14.39
N TYR B 291 -53.76 -3.58 13.82
CA TYR B 291 -53.17 -3.56 12.48
C TYR B 291 -51.91 -4.44 12.43
N ALA B 292 -51.03 -4.24 13.41
CA ALA B 292 -49.75 -4.97 13.45
C ALA B 292 -50.00 -6.44 13.71
N ALA B 293 -50.87 -6.75 14.66
CA ALA B 293 -51.15 -8.14 15.02
C ALA B 293 -51.76 -8.91 13.85
N ARG B 294 -52.60 -8.24 13.07
CA ARG B 294 -53.26 -8.88 11.93
C ARG B 294 -52.26 -9.47 10.95
N ARG B 295 -51.11 -8.81 10.80
CA ARG B 295 -50.10 -9.23 9.85
C ARG B 295 -49.14 -10.30 10.38
N VAL B 296 -49.28 -10.68 11.64
CA VAL B 296 -48.42 -11.71 12.23
C VAL B 296 -48.66 -13.06 11.57
N MET B 297 -47.57 -13.65 11.07
CA MET B 297 -47.57 -14.98 10.46
C MET B 297 -46.12 -15.51 10.50
N SER B 298 -45.94 -16.78 10.16
CA SER B 298 -44.59 -17.37 10.17
C SER B 298 -44.30 -18.09 8.84
N PRO B 299 -43.20 -17.70 8.15
CA PRO B 299 -42.28 -16.62 8.52
C PRO B 299 -42.94 -15.24 8.47
N PRO B 300 -42.45 -14.31 9.28
CA PRO B 300 -43.06 -12.98 9.33
C PRO B 300 -42.75 -12.19 8.07
N PHE B 301 -43.49 -11.10 7.83
CA PHE B 301 -43.12 -10.16 6.79
C PHE B 301 -41.68 -9.72 7.03
N ARG B 302 -40.93 -9.53 5.96
CA ARG B 302 -39.50 -9.26 6.05
C ARG B 302 -39.17 -7.86 5.60
N ASP B 303 -37.92 -7.48 5.82
CA ASP B 303 -37.38 -6.26 5.24
C ASP B 303 -37.69 -6.26 3.75
N LYS B 304 -38.22 -5.13 3.27
CA LYS B 304 -38.63 -4.98 1.88
C LYS B 304 -37.54 -5.35 0.87
N LEU B 305 -36.28 -5.19 1.27
CA LEU B 305 -35.15 -5.52 0.39
C LEU B 305 -35.20 -6.96 -0.09
N ASN B 306 -35.81 -7.84 0.70
CA ASN B 306 -35.89 -9.25 0.33
C ASN B 306 -36.78 -9.53 -0.86
N GLN B 307 -37.73 -8.62 -1.13
CA GLN B 307 -38.70 -8.86 -2.20
C GLN B 307 -38.04 -9.09 -3.56
N ASP B 308 -37.09 -8.24 -3.93
CA ASP B 308 -36.41 -8.36 -5.22
C ASP B 308 -35.75 -9.71 -5.43
N SER B 309 -35.22 -10.29 -4.33
CA SER B 309 -34.58 -11.59 -4.40
C SER B 309 -35.60 -12.67 -4.81
N LEU B 310 -36.78 -12.62 -4.19
CA LEU B 310 -37.82 -13.61 -4.48
C LEU B 310 -38.36 -13.46 -5.90
N TRP B 311 -38.61 -12.21 -6.32
CA TRP B 311 -39.06 -11.95 -7.70
C TRP B 311 -38.05 -12.48 -8.74
N ALA B 312 -36.78 -12.19 -8.51
CA ALA B 312 -35.71 -12.62 -9.41
C ALA B 312 -35.66 -14.13 -9.49
N GLY B 313 -35.87 -14.79 -8.36
CA GLY B 313 -35.92 -16.24 -8.32
C GLY B 313 -37.03 -16.81 -9.21
N LEU B 314 -38.19 -16.18 -9.21
CA LEU B 314 -39.28 -16.66 -10.04
C LEU B 314 -38.91 -16.50 -11.51
N ALA B 315 -38.27 -15.39 -11.84
CA ALA B 315 -37.87 -15.14 -13.22
C ALA B 315 -36.71 -16.05 -13.66
N ALA B 316 -35.81 -16.37 -12.73
CA ALA B 316 -34.61 -17.18 -13.03
C ALA B 316 -34.88 -18.68 -12.89
N GLY B 317 -36.00 -19.03 -12.29
CA GLY B 317 -36.33 -20.44 -12.10
C GLY B 317 -35.75 -21.09 -10.84
N SER B 318 -35.15 -20.31 -9.95
CA SER B 318 -34.63 -20.88 -8.70
C SER B 318 -35.74 -20.98 -7.66
N LEU B 319 -36.85 -20.26 -7.91
CA LEU B 319 -38.09 -20.43 -7.14
C LEU B 319 -39.19 -20.73 -8.14
N GLN B 320 -40.09 -21.67 -7.81
CA GLN B 320 -40.99 -22.20 -8.83
C GLN B 320 -42.49 -21.97 -8.65
N CYS B 321 -42.96 -21.78 -7.42
CA CYS B 321 -44.41 -21.76 -7.15
C CYS B 321 -44.80 -20.64 -6.20
N VAL B 322 -45.82 -19.88 -6.55
CA VAL B 322 -46.32 -18.88 -5.63
C VAL B 322 -47.49 -19.46 -4.86
N ALA B 323 -47.52 -19.26 -3.54
CA ALA B 323 -48.60 -19.77 -2.69
C ALA B 323 -49.06 -18.69 -1.69
N THR B 324 -49.96 -19.05 -0.77
CA THR B 324 -50.45 -18.05 0.18
C THR B 324 -50.31 -18.43 1.63
N ASP B 325 -50.17 -19.72 1.91
CA ASP B 325 -50.16 -20.18 3.30
C ASP B 325 -51.45 -19.70 3.99
N HIS B 326 -52.58 -19.81 3.27
CA HIS B 326 -53.83 -19.19 3.70
C HIS B 326 -54.31 -19.73 5.04
N CYS B 327 -54.31 -18.85 6.04
CA CYS B 327 -54.75 -19.21 7.37
C CYS B 327 -55.33 -17.95 7.98
N ALA B 328 -56.66 -17.83 7.94
CA ALA B 328 -57.31 -16.56 8.27
C ALA B 328 -57.92 -16.56 9.69
N PHE B 329 -57.58 -15.53 10.46
CA PHE B 329 -58.17 -15.37 11.79
C PHE B 329 -58.82 -14.01 11.89
N THR B 330 -59.91 -13.93 12.63
CA THR B 330 -60.60 -12.67 12.86
C THR B 330 -59.76 -11.80 13.78
N THR B 331 -60.07 -10.51 13.84
CA THR B 331 -59.39 -9.61 14.74
C THR B 331 -59.53 -10.11 16.18
N GLU B 332 -60.71 -10.62 16.52
CA GLU B 332 -60.96 -11.14 17.87
C GLU B 332 -60.00 -12.28 18.19
N GLN B 333 -59.75 -13.14 17.21
CA GLN B 333 -58.82 -14.25 17.44
C GLN B 333 -57.39 -13.75 17.60
N LYS B 334 -56.98 -12.81 16.76
CA LYS B 334 -55.64 -12.22 16.84
C LYS B 334 -55.42 -11.62 18.21
N ARG B 335 -56.49 -11.09 18.79
CA ARG B 335 -56.40 -10.40 20.08
C ARG B 335 -56.12 -11.35 21.23
N TYR B 336 -56.12 -12.65 20.96
CA TYR B 336 -55.69 -13.62 21.97
C TYR B 336 -54.24 -13.34 22.38
N GLY B 337 -53.47 -12.68 21.52
CA GLY B 337 -52.06 -12.42 21.80
C GLY B 337 -51.76 -11.05 22.38
N ILE B 338 -52.79 -10.38 22.90
CA ILE B 338 -52.58 -9.10 23.57
C ILE B 338 -51.65 -9.32 24.75
N GLY B 339 -50.57 -8.56 24.80
CA GLY B 339 -49.60 -8.67 25.88
C GLY B 339 -48.65 -9.84 25.73
N ASN B 340 -48.85 -10.65 24.69
CA ASN B 340 -47.98 -11.80 24.45
C ASN B 340 -47.99 -12.20 22.99
N PHE B 341 -46.98 -11.78 22.24
CA PHE B 341 -46.98 -12.03 20.81
C PHE B 341 -46.99 -13.52 20.47
N THR B 342 -46.54 -14.37 21.40
CA THR B 342 -46.51 -15.81 21.11
C THR B 342 -47.91 -16.41 21.06
N LYS B 343 -48.91 -15.66 21.52
CA LYS B 343 -50.29 -16.13 21.53
C LYS B 343 -51.13 -15.52 20.41
N ILE B 344 -50.51 -14.69 19.57
CA ILE B 344 -51.20 -14.22 18.37
C ILE B 344 -51.25 -15.37 17.37
N PRO B 345 -52.46 -15.81 16.99
CA PRO B 345 -52.49 -16.87 15.98
C PRO B 345 -51.77 -16.43 14.70
N ASN B 346 -50.86 -17.28 14.22
CA ASN B 346 -50.06 -16.93 13.05
C ASN B 346 -50.83 -17.21 11.79
N GLY B 347 -50.95 -16.21 10.92
CA GLY B 347 -51.52 -16.41 9.61
C GLY B 347 -52.22 -15.19 9.05
N THR B 348 -52.09 -15.06 7.74
CA THR B 348 -52.80 -14.05 7.00
C THR B 348 -53.43 -14.85 5.86
N GLY B 349 -54.51 -14.32 5.30
CA GLY B 349 -55.18 -15.00 4.21
C GLY B 349 -54.74 -14.33 2.92
N GLY B 350 -54.62 -15.10 1.85
CA GLY B 350 -54.37 -14.52 0.55
C GLY B 350 -54.92 -15.26 -0.66
N LEU B 351 -55.77 -16.26 -0.44
CA LEU B 351 -56.17 -17.15 -1.53
C LEU B 351 -56.73 -16.39 -2.73
N GLU B 352 -57.66 -15.48 -2.46
CA GLU B 352 -58.28 -14.69 -3.51
C GLU B 352 -57.32 -13.69 -4.13
N GLU B 353 -56.35 -13.24 -3.35
CA GLU B 353 -55.48 -12.14 -3.78
C GLU B 353 -54.25 -12.63 -4.56
N ARG B 354 -53.92 -13.92 -4.44
CA ARG B 354 -52.66 -14.43 -5.00
C ARG B 354 -52.48 -14.12 -6.49
N MET B 355 -53.35 -14.66 -7.35
CA MET B 355 -53.17 -14.44 -8.78
C MET B 355 -53.39 -12.97 -9.19
N PRO B 356 -54.44 -12.29 -8.68
CA PRO B 356 -54.56 -10.88 -9.08
C PRO B 356 -53.40 -9.99 -8.67
N VAL B 357 -52.91 -10.13 -7.45
CA VAL B 357 -51.77 -9.28 -7.03
C VAL B 357 -50.54 -9.61 -7.88
N LEU B 358 -50.31 -10.90 -8.12
CA LEU B 358 -49.17 -11.31 -8.92
C LEU B 358 -49.27 -10.77 -10.34
N TRP B 359 -50.48 -10.72 -10.90
CA TRP B 359 -50.63 -10.24 -12.26
C TRP B 359 -50.23 -8.77 -12.39
N THR B 360 -50.75 -7.94 -11.50
CA THR B 360 -50.46 -6.52 -11.53
C THR B 360 -49.00 -6.22 -11.20
N ARG B 361 -48.52 -6.77 -10.09
CA ARG B 361 -47.14 -6.55 -9.62
C ARG B 361 -46.07 -7.25 -10.45
N GLY B 362 -46.45 -8.35 -11.11
CA GLY B 362 -45.51 -9.17 -11.85
C GLY B 362 -45.58 -9.12 -13.36
N VAL B 363 -46.76 -9.37 -13.92
CA VAL B 363 -46.92 -9.35 -15.38
C VAL B 363 -46.96 -7.93 -15.96
N ARG B 364 -47.76 -7.07 -15.36
CA ARG B 364 -47.93 -5.72 -15.90
C ARG B 364 -46.65 -4.91 -15.77
N THR B 365 -45.80 -5.29 -14.83
CA THR B 365 -44.53 -4.63 -14.64
C THR B 365 -43.40 -5.22 -15.47
N GLY B 366 -43.64 -6.39 -16.04
CA GLY B 366 -42.61 -7.07 -16.81
C GLY B 366 -41.62 -7.90 -16.01
N ARG B 367 -41.85 -8.07 -14.72
CA ARG B 367 -40.98 -8.93 -13.91
C ARG B 367 -41.17 -10.37 -14.33
N LEU B 368 -42.38 -10.70 -14.77
CA LEU B 368 -42.70 -12.03 -15.27
C LEU B 368 -43.34 -11.92 -16.64
N THR B 369 -43.02 -12.81 -17.56
CA THR B 369 -43.84 -12.94 -18.77
C THR B 369 -45.19 -13.54 -18.36
N PRO B 370 -46.23 -13.37 -19.20
CA PRO B 370 -47.50 -14.03 -18.87
C PRO B 370 -47.33 -15.54 -18.73
N ASN B 371 -46.43 -16.11 -19.53
CA ASN B 371 -46.17 -17.54 -19.47
C ASN B 371 -45.51 -17.98 -18.16
N GLU B 372 -44.58 -17.16 -17.65
CA GLU B 372 -43.96 -17.41 -16.35
C GLU B 372 -45.03 -17.32 -15.25
N PHE B 373 -45.94 -16.36 -15.43
CA PHE B 373 -47.07 -16.20 -14.51
C PHE B 373 -47.87 -17.49 -14.40
N VAL B 374 -48.18 -18.12 -15.53
CA VAL B 374 -48.90 -19.38 -15.51
C VAL B 374 -48.07 -20.48 -14.84
N ALA B 375 -46.78 -20.54 -15.21
CA ALA B 375 -45.89 -21.54 -14.62
C ALA B 375 -45.91 -21.44 -13.11
N VAL B 376 -45.78 -20.23 -12.57
CA VAL B 376 -45.63 -20.13 -11.11
C VAL B 376 -46.96 -20.04 -10.37
N THR B 377 -48.09 -20.04 -11.07
CA THR B 377 -49.37 -20.10 -10.37
C THR B 377 -50.11 -21.43 -10.48
N SER B 378 -49.71 -22.26 -11.44
CA SER B 378 -50.37 -23.56 -11.58
C SER B 378 -49.47 -24.65 -12.16
N THR B 379 -48.90 -24.43 -13.33
CA THR B 379 -48.25 -25.51 -14.07
C THR B 379 -47.06 -26.13 -13.32
N ASN B 380 -46.20 -25.30 -12.74
CA ASN B 380 -45.03 -25.85 -12.02
C ASN B 380 -45.44 -26.74 -10.85
N ILE B 381 -46.35 -26.26 -10.01
CA ILE B 381 -46.73 -27.07 -8.85
C ILE B 381 -47.45 -28.34 -9.33
N ALA B 382 -48.21 -28.23 -10.42
CA ALA B 382 -48.85 -29.44 -10.96
C ALA B 382 -47.78 -30.47 -11.34
N LYS B 383 -46.72 -30.01 -12.02
CA LYS B 383 -45.65 -30.92 -12.42
C LYS B 383 -44.93 -31.48 -11.17
N ILE B 384 -44.67 -30.60 -10.20
CA ILE B 384 -43.95 -30.99 -8.98
C ILE B 384 -44.75 -32.01 -8.13
N LEU B 385 -46.08 -31.84 -8.06
CA LEU B 385 -46.92 -32.76 -7.28
C LEU B 385 -47.37 -33.97 -8.11
N ASN B 386 -46.90 -34.00 -9.35
CA ASN B 386 -47.11 -35.12 -10.29
C ASN B 386 -48.55 -35.27 -10.79
N ILE B 387 -49.27 -34.16 -10.93
CA ILE B 387 -50.64 -34.18 -11.46
C ILE B 387 -50.79 -33.34 -12.73
N TYR B 388 -49.69 -33.16 -13.45
CA TYR B 388 -49.69 -32.55 -14.77
C TYR B 388 -49.70 -33.67 -15.81
N PRO B 389 -50.56 -33.55 -16.86
CA PRO B 389 -51.43 -32.43 -17.19
C PRO B 389 -52.88 -32.54 -16.74
N GLN B 390 -53.23 -33.40 -15.79
CA GLN B 390 -54.61 -33.41 -15.32
C GLN B 390 -55.00 -32.01 -14.84
N LYS B 391 -54.09 -31.40 -14.09
CA LYS B 391 -54.25 -30.02 -13.60
C LYS B 391 -53.13 -29.14 -14.15
N GLY B 392 -53.33 -27.83 -14.12
CA GLY B 392 -52.28 -26.89 -14.51
C GLY B 392 -51.96 -26.88 -16.00
N ALA B 393 -52.88 -27.36 -16.82
CA ALA B 393 -52.63 -27.51 -18.26
C ALA B 393 -53.78 -27.04 -19.13
N VAL B 394 -53.47 -26.56 -20.32
CA VAL B 394 -54.50 -26.40 -21.35
C VAL B 394 -54.11 -27.30 -22.52
N VAL B 395 -54.42 -28.59 -22.36
CA VAL B 395 -54.16 -29.61 -23.37
C VAL B 395 -55.36 -30.55 -23.40
N PRO B 396 -55.62 -31.20 -24.54
CA PRO B 396 -56.77 -32.11 -24.58
C PRO B 396 -56.61 -33.22 -23.55
N GLY B 397 -57.68 -33.54 -22.84
CA GLY B 397 -57.61 -34.56 -21.81
C GLY B 397 -57.39 -33.99 -20.41
N ALA B 398 -56.91 -32.75 -20.33
CA ALA B 398 -56.73 -32.09 -19.04
C ALA B 398 -58.09 -31.81 -18.39
N ASP B 399 -58.14 -31.76 -17.06
CA ASP B 399 -59.36 -31.27 -16.43
C ASP B 399 -59.57 -29.85 -16.91
N ALA B 400 -60.82 -29.50 -17.22
CA ALA B 400 -61.11 -28.15 -17.69
C ALA B 400 -61.19 -27.17 -16.53
N ASP B 401 -60.06 -26.98 -15.85
CA ASP B 401 -59.93 -25.98 -14.79
C ASP B 401 -59.31 -24.75 -15.43
N LEU B 402 -60.11 -23.71 -15.64
CA LEU B 402 -59.65 -22.59 -16.45
C LEU B 402 -60.07 -21.26 -15.85
N VAL B 403 -59.26 -20.23 -16.04
CA VAL B 403 -59.69 -18.91 -15.64
C VAL B 403 -59.72 -17.99 -16.86
N ILE B 404 -60.81 -17.25 -16.99
CA ILE B 404 -60.92 -16.27 -18.06
C ILE B 404 -60.60 -14.92 -17.46
N TRP B 405 -59.53 -14.32 -17.98
CA TRP B 405 -58.89 -13.14 -17.40
C TRP B 405 -59.06 -11.94 -18.31
N ASP B 406 -59.75 -10.91 -17.81
CA ASP B 406 -59.89 -9.65 -18.53
C ASP B 406 -58.72 -8.76 -18.12
N PRO B 407 -57.80 -8.48 -19.06
CA PRO B 407 -56.58 -7.74 -18.75
C PRO B 407 -56.85 -6.25 -18.48
N GLU B 408 -58.05 -5.77 -18.79
CA GLU B 408 -58.33 -4.33 -18.68
C GLU B 408 -59.14 -3.93 -17.44
N THR B 409 -59.79 -4.88 -16.78
CA THR B 409 -60.64 -4.57 -15.62
C THR B 409 -59.81 -4.17 -14.40
N THR B 410 -60.33 -3.21 -13.63
CA THR B 410 -59.60 -2.67 -12.48
C THR B 410 -60.40 -2.81 -11.19
N LYS B 411 -59.68 -2.82 -10.07
CA LYS B 411 -60.30 -2.80 -8.76
C LYS B 411 -59.27 -2.44 -7.70
N LYS B 412 -59.77 -2.02 -6.55
CA LYS B 412 -58.93 -1.81 -5.40
C LYS B 412 -59.29 -2.88 -4.38
N ILE B 413 -58.29 -3.62 -3.92
CA ILE B 413 -58.55 -4.70 -2.97
C ILE B 413 -59.06 -4.14 -1.67
N SER B 414 -60.11 -4.75 -1.14
CA SER B 414 -60.68 -4.31 0.11
C SER B 414 -61.36 -5.45 0.85
N ALA B 415 -61.29 -5.38 2.17
CA ALA B 415 -62.00 -6.31 3.04
C ALA B 415 -63.51 -6.19 2.77
N LYS B 416 -63.94 -5.02 2.31
CA LYS B 416 -65.38 -4.80 2.09
C LYS B 416 -65.95 -5.69 0.99
N THR B 417 -65.11 -6.11 0.05
CA THR B 417 -65.56 -6.91 -1.08
C THR B 417 -64.97 -8.33 -1.15
N GLN B 418 -64.13 -8.70 -0.18
CA GLN B 418 -63.42 -9.99 -0.26
C GLN B 418 -64.34 -11.16 -0.01
N HIS B 419 -63.99 -12.34 -0.52
CA HIS B 419 -64.82 -13.51 -0.28
C HIS B 419 -64.38 -14.24 0.99
N SER B 420 -63.19 -13.92 1.49
CA SER B 420 -62.74 -14.47 2.76
C SER B 420 -63.67 -14.00 3.88
N SER B 421 -63.83 -14.82 4.91
CA SER B 421 -64.81 -14.57 5.96
C SER B 421 -64.37 -13.60 7.06
N ILE B 422 -63.07 -13.31 7.12
CA ILE B 422 -62.56 -12.45 8.18
C ILE B 422 -62.81 -10.98 7.88
N ASP B 423 -62.53 -10.12 8.87
CA ASP B 423 -62.95 -8.73 8.83
C ASP B 423 -61.87 -7.77 8.28
N TYR B 424 -60.76 -8.29 7.80
CA TYR B 424 -59.72 -7.42 7.27
C TYR B 424 -59.01 -8.06 6.08
N ASN B 425 -58.09 -7.32 5.48
CA ASN B 425 -57.37 -7.79 4.30
C ASN B 425 -55.98 -7.20 4.30
N VAL B 426 -54.96 -8.03 4.35
CA VAL B 426 -53.60 -7.49 4.46
C VAL B 426 -53.17 -6.88 3.14
N PHE B 427 -53.93 -7.13 2.08
CA PHE B 427 -53.66 -6.45 0.79
C PHE B 427 -54.60 -5.26 0.62
N GLU B 428 -55.23 -4.83 1.70
CA GLU B 428 -56.12 -3.67 1.66
C GLU B 428 -55.52 -2.51 0.86
N GLY B 429 -56.24 -2.04 -0.15
CA GLY B 429 -55.80 -0.87 -0.90
C GLY B 429 -54.94 -1.13 -2.13
N PHE B 430 -54.50 -2.37 -2.35
CA PHE B 430 -53.72 -2.69 -3.56
C PHE B 430 -54.54 -2.36 -4.80
N GLU B 431 -53.98 -1.55 -5.69
CA GLU B 431 -54.65 -1.19 -6.95
C GLU B 431 -54.33 -2.23 -8.00
N LEU B 432 -55.37 -2.85 -8.57
CA LEU B 432 -55.19 -3.94 -9.55
C LEU B 432 -55.74 -3.61 -10.93
N LYS B 433 -55.09 -4.17 -11.96
CA LYS B 433 -55.61 -4.14 -13.32
C LYS B 433 -55.37 -5.48 -13.99
N GLY B 434 -56.44 -6.09 -14.50
CA GLY B 434 -56.38 -7.44 -15.01
C GLY B 434 -56.92 -8.37 -13.94
N LEU B 435 -58.12 -8.91 -14.17
CA LEU B 435 -58.83 -9.68 -13.17
C LEU B 435 -59.52 -10.91 -13.75
N PRO B 436 -59.66 -11.95 -12.92
CA PRO B 436 -60.48 -13.11 -13.27
C PRO B 436 -61.93 -12.68 -13.33
N ILE B 437 -62.57 -12.94 -14.46
CA ILE B 437 -63.98 -12.62 -14.59
C ILE B 437 -64.82 -13.88 -14.66
N MET B 438 -64.20 -14.98 -15.03
CA MET B 438 -64.86 -16.28 -14.93
C MET B 438 -63.84 -17.35 -14.59
N THR B 439 -64.24 -18.25 -13.70
CA THR B 439 -63.44 -19.38 -13.33
C THR B 439 -64.25 -20.66 -13.56
N LEU B 440 -63.65 -21.64 -14.24
CA LEU B 440 -64.28 -22.95 -14.47
C LEU B 440 -63.51 -24.03 -13.73
N SER B 441 -64.28 -24.89 -13.07
CA SER B 441 -63.74 -26.05 -12.39
C SER B 441 -64.33 -27.31 -13.01
N ARG B 442 -63.46 -28.10 -13.63
CA ARG B 442 -63.86 -29.27 -14.41
C ARG B 442 -65.06 -28.94 -15.30
N GLY B 443 -64.92 -27.83 -16.04
CA GLY B 443 -65.90 -27.46 -17.03
C GLY B 443 -67.14 -26.80 -16.47
N ARG B 444 -67.25 -26.71 -15.14
CA ARG B 444 -68.41 -26.03 -14.52
C ARG B 444 -68.11 -24.57 -14.24
N ILE B 445 -69.06 -23.69 -14.55
CA ILE B 445 -68.88 -22.30 -14.19
C ILE B 445 -68.94 -22.17 -12.67
N ALA B 446 -67.81 -21.82 -12.09
CA ALA B 446 -67.61 -21.84 -10.63
C ALA B 446 -67.57 -20.43 -10.04
N PHE B 447 -67.19 -19.47 -10.85
CA PHE B 447 -67.17 -18.06 -10.49
C PHE B 447 -67.52 -17.26 -11.74
N ASP B 448 -68.46 -16.32 -11.60
CA ASP B 448 -68.96 -15.60 -12.75
C ASP B 448 -69.60 -14.30 -12.30
N LYS B 449 -69.24 -13.20 -12.96
CA LYS B 449 -69.84 -11.89 -12.68
C LYS B 449 -69.77 -11.54 -11.21
N GLY B 450 -68.61 -11.75 -10.60
CA GLY B 450 -68.40 -11.39 -9.21
C GLY B 450 -69.03 -12.33 -8.19
N GLN B 451 -69.72 -13.38 -8.68
CA GLN B 451 -70.39 -14.33 -7.80
C GLN B 451 -69.75 -15.71 -7.84
N VAL B 452 -69.54 -16.28 -6.67
CA VAL B 452 -69.12 -17.67 -6.60
C VAL B 452 -70.33 -18.57 -6.84
N THR B 453 -70.31 -19.31 -7.93
CA THR B 453 -71.47 -20.12 -8.32
C THR B 453 -71.31 -21.60 -7.96
N ALA B 454 -70.07 -22.03 -7.73
CA ALA B 454 -69.86 -23.39 -7.25
C ALA B 454 -70.41 -23.53 -5.83
N LYS B 455 -70.98 -24.70 -5.54
CA LYS B 455 -71.59 -24.95 -4.24
C LYS B 455 -70.67 -25.84 -3.39
N PRO B 456 -70.81 -25.77 -2.06
CA PRO B 456 -70.01 -26.64 -1.18
C PRO B 456 -70.23 -28.09 -1.58
N GLY B 457 -69.17 -28.89 -1.68
CA GLY B 457 -69.36 -30.27 -2.11
C GLY B 457 -69.12 -30.49 -3.60
N ASP B 458 -68.96 -29.42 -4.36
CA ASP B 458 -68.62 -29.52 -5.78
C ASP B 458 -67.14 -29.96 -5.97
N GLY B 459 -66.30 -29.68 -4.98
CA GLY B 459 -64.90 -30.05 -5.07
C GLY B 459 -64.64 -31.52 -4.79
N ARG B 460 -63.67 -32.11 -5.47
CA ARG B 460 -63.32 -33.50 -5.17
C ARG B 460 -61.81 -33.67 -4.92
N PHE B 461 -61.47 -34.70 -4.15
CA PHE B 461 -60.09 -34.99 -3.81
C PHE B 461 -59.32 -35.45 -5.04
N ILE B 462 -58.15 -34.86 -5.25
CA ILE B 462 -57.30 -35.22 -6.38
C ILE B 462 -56.18 -36.16 -5.90
N GLU B 463 -56.23 -37.40 -6.36
CA GLU B 463 -55.19 -38.39 -6.04
C GLU B 463 -53.92 -38.15 -6.85
N ARG B 464 -52.78 -38.38 -6.22
CA ARG B 464 -51.50 -38.13 -6.86
C ARG B 464 -50.62 -39.37 -6.78
N GLU B 465 -49.90 -39.64 -7.86
CA GLU B 465 -49.03 -40.80 -7.88
C GLU B 465 -47.62 -40.47 -7.41
N PRO B 466 -46.99 -41.40 -6.68
CA PRO B 466 -45.59 -41.22 -6.25
C PRO B 466 -44.62 -41.45 -7.41
N ASN B 467 -43.34 -41.26 -7.13
CA ASN B 467 -42.29 -41.49 -8.11
C ASN B 467 -42.36 -40.66 -9.38
N GLY B 468 -42.55 -39.35 -9.21
CA GLY B 468 -42.43 -38.43 -10.32
C GLY B 468 -41.03 -38.42 -10.91
N ALA B 469 -40.90 -37.74 -12.05
CA ALA B 469 -39.68 -37.81 -12.83
C ALA B 469 -38.43 -37.37 -12.05
N VAL B 470 -38.55 -36.31 -11.27
CA VAL B 470 -37.41 -35.78 -10.54
C VAL B 470 -36.98 -36.74 -9.42
N ASN B 471 -37.93 -37.36 -8.72
CA ASN B 471 -37.57 -38.42 -7.76
C ASN B 471 -36.75 -39.54 -8.41
N ARG B 472 -37.23 -39.99 -9.55
CA ARG B 472 -36.61 -41.11 -10.26
C ARG B 472 -35.20 -40.76 -10.76
N ALA B 473 -35.02 -39.55 -11.29
CA ALA B 473 -33.71 -39.13 -11.80
C ALA B 473 -32.68 -39.06 -10.67
N LEU B 474 -33.09 -38.46 -9.55
CA LEU B 474 -32.23 -38.30 -8.40
C LEU B 474 -31.80 -39.66 -7.86
N SER B 475 -32.74 -40.58 -7.74
CA SER B 475 -32.43 -41.92 -7.25
C SER B 475 -31.44 -42.61 -8.17
N GLN B 476 -31.62 -42.45 -9.47
CA GLN B 476 -30.71 -43.05 -10.43
C GLN B 476 -29.30 -42.45 -10.29
N TRP B 477 -29.23 -41.12 -10.16
CA TRP B 477 -27.95 -40.44 -10.02
C TRP B 477 -27.23 -40.87 -8.75
N LYS B 478 -27.98 -40.97 -7.65
CA LYS B 478 -27.39 -41.34 -6.36
C LYS B 478 -26.80 -42.72 -6.43
N GLU B 479 -27.47 -43.63 -7.14
CA GLU B 479 -26.93 -44.95 -7.33
C GLU B 479 -25.64 -44.90 -8.14
N ILE B 480 -25.58 -44.03 -9.15
CA ILE B 480 -24.38 -43.91 -9.98
C ILE B 480 -23.17 -43.48 -9.15
N VAL B 481 -23.38 -42.52 -8.25
CA VAL B 481 -22.27 -41.97 -7.49
C VAL B 481 -22.10 -42.62 -6.11
N ALA B 482 -22.85 -43.70 -5.84
CA ALA B 482 -22.76 -44.37 -4.55
C ALA B 482 -21.34 -44.82 -4.28
N PRO B 483 -20.79 -44.46 -3.11
CA PRO B 483 -19.40 -44.80 -2.76
C PRO B 483 -19.19 -46.28 -2.50
N ARG B 484 -18.09 -46.82 -3.03
CA ARG B 484 -17.87 -48.27 -2.99
C ARG B 484 -16.70 -48.67 -2.09
N LYS B 485 -16.82 -49.86 -1.50
CA LYS B 485 -15.78 -50.45 -0.66
C LYS B 485 -14.49 -50.71 -1.45
N VAL B 486 -13.35 -50.44 -0.84
CA VAL B 486 -12.05 -50.74 -1.47
C VAL B 486 -11.72 -52.21 -1.30
N GLU B 487 -11.44 -52.91 -2.40
CA GLU B 487 -11.09 -54.32 -2.30
C GLU B 487 -9.66 -54.43 -1.81
N ARG B 488 -9.47 -55.12 -0.68
CA ARG B 488 -8.15 -55.28 -0.07
C ARG B 488 -7.79 -56.76 0.16
N SER B 489 -6.64 -57.18 -0.37
CA SER B 489 -6.14 -58.54 -0.14
C SER B 489 -5.83 -58.78 1.34
N ALA B 490 -5.68 -60.04 1.71
CA ALA B 490 -5.37 -60.39 3.10
C ALA B 490 -3.98 -59.93 3.51
N ALA C 14 16.34 18.61 21.58
CA ALA C 14 15.18 18.73 22.48
C ALA C 14 14.19 17.60 22.25
N SER C 15 14.08 16.71 23.24
CA SER C 15 13.22 15.54 23.14
C SER C 15 11.80 15.84 23.59
N LYS C 16 10.84 15.05 23.12
CA LYS C 16 9.48 15.11 23.65
C LYS C 16 9.11 13.76 24.25
N VAL C 17 8.38 13.81 25.36
CA VAL C 17 7.79 12.60 25.88
C VAL C 17 6.28 12.79 26.04
N ILE C 18 5.54 11.88 25.44
CA ILE C 18 4.09 11.82 25.56
C ILE C 18 3.75 10.89 26.73
N LYS C 19 3.23 11.46 27.80
CA LYS C 19 3.05 10.69 29.03
C LYS C 19 1.59 10.48 29.35
N GLY C 20 1.29 9.33 29.94
CA GLY C 20 -0.03 9.06 30.53
C GLY C 20 -1.07 8.51 29.59
N GLY C 21 -0.72 8.37 28.32
CA GLY C 21 -1.67 7.91 27.33
C GLY C 21 -1.78 6.41 27.16
N THR C 22 -2.79 6.00 26.41
CA THR C 22 -2.97 4.60 26.04
C THR C 22 -2.69 4.46 24.55
N VAL C 23 -1.68 3.66 24.23
CA VAL C 23 -1.30 3.45 22.83
C VAL C 23 -2.28 2.48 22.18
N ILE C 24 -2.80 2.86 21.01
CA ILE C 24 -3.58 1.94 20.19
C ILE C 24 -2.88 1.76 18.86
N THR C 25 -2.51 0.53 18.54
CA THR C 25 -1.95 0.22 17.24
C THR C 25 -2.84 -0.79 16.51
N ALA C 26 -2.47 -1.17 15.29
CA ALA C 26 -3.22 -2.17 14.54
C ALA C 26 -3.15 -3.53 15.24
N ASP C 27 -2.10 -3.78 16.05
CA ASP C 27 -1.96 -5.11 16.66
C ASP C 27 -2.26 -5.17 18.17
N ARG C 28 -2.23 -4.05 18.88
CA ARG C 28 -2.52 -4.07 20.31
C ARG C 28 -2.84 -2.70 20.92
N THR C 29 -3.32 -2.78 22.15
CA THR C 29 -3.68 -1.63 22.95
C THR C 29 -3.02 -1.74 24.31
N PHE C 30 -2.29 -0.69 24.72
CA PHE C 30 -1.57 -0.74 25.98
C PHE C 30 -1.18 0.63 26.48
N ARG C 31 -1.19 0.80 27.80
CA ARG C 31 -0.75 2.03 28.40
C ARG C 31 0.77 2.11 28.28
N ALA C 32 1.28 3.23 27.80
CA ALA C 32 2.71 3.44 27.66
C ALA C 32 3.03 4.92 27.45
N ASP C 33 4.23 5.32 27.87
CA ASP C 33 4.77 6.63 27.50
C ASP C 33 5.50 6.47 26.18
N ILE C 34 5.59 7.57 25.42
CA ILE C 34 6.33 7.57 24.15
C ILE C 34 7.38 8.68 24.15
N LEU C 35 8.64 8.30 24.03
CA LEU C 35 9.73 9.26 23.96
C LEU C 35 10.06 9.54 22.50
N ILE C 36 10.09 10.82 22.13
CA ILE C 36 10.36 11.23 20.76
C ILE C 36 11.68 11.98 20.68
N GLU C 37 12.58 11.50 19.81
CA GLU C 37 13.87 12.15 19.55
C GLU C 37 14.19 12.17 18.07
N ASP C 38 14.63 13.33 17.58
CA ASP C 38 15.05 13.49 16.19
C ASP C 38 13.96 13.09 15.19
N GLY C 39 12.72 13.46 15.48
CA GLY C 39 11.61 13.21 14.58
C GLY C 39 11.14 11.76 14.58
N LYS C 40 11.72 10.95 15.43
CA LYS C 40 11.39 9.53 15.46
C LYS C 40 10.97 9.08 16.86
N ILE C 41 10.30 7.94 16.91
CA ILE C 41 10.01 7.30 18.18
C ILE C 41 11.28 6.63 18.68
N ALA C 42 11.79 7.09 19.82
CA ALA C 42 13.04 6.56 20.37
C ALA C 42 12.78 5.39 21.31
N ALA C 43 11.71 5.48 22.09
CA ALA C 43 11.40 4.47 23.10
C ALA C 43 9.91 4.46 23.46
N ILE C 44 9.42 3.27 23.82
CA ILE C 44 8.05 3.09 24.28
C ILE C 44 8.09 2.25 25.55
N GLY C 45 7.48 2.72 26.63
CA GLY C 45 7.55 2.00 27.89
C GLY C 45 6.76 2.59 29.04
N ASP C 46 6.82 1.93 30.20
CA ASP C 46 5.97 2.26 31.35
C ASP C 46 6.15 3.68 31.86
N SER C 47 7.38 4.08 32.12
CA SER C 47 7.62 5.43 32.60
C SER C 47 8.87 6.03 31.96
N LEU C 48 8.66 7.07 31.16
CA LEU C 48 9.75 7.70 30.44
C LEU C 48 9.83 9.20 30.76
N GLU C 49 11.02 9.77 30.63
CA GLU C 49 11.21 11.20 30.84
C GLU C 49 11.76 11.80 29.54
N GLY C 50 11.51 13.08 29.32
CA GLY C 50 11.99 13.76 28.13
C GLY C 50 12.07 15.25 28.40
N ASP C 51 12.72 15.98 27.51
CA ASP C 51 12.97 17.41 27.73
C ASP C 51 11.67 18.20 27.84
N GLU C 52 10.72 17.84 26.99
CA GLU C 52 9.43 18.51 26.94
C GLU C 52 8.31 17.48 27.12
N VAL C 53 7.35 17.79 27.98
CA VAL C 53 6.29 16.84 28.33
C VAL C 53 4.98 17.18 27.67
N ILE C 54 4.38 16.19 27.03
CA ILE C 54 3.03 16.29 26.50
C ILE C 54 2.10 15.38 27.31
N ASP C 55 1.09 15.98 27.94
CA ASP C 55 0.16 15.23 28.80
C ASP C 55 -0.96 14.60 27.96
N ALA C 56 -0.97 13.26 27.95
CA ALA C 56 -1.96 12.51 27.20
C ALA C 56 -2.85 11.68 28.13
N SER C 57 -2.92 12.07 29.40
CA SER C 57 -3.78 11.40 30.36
C SER C 57 -5.21 11.35 29.87
N GLY C 58 -5.84 10.18 30.01
CA GLY C 58 -7.20 9.99 29.56
C GLY C 58 -7.36 9.92 28.04
N CYS C 59 -6.24 9.94 27.32
CA CYS C 59 -6.28 9.96 25.86
C CYS C 59 -5.69 8.72 25.22
N TYR C 60 -6.05 8.52 23.95
CA TYR C 60 -5.45 7.49 23.14
C TYR C 60 -4.36 8.09 22.26
N VAL C 61 -3.33 7.31 22.02
CA VAL C 61 -2.27 7.75 21.13
C VAL C 61 -2.20 6.76 19.99
N MET C 62 -2.41 7.26 18.78
CA MET C 62 -2.47 6.41 17.61
C MET C 62 -1.53 6.92 16.54
N PRO C 63 -1.13 6.02 15.62
CA PRO C 63 -0.38 6.52 14.46
C PRO C 63 -1.20 7.57 13.73
N GLY C 64 -0.55 8.62 13.23
CA GLY C 64 -1.24 9.60 12.42
C GLY C 64 -1.88 8.94 11.22
N GLY C 65 -3.04 9.44 10.81
CA GLY C 65 -3.75 8.90 9.67
C GLY C 65 -2.97 9.04 8.39
N ILE C 66 -3.12 8.08 7.49
CA ILE C 66 -2.59 8.20 6.15
C ILE C 66 -3.74 8.14 5.16
N ASP C 67 -3.96 9.21 4.40
CA ASP C 67 -5.02 9.20 3.40
C ASP C 67 -4.39 8.97 2.02
N PRO C 68 -4.58 7.79 1.46
CA PRO C 68 -3.88 7.41 0.23
C PRO C 68 -4.51 7.96 -1.05
N HIS C 69 -5.47 8.87 -0.92
CA HIS C 69 -6.28 9.27 -2.06
C HIS C 69 -6.69 10.74 -1.99
N THR C 70 -5.85 11.63 -2.53
CA THR C 70 -6.17 13.05 -2.52
C THR C 70 -5.92 13.68 -3.89
N HIS C 71 -6.55 14.82 -4.16
CA HIS C 71 -6.35 15.58 -5.38
C HIS C 71 -6.26 17.05 -5.05
N LEU C 72 -5.15 17.45 -4.46
CA LEU C 72 -4.97 18.83 -4.03
C LEU C 72 -4.39 19.67 -5.17
N GLN C 73 -4.95 20.87 -5.36
CA GLN C 73 -4.64 21.73 -6.50
C GLN C 73 -4.69 20.91 -7.79
N MET C 74 -5.74 20.12 -7.96
CA MET C 74 -5.86 19.31 -9.14
C MET C 74 -6.32 20.16 -10.30
N PRO C 75 -5.70 19.98 -11.48
CA PRO C 75 -6.13 20.78 -12.65
C PRO C 75 -7.56 20.43 -13.10
N PHE C 76 -8.41 21.44 -13.22
CA PHE C 76 -9.75 21.27 -13.80
C PHE C 76 -10.19 22.51 -14.58
N MET C 77 -10.51 22.30 -15.86
CA MET C 77 -11.12 23.31 -16.72
C MET C 77 -10.37 24.64 -16.72
N GLY C 78 -9.05 24.58 -16.77
CA GLY C 78 -8.21 25.77 -16.85
C GLY C 78 -7.93 26.41 -15.50
N THR C 79 -8.55 25.87 -14.45
CA THR C 79 -8.28 26.33 -13.08
C THR C 79 -7.74 25.15 -12.25
N TYR C 80 -8.13 25.10 -10.98
CA TYR C 80 -7.74 23.99 -10.11
C TYR C 80 -8.84 23.74 -9.08
N SER C 81 -8.83 22.58 -8.45
CA SER C 81 -9.67 22.37 -7.27
C SER C 81 -9.29 23.42 -6.22
N SER C 82 -10.18 23.70 -5.29
CA SER C 82 -10.01 24.84 -4.40
C SER C 82 -9.13 24.56 -3.19
N ASP C 83 -9.04 23.30 -2.77
CA ASP C 83 -8.07 22.97 -1.72
C ASP C 83 -6.75 22.57 -2.35
N ASP C 84 -5.71 23.32 -2.02
CA ASP C 84 -4.36 23.02 -2.49
C ASP C 84 -3.58 22.24 -1.42
N PHE C 85 -2.27 22.07 -1.62
CA PHE C 85 -1.49 21.30 -0.65
C PHE C 85 -1.37 22.00 0.70
N ASP C 86 -1.56 23.32 0.70
CA ASP C 86 -1.56 24.11 1.93
C ASP C 86 -2.86 23.85 2.72
N THR C 87 -4.01 24.24 2.17
CA THR C 87 -5.27 24.10 2.91
C THR C 87 -5.66 22.63 3.07
N GLY C 88 -5.32 21.81 2.08
CA GLY C 88 -5.55 20.39 2.17
C GLY C 88 -4.83 19.70 3.31
N THR C 89 -3.54 20.00 3.51
CA THR C 89 -2.81 19.33 4.58
C THR C 89 -3.23 19.93 5.93
N ALA C 90 -3.63 21.20 5.92
CA ALA C 90 -4.22 21.80 7.11
C ALA C 90 -5.46 21.01 7.53
N ALA C 91 -6.35 20.75 6.59
CA ALA C 91 -7.54 19.96 6.87
C ALA C 91 -7.17 18.56 7.36
N ALA C 92 -6.23 17.92 6.69
CA ALA C 92 -5.75 16.60 7.09
C ALA C 92 -5.31 16.57 8.56
N LEU C 93 -4.42 17.49 8.90
CA LEU C 93 -3.84 17.57 10.24
C LEU C 93 -4.90 17.80 11.32
N ALA C 94 -5.88 18.66 11.03
CA ALA C 94 -6.94 18.93 12.00
C ALA C 94 -7.83 17.70 12.21
N GLY C 95 -7.71 16.72 11.32
CA GLY C 95 -8.49 15.51 11.43
C GLY C 95 -7.69 14.29 11.88
N GLY C 96 -6.48 14.53 12.36
CA GLY C 96 -5.62 13.45 12.84
C GLY C 96 -4.81 12.73 11.77
N THR C 97 -4.87 13.24 10.53
CA THR C 97 -4.16 12.63 9.40
C THR C 97 -2.84 13.33 9.12
N THR C 98 -1.74 12.57 9.14
CA THR C 98 -0.39 13.14 9.07
C THR C 98 0.28 12.95 7.71
N MET C 99 -0.38 12.21 6.83
CA MET C 99 0.18 12.00 5.50
C MET C 99 -0.90 11.85 4.43
N VAL C 100 -0.65 12.49 3.28
CA VAL C 100 -1.54 12.37 2.12
C VAL C 100 -0.77 11.78 0.95
N VAL C 101 -1.45 11.02 0.10
CA VAL C 101 -0.85 10.54 -1.12
C VAL C 101 -1.70 11.05 -2.27
N ASP C 102 -1.08 11.88 -3.12
CA ASP C 102 -1.79 12.60 -4.17
C ASP C 102 -1.53 11.94 -5.52
N PHE C 103 -2.35 12.26 -6.52
CA PHE C 103 -2.21 11.64 -7.84
C PHE C 103 -1.59 12.62 -8.84
N VAL C 104 -0.40 12.29 -9.33
CA VAL C 104 0.22 13.06 -10.40
C VAL C 104 -0.48 12.74 -11.70
N LEU C 105 -0.90 13.77 -12.43
CA LEU C 105 -1.64 13.56 -13.67
C LEU C 105 -0.88 14.07 -14.88
N PRO C 106 -0.22 13.16 -15.60
CA PRO C 106 0.49 13.56 -16.81
C PRO C 106 -0.46 13.61 -18.02
N ASP C 107 -0.02 14.24 -19.10
CA ASP C 107 -0.74 14.19 -20.36
CA ASP C 107 -0.71 14.21 -20.38
C ASP C 107 -0.60 12.81 -20.99
N SER C 108 -1.44 12.48 -21.96
CA SER C 108 -1.45 11.14 -22.54
C SER C 108 -0.18 10.81 -23.33
N GLU C 109 0.57 11.82 -23.74
CA GLU C 109 1.84 11.62 -24.43
C GLU C 109 2.84 10.88 -23.53
N GLY C 110 2.59 10.88 -22.22
CA GLY C 110 3.42 10.13 -21.28
C GLY C 110 4.57 10.94 -20.69
N ASN C 111 4.35 12.23 -20.46
CA ASN C 111 5.37 13.08 -19.82
C ASN C 111 5.38 12.92 -18.29
N LEU C 112 5.62 11.69 -17.83
CA LEU C 112 5.49 11.37 -16.42
C LEU C 112 6.45 12.20 -15.54
N LEU C 113 7.70 12.32 -15.97
CA LEU C 113 8.70 13.05 -15.20
C LEU C 113 8.42 14.54 -15.12
N ASP C 114 7.99 15.13 -16.24
CA ASP C 114 7.63 16.53 -16.27
C ASP C 114 6.45 16.80 -15.31
N ALA C 115 5.44 15.92 -15.36
CA ALA C 115 4.30 16.04 -14.45
C ALA C 115 4.72 15.88 -13.00
N LEU C 116 5.63 14.94 -12.75
CA LEU C 116 6.15 14.71 -11.40
C LEU C 116 6.79 15.99 -10.86
N GLN C 117 7.56 16.67 -11.70
CA GLN C 117 8.21 17.91 -11.29
C GLN C 117 7.19 18.99 -10.94
N GLU C 118 6.14 19.07 -11.74
CA GLU C 118 5.09 20.05 -11.49
C GLU C 118 4.38 19.74 -10.16
N TRP C 119 4.17 18.46 -9.85
CA TRP C 119 3.53 18.10 -8.59
C TRP C 119 4.42 18.36 -7.38
N PHE C 120 5.73 18.21 -7.54
CA PHE C 120 6.66 18.61 -6.47
C PHE C 120 6.53 20.11 -6.17
N GLN C 121 6.35 20.91 -7.22
CA GLN C 121 6.13 22.34 -7.00
C GLN C 121 4.84 22.56 -6.22
N LYS C 122 3.77 21.85 -6.57
CA LYS C 122 2.53 21.97 -5.83
C LYS C 122 2.74 21.60 -4.37
N ALA C 123 3.45 20.50 -4.15
CA ALA C 123 3.56 19.93 -2.81
C ALA C 123 4.53 20.72 -1.93
N GLY C 124 5.16 21.74 -2.49
CA GLY C 124 6.02 22.64 -1.75
C GLY C 124 5.26 23.36 -0.64
N LYS C 125 3.94 23.47 -0.83
CA LYS C 125 3.05 24.10 0.15
C LYS C 125 2.55 23.14 1.25
N ALA C 126 2.91 21.86 1.19
CA ALA C 126 2.42 20.88 2.15
C ALA C 126 2.84 21.21 3.57
N ARG C 127 1.91 21.06 4.51
CA ARG C 127 2.18 21.31 5.92
C ARG C 127 2.56 20.02 6.65
N THR C 128 2.30 18.88 6.02
CA THR C 128 2.64 17.59 6.60
C THR C 128 3.12 16.68 5.48
N ASP C 129 3.66 15.51 5.85
CA ASP C 129 4.33 14.66 4.87
C ASP C 129 3.37 14.12 3.82
N TYR C 130 3.92 13.77 2.66
CA TYR C 130 3.14 13.37 1.51
C TYR C 130 3.94 12.43 0.62
N SER C 131 3.25 11.75 -0.28
CA SER C 131 3.90 11.02 -1.36
C SER C 131 2.97 11.06 -2.57
N PHE C 132 3.37 10.42 -3.67
CA PHE C 132 2.58 10.48 -4.90
C PHE C 132 2.26 9.10 -5.47
N HIS C 133 1.12 9.00 -6.14
CA HIS C 133 0.86 7.96 -7.12
C HIS C 133 1.09 8.59 -8.49
N MET C 134 1.60 7.81 -9.44
CA MET C 134 1.74 8.31 -10.81
C MET C 134 0.62 7.79 -11.71
N ALA C 135 -0.21 8.68 -12.23
CA ALA C 135 -1.25 8.23 -13.15
C ALA C 135 -0.64 7.92 -14.51
N ILE C 136 -1.26 6.99 -15.21
CA ILE C 136 -0.89 6.61 -16.56
C ILE C 136 -2.12 6.85 -17.41
N THR C 137 -2.07 7.84 -18.30
CA THR C 137 -3.26 8.28 -19.02
C THR C 137 -3.15 8.00 -20.51
N GLY C 138 -2.33 7.03 -20.86
CA GLY C 138 -2.19 6.63 -22.24
C GLY C 138 -1.20 5.49 -22.31
N TRP C 139 -0.76 5.14 -23.51
CA TRP C 139 0.29 4.14 -23.61
C TRP C 139 1.13 4.35 -24.85
N ASN C 140 2.45 4.32 -24.65
CA ASN C 140 3.41 4.50 -25.72
C ASN C 140 4.83 4.22 -25.22
N GLU C 141 5.81 4.33 -26.09
CA GLU C 141 7.17 4.04 -25.73
C GLU C 141 7.69 4.95 -24.62
N ARG C 142 7.33 6.23 -24.69
CA ARG C 142 7.75 7.19 -23.68
C ARG C 142 7.22 6.77 -22.31
N THR C 143 5.94 6.40 -22.28
CA THR C 143 5.31 5.97 -21.04
C THR C 143 6.00 4.75 -20.44
N PHE C 144 6.20 3.72 -21.28
CA PHE C 144 6.91 2.50 -20.88
C PHE C 144 8.28 2.81 -20.25
N ASN C 145 9.03 3.70 -20.91
CA ASN C 145 10.39 4.06 -20.47
C ASN C 145 10.38 4.85 -19.19
N GLU C 146 9.54 5.87 -19.13
CA GLU C 146 9.54 6.78 -17.99
C GLU C 146 8.98 6.14 -16.72
N MET C 147 8.21 5.06 -16.87
CA MET C 147 7.75 4.33 -15.70
C MET C 147 8.95 3.82 -14.87
N ALA C 148 10.01 3.35 -15.53
CA ALA C 148 11.20 2.87 -14.81
C ALA C 148 11.81 3.99 -13.98
N GLU C 149 11.87 5.17 -14.57
CA GLU C 149 12.47 6.33 -13.91
CA GLU C 149 12.47 6.33 -13.91
C GLU C 149 11.61 6.84 -12.76
N VAL C 150 10.29 6.73 -12.90
CA VAL C 150 9.37 7.11 -11.84
C VAL C 150 9.56 6.20 -10.62
N VAL C 151 9.74 4.91 -10.86
CA VAL C 151 9.97 3.96 -9.79
C VAL C 151 11.31 4.26 -9.07
N LYS C 152 12.32 4.64 -9.85
CA LYS C 152 13.60 5.03 -9.28
C LYS C 152 13.49 6.30 -8.41
N ARG C 153 12.48 7.13 -8.66
CA ARG C 153 12.30 8.38 -7.91
C ARG C 153 11.48 8.19 -6.64
N GLY C 154 11.12 6.94 -6.34
CA GLY C 154 10.44 6.63 -5.08
C GLY C 154 8.92 6.52 -5.19
N ILE C 155 8.40 6.38 -6.40
CA ILE C 155 6.97 6.15 -6.55
C ILE C 155 6.72 4.73 -7.07
N ASN C 156 6.05 3.90 -6.27
CA ASN C 156 5.91 2.50 -6.64
C ASN C 156 4.47 2.12 -6.98
N THR C 157 3.64 3.12 -7.31
CA THR C 157 2.26 2.88 -7.72
C THR C 157 1.88 3.66 -8.98
N PHE C 158 1.09 3.03 -9.84
CA PHE C 158 0.64 3.69 -11.05
C PHE C 158 -0.88 3.58 -11.17
N KCX C 159 -1.52 4.74 -11.36
CA KCX C 159 -2.94 4.84 -11.31
CB KCX C 159 -3.29 6.16 -10.63
CG KCX C 159 -4.77 6.50 -10.89
CD KCX C 159 -5.64 5.49 -10.14
CE KCX C 159 -7.08 6.01 -10.06
NZ KCX C 159 -7.07 7.24 -9.31
C KCX C 159 -3.53 4.80 -12.71
O KCX C 159 -3.05 5.49 -13.63
CX KCX C 159 -8.32 7.88 -9.02
OQ1 KCX C 159 -9.40 7.32 -9.36
OQ2 KCX C 159 -8.36 9.00 -8.45
N HIS C 160 -4.56 3.98 -12.88
CA HIS C 160 -5.19 3.86 -14.21
C HIS C 160 -6.68 4.22 -14.14
N PHE C 161 -7.16 4.92 -15.17
CA PHE C 161 -8.56 5.32 -15.25
C PHE C 161 -9.29 4.55 -16.33
N MET C 162 -10.34 3.85 -15.94
CA MET C 162 -11.14 3.10 -16.89
C MET C 162 -12.31 3.95 -17.38
N ALA C 163 -12.53 5.08 -16.72
CA ALA C 163 -13.52 6.05 -17.15
C ALA C 163 -12.84 7.33 -17.61
N TYR C 164 -13.63 8.41 -17.67
CA TYR C 164 -13.21 9.70 -18.21
C TYR C 164 -12.71 9.54 -19.64
N LYS C 165 -13.59 9.01 -20.50
CA LYS C 165 -13.30 8.81 -21.92
C LYS C 165 -12.90 10.13 -22.58
N GLY C 166 -11.92 10.07 -23.47
CA GLY C 166 -11.43 11.26 -24.15
C GLY C 166 -10.49 12.11 -23.32
N ALA C 167 -10.29 11.75 -22.05
CA ALA C 167 -9.42 12.51 -21.15
C ALA C 167 -8.35 11.67 -20.46
N LEU C 168 -8.76 10.81 -19.53
CA LEU C 168 -7.82 10.04 -18.73
C LEU C 168 -7.81 8.55 -19.06
N MET C 169 -8.82 8.11 -19.81
CA MET C 169 -9.11 6.68 -19.98
C MET C 169 -8.08 5.87 -20.76
N VAL C 170 -7.78 4.66 -20.29
CA VAL C 170 -7.03 3.70 -21.09
C VAL C 170 -7.90 2.48 -21.39
N ASN C 171 -7.56 1.75 -22.44
CA ASN C 171 -8.33 0.54 -22.79
C ASN C 171 -7.66 -0.71 -22.25
N ASP C 172 -8.26 -1.88 -22.51
CA ASP C 172 -7.77 -3.14 -21.97
C ASP C 172 -6.37 -3.44 -22.47
N ASP C 173 -6.12 -3.09 -23.73
CA ASP C 173 -4.84 -3.37 -24.35
C ASP C 173 -3.71 -2.60 -23.64
N GLU C 174 -3.92 -1.30 -23.50
CA GLU C 174 -2.99 -0.42 -22.83
C GLU C 174 -2.83 -0.80 -21.37
N MET C 175 -3.94 -1.09 -20.71
CA MET C 175 -3.92 -1.45 -19.29
C MET C 175 -3.13 -2.74 -19.05
N PHE C 176 -3.32 -3.73 -19.92
CA PHE C 176 -2.57 -4.95 -19.80
C PHE C 176 -1.06 -4.70 -19.98
N ALA C 177 -0.68 -3.93 -21.00
CA ALA C 177 0.73 -3.61 -21.23
C ALA C 177 1.32 -2.88 -20.02
N SER C 178 0.57 -1.92 -19.50
CA SER C 178 1.03 -1.15 -18.36
C SER C 178 1.16 -2.00 -17.10
N PHE C 179 0.18 -2.88 -16.88
CA PHE C 179 0.20 -3.75 -15.69
C PHE C 179 1.39 -4.71 -15.74
N GLN C 180 1.71 -5.19 -16.94
CA GLN C 180 2.86 -6.05 -17.13
C GLN C 180 4.15 -5.28 -16.84
N ARG C 181 4.17 -4.01 -17.23
CA ARG C 181 5.31 -3.15 -16.92
C ARG C 181 5.42 -2.93 -15.39
N CYS C 182 4.28 -2.74 -14.72
CA CYS C 182 4.25 -2.65 -13.27
C CYS C 182 4.86 -3.88 -12.62
N ALA C 183 4.43 -5.05 -13.08
CA ALA C 183 4.96 -6.30 -12.54
C ALA C 183 6.48 -6.36 -12.67
N GLU C 184 6.98 -6.00 -13.85
CA GLU C 184 8.39 -6.02 -14.15
C GLU C 184 9.19 -5.10 -13.23
N LEU C 185 8.62 -3.95 -12.91
CA LEU C 185 9.31 -2.95 -12.11
C LEU C 185 9.09 -3.14 -10.60
N GLY C 186 8.25 -4.09 -10.22
CA GLY C 186 7.90 -4.26 -8.82
C GLY C 186 6.96 -3.18 -8.31
N ALA C 187 6.24 -2.53 -9.22
CA ALA C 187 5.23 -1.55 -8.86
C ALA C 187 3.85 -2.19 -8.77
N MET C 188 2.90 -1.46 -8.21
CA MET C 188 1.52 -1.92 -8.10
C MET C 188 0.58 -0.94 -8.75
N PRO C 189 -0.27 -1.44 -9.66
CA PRO C 189 -1.31 -0.59 -10.26
C PRO C 189 -2.45 -0.25 -9.31
N LEU C 190 -2.92 0.99 -9.42
CA LEU C 190 -4.19 1.40 -8.81
C LEU C 190 -5.16 1.62 -9.96
N VAL C 191 -6.46 1.41 -9.72
CA VAL C 191 -7.41 1.61 -10.79
C VAL C 191 -8.67 2.33 -10.30
N HIS C 192 -9.10 3.30 -11.11
CA HIS C 192 -10.43 3.88 -11.00
C HIS C 192 -11.31 3.04 -11.94
N ALA C 193 -12.18 2.22 -11.35
CA ALA C 193 -12.88 1.22 -12.14
C ALA C 193 -14.35 1.57 -12.42
N GLU C 194 -14.61 2.23 -13.54
CA GLU C 194 -15.95 2.37 -14.07
C GLU C 194 -15.85 2.12 -15.56
N ASN C 195 -16.86 1.52 -16.19
CA ASN C 195 -16.77 1.31 -17.62
C ASN C 195 -16.99 2.63 -18.35
N GLY C 196 -15.89 3.21 -18.83
CA GLY C 196 -15.90 4.52 -19.46
C GLY C 196 -16.74 4.63 -20.72
N ASP C 197 -16.77 3.56 -21.51
CA ASP C 197 -17.55 3.59 -22.75
C ASP C 197 -19.02 3.62 -22.42
N ILE C 198 -19.45 2.82 -21.45
CA ILE C 198 -20.87 2.76 -21.14
C ILE C 198 -21.29 4.07 -20.47
N VAL C 199 -20.47 4.59 -19.57
CA VAL C 199 -20.76 5.87 -18.93
C VAL C 199 -20.91 7.03 -19.93
N ALA C 200 -20.00 7.14 -20.91
CA ALA C 200 -20.10 8.22 -21.90
C ALA C 200 -21.41 8.12 -22.67
N GLN C 201 -21.82 6.91 -23.03
CA GLN C 201 -23.08 6.74 -23.77
C GLN C 201 -24.30 7.02 -22.89
N LEU C 202 -24.26 6.62 -21.63
CA LEU C 202 -25.38 6.93 -20.73
C LEU C 202 -25.49 8.43 -20.48
N GLN C 203 -24.35 9.09 -20.33
CA GLN C 203 -24.34 10.55 -20.20
C GLN C 203 -25.04 11.23 -21.36
N ALA C 204 -24.66 10.84 -22.57
CA ALA C 204 -25.20 11.45 -23.77
C ALA C 204 -26.71 11.21 -23.87
N LYS C 205 -27.13 10.00 -23.53
CA LYS C 205 -28.55 9.63 -23.61
C LYS C 205 -29.39 10.43 -22.62
N LEU C 206 -28.93 10.52 -21.37
CA LEU C 206 -29.64 11.26 -20.34
C LEU C 206 -29.78 12.74 -20.71
N MET C 207 -28.68 13.33 -21.17
CA MET C 207 -28.67 14.73 -21.61
C MET C 207 -29.63 14.92 -22.79
N ALA C 208 -29.60 13.99 -23.75
CA ALA C 208 -30.50 14.08 -24.91
C ALA C 208 -31.95 13.97 -24.48
N GLU C 209 -32.21 13.34 -23.35
CA GLU C 209 -33.56 13.18 -22.86
C GLU C 209 -33.95 14.28 -21.89
N GLY C 210 -33.10 15.28 -21.71
CA GLY C 210 -33.39 16.36 -20.78
C GLY C 210 -33.17 15.99 -19.32
N ASN C 211 -32.61 14.81 -19.09
CA ASN C 211 -32.28 14.36 -17.74
C ASN C 211 -30.92 14.95 -17.36
N ASP C 212 -30.93 16.23 -17.00
CA ASP C 212 -29.68 17.00 -16.97
C ASP C 212 -29.30 17.51 -15.58
N GLY C 213 -30.07 17.13 -14.57
CA GLY C 213 -29.80 17.55 -13.20
C GLY C 213 -28.68 16.75 -12.55
N PRO C 214 -28.29 17.17 -11.35
CA PRO C 214 -27.22 16.50 -10.61
C PRO C 214 -27.51 15.02 -10.40
N GLU C 215 -28.77 14.69 -10.16
CA GLU C 215 -29.15 13.30 -9.89
C GLU C 215 -28.83 12.38 -11.08
N ALA C 216 -28.81 12.94 -12.28
CA ALA C 216 -28.53 12.18 -13.48
C ALA C 216 -27.04 11.82 -13.56
N HIS C 217 -26.22 12.51 -12.79
CA HIS C 217 -24.83 12.09 -12.70
C HIS C 217 -24.78 10.66 -12.15
N ALA C 218 -25.54 10.41 -11.08
CA ALA C 218 -25.62 9.08 -10.52
C ALA C 218 -26.28 8.10 -11.53
N TYR C 219 -27.31 8.58 -12.23
CA TYR C 219 -28.01 7.78 -13.24
C TYR C 219 -27.07 7.35 -14.35
N SER C 220 -26.10 8.19 -14.67
CA SER C 220 -25.20 7.95 -15.80
C SER C 220 -24.14 6.89 -15.50
N ARG C 221 -23.99 6.51 -14.24
CA ARG C 221 -23.00 5.50 -13.88
C ARG C 221 -23.45 4.64 -12.70
N PRO C 222 -24.45 3.80 -12.94
CA PRO C 222 -24.99 2.94 -11.88
C PRO C 222 -23.96 1.91 -11.42
N PRO C 223 -24.17 1.34 -10.23
CA PRO C 223 -23.20 0.42 -9.62
C PRO C 223 -22.73 -0.72 -10.54
N GLU C 224 -23.59 -1.26 -11.40
CA GLU C 224 -23.20 -2.36 -12.27
C GLU C 224 -22.00 -1.99 -13.15
N VAL C 225 -21.92 -0.71 -13.50
CA VAL C 225 -20.86 -0.19 -14.33
C VAL C 225 -19.51 -0.19 -13.59
N GLU C 226 -19.56 0.06 -12.29
CA GLU C 226 -18.37 -0.02 -11.45
C GLU C 226 -18.01 -1.48 -11.16
N GLY C 227 -19.02 -2.29 -10.83
CA GLY C 227 -18.79 -3.70 -10.56
C GLY C 227 -18.12 -4.40 -11.74
N GLU C 228 -18.60 -4.12 -12.96
CA GLU C 228 -18.02 -4.71 -14.16
C GLU C 228 -16.54 -4.35 -14.30
N ALA C 229 -16.24 -3.05 -14.25
CA ALA C 229 -14.86 -2.58 -14.47
C ALA C 229 -13.90 -3.09 -13.40
N THR C 230 -14.39 -3.17 -12.16
CA THR C 230 -13.59 -3.72 -11.06
C THR C 230 -13.21 -5.14 -11.38
N ASN C 231 -14.22 -5.92 -11.73
CA ASN C 231 -14.03 -7.29 -12.14
C ASN C 231 -13.02 -7.46 -13.29
N ARG C 232 -13.10 -6.58 -14.29
CA ARG C 232 -12.23 -6.66 -15.44
C ARG C 232 -10.77 -6.30 -15.11
N ALA C 233 -10.60 -5.22 -14.35
CA ALA C 233 -9.27 -4.78 -13.95
C ALA C 233 -8.55 -5.85 -13.14
N ILE C 234 -9.29 -6.54 -12.27
CA ILE C 234 -8.76 -7.65 -11.47
C ILE C 234 -8.25 -8.76 -12.37
N MET C 235 -9.06 -9.13 -13.37
CA MET C 235 -8.68 -10.16 -14.31
C MET C 235 -7.36 -9.79 -14.99
N ILE C 236 -7.24 -8.55 -15.42
CA ILE C 236 -6.06 -8.09 -16.15
C ILE C 236 -4.80 -8.04 -15.24
N ALA C 237 -4.93 -7.55 -13.99
CA ALA C 237 -3.79 -7.54 -13.06
C ALA C 237 -3.34 -8.96 -12.76
N ASP C 238 -4.29 -9.86 -12.51
CA ASP C 238 -3.94 -11.23 -12.21
C ASP C 238 -3.26 -11.91 -13.40
N GLN C 239 -3.72 -11.63 -14.61
CA GLN C 239 -3.05 -12.14 -15.80
C GLN C 239 -1.64 -11.58 -15.93
N ALA C 240 -1.45 -10.33 -15.50
CA ALA C 240 -0.14 -9.69 -15.58
C ALA C 240 0.77 -10.11 -14.41
N GLY C 241 0.20 -10.78 -13.41
CA GLY C 241 0.93 -11.26 -12.26
C GLY C 241 1.34 -10.16 -11.30
N VAL C 242 0.47 -9.17 -11.12
CA VAL C 242 0.79 -8.05 -10.26
C VAL C 242 -0.39 -7.78 -9.33
N PRO C 243 -0.14 -7.43 -8.06
CA PRO C 243 -1.28 -7.11 -7.18
C PRO C 243 -2.02 -5.88 -7.69
N LEU C 244 -3.28 -5.72 -7.31
CA LEU C 244 -4.08 -4.58 -7.77
C LEU C 244 -4.72 -3.85 -6.59
N TYR C 245 -4.73 -2.52 -6.65
CA TYR C 245 -5.42 -1.71 -5.64
C TYR C 245 -6.61 -0.98 -6.29
N VAL C 246 -7.82 -1.34 -5.87
CA VAL C 246 -9.00 -0.69 -6.41
C VAL C 246 -9.38 0.50 -5.55
N VAL C 247 -9.29 1.71 -6.10
CA VAL C 247 -9.63 2.90 -5.33
C VAL C 247 -11.15 3.07 -5.27
N HIS C 248 -11.61 3.73 -4.20
CA HIS C 248 -13.02 4.07 -3.93
C HIS C 248 -14.00 2.98 -4.39
N VAL C 249 -13.94 1.85 -3.69
CA VAL C 249 -14.92 0.78 -3.80
C VAL C 249 -16.20 1.27 -3.11
N SER C 250 -17.22 1.56 -3.90
CA SER C 250 -18.39 2.29 -3.42
C SER C 250 -19.66 1.46 -3.20
N CYS C 251 -19.68 0.25 -3.76
CA CYS C 251 -20.90 -0.55 -3.81
C CYS C 251 -20.61 -2.02 -3.64
N GLU C 252 -21.66 -2.79 -3.42
CA GLU C 252 -21.54 -4.23 -3.22
C GLU C 252 -21.02 -4.93 -4.48
N GLN C 253 -21.36 -4.44 -5.67
CA GLN C 253 -20.90 -5.10 -6.90
C GLN C 253 -19.38 -5.10 -7.02
N SER C 254 -18.76 -3.96 -6.74
CA SER C 254 -17.30 -3.92 -6.84
C SER C 254 -16.68 -4.66 -5.64
N HIS C 255 -17.29 -4.53 -4.46
CA HIS C 255 -16.79 -5.27 -3.31
C HIS C 255 -16.86 -6.78 -3.58
N GLU C 256 -17.96 -7.25 -4.15
CA GLU C 256 -18.12 -8.67 -4.45
C GLU C 256 -17.03 -9.21 -5.39
N ALA C 257 -16.71 -8.43 -6.42
CA ALA C 257 -15.68 -8.80 -7.37
C ALA C 257 -14.34 -8.99 -6.62
N ILE C 258 -14.09 -8.12 -5.66
CA ILE C 258 -12.85 -8.19 -4.90
C ILE C 258 -12.82 -9.41 -3.97
N ARG C 259 -13.92 -9.67 -3.27
CA ARG C 259 -14.01 -10.85 -2.41
C ARG C 259 -13.82 -12.14 -3.19
N ARG C 260 -14.47 -12.21 -4.36
CA ARG C 260 -14.44 -13.40 -5.20
C ARG C 260 -13.02 -13.62 -5.72
N ALA C 261 -12.36 -12.53 -6.13
CA ALA C 261 -10.98 -12.60 -6.61
C ALA C 261 -10.04 -13.10 -5.52
N ARG C 262 -10.16 -12.52 -4.33
CA ARG C 262 -9.30 -12.89 -3.21
C ARG C 262 -9.50 -14.36 -2.87
N GLN C 263 -10.73 -14.86 -2.98
CA GLN C 263 -10.98 -16.25 -2.65
C GLN C 263 -10.38 -17.19 -3.71
N LYS C 264 -10.07 -16.63 -4.88
CA LYS C 264 -9.36 -17.39 -5.90
C LYS C 264 -7.88 -17.30 -5.68
N GLY C 265 -7.47 -16.55 -4.66
CA GLY C 265 -6.06 -16.38 -4.39
C GLY C 265 -5.44 -15.22 -5.15
N MET C 266 -6.26 -14.35 -5.72
CA MET C 266 -5.69 -13.19 -6.37
C MET C 266 -5.36 -12.13 -5.32
N ARG C 267 -4.30 -11.35 -5.57
CA ARG C 267 -3.91 -10.29 -4.64
C ARG C 267 -4.56 -8.96 -5.04
N VAL C 268 -5.64 -8.61 -4.36
CA VAL C 268 -6.39 -7.42 -4.67
C VAL C 268 -6.73 -6.69 -3.41
N PHE C 269 -6.51 -5.37 -3.41
CA PHE C 269 -6.87 -4.53 -2.28
C PHE C 269 -8.05 -3.63 -2.64
N GLY C 270 -8.84 -3.26 -1.65
CA GLY C 270 -9.96 -2.36 -1.88
C GLY C 270 -10.04 -1.21 -0.87
N GLU C 271 -10.44 -0.05 -1.38
CA GLU C 271 -10.44 1.18 -0.61
C GLU C 271 -11.82 1.87 -0.59
N PRO C 272 -12.61 1.68 0.48
CA PRO C 272 -13.86 2.46 0.54
C PRO C 272 -13.62 3.87 1.06
N LEU C 273 -14.25 4.86 0.43
CA LEU C 273 -14.17 6.23 0.92
C LEU C 273 -15.09 6.39 2.11
N ILE C 274 -14.72 7.29 3.01
CA ILE C 274 -15.57 7.59 4.16
C ILE C 274 -16.97 8.08 3.72
N GLN C 275 -17.05 8.76 2.57
CA GLN C 275 -18.35 9.21 2.02
C GLN C 275 -19.29 8.04 1.72
N HIS C 276 -18.75 6.98 1.13
CA HIS C 276 -19.58 5.86 0.68
C HIS C 276 -19.95 4.95 1.85
N LEU C 277 -19.21 5.10 2.94
CA LEU C 277 -19.55 4.41 4.19
C LEU C 277 -20.70 5.09 4.94
N THR C 278 -20.91 6.39 4.74
CA THR C 278 -21.81 7.14 5.62
C THR C 278 -22.83 8.06 4.93
N LEU C 279 -22.67 8.28 3.63
CA LEU C 279 -23.58 9.14 2.88
C LEU C 279 -24.20 8.30 1.77
N ASP C 280 -25.32 8.77 1.22
CA ASP C 280 -26.00 7.99 0.20
C ASP C 280 -26.68 8.86 -0.87
N GLU C 281 -27.13 8.20 -1.93
CA GLU C 281 -27.64 8.87 -3.13
C GLU C 281 -28.90 9.72 -2.93
N SER C 282 -29.60 9.56 -1.81
CA SER C 282 -30.78 10.38 -1.55
C SER C 282 -30.41 11.87 -1.49
N GLU C 283 -29.13 12.15 -1.22
CA GLU C 283 -28.65 13.53 -1.21
C GLU C 283 -28.91 14.22 -2.55
N TYR C 284 -28.83 13.46 -3.64
CA TYR C 284 -28.96 14.05 -4.98
C TYR C 284 -30.38 14.45 -5.32
N HIS C 285 -31.34 13.99 -4.52
CA HIS C 285 -32.72 14.28 -4.81
C HIS C 285 -33.22 15.40 -3.91
N ASN C 286 -32.30 16.03 -3.19
CA ASN C 286 -32.62 17.24 -2.46
C ASN C 286 -33.14 18.27 -3.45
N ARG C 287 -34.18 19.01 -3.06
CA ARG C 287 -34.80 19.97 -3.95
C ARG C 287 -33.87 21.11 -4.32
N ASP C 288 -32.88 21.41 -3.48
CA ASP C 288 -31.95 22.50 -3.78
C ASP C 288 -30.87 22.03 -4.76
N TRP C 289 -30.74 22.73 -5.88
CA TRP C 289 -29.77 22.36 -6.91
C TRP C 289 -28.33 22.40 -6.37
N ASP C 290 -27.96 23.48 -5.69
CA ASP C 290 -26.63 23.61 -5.10
C ASP C 290 -26.34 22.44 -4.17
N TYR C 291 -27.29 22.13 -3.30
CA TYR C 291 -27.12 21.07 -2.32
C TYR C 291 -26.74 19.77 -3.02
N ALA C 292 -27.50 19.42 -4.06
CA ALA C 292 -27.32 18.18 -4.80
C ALA C 292 -26.01 18.17 -5.61
N ALA C 293 -25.74 19.26 -6.31
CA ALA C 293 -24.55 19.37 -7.15
C ALA C 293 -23.26 19.28 -6.32
N ARG C 294 -23.30 19.84 -5.11
CA ARG C 294 -22.14 19.81 -4.23
C ARG C 294 -21.72 18.36 -3.95
N ARG C 295 -22.69 17.46 -3.90
CA ARG C 295 -22.39 16.06 -3.56
C ARG C 295 -21.98 15.23 -4.77
N VAL C 296 -21.97 15.83 -5.96
CA VAL C 296 -21.56 15.11 -7.16
C VAL C 296 -20.07 14.73 -7.10
N MET C 297 -19.81 13.44 -7.26
CA MET C 297 -18.45 12.90 -7.31
C MET C 297 -18.50 11.55 -8.02
N SER C 298 -17.34 10.98 -8.31
CA SER C 298 -17.28 9.68 -8.99
C SER C 298 -16.36 8.71 -8.26
N PRO C 299 -16.89 7.53 -7.88
CA PRO C 299 -18.29 7.11 -8.06
C PRO C 299 -19.24 7.92 -7.20
N PRO C 300 -20.50 8.03 -7.63
CA PRO C 300 -21.45 8.86 -6.89
C PRO C 300 -21.83 8.23 -5.57
N PHE C 301 -22.42 9.01 -4.67
CA PHE C 301 -23.04 8.42 -3.50
C PHE C 301 -24.00 7.34 -4.01
N ARG C 302 -24.09 6.24 -3.27
CA ARG C 302 -24.86 5.08 -3.70
C ARG C 302 -26.08 4.89 -2.81
N ASP C 303 -26.92 3.94 -3.20
CA ASP C 303 -28.01 3.46 -2.37
C ASP C 303 -27.42 3.09 -1.01
N LYS C 304 -28.07 3.57 0.05
CA LYS C 304 -27.62 3.36 1.43
C LYS C 304 -27.35 1.89 1.77
N LEU C 305 -28.05 0.98 1.11
CA LEU C 305 -27.89 -0.45 1.37
C LEU C 305 -26.44 -0.90 1.18
N ASN C 306 -25.69 -0.18 0.34
CA ASN C 306 -24.30 -0.53 0.09
C ASN C 306 -23.36 -0.31 1.27
N GLN C 307 -23.74 0.59 2.19
CA GLN C 307 -22.87 0.93 3.31
C GLN C 307 -22.50 -0.31 4.14
N ASP C 308 -23.49 -1.15 4.45
CA ASP C 308 -23.24 -2.34 5.25
C ASP C 308 -22.20 -3.27 4.62
N SER C 309 -22.22 -3.38 3.30
CA SER C 309 -21.26 -4.23 2.61
C SER C 309 -19.84 -3.72 2.82
N LEU C 310 -19.65 -2.41 2.69
CA LEU C 310 -18.31 -1.83 2.83
C LEU C 310 -17.81 -1.95 4.27
N TRP C 311 -18.68 -1.66 5.23
CA TRP C 311 -18.35 -1.80 6.64
C TRP C 311 -17.92 -3.23 6.98
N ALA C 312 -18.69 -4.21 6.49
CA ALA C 312 -18.37 -5.59 6.74
C ALA C 312 -17.00 -5.95 6.12
N GLY C 313 -16.71 -5.40 4.95
CA GLY C 313 -15.44 -5.63 4.28
C GLY C 313 -14.26 -5.18 5.14
N LEU C 314 -14.41 -4.04 5.79
CA LEU C 314 -13.37 -3.52 6.66
C LEU C 314 -13.16 -4.44 7.86
N ALA C 315 -14.24 -4.93 8.46
CA ALA C 315 -14.13 -5.81 9.62
C ALA C 315 -13.61 -7.21 9.23
N ALA C 316 -13.96 -7.65 8.02
CA ALA C 316 -13.57 -8.97 7.56
C ALA C 316 -12.21 -9.01 6.85
N GLY C 317 -11.67 -7.84 6.52
CA GLY C 317 -10.39 -7.76 5.85
C GLY C 317 -10.44 -7.85 4.32
N SER C 318 -11.64 -7.86 3.75
CA SER C 318 -11.75 -7.87 2.29
C SER C 318 -11.59 -6.46 1.70
N LEU C 319 -11.73 -5.44 2.56
CA LEU C 319 -11.36 -4.06 2.23
C LEU C 319 -10.39 -3.55 3.30
N GLN C 320 -9.35 -2.83 2.91
CA GLN C 320 -8.24 -2.61 3.84
C GLN C 320 -7.99 -1.15 4.23
N CYS C 321 -8.40 -0.20 3.38
CA CYS C 321 -8.03 1.21 3.60
C CYS C 321 -9.20 2.15 3.38
N VAL C 322 -9.42 3.04 4.35
CA VAL C 322 -10.42 4.11 4.19
C VAL C 322 -9.70 5.36 3.69
N ALA C 323 -10.26 6.03 2.69
CA ALA C 323 -9.66 7.25 2.13
C ALA C 323 -10.74 8.30 1.89
N THR C 324 -10.39 9.41 1.27
CA THR C 324 -11.40 10.44 1.03
C THR C 324 -11.56 10.87 -0.42
N ASP C 325 -10.58 10.58 -1.28
CA ASP C 325 -10.61 11.07 -2.66
C ASP C 325 -10.78 12.59 -2.63
N HIS C 326 -10.06 13.24 -1.71
CA HIS C 326 -10.30 14.65 -1.44
C HIS C 326 -10.07 15.52 -2.65
N CYS C 327 -11.14 16.11 -3.14
CA CYS C 327 -11.07 16.98 -4.29
C CYS C 327 -12.15 18.02 -4.12
N ALA C 328 -11.77 19.18 -3.63
CA ALA C 328 -12.74 20.16 -3.16
C ALA C 328 -12.99 21.29 -4.17
N PHE C 329 -14.27 21.55 -4.44
CA PHE C 329 -14.68 22.67 -5.29
C PHE C 329 -15.66 23.59 -4.56
N THR C 330 -15.59 24.89 -4.85
CA THR C 330 -16.54 25.84 -4.28
C THR C 330 -17.91 25.67 -4.94
N THR C 331 -18.94 26.25 -4.32
CA THR C 331 -20.28 26.22 -4.89
C THR C 331 -20.25 26.88 -6.27
N GLU C 332 -19.48 27.96 -6.39
CA GLU C 332 -19.36 28.67 -7.66
C GLU C 332 -18.81 27.74 -8.75
N GLN C 333 -17.84 26.91 -8.39
CA GLN C 333 -17.26 25.96 -9.33
C GLN C 333 -18.23 24.86 -9.70
N LYS C 334 -18.95 24.36 -8.70
CA LYS C 334 -19.98 23.34 -8.95
C LYS C 334 -21.01 23.83 -9.97
N ARG C 335 -21.28 25.14 -9.93
CA ARG C 335 -22.31 25.72 -10.79
C ARG C 335 -21.94 25.80 -12.26
N TYR C 336 -20.71 25.41 -12.60
CA TYR C 336 -20.33 25.27 -14.00
C TYR C 336 -21.23 24.26 -14.70
N GLY C 337 -21.85 23.37 -13.93
CA GLY C 337 -22.69 22.33 -14.48
C GLY C 337 -24.19 22.59 -14.48
N ILE C 338 -24.60 23.84 -14.30
CA ILE C 338 -26.02 24.18 -14.38
C ILE C 338 -26.54 23.81 -15.77
N GLY C 339 -27.58 22.98 -15.78
CA GLY C 339 -28.19 22.53 -17.02
C GLY C 339 -27.42 21.41 -17.70
N ASN C 340 -26.30 21.02 -17.12
CA ASN C 340 -25.52 19.93 -17.70
C ASN C 340 -24.66 19.26 -16.64
N PHE C 341 -25.13 18.13 -16.12
CA PHE C 341 -24.44 17.46 -15.01
C PHE C 341 -23.04 16.97 -15.34
N THR C 342 -22.75 16.78 -16.62
CA THR C 342 -21.41 16.34 -17.02
C THR C 342 -20.37 17.44 -16.81
N LYS C 343 -20.83 18.67 -16.58
CA LYS C 343 -19.91 19.79 -16.38
C LYS C 343 -19.80 20.20 -14.91
N ILE C 344 -20.51 19.49 -14.02
CA ILE C 344 -20.32 19.69 -12.58
C ILE C 344 -18.97 19.05 -12.21
N PRO C 345 -18.01 19.86 -11.72
CA PRO C 345 -16.73 19.24 -11.34
C PRO C 345 -16.94 18.16 -10.29
N ASN C 346 -16.37 16.97 -10.51
CA ASN C 346 -16.60 15.86 -9.60
C ASN C 346 -15.69 15.93 -8.39
N GLY C 347 -16.29 15.85 -7.21
CA GLY C 347 -15.50 15.74 -6.01
C GLY C 347 -16.12 16.35 -4.77
N THR C 348 -15.82 15.72 -3.65
CA THR C 348 -16.17 16.22 -2.34
C THR C 348 -14.89 16.16 -1.49
N GLY C 349 -14.84 16.97 -0.45
CA GLY C 349 -13.69 16.97 0.43
C GLY C 349 -14.02 16.15 1.65
N GLY C 350 -13.05 15.42 2.15
CA GLY C 350 -13.24 14.72 3.41
C GLY C 350 -12.01 14.58 4.28
N LEU C 351 -10.93 15.27 3.95
CA LEU C 351 -9.65 15.02 4.61
C LEU C 351 -9.73 15.14 6.12
N GLU C 352 -10.31 16.24 6.58
CA GLU C 352 -10.46 16.50 8.01
C GLU C 352 -11.46 15.54 8.66
N GLU C 353 -12.43 15.07 7.89
CA GLU C 353 -13.54 14.33 8.48
C GLU C 353 -13.32 12.82 8.59
N ARG C 354 -12.34 12.29 7.84
CA ARG C 354 -12.19 10.85 7.68
C ARG C 354 -12.06 10.09 9.00
N MET C 355 -11.01 10.37 9.76
CA MET C 355 -10.80 9.62 11.00
C MET C 355 -11.88 9.91 12.07
N PRO C 356 -12.25 11.20 12.28
CA PRO C 356 -13.30 11.46 13.27
C PRO C 356 -14.66 10.81 12.96
N VAL C 357 -15.10 10.87 11.72
CA VAL C 357 -16.36 10.20 11.36
C VAL C 357 -16.23 8.70 11.53
N LEU C 358 -15.10 8.15 11.10
CA LEU C 358 -14.90 6.72 11.22
C LEU C 358 -14.89 6.29 12.69
N TRP C 359 -14.33 7.12 13.56
CA TRP C 359 -14.27 6.77 14.97
C TRP C 359 -15.69 6.66 15.55
N THR C 360 -16.49 7.70 15.32
CA THR C 360 -17.84 7.74 15.86
C THR C 360 -18.72 6.66 15.23
N ARG C 361 -18.75 6.59 13.91
CA ARG C 361 -19.59 5.61 13.20
C ARG C 361 -19.07 4.18 13.30
N GLY C 362 -17.76 4.01 13.47
CA GLY C 362 -17.15 2.69 13.46
C GLY C 362 -16.67 2.12 14.78
N VAL C 363 -15.87 2.88 15.53
CA VAL C 363 -15.38 2.39 16.81
C VAL C 363 -16.44 2.48 17.91
N ARG C 364 -17.12 3.62 18.02
CA ARG C 364 -18.08 3.80 19.10
C ARG C 364 -19.29 2.89 18.94
N THR C 365 -19.55 2.45 17.71
CA THR C 365 -20.65 1.53 17.43
C THR C 365 -20.24 0.06 17.55
N GLY C 366 -18.94 -0.20 17.59
CA GLY C 366 -18.44 -1.56 17.67
C GLY C 366 -18.33 -2.27 16.31
N ARG C 367 -18.52 -1.55 15.22
CA ARG C 367 -18.32 -2.15 13.88
C ARG C 367 -16.86 -2.44 13.65
N LEU C 368 -16.00 -1.62 14.23
CA LEU C 368 -14.55 -1.82 14.20
C LEU C 368 -14.02 -1.79 15.62
N THR C 369 -13.09 -2.68 15.93
CA THR C 369 -12.31 -2.54 17.16
C THR C 369 -11.44 -1.31 16.99
N PRO C 370 -10.96 -0.73 18.10
CA PRO C 370 -10.03 0.39 17.93
C PRO C 370 -8.77 0.03 17.10
N ASN C 371 -8.29 -1.20 17.22
CA ASN C 371 -7.11 -1.64 16.49
C ASN C 371 -7.40 -1.74 15.00
N GLU C 372 -8.61 -2.18 14.67
CA GLU C 372 -9.04 -2.22 13.26
C GLU C 372 -9.13 -0.81 12.71
N PHE C 373 -9.59 0.13 13.55
CA PHE C 373 -9.61 1.54 13.17
C PHE C 373 -8.21 2.04 12.77
N VAL C 374 -7.19 1.69 13.57
CA VAL C 374 -5.84 2.12 13.22
C VAL C 374 -5.41 1.47 11.89
N ALA C 375 -5.69 0.18 11.75
CA ALA C 375 -5.32 -0.55 10.55
C ALA C 375 -5.89 0.09 9.31
N VAL C 376 -7.18 0.45 9.32
CA VAL C 376 -7.78 0.96 8.09
C VAL C 376 -7.60 2.48 7.87
N THR C 377 -7.01 3.18 8.84
CA THR C 377 -6.70 4.61 8.65
C THR C 377 -5.21 4.90 8.45
N SER C 378 -4.34 3.96 8.80
CA SER C 378 -2.91 4.17 8.55
C SER C 378 -2.08 2.89 8.27
N THR C 379 -2.11 1.93 9.17
CA THR C 379 -1.12 0.85 9.09
C THR C 379 -1.25 0.01 7.82
N ASN C 380 -2.48 -0.32 7.42
CA ASN C 380 -2.64 -1.14 6.22
C ASN C 380 -2.06 -0.47 4.99
N ILE C 381 -2.39 0.80 4.80
CA ILE C 381 -1.92 1.49 3.61
C ILE C 381 -0.40 1.67 3.68
N ALA C 382 0.16 1.86 4.88
CA ALA C 382 1.61 1.96 5.01
C ALA C 382 2.26 0.68 4.51
N LYS C 383 1.70 -0.45 4.93
CA LYS C 383 2.21 -1.76 4.52
C LYS C 383 2.06 -1.98 3.02
N ILE C 384 0.89 -1.61 2.51
CA ILE C 384 0.59 -1.83 1.09
C ILE C 384 1.51 -0.98 0.21
N LEU C 385 1.81 0.25 0.64
CA LEU C 385 2.67 1.14 -0.16
C LEU C 385 4.16 0.93 0.17
N ASN C 386 4.44 -0.01 1.06
CA ASN C 386 5.80 -0.41 1.44
C ASN C 386 6.58 0.64 2.26
N ILE C 387 5.87 1.41 3.08
CA ILE C 387 6.52 2.40 3.93
C ILE C 387 6.22 2.13 5.42
N TYR C 388 5.92 0.88 5.74
CA TYR C 388 5.80 0.42 7.13
C TYR C 388 7.12 -0.22 7.57
N PRO C 389 7.65 0.11 8.77
CA PRO C 389 7.08 0.93 9.85
C PRO C 389 7.55 2.39 9.90
N GLN C 390 8.11 2.94 8.84
CA GLN C 390 8.43 4.37 8.87
C GLN C 390 7.18 5.20 9.19
N LYS C 391 6.07 4.85 8.54
CA LYS C 391 4.78 5.48 8.80
C LYS C 391 3.78 4.41 9.26
N GLY C 392 2.66 4.86 9.84
CA GLY C 392 1.59 3.97 10.24
C GLY C 392 1.89 3.03 11.41
N ALA C 393 2.91 3.37 12.20
CA ALA C 393 3.39 2.49 13.27
C ALA C 393 3.69 3.24 14.57
N VAL C 394 3.53 2.57 15.70
CA VAL C 394 4.09 3.06 16.95
C VAL C 394 5.13 2.05 17.43
N VAL C 395 6.32 2.13 16.85
CA VAL C 395 7.45 1.26 17.16
C VAL C 395 8.73 2.10 17.19
N PRO C 396 9.78 1.65 17.93
CA PRO C 396 11.01 2.43 17.93
C PRO C 396 11.59 2.55 16.51
N GLY C 397 12.05 3.74 16.14
CA GLY C 397 12.59 3.97 14.80
C GLY C 397 11.58 4.53 13.80
N ALA C 398 10.30 4.38 14.11
CA ALA C 398 9.25 4.93 13.24
C ALA C 398 9.29 6.46 13.29
N ASP C 399 8.85 7.11 12.21
CA ASP C 399 8.60 8.54 12.26
C ASP C 399 7.58 8.80 13.36
N ALA C 400 7.79 9.85 14.13
CA ALA C 400 6.87 10.16 15.20
C ALA C 400 5.65 10.89 14.62
N ASP C 401 4.91 10.21 13.77
CA ASP C 401 3.66 10.72 13.24
C ASP C 401 2.52 10.16 14.07
N LEU C 402 1.95 11.01 14.93
CA LEU C 402 1.04 10.54 15.95
C LEU C 402 -0.15 11.46 16.16
N VAL C 403 -1.28 10.88 16.55
CA VAL C 403 -2.42 11.69 16.95
C VAL C 403 -2.81 11.35 18.40
N ILE C 404 -3.05 12.39 19.18
CA ILE C 404 -3.53 12.23 20.54
C ILE C 404 -5.05 12.43 20.52
N TRP C 405 -5.76 11.38 20.87
CA TRP C 405 -7.19 11.31 20.67
C TRP C 405 -7.92 11.34 22.01
N ASP C 406 -8.71 12.39 22.24
CA ASP C 406 -9.56 12.47 23.42
C ASP C 406 -10.90 11.83 23.11
N PRO C 407 -11.16 10.66 23.71
CA PRO C 407 -12.37 9.89 23.40
C PRO C 407 -13.67 10.52 23.91
N GLU C 408 -13.57 11.53 24.76
CA GLU C 408 -14.76 12.11 25.40
C GLU C 408 -15.25 13.42 24.79
N THR C 409 -14.38 14.13 24.07
CA THR C 409 -14.77 15.43 23.51
C THR C 409 -15.72 15.26 22.32
N THR C 410 -16.66 16.21 22.19
CA THR C 410 -17.71 16.13 21.18
C THR C 410 -17.73 17.33 20.28
N LYS C 411 -18.32 17.18 19.10
CA LYS C 411 -18.56 18.31 18.21
C LYS C 411 -19.60 17.95 17.15
N LYS C 412 -20.16 18.96 16.50
CA LYS C 412 -21.02 18.78 15.34
C LYS C 412 -20.26 19.29 14.14
N ILE C 413 -20.12 18.48 13.10
CA ILE C 413 -19.38 18.92 11.93
C ILE C 413 -20.14 20.07 11.26
N SER C 414 -19.41 21.11 10.89
CA SER C 414 -20.00 22.27 10.25
C SER C 414 -19.01 22.96 9.33
N ALA C 415 -19.51 23.47 8.22
CA ALA C 415 -18.66 24.23 7.29
C ALA C 415 -18.08 25.46 7.99
N LYS C 416 -18.78 25.96 8.99
CA LYS C 416 -18.35 27.16 9.71
C LYS C 416 -17.05 26.96 10.49
N THR C 417 -16.74 25.73 10.85
CA THR C 417 -15.54 25.44 11.63
C THR C 417 -14.47 24.61 10.91
N GLN C 418 -14.71 24.27 9.64
CA GLN C 418 -13.79 23.41 8.89
C GLN C 418 -12.50 24.11 8.43
N HIS C 419 -11.46 23.33 8.20
CA HIS C 419 -10.20 23.91 7.71
C HIS C 419 -10.13 23.89 6.20
N SER C 420 -10.98 23.09 5.55
CA SER C 420 -11.07 23.14 4.10
C SER C 420 -11.51 24.52 3.66
N SER C 421 -11.04 24.94 2.50
CA SER C 421 -11.25 26.31 2.03
C SER C 421 -12.60 26.57 1.35
N ILE C 422 -13.33 25.50 1.01
CA ILE C 422 -14.62 25.69 0.33
C ILE C 422 -15.74 26.03 1.33
N ASP C 423 -16.92 26.37 0.80
CA ASP C 423 -17.97 27.00 1.60
C ASP C 423 -19.03 26.03 2.13
N TYR C 424 -18.81 24.72 1.96
CA TYR C 424 -19.76 23.74 2.47
C TYR C 424 -19.04 22.47 2.95
N ASN C 425 -19.81 21.57 3.55
CA ASN C 425 -19.27 20.33 4.13
C ASN C 425 -20.31 19.24 3.98
N VAL C 426 -20.00 18.17 3.25
CA VAL C 426 -21.00 17.14 2.98
C VAL C 426 -21.32 16.29 4.21
N PHE C 427 -20.50 16.45 5.26
CA PHE C 427 -20.73 15.80 6.53
C PHE C 427 -21.39 16.77 7.50
N GLU C 428 -21.93 17.87 6.97
CA GLU C 428 -22.63 18.87 7.79
C GLU C 428 -23.63 18.21 8.76
N GLY C 429 -23.51 18.52 10.04
CA GLY C 429 -24.47 18.03 11.02
C GLY C 429 -24.11 16.71 11.67
N PHE C 430 -23.04 16.07 11.20
CA PHE C 430 -22.60 14.85 11.82
C PHE C 430 -22.22 15.09 13.29
N GLU C 431 -22.82 14.31 14.19
CA GLU C 431 -22.51 14.43 15.60
C GLU C 431 -21.34 13.52 15.99
N LEU C 432 -20.28 14.09 16.53
CA LEU C 432 -19.09 13.30 16.83
C LEU C 432 -18.80 13.23 18.32
N LYS C 433 -18.19 12.13 18.74
CA LYS C 433 -17.60 12.05 20.07
C LYS C 433 -16.29 11.30 19.98
N GLY C 434 -15.21 11.90 20.46
CA GLY C 434 -13.89 11.34 20.29
C GLY C 434 -13.16 12.03 19.16
N LEU C 435 -12.17 12.85 19.50
CA LEU C 435 -11.58 13.73 18.51
C LEU C 435 -10.07 13.85 18.63
N PRO C 436 -9.41 14.11 17.49
CA PRO C 436 -7.98 14.44 17.55
C PRO C 436 -7.78 15.79 18.25
N ILE C 437 -7.00 15.83 19.33
CA ILE C 437 -6.77 17.11 19.99
C ILE C 437 -5.35 17.62 19.79
N MET C 438 -4.43 16.72 19.46
CA MET C 438 -3.08 17.10 19.06
C MET C 438 -2.60 16.15 17.99
N THR C 439 -1.94 16.71 16.98
CA THR C 439 -1.39 15.94 15.89
C THR C 439 0.10 16.24 15.75
N LEU C 440 0.91 15.19 15.68
CA LEU C 440 2.34 15.35 15.50
C LEU C 440 2.86 14.77 14.19
N SER C 441 3.69 15.54 13.52
CA SER C 441 4.34 15.10 12.30
C SER C 441 5.85 15.09 12.50
N ARG C 442 6.44 13.90 12.43
CA ARG C 442 7.85 13.69 12.74
C ARG C 442 8.24 14.46 14.01
N GLY C 443 7.41 14.30 15.04
CA GLY C 443 7.71 14.89 16.34
C GLY C 443 7.43 16.36 16.50
N ARG C 444 7.03 17.04 15.43
CA ARG C 444 6.68 18.46 15.55
C ARG C 444 5.19 18.54 15.84
N ILE C 445 4.82 19.41 16.77
CA ILE C 445 3.40 19.64 17.04
C ILE C 445 2.78 20.34 15.84
N ALA C 446 1.88 19.65 15.16
CA ALA C 446 1.36 20.12 13.88
C ALA C 446 -0.08 20.59 14.01
N PHE C 447 -0.77 20.11 15.04
CA PHE C 447 -2.12 20.56 15.33
C PHE C 447 -2.35 20.56 16.83
N ASP C 448 -2.88 21.65 17.36
CA ASP C 448 -3.03 21.80 18.79
C ASP C 448 -4.04 22.89 19.13
N LYS C 449 -4.89 22.64 20.11
CA LYS C 449 -5.87 23.64 20.55
C LYS C 449 -6.72 24.14 19.38
N GLY C 450 -7.13 23.24 18.51
CA GLY C 450 -8.01 23.60 17.40
C GLY C 450 -7.30 24.35 16.30
N GLN C 451 -6.01 24.61 16.49
CA GLN C 451 -5.23 25.37 15.51
C GLN C 451 -4.16 24.52 14.82
N VAL C 452 -4.04 24.68 13.50
CA VAL C 452 -2.97 24.05 12.74
C VAL C 452 -1.68 24.83 12.94
N THR C 453 -0.69 24.18 13.52
CA THR C 453 0.54 24.87 13.87
C THR C 453 1.70 24.59 12.91
N ALA C 454 1.59 23.52 12.13
CA ALA C 454 2.57 23.25 11.07
C ALA C 454 2.47 24.28 9.94
N LYS C 455 3.62 24.68 9.39
CA LYS C 455 3.64 25.72 8.37
C LYS C 455 3.75 25.09 6.98
N PRO C 456 3.29 25.82 5.94
CA PRO C 456 3.47 25.32 4.58
C PRO C 456 4.96 25.08 4.27
N GLY C 457 5.30 23.94 3.70
CA GLY C 457 6.70 23.63 3.46
C GLY C 457 7.29 22.71 4.51
N ASP C 458 6.56 22.52 5.61
CA ASP C 458 6.99 21.59 6.66
C ASP C 458 6.87 20.15 6.20
N GLY C 459 6.00 19.90 5.23
CA GLY C 459 5.79 18.55 4.75
C GLY C 459 6.96 18.06 3.92
N ARG C 460 7.26 16.78 4.05
CA ARG C 460 8.36 16.20 3.29
C ARG C 460 7.89 15.02 2.42
N PHE C 461 8.54 14.87 1.26
CA PHE C 461 8.20 13.77 0.36
C PHE C 461 8.69 12.45 0.92
N ILE C 462 7.81 11.46 0.95
CA ILE C 462 8.16 10.15 1.45
C ILE C 462 8.43 9.24 0.25
N GLU C 463 9.69 8.88 0.04
CA GLU C 463 10.08 7.98 -1.05
C GLU C 463 9.72 6.55 -0.70
N ARG C 464 9.38 5.75 -1.72
CA ARG C 464 8.96 4.36 -1.50
C ARG C 464 9.75 3.36 -2.36
N GLU C 465 10.02 2.18 -1.80
CA GLU C 465 10.75 1.16 -2.53
C GLU C 465 9.76 0.27 -3.29
N PRO C 466 10.16 -0.19 -4.48
CA PRO C 466 9.38 -1.15 -5.26
C PRO C 466 9.50 -2.56 -4.67
N ASN C 467 8.80 -3.53 -5.26
CA ASN C 467 8.95 -4.93 -4.86
C ASN C 467 8.64 -5.24 -3.39
N GLY C 468 7.50 -4.75 -2.90
CA GLY C 468 7.01 -5.15 -1.58
C GLY C 468 6.71 -6.63 -1.51
N ALA C 469 6.43 -7.11 -0.30
CA ALA C 469 6.29 -8.54 -0.02
C ALA C 469 5.22 -9.23 -0.89
N VAL C 470 4.10 -8.58 -1.06
CA VAL C 470 3.00 -9.19 -1.80
C VAL C 470 3.34 -9.27 -3.30
N ASN C 471 3.94 -8.23 -3.88
CA ASN C 471 4.46 -8.33 -5.24
C ASN C 471 5.40 -9.53 -5.41
N ARG C 472 6.33 -9.70 -4.46
CA ARG C 472 7.30 -10.79 -4.55
C ARG C 472 6.64 -12.15 -4.39
N ALA C 473 5.70 -12.30 -3.45
CA ALA C 473 5.03 -13.60 -3.26
C ALA C 473 4.22 -13.98 -4.52
N LEU C 474 3.46 -13.04 -5.04
CA LEU C 474 2.66 -13.30 -6.24
C LEU C 474 3.55 -13.71 -7.41
N SER C 475 4.65 -12.99 -7.63
CA SER C 475 5.57 -13.32 -8.73
C SER C 475 6.12 -14.74 -8.60
N GLN C 476 6.48 -15.11 -7.37
CA GLN C 476 7.00 -16.45 -7.11
C GLN C 476 5.92 -17.49 -7.43
N TRP C 477 4.71 -17.23 -6.99
CA TRP C 477 3.61 -18.17 -7.23
C TRP C 477 3.28 -18.31 -8.72
N LYS C 478 3.24 -17.19 -9.44
CA LYS C 478 2.98 -17.25 -10.88
C LYS C 478 4.06 -18.04 -11.60
N GLU C 479 5.31 -17.91 -11.15
CA GLU C 479 6.39 -18.70 -11.71
C GLU C 479 6.17 -20.19 -11.44
N ILE C 480 5.73 -20.53 -10.23
CA ILE C 480 5.46 -21.92 -9.89
C ILE C 480 4.37 -22.55 -10.78
N VAL C 481 3.29 -21.79 -11.01
CA VAL C 481 2.13 -22.33 -11.75
C VAL C 481 2.16 -22.04 -13.24
N ALA C 482 3.26 -21.49 -13.73
CA ALA C 482 3.38 -21.16 -15.15
C ALA C 482 3.19 -22.39 -16.03
N PRO C 483 2.31 -22.30 -17.04
CA PRO C 483 2.06 -23.45 -17.91
C PRO C 483 3.25 -23.77 -18.82
N ARG C 484 3.56 -25.04 -18.96
CA ARG C 484 4.77 -25.47 -19.68
C ARG C 484 4.44 -26.22 -20.96
N LYS C 485 5.31 -26.08 -21.95
CA LYS C 485 5.21 -26.78 -23.23
C LYS C 485 5.25 -28.30 -23.04
N VAL C 486 4.42 -29.02 -23.78
CA VAL C 486 4.48 -30.48 -23.78
C VAL C 486 5.58 -30.98 -24.71
N GLU C 487 6.50 -31.78 -24.20
CA GLU C 487 7.62 -32.24 -25.02
C GLU C 487 7.09 -33.32 -25.96
N ARG C 488 7.30 -33.08 -27.25
CA ARG C 488 6.84 -33.97 -28.30
C ARG C 488 8.01 -34.34 -29.17
N SER C 489 8.11 -35.60 -29.53
CA SER C 489 9.17 -36.05 -30.44
C SER C 489 9.09 -35.31 -31.77
N ALA D 14 21.60 -13.98 33.84
CA ALA D 14 22.36 -14.31 32.64
C ALA D 14 21.55 -14.05 31.38
N SER D 15 21.97 -13.04 30.61
CA SER D 15 21.25 -12.64 29.41
C SER D 15 21.69 -13.41 28.17
N LYS D 16 20.81 -13.47 27.19
CA LYS D 16 21.15 -14.02 25.88
C LYS D 16 20.99 -12.95 24.83
N VAL D 17 21.88 -12.92 23.85
CA VAL D 17 21.64 -12.07 22.70
C VAL D 17 21.66 -12.92 21.43
N ILE D 18 20.59 -12.79 20.64
CA ILE D 18 20.51 -13.44 19.33
C ILE D 18 21.01 -12.44 18.29
N LYS D 19 22.16 -12.74 17.70
CA LYS D 19 22.82 -11.80 16.81
C LYS D 19 22.85 -12.25 15.36
N GLY D 20 22.74 -11.28 14.45
CA GLY D 20 22.97 -11.51 13.04
C GLY D 20 21.76 -11.99 12.25
N GLY D 21 20.65 -12.22 12.93
CA GLY D 21 19.48 -12.78 12.28
C GLY D 21 18.57 -11.74 11.64
N THR D 22 17.62 -12.22 10.87
CA THR D 22 16.59 -11.36 10.33
C THR D 22 15.25 -11.69 10.98
N VAL D 23 14.69 -10.70 11.67
CA VAL D 23 13.41 -10.88 12.33
C VAL D 23 12.28 -10.84 11.29
N ILE D 24 11.40 -11.84 11.36
CA ILE D 24 10.15 -11.83 10.62
C ILE D 24 9.00 -11.93 11.61
N THR D 25 8.14 -10.92 11.61
CA THR D 25 6.91 -10.92 12.42
C THR D 25 5.70 -10.81 11.48
N ALA D 26 4.50 -10.80 12.05
CA ALA D 26 3.28 -10.69 11.26
C ALA D 26 3.23 -9.34 10.56
N ASP D 27 3.89 -8.33 11.10
CA ASP D 27 3.77 -7.00 10.52
C ASP D 27 4.99 -6.52 9.73
N ARG D 28 6.17 -7.11 9.94
CA ARG D 28 7.35 -6.70 9.19
C ARG D 28 8.51 -7.66 9.20
N THR D 29 9.47 -7.40 8.32
CA THR D 29 10.71 -8.17 8.21
C THR D 29 11.88 -7.20 8.31
N PHE D 30 12.82 -7.48 9.20
CA PHE D 30 13.95 -6.56 9.39
C PHE D 30 15.14 -7.19 10.12
N ARG D 31 16.33 -6.75 9.75
CA ARG D 31 17.55 -7.16 10.45
C ARG D 31 17.57 -6.55 11.83
N ALA D 32 17.83 -7.38 12.84
CA ALA D 32 17.93 -6.91 14.20
C ALA D 32 18.54 -7.95 15.11
N ASP D 33 19.22 -7.49 16.14
CA ASP D 33 19.61 -8.35 17.25
C ASP D 33 18.48 -8.39 18.28
N ILE D 34 18.43 -9.48 19.04
CA ILE D 34 17.43 -9.60 20.10
C ILE D 34 18.09 -9.91 21.44
N LEU D 35 17.89 -9.02 22.41
CA LEU D 35 18.40 -9.22 23.76
C LEU D 35 17.32 -9.85 24.65
N ILE D 36 17.68 -10.94 25.32
CA ILE D 36 16.74 -11.66 26.16
C ILE D 36 17.18 -11.61 27.61
N GLU D 37 16.29 -11.15 28.48
CA GLU D 37 16.56 -11.13 29.92
C GLU D 37 15.33 -11.64 30.68
N ASP D 38 15.56 -12.52 31.66
CA ASP D 38 14.49 -13.01 32.53
C ASP D 38 13.31 -13.62 31.76
N GLY D 39 13.62 -14.41 30.74
CA GLY D 39 12.60 -15.11 29.97
C GLY D 39 11.83 -14.23 29.01
N LYS D 40 12.19 -12.96 28.94
CA LYS D 40 11.46 -12.02 28.09
C LYS D 40 12.36 -11.33 27.10
N ILE D 41 11.75 -10.78 26.05
CA ILE D 41 12.48 -9.95 25.12
C ILE D 41 12.73 -8.59 25.77
N ALA D 42 14.01 -8.27 26.01
CA ALA D 42 14.36 -7.04 26.69
C ALA D 42 14.52 -5.89 25.70
N ALA D 43 15.08 -6.19 24.53
CA ALA D 43 15.38 -5.16 23.54
C ALA D 43 15.57 -5.75 22.16
N ILE D 44 15.25 -4.96 21.14
CA ILE D 44 15.42 -5.32 19.74
C ILE D 44 16.11 -4.16 19.04
N GLY D 45 17.22 -4.43 18.35
CA GLY D 45 17.97 -3.35 17.73
C GLY D 45 19.19 -3.77 16.93
N ASP D 46 19.86 -2.77 16.36
CA ASP D 46 20.94 -2.99 15.39
C ASP D 46 22.12 -3.79 15.93
N SER D 47 22.68 -3.38 17.06
CA SER D 47 23.74 -4.18 17.65
C SER D 47 23.60 -4.18 19.16
N LEU D 48 23.33 -5.35 19.70
CA LEU D 48 23.10 -5.47 21.13
C LEU D 48 24.15 -6.40 21.72
N GLU D 49 24.42 -6.25 23.01
CA GLU D 49 25.39 -7.14 23.66
C GLU D 49 24.70 -7.93 24.76
N GLY D 50 25.20 -9.12 25.05
CA GLY D 50 24.62 -9.97 26.07
C GLY D 50 25.61 -10.98 26.61
N ASP D 51 25.28 -11.62 27.73
CA ASP D 51 26.20 -12.54 28.40
C ASP D 51 26.54 -13.73 27.54
N GLU D 52 25.53 -14.27 26.87
CA GLU D 52 25.71 -15.45 26.05
C GLU D 52 25.24 -15.11 24.64
N VAL D 53 26.03 -15.45 23.64
CA VAL D 53 25.71 -15.09 22.27
C VAL D 53 25.20 -16.30 21.52
N ILE D 54 24.06 -16.12 20.86
CA ILE D 54 23.52 -17.10 19.94
C ILE D 54 23.61 -16.53 18.53
N ASP D 55 24.34 -17.22 17.66
CA ASP D 55 24.58 -16.75 16.29
C ASP D 55 23.44 -17.15 15.35
N ALA D 56 22.73 -16.15 14.82
CA ALA D 56 21.61 -16.38 13.90
C ALA D 56 21.90 -15.84 12.50
N SER D 57 23.18 -15.68 12.20
CA SER D 57 23.61 -15.27 10.86
C SER D 57 23.02 -16.18 9.80
N GLY D 58 22.51 -15.58 8.72
CA GLY D 58 21.93 -16.35 7.64
C GLY D 58 20.58 -16.98 7.97
N CYS D 59 20.04 -16.68 9.15
CA CYS D 59 18.78 -17.28 9.60
C CYS D 59 17.68 -16.25 9.82
N TYR D 60 16.43 -16.72 9.87
CA TYR D 60 15.31 -15.90 10.27
C TYR D 60 14.97 -16.15 11.73
N VAL D 61 14.49 -15.12 12.42
CA VAL D 61 14.00 -15.27 13.78
C VAL D 61 12.53 -14.88 13.82
N MET D 62 11.70 -15.82 14.25
CA MET D 62 10.25 -15.66 14.24
C MET D 62 9.70 -15.99 15.62
N PRO D 63 8.48 -15.52 15.93
CA PRO D 63 7.85 -16.01 17.15
C PRO D 63 7.73 -17.53 17.10
N GLY D 64 7.97 -18.21 18.22
CA GLY D 64 7.74 -19.63 18.27
C GLY D 64 6.28 -19.91 17.88
N GLY D 65 6.05 -21.03 17.22
CA GLY D 65 4.69 -21.40 16.82
C GLY D 65 3.74 -21.63 17.98
N ILE D 66 2.46 -21.32 17.75
CA ILE D 66 1.39 -21.68 18.68
C ILE D 66 0.37 -22.60 17.99
N ASP D 67 0.24 -23.81 18.49
CA ASP D 67 -0.71 -24.76 17.94
C ASP D 67 -1.94 -24.81 18.85
N PRO D 68 -3.05 -24.20 18.42
CA PRO D 68 -4.22 -24.05 19.29
C PRO D 68 -5.08 -25.29 19.38
N HIS D 69 -4.60 -26.41 18.83
CA HIS D 69 -5.46 -27.57 18.68
C HIS D 69 -4.74 -28.89 18.89
N THR D 70 -4.68 -29.35 20.14
CA THR D 70 -4.06 -30.62 20.42
C THR D 70 -4.90 -31.47 21.37
N HIS D 71 -4.65 -32.78 21.33
CA HIS D 71 -5.30 -33.72 22.22
C HIS D 71 -4.22 -34.65 22.78
N LEU D 72 -3.42 -34.15 23.72
CA LEU D 72 -2.32 -34.96 24.24
C LEU D 72 -2.81 -35.82 25.41
N GLN D 73 -2.42 -37.10 25.39
CA GLN D 73 -2.91 -38.11 26.33
C GLN D 73 -4.43 -38.01 26.47
N MET D 74 -5.12 -37.97 25.35
CA MET D 74 -6.57 -37.87 25.37
C MET D 74 -7.19 -39.21 25.72
N PRO D 75 -8.20 -39.20 26.60
CA PRO D 75 -8.88 -40.45 26.97
C PRO D 75 -9.61 -41.03 25.77
N PHE D 76 -9.36 -42.30 25.48
CA PHE D 76 -10.10 -43.03 24.48
C PHE D 76 -10.21 -44.52 24.83
N MET D 77 -11.44 -45.01 24.89
CA MET D 77 -11.74 -46.44 25.07
C MET D 77 -10.96 -47.08 26.22
N GLY D 78 -10.88 -46.37 27.33
CA GLY D 78 -10.24 -46.90 28.53
C GLY D 78 -8.73 -46.79 28.56
N THR D 79 -8.14 -46.29 27.48
CA THR D 79 -6.71 -46.02 27.42
C THR D 79 -6.49 -44.54 27.14
N TYR D 80 -5.46 -44.23 26.34
CA TYR D 80 -5.19 -42.85 25.93
C TYR D 80 -4.54 -42.83 24.55
N SER D 81 -4.58 -41.67 23.88
CA SER D 81 -3.74 -41.47 22.69
C SER D 81 -2.27 -41.60 23.10
N SER D 82 -1.38 -41.87 22.15
CA SER D 82 -0.02 -42.29 22.49
C SER D 82 0.97 -41.16 22.73
N ASP D 83 0.74 -40.00 22.14
CA ASP D 83 1.57 -38.84 22.46
C ASP D 83 0.97 -38.13 23.66
N ASP D 84 1.74 -38.04 24.73
CA ASP D 84 1.28 -37.29 25.90
C ASP D 84 1.87 -35.88 25.88
N PHE D 85 1.77 -35.16 26.99
CA PHE D 85 2.29 -33.81 27.02
C PHE D 85 3.81 -33.78 26.96
N ASP D 86 4.45 -34.89 27.33
CA ASP D 86 5.90 -35.02 27.24
C ASP D 86 6.34 -35.16 25.76
N THR D 87 5.99 -36.25 25.11
CA THR D 87 6.43 -36.45 23.73
C THR D 87 5.74 -35.45 22.80
N GLY D 88 4.51 -35.06 23.14
CA GLY D 88 3.80 -34.08 22.33
C GLY D 88 4.53 -32.76 22.23
N THR D 89 5.02 -32.26 23.36
CA THR D 89 5.71 -30.97 23.39
C THR D 89 7.13 -31.08 22.85
N ALA D 90 7.75 -32.25 22.99
CA ALA D 90 9.02 -32.51 22.32
C ALA D 90 8.84 -32.35 20.80
N ALA D 91 7.81 -32.99 20.26
CA ALA D 91 7.49 -32.89 18.84
C ALA D 91 7.23 -31.43 18.43
N ALA D 92 6.43 -30.72 19.23
CA ALA D 92 6.15 -29.31 18.97
C ALA D 92 7.44 -28.50 18.87
N LEU D 93 8.27 -28.59 19.89
CA LEU D 93 9.50 -27.82 19.95
C LEU D 93 10.41 -28.11 18.76
N ALA D 94 10.51 -29.37 18.36
CA ALA D 94 11.38 -29.76 17.25
C ALA D 94 10.86 -29.19 15.93
N GLY D 95 9.60 -28.75 15.93
CA GLY D 95 9.00 -28.16 14.75
C GLY D 95 8.87 -26.65 14.86
N GLY D 96 9.53 -26.05 15.84
CA GLY D 96 9.49 -24.61 15.98
C GLY D 96 8.27 -24.08 16.71
N THR D 97 7.44 -24.98 17.22
CA THR D 97 6.23 -24.59 17.94
C THR D 97 6.51 -24.59 19.44
N THR D 98 6.25 -23.44 20.08
CA THR D 98 6.63 -23.24 21.46
C THR D 98 5.45 -23.30 22.43
N MET D 99 4.23 -23.37 21.92
CA MET D 99 3.06 -23.44 22.78
C MET D 99 1.98 -24.30 22.15
N VAL D 100 1.34 -25.15 22.96
CA VAL D 100 0.20 -25.93 22.50
C VAL D 100 -1.03 -25.58 23.32
N VAL D 101 -2.20 -25.65 22.70
CA VAL D 101 -3.45 -25.45 23.45
C VAL D 101 -4.30 -26.73 23.32
N ASP D 102 -4.56 -27.36 24.46
CA ASP D 102 -5.20 -28.67 24.51
C ASP D 102 -6.67 -28.54 24.88
N PHE D 103 -7.45 -29.60 24.68
CA PHE D 103 -8.88 -29.58 25.01
C PHE D 103 -9.21 -30.42 26.26
N VAL D 104 -9.68 -29.75 27.30
CA VAL D 104 -10.15 -30.43 28.50
C VAL D 104 -11.52 -31.05 28.20
N LEU D 105 -11.69 -32.33 28.50
CA LEU D 105 -12.93 -33.03 28.20
C LEU D 105 -13.63 -33.51 29.47
N PRO D 106 -14.64 -32.76 29.92
CA PRO D 106 -15.44 -33.14 31.08
C PRO D 106 -16.56 -34.13 30.72
N ASP D 107 -17.14 -34.79 31.73
CA ASP D 107 -18.32 -35.62 31.51
CA ASP D 107 -18.33 -35.62 31.52
C ASP D 107 -19.53 -34.71 31.33
N SER D 108 -20.62 -35.24 30.79
CA SER D 108 -21.78 -34.43 30.46
C SER D 108 -22.45 -33.80 31.69
N GLU D 109 -22.16 -34.34 32.87
CA GLU D 109 -22.64 -33.77 34.12
C GLU D 109 -22.11 -32.36 34.33
N GLY D 110 -21.01 -32.01 33.66
CA GLY D 110 -20.49 -30.65 33.74
C GLY D 110 -19.50 -30.46 34.87
N ASN D 111 -18.69 -31.48 35.14
CA ASN D 111 -17.62 -31.40 36.15
C ASN D 111 -16.37 -30.72 35.58
N LEU D 112 -16.53 -29.47 35.15
CA LEU D 112 -15.47 -28.77 34.42
C LEU D 112 -14.20 -28.62 35.27
N LEU D 113 -14.36 -28.22 36.52
CA LEU D 113 -13.22 -28.00 37.39
C LEU D 113 -12.50 -29.31 37.70
N ASP D 114 -13.25 -30.38 37.95
CA ASP D 114 -12.63 -31.69 38.16
C ASP D 114 -11.84 -32.11 36.92
N ALA D 115 -12.42 -31.93 35.74
CA ALA D 115 -11.73 -32.26 34.51
C ALA D 115 -10.47 -31.40 34.31
N LEU D 116 -10.59 -30.13 34.63
CA LEU D 116 -9.48 -29.19 34.53
C LEU D 116 -8.29 -29.65 35.39
N GLN D 117 -8.57 -30.08 36.61
CA GLN D 117 -7.53 -30.57 37.50
C GLN D 117 -6.84 -31.80 36.92
N GLU D 118 -7.61 -32.68 36.30
CA GLU D 118 -7.01 -33.86 35.69
C GLU D 118 -6.08 -33.46 34.55
N TRP D 119 -6.48 -32.46 33.77
CA TRP D 119 -5.67 -32.03 32.64
C TRP D 119 -4.41 -31.33 33.13
N PHE D 120 -4.49 -30.60 34.24
CA PHE D 120 -3.29 -30.05 34.85
C PHE D 120 -2.31 -31.17 35.22
N GLN D 121 -2.80 -32.29 35.75
CA GLN D 121 -1.96 -33.45 36.04
C GLN D 121 -1.30 -33.99 34.79
N LYS D 122 -2.04 -34.05 33.70
CA LYS D 122 -1.45 -34.46 32.42
C LYS D 122 -0.33 -33.53 31.98
N ALA D 123 -0.60 -32.23 32.05
CA ALA D 123 0.29 -31.22 31.48
C ALA D 123 1.51 -30.96 32.36
N GLY D 124 1.57 -31.62 33.50
CA GLY D 124 2.73 -31.50 34.35
C GLY D 124 3.98 -31.98 33.65
N LYS D 125 3.80 -32.86 32.65
CA LYS D 125 4.92 -33.38 31.89
C LYS D 125 5.33 -32.48 30.73
N ALA D 126 4.63 -31.37 30.52
CA ALA D 126 4.89 -30.48 29.37
C ALA D 126 6.31 -29.92 29.37
N ARG D 127 6.94 -29.93 28.19
CA ARG D 127 8.32 -29.43 28.06
C ARG D 127 8.33 -27.97 27.62
N THR D 128 7.18 -27.47 27.16
CA THR D 128 7.07 -26.09 26.72
C THR D 128 5.68 -25.58 27.15
N ASP D 129 5.44 -24.29 27.03
CA ASP D 129 4.23 -23.70 27.62
C ASP D 129 2.96 -24.19 26.93
N TYR D 130 1.84 -24.11 27.64
CA TYR D 130 0.58 -24.63 27.16
C TYR D 130 -0.59 -23.85 27.74
N SER D 131 -1.77 -24.05 27.17
CA SER D 131 -2.99 -23.59 27.80
C SER D 131 -4.13 -24.53 27.39
N PHE D 132 -5.33 -24.26 27.88
CA PHE D 132 -6.45 -25.16 27.63
C PHE D 132 -7.63 -24.46 26.98
N HIS D 133 -8.38 -25.23 26.20
CA HIS D 133 -9.77 -24.92 25.90
C HIS D 133 -10.62 -25.81 26.81
N MET D 134 -11.76 -25.32 27.31
CA MET D 134 -12.65 -26.18 28.09
C MET D 134 -13.80 -26.67 27.24
N ALA D 135 -13.91 -27.99 27.04
CA ALA D 135 -15.04 -28.51 26.28
C ALA D 135 -16.30 -28.51 27.14
N ILE D 136 -17.43 -28.38 26.46
CA ILE D 136 -18.75 -28.44 27.08
C ILE D 136 -19.48 -29.59 26.41
N THR D 137 -19.75 -30.64 27.17
CA THR D 137 -20.31 -31.87 26.60
C THR D 137 -21.72 -32.16 27.09
N GLY D 138 -22.40 -31.13 27.55
CA GLY D 138 -23.80 -31.26 27.97
C GLY D 138 -24.28 -29.89 28.41
N TRP D 139 -25.44 -29.84 29.03
CA TRP D 139 -25.89 -28.58 29.59
C TRP D 139 -26.78 -28.79 30.80
N ASN D 140 -26.48 -28.05 31.85
CA ASN D 140 -27.23 -28.12 33.11
C ASN D 140 -26.72 -27.00 34.02
N GLU D 141 -27.28 -26.88 35.21
CA GLU D 141 -26.95 -25.79 36.12
C GLU D 141 -25.47 -25.80 36.53
N ARG D 142 -24.93 -26.99 36.81
CA ARG D 142 -23.53 -27.13 37.21
C ARG D 142 -22.63 -26.59 36.11
N THR D 143 -22.92 -26.97 34.87
CA THR D 143 -22.17 -26.52 33.72
C THR D 143 -22.19 -25.00 33.63
N PHE D 144 -23.39 -24.43 33.70
CA PHE D 144 -23.58 -22.99 33.69
C PHE D 144 -22.73 -22.30 34.77
N ASN D 145 -22.75 -22.85 35.98
CA ASN D 145 -22.02 -22.24 37.08
C ASN D 145 -20.52 -22.35 36.94
N GLU D 146 -20.04 -23.55 36.63
CA GLU D 146 -18.60 -23.80 36.62
C GLU D 146 -17.90 -23.10 35.47
N MET D 147 -18.64 -22.76 34.42
CA MET D 147 -18.05 -21.98 33.32
C MET D 147 -17.45 -20.66 33.83
N ALA D 148 -18.16 -20.02 34.76
CA ALA D 148 -17.71 -18.76 35.35
C ALA D 148 -16.38 -18.95 36.06
N GLU D 149 -16.27 -20.05 36.80
CA GLU D 149 -15.04 -20.32 37.55
CA GLU D 149 -15.06 -20.34 37.55
C GLU D 149 -13.93 -20.73 36.60
N VAL D 150 -14.29 -21.44 35.53
CA VAL D 150 -13.31 -21.82 34.51
C VAL D 150 -12.72 -20.56 33.88
N VAL D 151 -13.56 -19.56 33.61
CA VAL D 151 -13.07 -18.30 33.05
C VAL D 151 -12.13 -17.60 34.05
N LYS D 152 -12.50 -17.64 35.33
CA LYS D 152 -11.66 -17.05 36.36
C LYS D 152 -10.31 -17.74 36.48
N ARG D 153 -10.22 -19.01 36.11
CA ARG D 153 -8.93 -19.71 36.18
CA ARG D 153 -8.95 -19.73 36.15
C ARG D 153 -8.06 -19.40 34.95
N GLY D 154 -8.57 -18.59 34.02
CA GLY D 154 -7.75 -18.18 32.90
C GLY D 154 -7.96 -18.92 31.60
N ILE D 155 -9.12 -19.58 31.49
CA ILE D 155 -9.54 -20.23 30.26
C ILE D 155 -10.74 -19.47 29.65
N ASN D 156 -10.56 -18.90 28.47
CA ASN D 156 -11.60 -18.03 27.90
C ASN D 156 -12.26 -18.59 26.66
N THR D 157 -12.10 -19.89 26.44
CA THR D 157 -12.71 -20.59 25.30
C THR D 157 -13.41 -21.85 25.74
N PHE D 158 -14.53 -22.12 25.09
CA PHE D 158 -15.31 -23.32 25.37
C PHE D 158 -15.61 -24.07 24.07
N KCX D 159 -15.26 -25.34 24.06
CA KCX D 159 -15.30 -26.11 22.86
CB KCX D 159 -14.08 -27.03 22.86
CG KCX D 159 -14.12 -28.04 21.72
CD KCX D 159 -14.19 -27.29 20.37
CE KCX D 159 -14.00 -28.33 19.27
NZ KCX D 159 -12.81 -29.08 19.62
C KCX D 159 -16.60 -26.88 22.80
O KCX D 159 -17.01 -27.49 23.81
CX KCX D 159 -12.41 -30.19 18.80
OQ1 KCX D 159 -13.03 -30.44 17.73
OQ2 KCX D 159 -11.45 -30.93 19.16
N HIS D 160 -17.28 -26.85 21.65
CA HIS D 160 -18.53 -27.61 21.53
C HIS D 160 -18.45 -28.62 20.40
N PHE D 161 -19.01 -29.80 20.62
CA PHE D 161 -19.03 -30.82 19.61
C PHE D 161 -20.45 -31.01 19.05
N MET D 162 -20.59 -30.84 17.73
CA MET D 162 -21.87 -31.05 17.06
C MET D 162 -21.97 -32.49 16.56
N ALA D 163 -20.82 -33.19 16.59
CA ALA D 163 -20.79 -34.60 16.26
C ALA D 163 -20.48 -35.45 17.48
N TYR D 164 -20.07 -36.70 17.23
CA TYR D 164 -19.82 -37.69 18.29
C TYR D 164 -21.06 -37.90 19.16
N LYS D 165 -22.16 -38.25 18.50
CA LYS D 165 -23.43 -38.50 19.17
C LYS D 165 -23.30 -39.58 20.23
N GLY D 166 -23.95 -39.38 21.38
CA GLY D 166 -23.88 -40.32 22.48
C GLY D 166 -22.61 -40.20 23.30
N ALA D 167 -21.69 -39.34 22.88
CA ALA D 167 -20.43 -39.17 23.60
C ALA D 167 -20.21 -37.71 23.97
N LEU D 168 -19.89 -36.87 22.99
CA LEU D 168 -19.54 -35.47 23.25
C LEU D 168 -20.59 -34.46 22.77
N MET D 169 -21.52 -34.94 21.94
CA MET D 169 -22.42 -34.06 21.20
C MET D 169 -23.37 -33.23 22.06
N VAL D 170 -23.56 -31.97 21.70
CA VAL D 170 -24.66 -31.16 22.24
C VAL D 170 -25.62 -30.78 21.11
N ASN D 171 -26.87 -30.45 21.46
CA ASN D 171 -27.86 -30.06 20.45
C ASN D 171 -27.95 -28.55 20.36
N ASP D 172 -28.84 -28.06 19.50
CA ASP D 172 -28.97 -26.63 19.24
C ASP D 172 -29.39 -25.85 20.47
N ASP D 173 -30.26 -26.47 21.27
CA ASP D 173 -30.79 -25.85 22.47
C ASP D 173 -29.67 -25.60 23.48
N GLU D 174 -28.91 -26.66 23.76
CA GLU D 174 -27.78 -26.61 24.68
C GLU D 174 -26.70 -25.67 24.16
N MET D 175 -26.44 -25.74 22.87
CA MET D 175 -25.41 -24.90 22.27
C MET D 175 -25.76 -23.42 22.38
N PHE D 176 -27.03 -23.08 22.15
CA PHE D 176 -27.48 -21.68 22.27
C PHE D 176 -27.35 -21.19 23.70
N ALA D 177 -27.76 -22.00 24.67
CA ALA D 177 -27.61 -21.62 26.07
C ALA D 177 -26.13 -21.42 26.40
N SER D 178 -25.28 -22.34 25.97
CA SER D 178 -23.86 -22.24 26.27
C SER D 178 -23.24 -21.03 25.58
N PHE D 179 -23.63 -20.75 24.33
CA PHE D 179 -23.06 -19.61 23.62
C PHE D 179 -23.45 -18.31 24.31
N GLN D 180 -24.69 -18.25 24.79
CA GLN D 180 -25.15 -17.07 25.53
C GLN D 180 -24.37 -16.88 26.85
N ARG D 181 -24.08 -17.99 27.52
CA ARG D 181 -23.24 -17.93 28.72
C ARG D 181 -21.82 -17.47 28.37
N CYS D 182 -21.28 -17.97 27.26
CA CYS D 182 -19.99 -17.50 26.79
C CYS D 182 -20.00 -15.98 26.60
N ALA D 183 -21.04 -15.48 25.91
CA ALA D 183 -21.15 -14.06 25.63
C ALA D 183 -21.11 -13.27 26.92
N GLU D 184 -21.89 -13.76 27.88
CA GLU D 184 -22.01 -13.14 29.18
C GLU D 184 -20.67 -13.10 29.93
N LEU D 185 -19.87 -14.14 29.80
CA LEU D 185 -18.62 -14.22 30.55
C LEU D 185 -17.46 -13.57 29.79
N GLY D 186 -17.72 -13.17 28.55
CA GLY D 186 -16.66 -12.65 27.69
C GLY D 186 -15.76 -13.77 27.18
N ALA D 187 -16.30 -14.98 27.11
CA ALA D 187 -15.58 -16.11 26.55
C ALA D 187 -15.94 -16.27 25.08
N MET D 188 -15.21 -17.10 24.36
CA MET D 188 -15.51 -17.38 22.96
C MET D 188 -15.67 -18.88 22.73
N PRO D 189 -16.79 -19.28 22.13
CA PRO D 189 -16.98 -20.68 21.78
C PRO D 189 -16.12 -21.17 20.61
N LEU D 190 -15.69 -22.41 20.70
CA LEU D 190 -15.12 -23.14 19.58
C LEU D 190 -16.09 -24.24 19.19
N VAL D 191 -16.10 -24.63 17.91
CA VAL D 191 -16.99 -25.71 17.54
C VAL D 191 -16.34 -26.70 16.57
N HIS D 192 -16.54 -27.98 16.86
CA HIS D 192 -16.33 -29.06 15.90
C HIS D 192 -17.65 -29.22 15.16
N ALA D 193 -17.69 -28.77 13.91
CA ALA D 193 -18.96 -28.64 13.19
C ALA D 193 -19.13 -29.74 12.15
N GLU D 194 -19.78 -30.83 12.56
CA GLU D 194 -20.30 -31.85 11.67
C GLU D 194 -21.68 -32.22 12.20
N ASN D 195 -22.64 -32.51 11.32
CA ASN D 195 -23.96 -32.84 11.84
C ASN D 195 -23.95 -34.25 12.43
N GLY D 196 -23.91 -34.35 13.76
CA GLY D 196 -23.75 -35.63 14.43
C GLY D 196 -24.84 -36.66 14.16
N ASP D 197 -26.07 -36.18 14.02
CA ASP D 197 -27.20 -37.09 13.77
C ASP D 197 -27.10 -37.72 12.39
N ILE D 198 -26.75 -36.92 11.39
CA ILE D 198 -26.66 -37.46 10.04
C ILE D 198 -25.45 -38.40 9.93
N VAL D 199 -24.33 -38.02 10.53
CA VAL D 199 -23.15 -38.89 10.56
C VAL D 199 -23.44 -40.25 11.22
N ALA D 200 -24.13 -40.24 12.35
CA ALA D 200 -24.43 -41.51 13.03
C ALA D 200 -25.28 -42.42 12.14
N GLN D 201 -26.27 -41.84 11.44
CA GLN D 201 -27.13 -42.66 10.58
C GLN D 201 -26.36 -43.17 9.36
N LEU D 202 -25.49 -42.35 8.78
CA LEU D 202 -24.69 -42.79 7.64
C LEU D 202 -23.71 -43.89 8.06
N GLN D 203 -23.14 -43.76 9.24
CA GLN D 203 -22.26 -44.81 9.77
C GLN D 203 -23.01 -46.15 9.82
N ALA D 204 -24.20 -46.15 10.40
CA ALA D 204 -24.98 -47.37 10.55
C ALA D 204 -25.37 -47.95 9.19
N LYS D 205 -25.71 -47.08 8.26
CA LYS D 205 -26.14 -47.51 6.93
C LYS D 205 -24.98 -48.18 6.18
N LEU D 206 -23.82 -47.54 6.21
CA LEU D 206 -22.62 -48.06 5.56
C LEU D 206 -22.21 -49.39 6.18
N MET D 207 -22.23 -49.46 7.51
CA MET D 207 -21.89 -50.70 8.19
C MET D 207 -22.88 -51.79 7.81
N ALA D 208 -24.17 -51.47 7.76
CA ALA D 208 -25.20 -52.45 7.43
C ALA D 208 -25.03 -52.98 6.01
N GLU D 209 -24.43 -52.20 5.13
CA GLU D 209 -24.23 -52.59 3.74
C GLU D 209 -22.87 -53.25 3.48
N GLY D 210 -22.11 -53.49 4.54
CA GLY D 210 -20.79 -54.10 4.42
C GLY D 210 -19.72 -53.12 3.98
N ASN D 211 -20.08 -51.85 3.89
CA ASN D 211 -19.11 -50.80 3.56
C ASN D 211 -18.37 -50.41 4.84
N ASP D 212 -17.44 -51.25 5.27
CA ASP D 212 -16.95 -51.18 6.64
C ASP D 212 -15.47 -50.83 6.78
N GLY D 213 -14.82 -50.54 5.66
CA GLY D 213 -13.41 -50.21 5.64
C GLY D 213 -13.08 -48.78 6.05
N PRO D 214 -11.77 -48.46 6.17
CA PRO D 214 -11.35 -47.11 6.56
C PRO D 214 -11.91 -46.03 5.63
N GLU D 215 -12.00 -46.34 4.33
CA GLU D 215 -12.49 -45.35 3.37
C GLU D 215 -13.94 -44.95 3.64
N ALA D 216 -14.69 -45.84 4.29
CA ALA D 216 -16.09 -45.58 4.58
C ALA D 216 -16.25 -44.57 5.70
N HIS D 217 -15.17 -44.35 6.46
CA HIS D 217 -15.18 -43.29 7.46
C HIS D 217 -15.42 -41.96 6.76
N ALA D 218 -14.67 -41.72 5.69
CA ALA D 218 -14.85 -40.51 4.90
C ALA D 218 -16.26 -40.49 4.26
N TYR D 219 -16.73 -41.65 3.81
CA TYR D 219 -18.07 -41.76 3.21
C TYR D 219 -19.15 -41.36 4.21
N SER D 220 -18.91 -41.64 5.49
CA SER D 220 -19.94 -41.44 6.51
C SER D 220 -20.12 -40.00 6.89
N ARG D 221 -19.20 -39.14 6.48
CA ARG D 221 -19.30 -37.72 6.82
C ARG D 221 -18.74 -36.87 5.69
N PRO D 222 -19.45 -36.83 4.56
CA PRO D 222 -19.01 -36.06 3.38
C PRO D 222 -19.03 -34.56 3.69
N PRO D 223 -18.36 -33.72 2.88
CA PRO D 223 -18.21 -32.29 3.18
C PRO D 223 -19.51 -31.53 3.48
N GLU D 224 -20.63 -31.89 2.84
CA GLU D 224 -21.90 -31.18 3.07
C GLU D 224 -22.31 -31.26 4.54
N VAL D 225 -21.97 -32.37 5.19
CA VAL D 225 -22.33 -32.55 6.59
C VAL D 225 -21.54 -31.57 7.47
N GLU D 226 -20.30 -31.27 7.06
CA GLU D 226 -19.51 -30.29 7.79
C GLU D 226 -19.96 -28.86 7.48
N GLY D 227 -20.19 -28.59 6.19
CA GLY D 227 -20.65 -27.28 5.75
C GLY D 227 -21.96 -26.87 6.43
N GLU D 228 -22.91 -27.80 6.55
CA GLU D 228 -24.18 -27.49 7.22
C GLU D 228 -23.97 -27.08 8.68
N ALA D 229 -23.27 -27.92 9.43
CA ALA D 229 -23.08 -27.68 10.85
C ALA D 229 -22.29 -26.38 11.08
N THR D 230 -21.35 -26.09 10.19
CA THR D 230 -20.61 -24.83 10.30
C THR D 230 -21.58 -23.65 10.19
N ASN D 231 -22.37 -23.69 9.14
CA ASN D 231 -23.38 -22.68 8.92
C ASN D 231 -24.31 -22.54 10.14
N ARG D 232 -24.70 -23.67 10.72
CA ARG D 232 -25.60 -23.65 11.87
C ARG D 232 -24.94 -23.06 13.13
N ALA D 233 -23.72 -23.51 13.42
CA ALA D 233 -23.02 -23.00 14.61
C ALA D 233 -22.84 -21.48 14.50
N ILE D 234 -22.55 -21.01 13.29
CA ILE D 234 -22.39 -19.57 13.06
C ILE D 234 -23.68 -18.81 13.37
N MET D 235 -24.81 -19.29 12.86
CA MET D 235 -26.09 -18.65 13.12
C MET D 235 -26.32 -18.54 14.61
N ILE D 236 -26.06 -19.62 15.32
CA ILE D 236 -26.34 -19.65 16.74
C ILE D 236 -25.42 -18.71 17.52
N ALA D 237 -24.15 -18.69 17.16
CA ALA D 237 -23.18 -17.80 17.81
C ALA D 237 -23.59 -16.34 17.57
N ASP D 238 -23.93 -16.03 16.33
CA ASP D 238 -24.30 -14.66 15.99
C ASP D 238 -25.60 -14.24 16.72
N GLN D 239 -26.58 -15.14 16.83
CA GLN D 239 -27.78 -14.86 17.62
C GLN D 239 -27.44 -14.64 19.10
N ALA D 240 -26.44 -15.35 19.60
CA ALA D 240 -26.05 -15.19 21.01
C ALA D 240 -25.16 -13.94 21.20
N GLY D 241 -24.73 -13.34 20.09
CA GLY D 241 -23.89 -12.15 20.17
C GLY D 241 -22.46 -12.38 20.64
N VAL D 242 -21.88 -13.50 20.25
CA VAL D 242 -20.52 -13.87 20.67
C VAL D 242 -19.73 -14.31 19.43
N PRO D 243 -18.41 -13.99 19.35
CA PRO D 243 -17.63 -14.48 18.21
C PRO D 243 -17.53 -16.00 18.26
N LEU D 244 -17.27 -16.61 17.10
CA LEU D 244 -17.17 -18.06 17.02
C LEU D 244 -15.86 -18.48 16.35
N TYR D 245 -15.25 -19.53 16.86
CA TYR D 245 -14.04 -20.08 16.25
C TYR D 245 -14.34 -21.50 15.76
N VAL D 246 -14.26 -21.68 14.45
CA VAL D 246 -14.51 -22.98 13.88
C VAL D 246 -13.20 -23.74 13.74
N VAL D 247 -13.04 -24.85 14.48
CA VAL D 247 -11.83 -25.64 14.41
C VAL D 247 -11.88 -26.51 13.15
N HIS D 248 -10.69 -26.86 12.66
CA HIS D 248 -10.45 -27.72 11.49
C HIS D 248 -11.47 -27.56 10.36
N VAL D 249 -11.42 -26.39 9.73
CA VAL D 249 -12.16 -26.12 8.51
C VAL D 249 -11.46 -26.91 7.39
N SER D 250 -12.10 -27.96 6.91
CA SER D 250 -11.44 -28.91 6.02
C SER D 250 -11.84 -28.77 4.55
N CYS D 251 -12.94 -28.09 4.28
CA CYS D 251 -13.48 -28.07 2.91
C CYS D 251 -14.07 -26.72 2.51
N GLU D 252 -14.34 -26.58 1.22
CA GLU D 252 -14.90 -25.34 0.69
C GLU D 252 -16.28 -25.04 1.29
N GLN D 253 -17.06 -26.08 1.57
CA GLN D 253 -18.41 -25.85 2.09
C GLN D 253 -18.35 -25.13 3.45
N SER D 254 -17.48 -25.58 4.34
CA SER D 254 -17.41 -24.92 5.63
C SER D 254 -16.72 -23.57 5.48
N HIS D 255 -15.70 -23.51 4.61
CA HIS D 255 -15.02 -22.24 4.35
C HIS D 255 -15.99 -21.18 3.78
N GLU D 256 -16.80 -21.58 2.81
CA GLU D 256 -17.79 -20.67 2.22
C GLU D 256 -18.74 -20.13 3.29
N ALA D 257 -19.16 -20.98 4.22
CA ALA D 257 -20.08 -20.57 5.27
C ALA D 257 -19.43 -19.47 6.11
N ILE D 258 -18.14 -19.62 6.36
CA ILE D 258 -17.40 -18.63 7.14
C ILE D 258 -17.25 -17.32 6.35
N ARG D 259 -16.91 -17.39 5.07
CA ARG D 259 -16.78 -16.18 4.25
C ARG D 259 -18.09 -15.39 4.17
N ARG D 260 -19.18 -16.12 3.97
CA ARG D 260 -20.50 -15.51 3.80
C ARG D 260 -20.89 -14.83 5.12
N ALA D 261 -20.64 -15.50 6.23
CA ALA D 261 -20.95 -14.94 7.54
C ALA D 261 -20.12 -13.67 7.82
N ARG D 262 -18.82 -13.73 7.56
CA ARG D 262 -17.99 -12.54 7.79
C ARG D 262 -18.46 -11.37 6.93
N GLN D 263 -18.91 -11.66 5.72
CA GLN D 263 -19.39 -10.61 4.83
C GLN D 263 -20.72 -10.03 5.34
N LYS D 264 -21.41 -10.75 6.22
CA LYS D 264 -22.61 -10.18 6.84
C LYS D 264 -22.21 -9.38 8.07
N GLY D 265 -20.91 -9.34 8.35
CA GLY D 265 -20.45 -8.62 9.52
C GLY D 265 -20.43 -9.49 10.76
N MET D 266 -20.57 -10.80 10.61
CA MET D 266 -20.48 -11.68 11.78
C MET D 266 -19.01 -11.94 12.11
N ARG D 267 -18.73 -12.09 13.40
CA ARG D 267 -17.38 -12.35 13.85
C ARG D 267 -17.14 -13.86 13.93
N VAL D 268 -16.49 -14.40 12.91
CA VAL D 268 -16.24 -15.84 12.82
C VAL D 268 -14.79 -16.08 12.43
N PHE D 269 -14.10 -16.97 13.15
CA PHE D 269 -12.74 -17.34 12.80
C PHE D 269 -12.70 -18.76 12.26
N GLY D 270 -11.74 -19.07 11.39
CA GLY D 270 -11.64 -20.42 10.84
C GLY D 270 -10.21 -20.94 10.91
N GLU D 271 -10.09 -22.24 11.20
CA GLU D 271 -8.79 -22.85 11.45
C GLU D 271 -8.56 -24.07 10.54
N PRO D 272 -7.81 -23.89 9.44
CA PRO D 272 -7.52 -25.09 8.64
C PRO D 272 -6.32 -25.90 9.21
N LEU D 273 -6.45 -27.22 9.23
CA LEU D 273 -5.35 -28.08 9.64
C LEU D 273 -4.32 -28.24 8.54
N ILE D 274 -3.06 -28.40 8.95
CA ILE D 274 -1.98 -28.59 7.98
C ILE D 274 -2.27 -29.85 7.14
N GLN D 275 -2.90 -30.85 7.74
CA GLN D 275 -3.32 -32.05 7.01
C GLN D 275 -4.27 -31.72 5.87
N HIS D 276 -5.23 -30.86 6.13
CA HIS D 276 -6.27 -30.59 5.12
C HIS D 276 -5.77 -29.62 4.06
N LEU D 277 -4.67 -28.94 4.36
CA LEU D 277 -3.99 -28.10 3.38
C LEU D 277 -3.13 -28.89 2.41
N THR D 278 -2.69 -30.09 2.80
CA THR D 278 -1.65 -30.78 2.02
C THR D 278 -1.87 -32.27 1.75
N LEU D 279 -2.86 -32.86 2.41
CA LEU D 279 -3.16 -34.27 2.21
C LEU D 279 -4.59 -34.40 1.69
N ASP D 280 -4.92 -35.53 1.09
CA ASP D 280 -6.26 -35.71 0.53
C ASP D 280 -6.80 -37.13 0.65
N GLU D 281 -8.09 -37.27 0.36
CA GLU D 281 -8.86 -38.49 0.62
C GLU D 281 -8.38 -39.71 -0.18
N SER D 282 -7.59 -39.51 -1.22
CA SER D 282 -7.09 -40.63 -1.99
C SER D 282 -6.27 -41.55 -1.11
N GLU D 283 -5.71 -41.00 -0.02
CA GLU D 283 -4.97 -41.81 0.95
C GLU D 283 -5.81 -42.96 1.49
N TYR D 284 -7.14 -42.77 1.60
CA TYR D 284 -8.02 -43.81 2.14
C TYR D 284 -8.20 -44.96 1.17
N HIS D 285 -7.82 -44.75 -0.08
CA HIS D 285 -8.01 -45.79 -1.08
C HIS D 285 -6.72 -46.55 -1.38
N ASN D 286 -5.69 -46.28 -0.57
CA ASN D 286 -4.48 -47.11 -0.62
C ASN D 286 -4.86 -48.55 -0.29
N ARG D 287 -4.28 -49.50 -1.02
CA ARG D 287 -4.63 -50.91 -0.87
C ARG D 287 -4.31 -51.49 0.52
N ASP D 288 -3.35 -50.89 1.21
CA ASP D 288 -2.96 -51.40 2.54
C ASP D 288 -3.91 -50.89 3.62
N TRP D 289 -4.52 -51.82 4.37
CA TRP D 289 -5.49 -51.46 5.39
C TRP D 289 -4.88 -50.53 6.44
N ASP D 290 -3.71 -50.91 6.95
CA ASP D 290 -3.00 -50.10 7.93
C ASP D 290 -2.75 -48.67 7.45
N TYR D 291 -2.25 -48.55 6.22
CA TYR D 291 -1.95 -47.25 5.64
C TYR D 291 -3.17 -46.35 5.64
N ALA D 292 -4.30 -46.88 5.18
CA ALA D 292 -5.55 -46.12 5.08
C ALA D 292 -6.11 -45.75 6.46
N ALA D 293 -6.13 -46.73 7.37
CA ALA D 293 -6.65 -46.52 8.72
C ALA D 293 -5.85 -45.50 9.53
N ARG D 294 -4.53 -45.47 9.32
CA ARG D 294 -3.67 -44.51 10.02
C ARG D 294 -4.10 -43.07 9.75
N ARG D 295 -4.63 -42.83 8.55
CA ARG D 295 -5.04 -41.49 8.14
C ARG D 295 -6.45 -41.12 8.55
N VAL D 296 -7.17 -42.04 9.19
CA VAL D 296 -8.54 -41.74 9.63
C VAL D 296 -8.55 -40.67 10.73
N MET D 297 -9.33 -39.62 10.48
CA MET D 297 -9.51 -38.55 11.46
C MET D 297 -10.81 -37.82 11.12
N SER D 298 -11.23 -36.90 11.98
CA SER D 298 -12.48 -36.17 11.74
C SER D 298 -12.26 -34.66 11.90
N PRO D 299 -12.59 -33.89 10.84
CA PRO D 299 -13.08 -34.33 9.54
C PRO D 299 -12.00 -35.09 8.76
N PRO D 300 -12.41 -36.01 7.89
CA PRO D 300 -11.43 -36.83 7.15
C PRO D 300 -10.66 -36.01 6.13
N PHE D 301 -9.55 -36.54 5.64
CA PHE D 301 -8.89 -35.93 4.49
C PHE D 301 -9.95 -35.78 3.41
N ARG D 302 -9.89 -34.69 2.67
CA ARG D 302 -10.92 -34.34 1.69
C ARG D 302 -10.43 -34.47 0.26
N ASP D 303 -11.35 -34.32 -0.68
CA ASP D 303 -10.97 -34.20 -2.08
C ASP D 303 -9.91 -33.12 -2.22
N LYS D 304 -8.83 -33.43 -2.94
CA LYS D 304 -7.70 -32.51 -3.11
C LYS D 304 -8.12 -31.11 -3.57
N LEU D 305 -9.25 -31.03 -4.28
CA LEU D 305 -9.75 -29.74 -4.79
C LEU D 305 -9.97 -28.70 -3.68
N ASN D 306 -10.23 -29.18 -2.46
CA ASN D 306 -10.49 -28.30 -1.32
C ASN D 306 -9.28 -27.53 -0.83
N GLN D 307 -8.09 -28.05 -1.10
CA GLN D 307 -6.87 -27.42 -0.61
C GLN D 307 -6.74 -25.97 -1.04
N ASP D 308 -6.94 -25.68 -2.33
CA ASP D 308 -6.81 -24.33 -2.86
C ASP D 308 -7.73 -23.34 -2.16
N SER D 309 -8.92 -23.79 -1.79
CA SER D 309 -9.86 -22.92 -1.06
C SER D 309 -9.27 -22.53 0.30
N LEU D 310 -8.73 -23.50 1.02
CA LEU D 310 -8.15 -23.21 2.34
C LEU D 310 -6.90 -22.32 2.25
N TRP D 311 -6.03 -22.61 1.29
CA TRP D 311 -4.83 -21.78 1.08
C TRP D 311 -5.24 -20.34 0.77
N ALA D 312 -6.22 -20.15 -0.12
CA ALA D 312 -6.67 -18.79 -0.46
C ALA D 312 -7.23 -18.07 0.76
N GLY D 313 -7.96 -18.79 1.60
CA GLY D 313 -8.50 -18.23 2.83
C GLY D 313 -7.39 -17.70 3.76
N LEU D 314 -6.29 -18.42 3.84
CA LEU D 314 -5.19 -17.95 4.69
C LEU D 314 -4.62 -16.65 4.10
N ALA D 315 -4.46 -16.62 2.78
CA ALA D 315 -3.94 -15.45 2.11
C ALA D 315 -4.95 -14.28 2.15
N ALA D 316 -6.25 -14.58 2.10
CA ALA D 316 -7.31 -13.56 2.07
C ALA D 316 -7.73 -13.07 3.45
N GLY D 317 -7.37 -13.81 4.49
CA GLY D 317 -7.76 -13.46 5.84
C GLY D 317 -9.11 -14.01 6.28
N SER D 318 -9.74 -14.84 5.44
CA SER D 318 -11.02 -15.46 5.83
C SER D 318 -10.81 -16.71 6.68
N LEU D 319 -9.58 -17.22 6.67
CA LEU D 319 -9.14 -18.24 7.63
C LEU D 319 -7.87 -17.71 8.29
N GLN D 320 -7.69 -17.94 9.59
CA GLN D 320 -6.66 -17.21 10.32
C GLN D 320 -5.55 -18.02 10.97
N CYS D 321 -5.79 -19.29 11.30
CA CYS D 321 -4.82 -20.03 12.11
C CYS D 321 -4.63 -21.44 11.58
N VAL D 322 -3.38 -21.85 11.43
CA VAL D 322 -3.09 -23.23 11.05
C VAL D 322 -2.84 -24.03 12.33
N ALA D 323 -3.43 -25.22 12.39
CA ALA D 323 -3.29 -26.10 13.55
C ALA D 323 -3.06 -27.54 13.09
N THR D 324 -3.04 -28.47 14.04
CA THR D 324 -2.83 -29.87 13.67
C THR D 324 -3.87 -30.84 14.20
N ASP D 325 -4.64 -30.44 15.21
CA ASP D 325 -5.57 -31.37 15.86
C ASP D 325 -4.79 -32.63 16.31
N HIS D 326 -3.59 -32.42 16.87
CA HIS D 326 -2.67 -33.52 17.15
C HIS D 326 -3.27 -34.55 18.12
N CYS D 327 -3.50 -35.74 17.61
CA CYS D 327 -4.08 -36.83 18.38
C CYS D 327 -3.52 -38.11 17.80
N ALA D 328 -2.47 -38.65 18.43
CA ALA D 328 -1.67 -39.71 17.82
C ALA D 328 -1.99 -41.10 18.37
N PHE D 329 -2.22 -42.04 17.45
CA PHE D 329 -2.44 -43.42 17.85
C PHE D 329 -1.48 -44.36 17.14
N THR D 330 -1.08 -45.42 17.82
CA THR D 330 -0.23 -46.44 17.22
C THR D 330 -1.01 -47.25 16.21
N THR D 331 -0.29 -47.97 15.36
CA THR D 331 -0.91 -48.87 14.41
C THR D 331 -1.78 -49.90 15.13
N GLU D 332 -1.30 -50.39 16.27
CA GLU D 332 -2.03 -51.39 17.06
C GLU D 332 -3.37 -50.83 17.52
N GLN D 333 -3.37 -49.56 17.93
CA GLN D 333 -4.61 -48.90 18.35
C GLN D 333 -5.56 -48.67 17.15
N LYS D 334 -5.00 -48.26 16.02
CA LYS D 334 -5.82 -48.07 14.82
C LYS D 334 -6.55 -49.35 14.44
N ARG D 335 -5.91 -50.49 14.71
CA ARG D 335 -6.43 -51.80 14.35
C ARG D 335 -7.61 -52.25 15.21
N TYR D 336 -7.95 -51.47 16.22
CA TYR D 336 -9.18 -51.72 16.97
C TYR D 336 -10.38 -51.66 16.04
N GLY D 337 -10.22 -50.96 14.92
CA GLY D 337 -11.29 -50.78 13.94
C GLY D 337 -11.29 -51.72 12.74
N ILE D 338 -10.55 -52.82 12.83
CA ILE D 338 -10.58 -53.82 11.77
C ILE D 338 -12.01 -54.38 11.65
N GLY D 339 -12.57 -54.30 10.45
CA GLY D 339 -13.93 -54.76 10.19
C GLY D 339 -15.00 -53.78 10.63
N ASN D 340 -14.58 -52.65 11.21
CA ASN D 340 -15.55 -51.64 11.63
C ASN D 340 -14.89 -50.26 11.71
N PHE D 341 -15.08 -49.45 10.68
CA PHE D 341 -14.41 -48.16 10.63
C PHE D 341 -14.79 -47.23 11.79
N THR D 342 -15.97 -47.43 12.38
CA THR D 342 -16.39 -46.55 13.48
C THR D 342 -15.56 -46.78 14.76
N LYS D 343 -14.80 -47.87 14.80
CA LYS D 343 -13.96 -48.15 15.97
C LYS D 343 -12.47 -47.84 15.73
N ILE D 344 -12.15 -47.31 14.56
CA ILE D 344 -10.82 -46.81 14.29
C ILE D 344 -10.66 -45.51 15.08
N PRO D 345 -9.70 -45.44 16.02
CA PRO D 345 -9.52 -44.18 16.73
C PRO D 345 -9.21 -43.04 15.77
N ASN D 346 -9.95 -41.93 15.88
CA ASN D 346 -9.78 -40.80 14.97
C ASN D 346 -8.63 -39.91 15.41
N GLY D 347 -7.71 -39.65 14.51
CA GLY D 347 -6.67 -38.68 14.77
C GLY D 347 -5.37 -38.98 14.07
N THR D 348 -4.68 -37.93 13.67
CA THR D 348 -3.33 -38.02 13.13
C THR D 348 -2.50 -37.01 13.88
N GLY D 349 -1.19 -37.22 13.90
CA GLY D 349 -0.32 -36.29 14.59
C GLY D 349 0.29 -35.36 13.56
N GLY D 350 0.50 -34.10 13.93
CA GLY D 350 1.23 -33.18 13.08
C GLY D 350 2.03 -32.08 13.77
N LEU D 351 2.20 -32.16 15.09
CA LEU D 351 2.77 -31.05 15.85
C LEU D 351 4.14 -30.62 15.29
N GLU D 352 5.01 -31.60 15.08
CA GLU D 352 6.36 -31.35 14.59
C GLU D 352 6.36 -30.87 13.14
N GLU D 353 5.37 -31.29 12.38
CA GLU D 353 5.34 -31.06 10.95
C GLU D 353 4.68 -29.74 10.55
N ARG D 354 3.90 -29.15 11.45
CA ARG D 354 3.04 -28.01 11.08
C ARG D 354 3.79 -26.87 10.45
N MET D 355 4.72 -26.26 11.19
CA MET D 355 5.44 -25.11 10.66
C MET D 355 6.39 -25.49 9.49
N PRO D 356 7.17 -26.58 9.62
CA PRO D 356 8.03 -26.89 8.47
C PRO D 356 7.27 -27.19 7.17
N VAL D 357 6.20 -27.97 7.23
CA VAL D 357 5.42 -28.26 6.02
C VAL D 357 4.82 -26.95 5.47
N LEU D 358 4.29 -26.10 6.35
CA LEU D 358 3.69 -24.84 5.89
C LEU D 358 4.70 -23.92 5.23
N TRP D 359 5.92 -23.88 5.75
CA TRP D 359 6.95 -23.02 5.19
C TRP D 359 7.30 -23.44 3.76
N THR D 360 7.56 -24.72 3.57
CA THR D 360 7.94 -25.22 2.26
C THR D 360 6.76 -25.08 1.26
N ARG D 361 5.59 -25.58 1.66
CA ARG D 361 4.40 -25.53 0.80
C ARG D 361 3.79 -24.14 0.63
N GLY D 362 3.99 -23.27 1.60
CA GLY D 362 3.34 -21.96 1.59
C GLY D 362 4.23 -20.77 1.32
N VAL D 363 5.33 -20.67 2.07
CA VAL D 363 6.26 -19.56 1.89
C VAL D 363 7.15 -19.70 0.66
N ARG D 364 7.75 -20.88 0.48
CA ARG D 364 8.67 -21.07 -0.64
C ARG D 364 7.94 -21.02 -1.98
N THR D 365 6.64 -21.29 -1.96
CA THR D 365 5.83 -21.25 -3.19
C THR D 365 5.26 -19.86 -3.47
N GLY D 366 5.29 -18.98 -2.47
CA GLY D 366 4.73 -17.66 -2.62
C GLY D 366 3.23 -17.57 -2.34
N ARG D 367 2.63 -18.66 -1.86
CA ARG D 367 1.20 -18.65 -1.47
C ARG D 367 0.98 -17.78 -0.24
N LEU D 368 1.98 -17.74 0.62
CA LEU D 368 1.94 -16.88 1.80
C LEU D 368 3.21 -16.07 1.83
N THR D 369 3.12 -14.78 2.17
CA THR D 369 4.34 -14.04 2.47
C THR D 369 4.93 -14.61 3.78
N PRO D 370 6.23 -14.38 4.03
CA PRO D 370 6.80 -14.84 5.31
C PRO D 370 6.04 -14.28 6.51
N ASN D 371 5.58 -13.04 6.37
CA ASN D 371 4.83 -12.39 7.43
C ASN D 371 3.48 -13.07 7.65
N GLU D 372 2.83 -13.46 6.58
CA GLU D 372 1.56 -14.19 6.67
C GLU D 372 1.78 -15.54 7.35
N PHE D 373 2.91 -16.17 7.06
CA PHE D 373 3.32 -17.41 7.72
C PHE D 373 3.37 -17.24 9.24
N VAL D 374 3.95 -16.13 9.70
CA VAL D 374 4.01 -15.85 11.14
C VAL D 374 2.61 -15.62 11.68
N ALA D 375 1.79 -14.86 10.94
CA ALA D 375 0.43 -14.58 11.35
C ALA D 375 -0.34 -15.87 11.59
N VAL D 376 -0.28 -16.79 10.64
CA VAL D 376 -1.16 -17.96 10.75
C VAL D 376 -0.54 -19.11 11.54
N THR D 377 0.70 -18.95 12.00
CA THR D 377 1.27 -19.98 12.86
C THR D 377 1.39 -19.56 14.33
N SER D 378 1.32 -18.27 14.64
CA SER D 378 1.40 -17.85 16.04
C SER D 378 0.63 -16.56 16.38
N THR D 379 0.92 -15.47 15.68
CA THR D 379 0.41 -14.16 16.08
C THR D 379 -1.14 -14.05 16.03
N ASN D 380 -1.79 -14.57 15.00
CA ASN D 380 -3.25 -14.50 14.93
C ASN D 380 -3.90 -15.23 16.09
N ILE D 381 -3.48 -16.46 16.35
CA ILE D 381 -4.12 -17.22 17.41
C ILE D 381 -3.82 -16.56 18.76
N ALA D 382 -2.63 -15.99 18.90
CA ALA D 382 -2.30 -15.28 20.14
C ALA D 382 -3.29 -14.13 20.37
N LYS D 383 -3.54 -13.39 19.30
CA LYS D 383 -4.46 -12.27 19.36
C LYS D 383 -5.87 -12.76 19.64
N ILE D 384 -6.26 -13.82 18.95
CA ILE D 384 -7.61 -14.36 19.09
C ILE D 384 -7.84 -14.92 20.49
N LEU D 385 -6.83 -15.56 21.06
CA LEU D 385 -6.99 -16.12 22.40
C LEU D 385 -6.66 -15.11 23.50
N ASN D 386 -6.36 -13.87 23.08
CA ASN D 386 -6.13 -12.72 23.97
C ASN D 386 -4.82 -12.79 24.78
N ILE D 387 -3.79 -13.44 24.23
CA ILE D 387 -2.49 -13.51 24.89
C ILE D 387 -1.38 -12.89 24.05
N TYR D 388 -1.75 -11.96 23.17
CA TYR D 388 -0.80 -11.14 22.42
C TYR D 388 -0.65 -9.83 23.20
N PRO D 389 0.59 -9.34 23.40
CA PRO D 389 1.87 -9.85 22.89
C PRO D 389 2.67 -10.72 23.85
N GLN D 390 2.09 -11.28 24.91
CA GLN D 390 2.88 -12.18 25.74
C GLN D 390 3.42 -13.33 24.87
N LYS D 391 2.55 -13.85 24.00
CA LYS D 391 2.92 -14.87 23.03
C LYS D 391 2.69 -14.37 21.61
N GLY D 392 3.31 -15.03 20.63
CA GLY D 392 3.12 -14.71 19.22
C GLY D 392 3.71 -13.39 18.77
N ALA D 393 4.66 -12.84 19.54
CA ALA D 393 5.19 -11.51 19.24
C ALA D 393 6.69 -11.41 19.39
N VAL D 394 7.32 -10.54 18.60
CA VAL D 394 8.70 -10.13 18.85
C VAL D 394 8.68 -8.64 19.15
N VAL D 395 8.36 -8.32 20.40
CA VAL D 395 8.33 -6.95 20.92
C VAL D 395 8.90 -6.99 22.33
N PRO D 396 9.45 -5.87 22.81
CA PRO D 396 9.97 -5.88 24.18
C PRO D 396 8.88 -6.21 25.19
N GLY D 397 9.19 -7.07 26.16
CA GLY D 397 8.20 -7.48 27.16
C GLY D 397 7.52 -8.79 26.83
N ALA D 398 7.58 -9.21 25.57
CA ALA D 398 7.00 -10.49 25.17
C ALA D 398 7.80 -11.64 25.77
N ASP D 399 7.14 -12.78 26.01
CA ASP D 399 7.88 -13.99 26.37
C ASP D 399 8.85 -14.32 25.25
N ALA D 400 10.07 -14.69 25.60
CA ALA D 400 11.07 -14.99 24.58
C ALA D 400 10.87 -16.38 24.02
N ASP D 401 9.71 -16.57 23.38
CA ASP D 401 9.37 -17.79 22.66
C ASP D 401 9.70 -17.54 21.20
N LEU D 402 10.80 -18.11 20.73
CA LEU D 402 11.35 -17.76 19.42
C LEU D 402 11.83 -18.99 18.68
N VAL D 403 11.76 -18.96 17.35
CA VAL D 403 12.35 -20.02 16.55
C VAL D 403 13.41 -19.42 15.64
N ILE D 404 14.56 -20.07 15.57
CA ILE D 404 15.61 -19.65 14.65
C ILE D 404 15.55 -20.56 13.44
N TRP D 405 15.28 -19.97 12.29
CA TRP D 405 14.92 -20.71 11.07
C TRP D 405 16.01 -20.58 10.00
N ASP D 406 16.63 -21.71 9.66
CA ASP D 406 17.60 -21.75 8.58
C ASP D 406 16.84 -22.01 7.29
N PRO D 407 16.76 -21.01 6.40
CA PRO D 407 15.97 -21.10 5.17
C PRO D 407 16.57 -22.07 4.15
N GLU D 408 17.81 -22.48 4.36
CA GLU D 408 18.52 -23.34 3.41
C GLU D 408 18.61 -24.81 3.77
N THR D 409 18.45 -25.16 5.04
CA THR D 409 18.64 -26.55 5.42
C THR D 409 17.47 -27.43 4.94
N THR D 410 17.78 -28.66 4.58
CA THR D 410 16.77 -29.55 3.99
C THR D 410 16.58 -30.84 4.77
N LYS D 411 15.42 -31.46 4.59
CA LYS D 411 15.18 -32.80 5.11
C LYS D 411 13.97 -33.41 4.42
N LYS D 412 13.84 -34.72 4.50
CA LYS D 412 12.64 -35.41 4.09
C LYS D 412 12.00 -35.95 5.36
N ILE D 413 10.72 -35.65 5.55
CA ILE D 413 10.01 -36.10 6.74
C ILE D 413 9.93 -37.62 6.77
N SER D 414 10.19 -38.21 7.92
CA SER D 414 10.14 -39.65 8.04
C SER D 414 9.79 -40.05 9.45
N ALA D 415 9.04 -41.14 9.56
CA ALA D 415 8.69 -41.71 10.85
C ALA D 415 9.94 -42.12 11.64
N LYS D 416 11.01 -42.50 10.92
CA LYS D 416 12.24 -42.97 11.55
C LYS D 416 12.95 -41.90 12.37
N THR D 417 12.73 -40.63 12.03
CA THR D 417 13.40 -39.51 12.72
C THR D 417 12.49 -38.58 13.50
N GLN D 418 11.18 -38.82 13.49
CA GLN D 418 10.24 -37.91 14.14
C GLN D 418 10.33 -37.98 15.66
N HIS D 419 9.85 -36.93 16.34
CA HIS D 419 9.86 -36.94 17.79
C HIS D 419 8.58 -37.48 18.36
N SER D 420 7.53 -37.56 17.54
CA SER D 420 6.29 -38.19 17.98
C SER D 420 6.54 -39.66 18.32
N SER D 421 5.78 -40.21 19.26
CA SER D 421 6.06 -41.55 19.76
C SER D 421 5.46 -42.66 18.90
N ILE D 422 4.56 -42.33 17.98
CA ILE D 422 3.94 -43.40 17.19
C ILE D 422 4.83 -43.88 16.04
N ASP D 423 4.40 -44.95 15.38
CA ASP D 423 5.27 -45.70 14.48
C ASP D 423 5.15 -45.32 13.01
N TYR D 424 4.38 -44.27 12.71
CA TYR D 424 4.20 -43.81 11.33
C TYR D 424 4.06 -42.30 11.30
N ASN D 425 4.02 -41.74 10.09
CA ASN D 425 3.96 -40.29 9.89
C ASN D 425 3.19 -40.02 8.62
N VAL D 426 2.06 -39.32 8.71
CA VAL D 426 1.22 -39.11 7.54
C VAL D 426 1.86 -38.13 6.58
N PHE D 427 2.94 -37.48 7.00
CA PHE D 427 3.70 -36.60 6.11
C PHE D 427 4.95 -37.30 5.59
N GLU D 428 4.99 -38.63 5.73
CA GLU D 428 6.10 -39.44 5.24
C GLU D 428 6.49 -39.04 3.82
N GLY D 429 7.77 -38.71 3.63
CA GLY D 429 8.28 -38.42 2.30
C GLY D 429 8.21 -36.98 1.84
N PHE D 430 7.56 -36.10 2.61
CA PHE D 430 7.53 -34.68 2.29
C PHE D 430 8.96 -34.13 2.26
N GLU D 431 9.33 -33.52 1.15
CA GLU D 431 10.64 -32.92 1.00
C GLU D 431 10.59 -31.47 1.46
N LEU D 432 11.41 -31.12 2.44
CA LEU D 432 11.35 -29.78 3.01
C LEU D 432 12.64 -28.98 2.81
N LYS D 433 12.49 -27.67 2.71
CA LYS D 433 13.64 -26.78 2.74
C LYS D 433 13.27 -25.57 3.59
N GLY D 434 14.10 -25.28 4.60
CA GLY D 434 13.80 -24.27 5.59
C GLY D 434 13.30 -24.95 6.85
N LEU D 435 14.15 -24.98 7.88
CA LEU D 435 13.85 -25.73 9.09
C LEU D 435 14.26 -24.97 10.34
N PRO D 436 13.53 -25.20 11.43
CA PRO D 436 13.98 -24.69 12.73
C PRO D 436 15.27 -25.40 13.14
N ILE D 437 16.30 -24.63 13.48
CA ILE D 437 17.53 -25.22 13.95
C ILE D 437 17.69 -24.97 15.44
N MET D 438 16.98 -23.97 15.95
CA MET D 438 16.90 -23.77 17.39
C MET D 438 15.53 -23.19 17.80
N THR D 439 14.99 -23.71 18.89
CA THR D 439 13.75 -23.22 19.45
C THR D 439 13.99 -22.75 20.88
N LEU D 440 13.55 -21.54 21.19
CA LEU D 440 13.67 -20.99 22.53
C LEU D 440 12.30 -20.83 23.17
N SER D 441 12.19 -21.28 24.41
CA SER D 441 10.95 -21.14 25.19
C SER D 441 11.26 -20.33 26.44
N ARG D 442 10.63 -19.15 26.53
CA ARG D 442 10.94 -18.16 27.57
C ARG D 442 12.45 -18.03 27.78
N GLY D 443 13.16 -17.88 26.66
CA GLY D 443 14.58 -17.62 26.70
C GLY D 443 15.45 -18.83 26.95
N ARG D 444 14.84 -19.99 27.20
CA ARG D 444 15.62 -21.20 27.42
C ARG D 444 15.75 -21.94 26.10
N ILE D 445 16.96 -22.43 25.81
CA ILE D 445 17.15 -23.27 24.62
C ILE D 445 16.40 -24.58 24.84
N ALA D 446 15.36 -24.78 24.04
CA ALA D 446 14.42 -25.89 24.24
C ALA D 446 14.60 -26.95 23.17
N PHE D 447 15.16 -26.52 22.04
CA PHE D 447 15.49 -27.42 20.95
C PHE D 447 16.74 -26.88 20.26
N ASP D 448 17.69 -27.76 19.99
CA ASP D 448 18.95 -27.33 19.39
C ASP D 448 19.64 -28.46 18.65
N LYS D 449 19.99 -28.19 17.39
CA LYS D 449 20.73 -29.14 16.57
C LYS D 449 20.09 -30.53 16.60
N GLY D 450 18.78 -30.58 16.42
CA GLY D 450 18.05 -31.84 16.40
C GLY D 450 17.74 -32.48 17.74
N GLN D 451 18.15 -31.85 18.83
CA GLN D 451 17.88 -32.38 20.16
C GLN D 451 16.90 -31.53 20.94
N VAL D 452 15.91 -32.20 21.52
CA VAL D 452 15.02 -31.51 22.45
C VAL D 452 15.72 -31.43 23.81
N THR D 453 16.03 -30.22 24.24
CA THR D 453 16.78 -30.01 25.46
C THR D 453 15.87 -29.59 26.62
N ALA D 454 14.67 -29.10 26.32
CA ALA D 454 13.72 -28.81 27.38
C ALA D 454 13.29 -30.12 28.04
N LYS D 455 13.13 -30.10 29.36
CA LYS D 455 12.77 -31.28 30.14
C LYS D 455 11.28 -31.27 30.50
N PRO D 456 10.71 -32.45 30.78
CA PRO D 456 9.32 -32.49 31.26
C PRO D 456 9.17 -31.62 32.50
N GLY D 457 8.11 -30.81 32.53
CA GLY D 457 7.88 -29.90 33.63
C GLY D 457 8.36 -28.48 33.38
N ASP D 458 9.13 -28.28 32.32
CA ASP D 458 9.61 -26.95 31.96
C ASP D 458 8.47 -26.03 31.42
N GLY D 459 7.42 -26.64 30.87
CA GLY D 459 6.30 -25.87 30.37
C GLY D 459 5.40 -25.35 31.50
N ARG D 460 4.85 -24.15 31.33
CA ARG D 460 3.93 -23.63 32.33
C ARG D 460 2.60 -23.23 31.69
N PHE D 461 1.54 -23.27 32.51
CA PHE D 461 0.19 -22.94 32.08
C PHE D 461 0.08 -21.45 31.79
N ILE D 462 -0.47 -21.09 30.63
CA ILE D 462 -0.63 -19.69 30.28
C ILE D 462 -2.08 -19.25 30.53
N GLU D 463 -2.27 -18.38 31.53
CA GLU D 463 -3.59 -17.84 31.84
C GLU D 463 -4.00 -16.80 30.82
N ARG D 464 -5.29 -16.78 30.49
CA ARG D 464 -5.83 -15.88 29.47
C ARG D 464 -7.02 -15.11 30.05
N GLU D 465 -7.11 -13.83 29.72
CA GLU D 465 -8.20 -12.99 30.22
CA GLU D 465 -8.19 -12.96 30.20
C GLU D 465 -9.38 -13.02 29.26
N PRO D 466 -10.60 -12.93 29.81
CA PRO D 466 -11.83 -12.84 29.01
C PRO D 466 -12.00 -11.45 28.40
N ASN D 467 -13.07 -11.27 27.60
CA ASN D 467 -13.41 -9.97 27.00
C ASN D 467 -12.34 -9.34 26.13
N GLY D 468 -11.83 -10.11 25.19
CA GLY D 468 -10.94 -9.56 24.17
C GLY D 468 -11.65 -8.50 23.34
N ALA D 469 -10.88 -7.83 22.50
CA ALA D 469 -11.38 -6.70 21.74
C ALA D 469 -12.56 -7.08 20.84
N VAL D 470 -12.49 -8.22 20.17
CA VAL D 470 -13.55 -8.59 19.23
C VAL D 470 -14.85 -8.94 19.99
N ASN D 471 -14.74 -9.64 21.11
CA ASN D 471 -15.89 -9.86 21.99
C ASN D 471 -16.56 -8.54 22.38
N ARG D 472 -15.75 -7.56 22.77
CA ARG D 472 -16.29 -6.28 23.24
C ARG D 472 -16.97 -5.50 22.12
N ALA D 473 -16.34 -5.48 20.93
CA ALA D 473 -16.92 -4.75 19.81
C ALA D 473 -18.27 -5.36 19.40
N LEU D 474 -18.32 -6.68 19.33
CA LEU D 474 -19.54 -7.35 18.92
C LEU D 474 -20.68 -7.06 19.90
N SER D 475 -20.41 -7.16 21.20
CA SER D 475 -21.41 -6.87 22.21
C SER D 475 -21.91 -5.44 22.06
N GLN D 476 -20.99 -4.51 21.78
CA GLN D 476 -21.38 -3.12 21.60
C GLN D 476 -22.29 -2.98 20.38
N TRP D 477 -21.90 -3.63 19.28
CA TRP D 477 -22.69 -3.54 18.06
C TRP D 477 -24.09 -4.11 18.25
N LYS D 478 -24.18 -5.27 18.92
CA LYS D 478 -25.46 -5.90 19.17
C LYS D 478 -26.35 -4.99 20.00
N GLU D 479 -25.75 -4.26 20.95
CA GLU D 479 -26.55 -3.34 21.74
C GLU D 479 -27.13 -2.23 20.84
N ILE D 480 -26.31 -1.73 19.93
CA ILE D 480 -26.71 -0.66 19.02
C ILE D 480 -27.90 -1.08 18.13
N VAL D 481 -27.87 -2.30 17.60
CA VAL D 481 -28.90 -2.75 16.67
C VAL D 481 -30.01 -3.59 17.32
N ALA D 482 -30.02 -3.68 18.65
CA ALA D 482 -31.01 -4.48 19.37
C ALA D 482 -32.42 -3.98 19.06
N PRO D 483 -33.32 -4.88 18.67
CA PRO D 483 -34.66 -4.46 18.25
C PRO D 483 -35.49 -3.92 19.41
N ARG D 484 -36.20 -2.81 19.17
CA ARG D 484 -36.89 -2.11 20.24
C ARG D 484 -38.41 -2.23 20.13
N LYS D 485 -39.07 -2.26 21.29
CA LYS D 485 -40.51 -2.32 21.37
C LYS D 485 -41.12 -1.07 20.75
N VAL D 486 -42.21 -1.24 20.01
CA VAL D 486 -42.91 -0.11 19.44
C VAL D 486 -43.79 0.53 20.49
N GLU D 487 -43.62 1.83 20.68
CA GLU D 487 -44.41 2.52 21.68
C GLU D 487 -45.82 2.72 21.15
N ARG D 488 -46.81 2.19 21.86
CA ARG D 488 -48.21 2.33 21.44
C ARG D 488 -49.06 2.92 22.57
N SER D 489 -49.66 4.08 22.31
CA SER D 489 -50.59 4.71 23.25
C SER D 489 -51.88 3.88 23.38
N ALA D 490 -52.66 4.14 24.42
CA ALA D 490 -53.92 3.42 24.62
C ALA D 490 -54.92 3.79 23.51
N GLU D 491 -54.70 4.94 22.89
CA GLU D 491 -55.46 5.39 21.73
C GLU D 491 -55.33 4.41 20.56
N HIS D 492 -54.21 3.69 20.54
CA HIS D 492 -53.85 2.77 19.46
C HIS D 492 -53.86 1.31 19.92
N MET D 493 -54.56 1.03 21.02
CA MET D 493 -54.68 -0.33 21.55
C MET D 493 -56.14 -0.79 21.54
N PRO D 494 -56.36 -2.11 21.43
CA PRO D 494 -57.73 -2.65 21.32
C PRO D 494 -58.46 -2.78 22.66
N ALA E 14 17.91 43.68 -18.22
CA ALA E 14 17.10 43.41 -17.03
C ALA E 14 17.94 43.08 -15.78
N SER E 15 17.89 44.00 -14.83
CA SER E 15 18.63 43.89 -13.59
C SER E 15 17.82 43.10 -12.55
N LYS E 16 18.50 42.50 -11.59
CA LYS E 16 17.87 41.81 -10.47
C LYS E 16 18.26 42.42 -9.13
N VAL E 17 17.34 42.48 -8.18
CA VAL E 17 17.74 42.84 -6.84
C VAL E 17 17.33 41.74 -5.88
N ILE E 18 18.30 41.25 -5.10
CA ILE E 18 18.02 40.28 -4.05
C ILE E 18 17.79 41.05 -2.77
N LYS E 19 16.55 41.06 -2.27
CA LYS E 19 16.18 41.92 -1.16
C LYS E 19 15.91 41.14 0.11
N GLY E 20 16.26 41.76 1.23
CA GLY E 20 15.85 41.28 2.54
C GLY E 20 16.73 40.22 3.14
N GLY E 21 17.77 39.80 2.41
CA GLY E 21 18.63 38.72 2.87
C GLY E 21 19.79 39.17 3.74
N THR E 22 20.50 38.20 4.33
CA THR E 22 21.71 38.52 5.08
C THR E 22 22.94 37.99 4.35
N VAL E 23 23.83 38.90 3.99
CA VAL E 23 25.03 38.50 3.27
C VAL E 23 26.04 37.88 4.23
N ILE E 24 26.53 36.70 3.86
CA ILE E 24 27.64 36.08 4.56
C ILE E 24 28.79 35.91 3.57
N THR E 25 29.92 36.53 3.88
CA THR E 25 31.14 36.35 3.11
C THR E 25 32.23 35.80 4.01
N ALA E 26 33.40 35.56 3.43
CA ALA E 26 34.51 35.06 4.20
C ALA E 26 34.92 36.07 5.28
N ASP E 27 34.65 37.36 5.07
CA ASP E 27 35.12 38.35 6.04
C ASP E 27 34.04 38.95 6.96
N ARG E 28 32.77 38.87 6.57
CA ARG E 28 31.74 39.44 7.44
C ARG E 28 30.30 38.98 7.17
N THR E 29 29.43 39.30 8.12
CA THR E 29 28.01 38.98 8.03
C THR E 29 27.19 40.26 8.24
N PHE E 30 26.29 40.58 7.31
CA PHE E 30 25.51 41.81 7.39
C PHE E 30 24.27 41.79 6.49
N ARG E 31 23.19 42.42 6.94
CA ARG E 31 22.00 42.55 6.13
C ARG E 31 22.29 43.55 5.03
N ALA E 32 21.95 43.18 3.81
CA ALA E 32 22.12 44.05 2.65
C ALA E 32 21.30 43.53 1.49
N ASP E 33 20.88 44.45 0.63
CA ASP E 33 20.34 44.08 -0.66
C ASP E 33 21.50 43.94 -1.62
N ILE E 34 21.30 43.15 -2.68
CA ILE E 34 22.31 42.99 -3.72
C ILE E 34 21.71 43.30 -5.08
N LEU E 35 22.26 44.29 -5.78
CA LEU E 35 21.81 44.64 -7.12
C LEU E 35 22.70 43.96 -8.17
N ILE E 36 22.07 43.26 -9.11
CA ILE E 36 22.78 42.51 -10.15
C ILE E 36 22.51 43.09 -11.53
N GLU E 37 23.58 43.47 -12.23
CA GLU E 37 23.49 44.00 -13.60
C GLU E 37 24.54 43.36 -14.50
N ASP E 38 24.13 42.96 -15.69
CA ASP E 38 25.02 42.39 -16.70
C ASP E 38 25.80 41.19 -16.15
N GLY E 39 25.14 40.38 -15.34
CA GLY E 39 25.76 39.19 -14.78
C GLY E 39 26.73 39.45 -13.65
N LYS E 40 26.86 40.71 -13.24
CA LYS E 40 27.82 41.04 -12.18
C LYS E 40 27.09 41.70 -11.03
N ILE E 41 27.73 41.71 -9.86
CA ILE E 41 27.19 42.44 -8.72
C ILE E 41 27.45 43.93 -8.95
N ALA E 42 26.38 44.70 -9.08
CA ALA E 42 26.51 46.12 -9.37
C ALA E 42 26.63 46.94 -8.09
N ALA E 43 25.86 46.56 -7.08
CA ALA E 43 25.85 47.29 -5.82
C ALA E 43 25.34 46.42 -4.66
N ILE E 44 25.85 46.71 -3.47
CA ILE E 44 25.47 46.05 -2.24
C ILE E 44 25.15 47.13 -1.22
N GLY E 45 23.95 47.11 -0.64
CA GLY E 45 23.55 48.17 0.25
C GLY E 45 22.21 48.00 0.94
N ASP E 46 21.86 48.99 1.76
CA ASP E 46 20.74 48.90 2.68
C ASP E 46 19.40 48.66 1.99
N SER E 47 19.04 49.51 1.05
CA SER E 47 17.81 49.30 0.30
C SER E 47 18.04 49.66 -1.16
N LEU E 48 17.96 48.65 -2.02
CA LEU E 48 18.25 48.84 -3.43
C LEU E 48 17.04 48.45 -4.26
N GLU E 49 16.94 49.02 -5.45
CA GLU E 49 15.87 48.66 -6.37
C GLU E 49 16.45 48.14 -7.67
N GLY E 50 15.70 47.27 -8.35
CA GLY E 50 16.12 46.68 -9.60
C GLY E 50 14.89 46.22 -10.35
N ASP E 51 15.06 45.86 -11.61
CA ASP E 51 13.94 45.52 -12.49
C ASP E 51 13.16 44.31 -11.97
N GLU E 52 13.89 43.31 -11.48
CA GLU E 52 13.26 42.10 -10.98
C GLU E 52 13.67 41.85 -9.53
N VAL E 53 12.69 41.54 -8.69
CA VAL E 53 12.95 41.40 -7.27
C VAL E 53 12.97 39.94 -6.83
N ILE E 54 14.03 39.56 -6.13
CA ILE E 54 14.15 38.24 -5.54
C ILE E 54 14.11 38.37 -4.01
N ASP E 55 13.12 37.74 -3.38
CA ASP E 55 12.93 37.87 -1.96
C ASP E 55 13.82 36.90 -1.18
N ALA E 56 14.75 37.44 -0.41
CA ALA E 56 15.66 36.61 0.38
C ALA E 56 15.42 36.77 1.89
N SER E 57 14.23 37.24 2.24
CA SER E 57 13.85 37.41 3.64
C SER E 57 14.01 36.11 4.40
N GLY E 58 14.60 36.20 5.58
CA GLY E 58 14.85 35.03 6.40
C GLY E 58 15.97 34.14 5.89
N CYS E 59 16.66 34.57 4.84
CA CYS E 59 17.71 33.75 4.24
C CYS E 59 19.11 34.38 4.31
N TYR E 60 20.12 33.54 4.09
CA TYR E 60 21.48 34.01 3.91
C TYR E 60 21.83 34.08 2.43
N VAL E 61 22.69 35.03 2.05
CA VAL E 61 23.18 35.08 0.69
C VAL E 61 24.70 34.94 0.73
N MET E 62 25.21 33.93 0.05
CA MET E 62 26.63 33.62 0.06
C MET E 62 27.18 33.51 -1.36
N PRO E 63 28.50 33.68 -1.53
CA PRO E 63 29.07 33.37 -2.84
C PRO E 63 28.75 31.94 -3.22
N GLY E 64 28.43 31.69 -4.49
CA GLY E 64 28.24 30.32 -4.94
C GLY E 64 29.48 29.50 -4.68
N GLY E 65 29.30 28.23 -4.35
CA GLY E 65 30.42 27.36 -4.06
C GLY E 65 31.32 27.12 -5.26
N ILE E 66 32.60 26.97 -4.99
CA ILE E 66 33.54 26.55 -6.01
C ILE E 66 34.12 25.21 -5.57
N ASP E 67 33.89 24.19 -6.38
CA ASP E 67 34.42 22.87 -6.10
C ASP E 67 35.62 22.65 -7.01
N PRO E 68 36.84 22.70 -6.46
CA PRO E 68 38.09 22.71 -7.25
C PRO E 68 38.54 21.34 -7.73
N HIS E 69 37.70 20.33 -7.55
CA HIS E 69 38.14 18.95 -7.77
C HIS E 69 37.05 18.08 -8.35
N THR E 70 36.94 18.04 -9.67
CA THR E 70 35.95 17.16 -10.26
C THR E 70 36.53 16.37 -11.40
N HIS E 71 35.86 15.26 -11.70
CA HIS E 71 36.21 14.40 -12.82
C HIS E 71 34.95 14.02 -13.59
N LEU E 72 34.43 14.97 -14.35
CA LEU E 72 33.19 14.75 -15.08
C LEU E 72 33.50 14.11 -16.43
N GLN E 73 32.72 13.09 -16.77
CA GLN E 73 32.94 12.27 -17.97
C GLN E 73 34.42 11.89 -18.15
N MET E 74 34.99 11.35 -17.08
CA MET E 74 36.38 10.92 -17.09
C MET E 74 36.54 9.60 -17.82
N PRO E 75 37.56 9.48 -18.67
CA PRO E 75 37.78 8.23 -19.41
C PRO E 75 38.17 7.10 -18.48
N PHE E 76 37.45 5.98 -18.55
CA PHE E 76 37.82 4.78 -17.82
C PHE E 76 37.43 3.50 -18.57
N MET E 77 38.42 2.63 -18.78
CA MET E 77 38.21 1.29 -19.33
C MET E 77 37.39 1.30 -20.61
N GLY E 78 37.67 2.25 -21.49
CA GLY E 78 37.01 2.32 -22.78
C GLY E 78 35.65 2.98 -22.71
N THR E 79 35.24 3.36 -21.50
CA THR E 79 33.99 4.09 -21.31
C THR E 79 34.24 5.46 -20.68
N TYR E 80 33.33 5.87 -19.80
CA TYR E 80 33.47 7.11 -19.05
C TYR E 80 32.78 6.97 -17.70
N SER E 81 33.13 7.83 -16.73
CA SER E 81 32.32 7.94 -15.50
C SER E 81 30.91 8.36 -15.89
N SER E 82 29.95 8.14 -15.00
CA SER E 82 28.55 8.28 -15.38
C SER E 82 28.02 9.70 -15.31
N ASP E 83 28.61 10.54 -14.46
CA ASP E 83 28.24 11.96 -14.46
C ASP E 83 29.14 12.73 -15.42
N ASP E 84 28.52 13.35 -16.43
CA ASP E 84 29.25 14.20 -17.37
C ASP E 84 29.11 15.65 -16.90
N PHE E 85 29.50 16.61 -17.74
CA PHE E 85 29.45 18.01 -17.33
C PHE E 85 28.01 18.53 -17.22
N ASP E 86 27.10 17.83 -17.87
CA ASP E 86 25.67 18.15 -17.79
C ASP E 86 25.10 17.76 -16.43
N THR E 87 25.08 16.46 -16.13
CA THR E 87 24.48 16.03 -14.89
C THR E 87 25.33 16.49 -13.70
N GLY E 88 26.65 16.53 -13.90
CA GLY E 88 27.55 16.98 -12.85
C GLY E 88 27.28 18.41 -12.39
N THR E 89 27.06 19.31 -13.34
CA THR E 89 26.79 20.71 -12.97
C THR E 89 25.36 20.90 -12.48
N ALA E 90 24.43 20.06 -12.94
CA ALA E 90 23.09 20.03 -12.37
C ALA E 90 23.20 19.70 -10.87
N ALA E 91 23.95 18.66 -10.54
CA ALA E 91 24.20 18.29 -9.13
C ALA E 91 24.85 19.43 -8.36
N ALA E 92 25.90 20.02 -8.92
CA ALA E 92 26.57 21.15 -8.28
C ALA E 92 25.58 22.27 -7.96
N LEU E 93 24.83 22.71 -8.96
CA LEU E 93 23.90 23.84 -8.77
C LEU E 93 22.84 23.55 -7.71
N ALA E 94 22.32 22.32 -7.68
CA ALA E 94 21.32 21.95 -6.70
C ALA E 94 21.91 21.96 -5.28
N GLY E 95 23.23 21.99 -5.20
CA GLY E 95 23.91 22.01 -3.92
C GLY E 95 24.53 23.35 -3.60
N GLY E 96 24.16 24.37 -4.37
CA GLY E 96 24.66 25.72 -4.13
C GLY E 96 26.04 26.02 -4.72
N THR E 97 26.59 25.06 -5.47
CA THR E 97 27.92 25.23 -6.07
C THR E 97 27.80 25.73 -7.52
N THR E 98 28.45 26.84 -7.81
CA THR E 98 28.27 27.53 -9.09
C THR E 98 29.44 27.37 -10.04
N MET E 99 30.51 26.75 -9.56
CA MET E 99 31.67 26.54 -10.42
C MET E 99 32.36 25.23 -10.07
N VAL E 100 32.77 24.50 -11.10
CA VAL E 100 33.58 23.30 -10.88
C VAL E 100 34.91 23.48 -11.59
N VAL E 101 35.97 22.87 -11.05
CA VAL E 101 37.25 22.86 -11.74
C VAL E 101 37.63 21.40 -11.97
N ASP E 102 37.76 21.04 -13.24
CA ASP E 102 37.95 19.66 -13.64
C ASP E 102 39.41 19.41 -14.01
N PHE E 103 39.78 18.13 -14.14
CA PHE E 103 41.16 17.78 -14.46
C PHE E 103 41.29 17.25 -15.87
N VAL E 104 42.02 17.99 -16.71
CA VAL E 104 42.37 17.52 -18.04
C VAL E 104 43.46 16.45 -17.92
N LEU E 105 43.24 15.31 -18.57
CA LEU E 105 44.18 14.18 -18.49
C LEU E 105 44.83 13.85 -19.84
N PRO E 106 46.05 14.37 -20.06
CA PRO E 106 46.74 14.11 -21.33
C PRO E 106 47.47 12.79 -21.27
N ASP E 107 47.90 12.30 -22.43
CA ASP E 107 48.72 11.11 -22.44
CA ASP E 107 48.74 11.11 -22.50
C ASP E 107 50.16 11.47 -22.07
N SER E 108 50.93 10.48 -21.67
CA SER E 108 52.25 10.74 -21.11
C SER E 108 53.20 11.38 -22.15
N GLU E 109 52.85 11.25 -23.42
CA GLU E 109 53.61 11.90 -24.50
C GLU E 109 53.60 13.42 -24.33
N GLY E 110 52.61 13.92 -23.59
CA GLY E 110 52.53 15.34 -23.29
C GLY E 110 51.71 16.12 -24.30
N ASN E 111 50.65 15.51 -24.82
CA ASN E 111 49.74 16.21 -25.74
C ASN E 111 48.74 17.10 -24.95
N LEU E 112 49.26 18.08 -24.22
CA LEU E 112 48.43 18.88 -23.30
C LEU E 112 47.34 19.63 -24.03
N LEU E 113 47.70 20.27 -25.14
CA LEU E 113 46.75 21.07 -25.90
C LEU E 113 45.69 20.22 -26.57
N ASP E 114 46.08 19.06 -27.11
CA ASP E 114 45.11 18.15 -27.67
C ASP E 114 44.12 17.68 -26.61
N ALA E 115 44.64 17.34 -25.43
CA ALA E 115 43.79 16.93 -24.34
C ALA E 115 42.84 18.05 -23.93
N LEU E 116 43.35 19.27 -23.91
CA LEU E 116 42.56 20.44 -23.56
C LEU E 116 41.37 20.63 -24.51
N GLN E 117 41.58 20.50 -25.81
CA GLN E 117 40.47 20.59 -26.78
CA GLN E 117 40.46 20.63 -26.75
C GLN E 117 39.41 19.55 -26.46
N GLU E 118 39.85 18.33 -26.18
CA GLU E 118 38.90 17.27 -25.86
C GLU E 118 38.09 17.60 -24.59
N TRP E 119 38.73 18.21 -23.58
CA TRP E 119 37.98 18.55 -22.38
C TRP E 119 37.02 19.72 -22.64
N PHE E 120 37.39 20.65 -23.52
CA PHE E 120 36.47 21.70 -23.95
C PHE E 120 35.21 21.14 -24.61
N GLN E 121 35.34 20.07 -25.39
CA GLN E 121 34.17 19.37 -25.94
C GLN E 121 33.27 18.83 -24.85
N LYS E 122 33.87 18.20 -23.84
CA LYS E 122 33.10 17.68 -22.71
C LYS E 122 32.36 18.80 -22.00
N ALA E 123 33.07 19.91 -21.79
CA ALA E 123 32.55 20.96 -20.95
C ALA E 123 31.51 21.82 -21.68
N GLY E 124 31.29 21.53 -22.95
CA GLY E 124 30.27 22.21 -23.72
C GLY E 124 28.89 21.97 -23.13
N LYS E 125 28.75 20.85 -22.41
CA LYS E 125 27.50 20.50 -21.76
C LYS E 125 27.32 21.13 -20.38
N ALA E 126 28.31 21.90 -19.92
CA ALA E 126 28.25 22.51 -18.59
C ALA E 126 27.05 23.44 -18.46
N ARG E 127 26.35 23.33 -17.34
CA ARG E 127 25.21 24.19 -17.02
C ARG E 127 25.64 25.39 -16.20
N THR E 128 26.84 25.34 -15.65
CA THR E 128 27.36 26.47 -14.88
C THR E 128 28.87 26.60 -15.17
N ASP E 129 29.47 27.70 -14.73
CA ASP E 129 30.83 28.03 -15.14
C ASP E 129 31.82 27.00 -14.64
N TYR E 130 32.94 26.93 -15.33
CA TYR E 130 33.94 25.90 -15.01
C TYR E 130 35.31 26.39 -15.38
N SER E 131 36.33 25.67 -14.89
CA SER E 131 37.69 25.86 -15.38
C SER E 131 38.45 24.51 -15.27
N PHE E 132 39.72 24.51 -15.65
CA PHE E 132 40.49 23.26 -15.68
C PHE E 132 41.79 23.33 -14.89
N HIS E 133 42.20 22.18 -14.38
CA HIS E 133 43.58 21.92 -14.01
C HIS E 133 44.16 21.10 -15.15
N MET E 134 45.42 21.32 -15.49
CA MET E 134 46.08 20.48 -16.49
C MET E 134 46.96 19.45 -15.81
N ALA E 135 46.65 18.17 -16.00
CA ALA E 135 47.48 17.12 -15.43
C ALA E 135 48.74 16.96 -16.28
N ILE E 136 49.81 16.54 -15.63
CA ILE E 136 51.10 16.24 -16.26
C ILE E 136 51.41 14.79 -15.91
N THR E 137 51.38 13.93 -16.92
CA THR E 137 51.47 12.49 -16.70
C THR E 137 52.73 11.87 -17.30
N GLY E 138 53.74 12.70 -17.51
CA GLY E 138 55.04 12.24 -17.99
C GLY E 138 55.96 13.43 -18.02
N TRP E 139 57.13 13.29 -18.63
CA TRP E 139 58.00 14.44 -18.79
C TRP E 139 58.86 14.26 -20.02
N ASN E 140 58.89 15.31 -20.84
CA ASN E 140 59.66 15.37 -22.08
C ASN E 140 59.61 16.81 -22.58
N GLU E 141 60.28 17.06 -23.70
CA GLU E 141 60.34 18.41 -24.24
C GLU E 141 58.95 18.92 -24.65
N ARG E 142 58.12 18.05 -25.21
CA ARG E 142 56.77 18.43 -25.61
C ARG E 142 55.97 18.91 -24.40
N THR E 143 56.04 18.17 -23.31
CA THR E 143 55.36 18.54 -22.09
C THR E 143 55.84 19.91 -21.59
N PHE E 144 57.15 20.07 -21.52
CA PHE E 144 57.78 21.32 -21.10
C PHE E 144 57.29 22.51 -21.93
N ASN E 145 57.27 22.35 -23.24
CA ASN E 145 56.88 23.44 -24.12
C ASN E 145 55.38 23.76 -24.03
N GLU E 146 54.54 22.74 -24.07
CA GLU E 146 53.10 22.98 -24.12
C GLU E 146 52.58 23.54 -22.80
N MET E 147 53.31 23.33 -21.71
CA MET E 147 52.94 23.91 -20.43
C MET E 147 52.86 25.44 -20.52
N ALA E 148 53.80 26.04 -21.24
CA ALA E 148 53.81 27.49 -21.42
C ALA E 148 52.54 27.95 -22.14
N GLU E 149 52.14 27.21 -23.17
CA GLU E 149 50.94 27.53 -23.93
C GLU E 149 49.68 27.31 -23.11
N VAL E 150 49.67 26.26 -22.30
CA VAL E 150 48.52 25.96 -21.43
C VAL E 150 48.30 27.13 -20.46
N VAL E 151 49.39 27.68 -19.94
CA VAL E 151 49.28 28.83 -19.05
C VAL E 151 48.68 30.03 -19.79
N LYS E 152 49.12 30.25 -21.03
CA LYS E 152 48.60 31.33 -21.84
C LYS E 152 47.12 31.16 -22.13
N ARG E 153 46.63 29.93 -22.13
CA ARG E 153 45.22 29.67 -22.40
CA ARG E 153 45.21 29.67 -22.41
C ARG E 153 44.35 29.86 -21.16
N GLY E 154 44.97 30.25 -20.05
CA GLY E 154 44.22 30.56 -18.83
C GLY E 154 44.14 29.47 -17.78
N ILE E 155 45.03 28.50 -17.87
CA ILE E 155 45.13 27.47 -16.85
C ILE E 155 46.43 27.62 -16.08
N ASN E 156 46.37 27.89 -14.78
CA ASN E 156 47.60 28.19 -14.03
C ASN E 156 47.98 27.13 -13.00
N THR E 157 47.41 25.93 -13.14
CA THR E 157 47.68 24.83 -12.25
C THR E 157 48.00 23.55 -13.02
N PHE E 158 48.93 22.77 -12.47
CA PHE E 158 49.33 21.52 -13.08
C PHE E 158 49.30 20.36 -12.07
N KCX E 159 48.54 19.33 -12.41
CA KCX E 159 48.26 18.26 -11.52
CB KCX E 159 46.81 17.78 -11.76
CG KCX E 159 46.52 16.45 -11.04
CD KCX E 159 46.60 16.64 -9.50
CE KCX E 159 45.93 15.45 -8.83
NZ KCX E 159 44.53 15.41 -9.23
C KCX E 159 49.25 17.15 -11.72
O KCX E 159 49.54 16.77 -12.88
CX KCX E 159 43.69 14.36 -8.71
OQ1 KCX E 159 42.60 14.06 -9.27
OQ2 KCX E 159 44.04 13.70 -7.70
N HIS E 160 49.79 16.62 -10.63
CA HIS E 160 50.74 15.52 -10.69
C HIS E 160 50.24 14.37 -9.84
N PHE E 161 50.42 13.15 -10.37
CA PHE E 161 50.05 11.92 -9.68
C PHE E 161 51.27 11.16 -9.22
N MET E 162 51.34 10.90 -7.92
CA MET E 162 52.44 10.12 -7.36
C MET E 162 52.05 8.64 -7.27
N ALA E 163 50.77 8.37 -7.46
CA ALA E 163 50.26 6.99 -7.55
C ALA E 163 49.78 6.68 -8.97
N TYR E 164 48.99 5.61 -9.08
CA TYR E 164 48.53 5.08 -10.38
C TYR E 164 49.72 4.72 -11.26
N LYS E 165 50.58 3.84 -10.75
CA LYS E 165 51.75 3.38 -11.47
C LYS E 165 51.37 2.74 -12.79
N GLY E 166 52.14 3.01 -13.84
CA GLY E 166 51.83 2.45 -15.15
C GLY E 166 50.74 3.20 -15.89
N ALA E 167 50.15 4.21 -15.27
CA ALA E 167 49.11 5.00 -15.92
C ALA E 167 49.38 6.50 -15.88
N LEU E 168 49.26 7.11 -14.70
CA LEU E 168 49.37 8.56 -14.57
C LEU E 168 50.64 9.00 -13.82
N MET E 169 51.29 8.04 -13.18
CA MET E 169 52.34 8.33 -12.21
C MET E 169 53.59 9.00 -12.79
N VAL E 170 54.14 9.98 -12.07
CA VAL E 170 55.47 10.51 -12.36
C VAL E 170 56.43 10.27 -11.18
N ASN E 171 57.73 10.29 -11.44
CA ASN E 171 58.73 10.09 -10.39
C ASN E 171 59.25 11.42 -9.85
N ASP E 172 60.19 11.36 -8.91
CA ASP E 172 60.74 12.57 -8.26
C ASP E 172 61.47 13.47 -9.26
N ASP E 173 62.19 12.84 -10.18
CA ASP E 173 62.99 13.57 -11.14
C ASP E 173 62.08 14.39 -12.05
N GLU E 174 61.07 13.72 -12.61
CA GLU E 174 60.09 14.36 -13.47
C GLU E 174 59.30 15.43 -12.73
N MET E 175 58.88 15.11 -11.51
CA MET E 175 58.11 16.04 -10.70
C MET E 175 58.92 17.30 -10.38
N PHE E 176 60.18 17.12 -10.05
CA PHE E 176 61.04 18.26 -9.76
C PHE E 176 61.21 19.16 -10.98
N ALA E 177 61.42 18.55 -12.14
CA ALA E 177 61.54 19.32 -13.38
C ALA E 177 60.26 20.09 -13.67
N SER E 178 59.12 19.42 -13.52
CA SER E 178 57.83 20.06 -13.77
C SER E 178 57.53 21.19 -12.76
N PHE E 179 57.85 20.96 -11.50
CA PHE E 179 57.59 21.98 -10.47
C PHE E 179 58.44 23.23 -10.76
N GLN E 180 59.68 23.03 -11.22
CA GLN E 180 60.55 24.15 -11.58
C GLN E 180 59.99 24.91 -12.77
N ARG E 181 59.43 24.17 -13.72
CA ARG E 181 58.76 24.78 -14.87
C ARG E 181 57.52 25.56 -14.39
N CYS E 182 56.78 25.00 -13.44
CA CYS E 182 55.66 25.73 -12.83
C CYS E 182 56.13 27.06 -12.23
N ALA E 183 57.22 26.98 -11.47
CA ALA E 183 57.80 28.13 -10.79
C ALA E 183 58.11 29.22 -11.80
N GLU E 184 58.73 28.80 -12.90
CA GLU E 184 59.12 29.68 -13.99
C GLU E 184 57.93 30.36 -14.70
N LEU E 185 56.83 29.64 -14.86
CA LEU E 185 55.67 30.16 -15.59
C LEU E 185 54.70 30.89 -14.67
N GLY E 186 54.99 30.85 -13.37
CA GLY E 186 54.07 31.41 -12.38
C GLY E 186 52.84 30.55 -12.16
N ALA E 187 52.95 29.26 -12.46
CA ALA E 187 51.86 28.32 -12.23
C ALA E 187 52.05 27.66 -10.88
N MET E 188 51.02 26.95 -10.42
CA MET E 188 51.10 26.23 -9.16
C MET E 188 50.80 24.75 -9.38
N PRO E 189 51.70 23.86 -8.89
CA PRO E 189 51.44 22.42 -8.97
C PRO E 189 50.38 21.94 -7.96
N LEU E 190 49.56 20.97 -8.37
CA LEU E 190 48.68 20.21 -7.49
C LEU E 190 49.22 18.81 -7.43
N VAL E 191 48.98 18.09 -6.35
CA VAL E 191 49.50 16.74 -6.31
C VAL E 191 48.51 15.76 -5.70
N HIS E 192 48.37 14.60 -6.34
CA HIS E 192 47.76 13.43 -5.71
C HIS E 192 48.88 12.66 -5.02
N ALA E 193 48.92 12.71 -3.70
CA ALA E 193 50.08 12.20 -2.95
C ALA E 193 49.83 10.88 -2.24
N GLU E 194 50.14 9.79 -2.93
CA GLU E 194 50.25 8.44 -2.37
C GLU E 194 51.48 7.83 -3.02
N ASN E 195 52.25 7.03 -2.28
CA ASN E 195 53.42 6.44 -2.91
C ASN E 195 53.03 5.31 -3.85
N GLY E 196 53.10 5.59 -5.15
CA GLY E 196 52.62 4.66 -6.15
C GLY E 196 53.32 3.32 -6.19
N ASP E 197 54.62 3.31 -5.90
CA ASP E 197 55.38 2.06 -5.91
C ASP E 197 54.96 1.13 -4.77
N ILE E 198 54.79 1.70 -3.59
CA ILE E 198 54.42 0.88 -2.44
C ILE E 198 52.97 0.40 -2.61
N VAL E 199 52.07 1.26 -3.09
CA VAL E 199 50.69 0.85 -3.35
C VAL E 199 50.59 -0.32 -4.34
N ALA E 200 51.34 -0.23 -5.44
CA ALA E 200 51.30 -1.29 -6.44
C ALA E 200 51.73 -2.63 -5.84
N GLN E 201 52.76 -2.59 -5.00
CA GLN E 201 53.25 -3.83 -4.41
C GLN E 201 52.28 -4.37 -3.37
N LEU E 202 51.64 -3.49 -2.59
CA LEU E 202 50.65 -3.96 -1.62
C LEU E 202 49.42 -4.54 -2.31
N GLN E 203 49.00 -3.92 -3.40
CA GLN E 203 47.87 -4.44 -4.19
C GLN E 203 48.13 -5.87 -4.62
N ALA E 204 49.30 -6.10 -5.22
CA ALA E 204 49.65 -7.43 -5.74
C ALA E 204 49.73 -8.44 -4.60
N LYS E 205 50.31 -8.00 -3.49
CA LYS E 205 50.48 -8.87 -2.34
C LYS E 205 49.15 -9.28 -1.75
N LEU E 206 48.25 -8.30 -1.58
CA LEU E 206 46.94 -8.59 -1.05
C LEU E 206 46.16 -9.54 -1.96
N MET E 207 46.20 -9.28 -3.26
CA MET E 207 45.52 -10.13 -4.24
C MET E 207 46.08 -11.55 -4.18
N ALA E 208 47.40 -11.65 -4.08
CA ALA E 208 48.08 -12.94 -4.01
C ALA E 208 47.66 -13.71 -2.76
N GLU E 209 47.26 -12.99 -1.72
CA GLU E 209 46.86 -13.63 -0.47
C GLU E 209 45.35 -13.91 -0.43
N GLY E 210 44.66 -13.65 -1.53
CA GLY E 210 43.22 -13.86 -1.61
C GLY E 210 42.45 -12.75 -0.92
N ASN E 211 43.15 -11.72 -0.47
CA ASN E 211 42.53 -10.55 0.16
C ASN E 211 42.04 -9.62 -0.94
N ASP E 212 40.90 -9.93 -1.54
CA ASP E 212 40.53 -9.32 -2.82
C ASP E 212 39.24 -8.49 -2.78
N GLY E 213 38.67 -8.32 -1.60
CA GLY E 213 37.42 -7.58 -1.47
C GLY E 213 37.62 -6.08 -1.49
N PRO E 214 36.51 -5.33 -1.50
CA PRO E 214 36.57 -3.87 -1.50
C PRO E 214 37.39 -3.33 -0.33
N GLU E 215 37.30 -3.98 0.83
CA GLU E 215 38.02 -3.52 2.00
C GLU E 215 39.53 -3.52 1.77
N ALA E 216 39.99 -4.40 0.88
CA ALA E 216 41.42 -4.52 0.63
C ALA E 216 41.96 -3.33 -0.16
N HIS E 217 41.08 -2.60 -0.82
CA HIS E 217 41.49 -1.36 -1.48
C HIS E 217 42.08 -0.42 -0.43
N ALA E 218 41.35 -0.28 0.68
CA ALA E 218 41.83 0.52 1.78
C ALA E 218 43.10 -0.08 2.38
N TYR E 219 43.14 -1.41 2.52
CA TYR E 219 44.35 -2.08 3.04
C TYR E 219 45.57 -1.79 2.17
N SER E 220 45.35 -1.65 0.86
CA SER E 220 46.45 -1.54 -0.10
C SER E 220 47.12 -0.16 -0.08
N ARG E 221 46.48 0.80 0.57
CA ARG E 221 47.05 2.15 0.63
C ARG E 221 46.74 2.82 1.96
N PRO E 222 47.33 2.32 3.05
CA PRO E 222 47.08 2.86 4.38
C PRO E 222 47.58 4.32 4.49
N PRO E 223 47.10 5.05 5.50
CA PRO E 223 47.41 6.48 5.65
C PRO E 223 48.90 6.81 5.57
N GLU E 224 49.79 5.94 6.06
CA GLU E 224 51.25 6.26 6.03
C GLU E 224 51.75 6.49 4.62
N VAL E 225 51.17 5.78 3.66
CA VAL E 225 51.56 5.87 2.27
C VAL E 225 51.19 7.25 1.69
N GLU E 226 50.07 7.78 2.16
CA GLU E 226 49.67 9.12 1.74
C GLU E 226 50.52 10.18 2.47
N GLY E 227 50.73 9.98 3.77
CA GLY E 227 51.52 10.90 4.55
C GLY E 227 52.92 11.06 4.00
N GLU E 228 53.53 9.93 3.61
CA GLU E 228 54.88 9.95 3.06
C GLU E 228 54.95 10.79 1.78
N ALA E 229 54.08 10.49 0.83
CA ALA E 229 54.11 11.17 -0.47
C ALA E 229 53.82 12.67 -0.35
N THR E 230 52.93 13.03 0.58
CA THR E 230 52.63 14.43 0.83
C THR E 230 53.90 15.15 1.31
N ASN E 231 54.55 14.57 2.29
CA ASN E 231 55.81 15.09 2.79
C ASN E 231 56.85 15.26 1.66
N ARG E 232 56.93 14.27 0.78
CA ARG E 232 57.87 14.30 -0.33
C ARG E 232 57.50 15.37 -1.37
N ALA E 233 56.22 15.44 -1.74
CA ALA E 233 55.78 16.45 -2.73
C ALA E 233 56.09 17.85 -2.22
N ILE E 234 55.87 18.05 -0.92
CA ILE E 234 56.15 19.32 -0.28
C ILE E 234 57.65 19.69 -0.37
N MET E 235 58.53 18.73 -0.06
CA MET E 235 59.97 19.00 -0.16
C MET E 235 60.34 19.45 -1.56
N ILE E 236 59.84 18.75 -2.57
CA ILE E 236 60.19 19.04 -3.95
C ILE E 236 59.66 20.41 -4.40
N ALA E 237 58.41 20.71 -4.05
CA ALA E 237 57.85 22.02 -4.41
C ALA E 237 58.65 23.15 -3.77
N ASP E 238 58.99 22.99 -2.50
CA ASP E 238 59.74 24.03 -1.82
C ASP E 238 61.15 24.20 -2.41
N GLN E 239 61.79 23.10 -2.78
CA GLN E 239 63.10 23.17 -3.43
C GLN E 239 62.97 23.88 -4.77
N ALA E 240 61.83 23.72 -5.44
CA ALA E 240 61.62 24.38 -6.72
C ALA E 240 61.17 25.84 -6.52
N GLY E 241 60.86 26.21 -5.28
CA GLY E 241 60.46 27.58 -5.01
C GLY E 241 59.06 27.90 -5.52
N VAL E 242 58.15 26.93 -5.44
CA VAL E 242 56.78 27.14 -5.94
C VAL E 242 55.78 26.69 -4.90
N PRO E 243 54.64 27.39 -4.76
CA PRO E 243 53.64 26.90 -3.80
C PRO E 243 53.09 25.56 -4.24
N LEU E 244 52.57 24.78 -3.29
CA LEU E 244 52.01 23.48 -3.63
C LEU E 244 50.61 23.34 -3.08
N TYR E 245 49.73 22.72 -3.86
CA TYR E 245 48.38 22.43 -3.41
C TYR E 245 48.21 20.91 -3.31
N VAL E 246 47.97 20.41 -2.11
CA VAL E 246 47.75 18.96 -1.92
C VAL E 246 46.25 18.64 -1.99
N VAL E 247 45.83 17.90 -3.01
CA VAL E 247 44.41 17.54 -3.14
C VAL E 247 44.08 16.38 -2.20
N HIS E 248 42.81 16.34 -1.81
CA HIS E 248 42.22 15.32 -0.93
C HIS E 248 43.16 14.82 0.18
N VAL E 249 43.44 15.72 1.11
CA VAL E 249 44.12 15.41 2.36
C VAL E 249 43.14 14.64 3.22
N SER E 250 43.38 13.35 3.42
CA SER E 250 42.37 12.47 4.00
C SER E 250 42.64 12.06 5.45
N CYS E 251 43.87 12.28 5.91
CA CYS E 251 44.29 11.73 7.20
C CYS E 251 45.25 12.67 7.95
N GLU E 252 45.46 12.38 9.23
CA GLU E 252 46.31 13.21 10.07
C GLU E 252 47.75 13.19 9.55
N GLN E 253 48.20 12.06 8.99
CA GLN E 253 49.60 12.00 8.51
C GLN E 253 49.85 13.03 7.39
N SER E 254 48.95 13.13 6.42
CA SER E 254 49.19 14.09 5.36
C SER E 254 48.94 15.51 5.88
N HIS E 255 47.95 15.68 6.75
CA HIS E 255 47.70 16.98 7.36
C HIS E 255 48.92 17.44 8.20
N GLU E 256 49.47 16.53 9.00
CA GLU E 256 50.64 16.87 9.81
C GLU E 256 51.81 17.36 8.95
N ALA E 257 52.03 16.70 7.82
CA ALA E 257 53.10 17.10 6.92
C ALA E 257 52.89 18.52 6.43
N ILE E 258 51.63 18.88 6.16
CA ILE E 258 51.32 20.22 5.70
C ILE E 258 51.54 21.27 6.81
N ARG E 259 51.07 20.97 8.02
CA ARG E 259 51.22 21.87 9.16
C ARG E 259 52.69 22.14 9.45
N ARG E 260 53.47 21.06 9.40
CA ARG E 260 54.90 21.11 9.70
C ARG E 260 55.62 21.94 8.65
N ALA E 261 55.25 21.75 7.38
CA ALA E 261 55.81 22.55 6.29
C ALA E 261 55.45 24.05 6.41
N ARG E 262 54.19 24.34 6.72
CA ARG E 262 53.76 25.74 6.86
C ARG E 262 54.50 26.43 8.02
N GLN E 263 54.76 25.69 9.10
CA GLN E 263 55.47 26.27 10.23
C GLN E 263 56.94 26.54 9.88
N LYS E 264 57.44 25.93 8.82
CA LYS E 264 58.80 26.23 8.33
C LYS E 264 58.77 27.38 7.35
N GLY E 265 57.58 27.91 7.09
CA GLY E 265 57.45 28.99 6.15
C GLY E 265 57.24 28.52 4.72
N MET E 266 56.95 27.23 4.54
CA MET E 266 56.67 26.77 3.17
C MET E 266 55.24 27.09 2.77
N ARG E 267 55.04 27.40 1.49
CA ARG E 267 53.69 27.71 1.00
C ARG E 267 53.03 26.43 0.49
N VAL E 268 52.18 25.85 1.32
CA VAL E 268 51.49 24.61 1.01
C VAL E 268 50.02 24.77 1.33
N PHE E 269 49.15 24.38 0.41
CA PHE E 269 47.71 24.37 0.66
C PHE E 269 47.22 22.93 0.77
N GLY E 270 46.14 22.72 1.53
CA GLY E 270 45.57 21.41 1.68
C GLY E 270 44.05 21.42 1.51
N GLU E 271 43.53 20.36 0.91
CA GLU E 271 42.11 20.25 0.52
C GLU E 271 41.47 18.96 1.06
N PRO E 272 40.71 19.06 2.16
CA PRO E 272 39.98 17.86 2.62
C PRO E 272 38.67 17.66 1.83
N LEU E 273 38.35 16.43 1.44
CA LEU E 273 37.07 16.13 0.78
C LEU E 273 35.95 16.05 1.79
N ILE E 274 34.73 16.43 1.39
CA ILE E 274 33.59 16.34 2.30
C ILE E 274 33.43 14.88 2.77
N GLN E 275 33.76 13.93 1.90
CA GLN E 275 33.72 12.52 2.27
C GLN E 275 34.63 12.20 3.46
N HIS E 276 35.84 12.76 3.46
CA HIS E 276 36.80 12.43 4.51
C HIS E 276 36.51 13.19 5.78
N LEU E 277 35.68 14.23 5.67
CA LEU E 277 35.24 14.94 6.86
C LEU E 277 34.13 14.20 7.59
N THR E 278 33.36 13.38 6.88
CA THR E 278 32.10 12.89 7.46
C THR E 278 31.83 11.39 7.31
N LEU E 279 32.64 10.71 6.50
CA LEU E 279 32.47 9.27 6.29
C LEU E 279 33.77 8.57 6.69
N ASP E 280 33.70 7.26 6.97
CA ASP E 280 34.89 6.55 7.45
C ASP E 280 34.97 5.11 6.93
N GLU E 281 36.14 4.48 7.13
CA GLU E 281 36.46 3.17 6.55
C GLU E 281 35.57 2.00 7.00
N SER E 282 34.79 2.19 8.06
CA SER E 282 33.90 1.12 8.50
C SER E 282 32.88 0.78 7.41
N GLU E 283 32.63 1.72 6.50
CA GLU E 283 31.73 1.50 5.36
C GLU E 283 32.15 0.30 4.49
N TYR E 284 33.46 0.06 4.39
CA TYR E 284 34.01 -1.03 3.58
C TYR E 284 33.79 -2.38 4.23
N HIS E 285 33.41 -2.38 5.50
CA HIS E 285 33.22 -3.64 6.20
C HIS E 285 31.75 -4.00 6.29
N ASN E 286 30.92 -3.24 5.59
CA ASN E 286 29.51 -3.61 5.41
C ASN E 286 29.43 -4.97 4.75
N ARG E 287 28.50 -5.81 5.21
CA ARG E 287 28.37 -7.16 4.71
C ARG E 287 27.99 -7.23 3.22
N ASP E 288 27.35 -6.18 2.71
CA ASP E 288 26.94 -6.21 1.30
C ASP E 288 28.07 -5.75 0.37
N TRP E 289 28.42 -6.60 -0.61
CA TRP E 289 29.52 -6.28 -1.51
C TRP E 289 29.30 -4.96 -2.25
N ASP E 290 28.11 -4.80 -2.84
CA ASP E 290 27.76 -3.56 -3.55
C ASP E 290 27.94 -2.34 -2.68
N TYR E 291 27.47 -2.42 -1.44
CA TYR E 291 27.55 -1.29 -0.52
C TYR E 291 29.01 -0.87 -0.35
N ALA E 292 29.87 -1.85 -0.09
CA ALA E 292 31.27 -1.58 0.17
C ALA E 292 32.00 -1.08 -1.08
N ALA E 293 31.75 -1.72 -2.23
CA ALA E 293 32.43 -1.33 -3.46
C ALA E 293 32.08 0.09 -3.88
N ARG E 294 30.85 0.51 -3.61
CA ARG E 294 30.40 1.85 -3.98
C ARG E 294 31.28 2.92 -3.34
N ARG E 295 31.77 2.65 -2.14
CA ARG E 295 32.53 3.64 -1.40
C ARG E 295 34.02 3.65 -1.74
N VAL E 296 34.45 2.75 -2.61
CA VAL E 296 35.84 2.70 -3.02
C VAL E 296 36.25 3.97 -3.78
N MET E 297 37.29 4.63 -3.27
CA MET E 297 37.86 5.80 -3.91
C MET E 297 39.29 5.98 -3.39
N SER E 298 40.04 6.90 -3.99
CA SER E 298 41.42 7.10 -3.57
C SER E 298 41.69 8.57 -3.32
N PRO E 299 42.16 8.91 -2.11
CA PRO E 299 42.40 7.99 -0.99
C PRO E 299 41.09 7.41 -0.43
N PRO E 300 41.14 6.21 0.15
CA PRO E 300 39.93 5.57 0.65
C PRO E 300 39.39 6.27 1.88
N PHE E 301 38.14 6.01 2.22
CA PHE E 301 37.60 6.45 3.50
C PHE E 301 38.55 5.94 4.58
N ARG E 302 38.76 6.76 5.59
CA ARG E 302 39.78 6.49 6.62
C ARG E 302 39.17 6.16 7.96
N ASP E 303 40.02 5.75 8.90
CA ASP E 303 39.62 5.64 10.29
C ASP E 303 38.97 6.96 10.73
N LYS E 304 37.80 6.84 11.37
CA LYS E 304 37.01 8.01 11.80
C LYS E 304 37.78 9.03 12.63
N LEU E 305 38.80 8.57 13.37
CA LEU E 305 39.63 9.45 14.20
C LEU E 305 40.29 10.56 13.37
N ASN E 306 40.49 10.31 12.09
CA ASN E 306 41.09 11.30 11.19
C ASN E 306 40.21 12.51 10.93
N GLN E 307 38.90 12.34 11.09
CA GLN E 307 37.97 13.43 10.79
C GLN E 307 38.24 14.67 11.64
N ASP E 308 38.42 14.51 12.94
CA ASP E 308 38.66 15.65 13.81
C ASP E 308 39.90 16.45 13.41
N SER E 309 40.92 15.75 12.91
CA SER E 309 42.13 16.45 12.45
C SER E 309 41.82 17.37 11.30
N LEU E 310 41.06 16.86 10.34
CA LEU E 310 40.70 17.64 9.16
C LEU E 310 39.79 18.82 9.50
N TRP E 311 38.81 18.59 10.37
CA TRP E 311 37.93 19.68 10.80
C TRP E 311 38.72 20.79 11.49
N ALA E 312 39.61 20.42 12.39
CA ALA E 312 40.43 21.40 13.11
C ALA E 312 41.31 22.20 12.14
N GLY E 313 41.83 21.52 11.12
CA GLY E 313 42.64 22.19 10.11
C GLY E 313 41.86 23.28 9.39
N LEU E 314 40.58 23.02 9.08
CA LEU E 314 39.76 24.04 8.44
C LEU E 314 39.56 25.21 9.39
N ALA E 315 39.33 24.92 10.66
CA ALA E 315 39.14 25.97 11.65
C ALA E 315 40.45 26.76 11.92
N ALA E 316 41.59 26.08 11.85
CA ALA E 316 42.91 26.70 12.15
C ALA E 316 43.55 27.35 10.93
N GLY E 317 43.04 27.01 9.75
CA GLY E 317 43.58 27.56 8.53
C GLY E 317 44.75 26.78 7.95
N SER E 318 45.06 25.62 8.52
CA SER E 318 46.12 24.79 7.96
C SER E 318 45.57 23.96 6.78
N LEU E 319 44.24 23.88 6.67
CA LEU E 319 43.59 23.37 5.45
C LEU E 319 42.60 24.42 4.93
N GLN E 320 42.51 24.62 3.63
CA GLN E 320 41.84 25.81 3.14
C GLN E 320 40.58 25.61 2.31
N CYS E 321 40.45 24.47 1.64
CA CYS E 321 39.38 24.27 0.66
C CYS E 321 38.72 22.91 0.78
N VAL E 322 37.39 22.89 0.83
CA VAL E 322 36.68 21.64 0.81
C VAL E 322 36.25 21.28 -0.63
N ALA E 323 36.45 20.03 -1.03
CA ALA E 323 36.10 19.60 -2.39
C ALA E 323 35.42 18.22 -2.36
N THR E 324 35.16 17.65 -3.53
CA THR E 324 34.49 16.35 -3.57
C THR E 324 35.22 15.27 -4.35
N ASP E 325 36.13 15.66 -5.23
CA ASP E 325 36.79 14.70 -6.12
C ASP E 325 35.68 13.94 -6.85
N HIS E 326 34.68 14.68 -7.29
CA HIS E 326 33.48 14.05 -7.83
C HIS E 326 33.77 13.19 -9.05
N CYS E 327 33.59 11.88 -8.88
CA CYS E 327 33.80 10.92 -9.94
C CYS E 327 32.83 9.75 -9.74
N ALA E 328 31.71 9.80 -10.46
CA ALA E 328 30.58 8.90 -10.18
C ALA E 328 30.47 7.75 -11.15
N PHE E 329 30.37 6.55 -10.58
CA PHE E 329 30.17 5.32 -11.35
C PHE E 329 28.90 4.62 -10.89
N THR E 330 28.23 3.95 -11.83
CA THR E 330 27.06 3.14 -11.50
C THR E 330 27.47 1.87 -10.74
N THR E 331 26.48 1.24 -10.12
CA THR E 331 26.72 -0.03 -9.44
C THR E 331 27.28 -1.07 -10.40
N GLU E 332 26.74 -1.10 -11.62
CA GLU E 332 27.20 -2.04 -12.64
C GLU E 332 28.68 -1.78 -12.96
N GLN E 333 29.08 -0.52 -13.01
CA GLN E 333 30.48 -0.20 -13.25
C GLN E 333 31.36 -0.60 -12.07
N LYS E 334 30.91 -0.34 -10.84
CA LYS E 334 31.67 -0.78 -9.66
C LYS E 334 31.87 -2.29 -9.68
N ARG E 335 30.90 -3.01 -10.22
CA ARG E 335 30.94 -4.47 -10.24
C ARG E 335 31.97 -5.04 -11.21
N TYR E 336 32.61 -4.17 -12.00
CA TYR E 336 33.77 -4.59 -12.80
C TYR E 336 34.87 -5.11 -11.88
N GLY E 337 34.83 -4.71 -10.60
CA GLY E 337 35.84 -5.13 -9.65
C GLY E 337 35.49 -6.32 -8.78
N ILE E 338 34.46 -7.07 -9.16
CA ILE E 338 34.12 -8.26 -8.42
C ILE E 338 35.28 -9.26 -8.45
N GLY E 339 35.73 -9.67 -7.26
CA GLY E 339 36.84 -10.61 -7.15
C GLY E 339 38.21 -10.00 -7.32
N ASN E 340 38.25 -8.70 -7.59
CA ASN E 340 39.52 -7.99 -7.74
C ASN E 340 39.34 -6.50 -7.46
N PHE E 341 39.67 -6.09 -6.25
CA PHE E 341 39.41 -4.71 -5.84
C PHE E 341 40.15 -3.67 -6.69
N THR E 342 41.26 -4.07 -7.33
CA THR E 342 42.00 -3.11 -8.14
C THR E 342 41.24 -2.72 -9.41
N LYS E 343 40.18 -3.46 -9.71
CA LYS E 343 39.38 -3.21 -10.91
C LYS E 343 38.08 -2.49 -10.57
N ILE E 344 37.87 -2.19 -9.30
CA ILE E 344 36.74 -1.36 -8.91
C ILE E 344 37.04 0.08 -9.28
N PRO E 345 36.24 0.68 -10.19
CA PRO E 345 36.52 2.08 -10.52
C PRO E 345 36.47 2.94 -9.28
N ASN E 346 37.49 3.77 -9.09
CA ASN E 346 37.61 4.59 -7.89
C ASN E 346 36.83 5.87 -8.01
N GLY E 347 36.00 6.16 -7.02
CA GLY E 347 35.34 7.45 -6.97
C GLY E 347 33.98 7.38 -6.34
N THR E 348 33.62 8.46 -5.66
CA THR E 348 32.27 8.65 -5.15
C THR E 348 31.89 10.04 -5.61
N GLY E 349 30.59 10.30 -5.70
CA GLY E 349 30.13 11.61 -6.11
C GLY E 349 29.77 12.40 -4.87
N GLY E 350 30.01 13.70 -4.87
CA GLY E 350 29.56 14.52 -3.78
C GLY E 350 29.20 15.96 -4.11
N LEU E 351 29.15 16.30 -5.40
CA LEU E 351 29.02 17.69 -5.81
C LEU E 351 27.81 18.36 -5.15
N GLU E 352 26.67 17.70 -5.22
CA GLU E 352 25.44 18.24 -4.66
C GLU E 352 25.49 18.28 -3.14
N GLU E 353 26.26 17.37 -2.57
CA GLU E 353 26.25 17.16 -1.13
C GLU E 353 27.25 18.03 -0.38
N ARG E 354 28.26 18.56 -1.08
CA ARG E 354 29.37 19.23 -0.40
C ARG E 354 28.93 20.34 0.54
N MET E 355 28.32 21.38 0.01
CA MET E 355 27.91 22.51 0.86
C MET E 355 26.79 22.14 1.84
N PRO E 356 25.74 21.41 1.38
CA PRO E 356 24.74 21.10 2.41
C PRO E 356 25.26 20.28 3.58
N VAL E 357 26.05 19.25 3.32
CA VAL E 357 26.60 18.45 4.40
C VAL E 357 27.54 19.29 5.28
N LEU E 358 28.38 20.11 4.65
CA LEU E 358 29.31 20.94 5.41
C LEU E 358 28.59 21.94 6.31
N TRP E 359 27.46 22.47 5.85
CA TRP E 359 26.70 23.43 6.64
C TRP E 359 26.14 22.77 7.90
N THR E 360 25.49 21.63 7.74
CA THR E 360 24.91 20.93 8.86
C THR E 360 25.99 20.39 9.82
N ARG E 361 27.00 19.70 9.29
CA ARG E 361 28.08 19.14 10.11
C ARG E 361 29.06 20.16 10.65
N GLY E 362 29.21 21.28 9.95
CA GLY E 362 30.21 22.27 10.33
C GLY E 362 29.67 23.55 10.93
N VAL E 363 28.72 24.17 10.26
CA VAL E 363 28.18 25.43 10.77
C VAL E 363 27.23 25.28 11.93
N ARG E 364 26.28 24.37 11.80
CA ARG E 364 25.27 24.22 12.83
C ARG E 364 25.84 23.66 14.13
N THR E 365 26.95 22.96 14.05
CA THR E 365 27.63 22.40 15.22
C THR E 365 28.62 23.39 15.84
N GLY E 366 28.94 24.46 15.13
CA GLY E 366 29.91 25.42 15.64
C GLY E 366 31.37 25.10 15.39
N ARG E 367 31.67 24.07 14.58
CA ARG E 367 33.05 23.77 14.19
C ARG E 367 33.60 24.83 13.25
N LEU E 368 32.71 25.39 12.44
CA LEU E 368 33.06 26.51 11.57
C LEU E 368 32.10 27.65 11.81
N THR E 369 32.62 28.88 11.82
CA THR E 369 31.73 30.04 11.75
C THR E 369 31.12 30.04 10.34
N PRO E 370 29.97 30.72 10.15
CA PRO E 370 29.42 30.83 8.80
C PRO E 370 30.43 31.43 7.82
N ASN E 371 31.22 32.38 8.30
CA ASN E 371 32.22 33.01 7.45
C ASN E 371 33.33 32.05 7.01
N GLU E 372 33.74 31.19 7.93
CA GLU E 372 34.72 30.14 7.62
C GLU E 372 34.14 29.16 6.59
N PHE E 373 32.85 28.89 6.73
CA PHE E 373 32.14 28.06 5.78
C PHE E 373 32.26 28.64 4.37
N VAL E 374 32.09 29.95 4.25
CA VAL E 374 32.22 30.57 2.92
C VAL E 374 33.66 30.48 2.40
N ALA E 375 34.62 30.78 3.28
CA ALA E 375 36.03 30.74 2.92
C ALA E 375 36.41 29.39 2.35
N VAL E 376 36.02 28.31 3.03
CA VAL E 376 36.46 26.97 2.61
C VAL E 376 35.53 26.31 1.57
N THR E 377 34.44 26.97 1.18
CA THR E 377 33.60 26.46 0.09
C THR E 377 33.74 27.26 -1.21
N SER E 378 34.27 28.48 -1.12
CA SER E 378 34.46 29.27 -2.36
C SER E 378 35.64 30.26 -2.33
N THR E 379 35.64 31.17 -1.36
CA THR E 379 36.56 32.30 -1.37
C THR E 379 38.03 31.89 -1.37
N ASN E 380 38.40 30.92 -0.55
CA ASN E 380 39.80 30.51 -0.48
C ASN E 380 40.30 29.96 -1.81
N ILE E 381 39.54 29.05 -2.42
CA ILE E 381 39.99 28.45 -3.67
C ILE E 381 40.02 29.52 -4.77
N ALA E 382 39.09 30.47 -4.73
CA ALA E 382 39.08 31.58 -5.69
C ALA E 382 40.39 32.37 -5.60
N LYS E 383 40.78 32.67 -4.36
CA LYS E 383 42.01 33.40 -4.12
C LYS E 383 43.20 32.56 -4.55
N ILE E 384 43.16 31.27 -4.19
CA ILE E 384 44.29 30.38 -4.50
C ILE E 384 44.49 30.18 -6.02
N LEU E 385 43.39 30.10 -6.77
CA LEU E 385 43.45 29.92 -8.22
C LEU E 385 43.55 31.26 -8.94
N ASN E 386 43.60 32.32 -8.14
CA ASN E 386 43.81 33.67 -8.63
C ASN E 386 42.60 34.23 -9.41
N ILE E 387 41.38 33.81 -9.06
CA ILE E 387 40.21 34.36 -9.73
C ILE E 387 39.29 35.06 -8.75
N TYR E 388 39.86 35.50 -7.64
CA TYR E 388 39.15 36.35 -6.69
C TYR E 388 39.49 37.80 -7.05
N PRO E 389 38.49 38.71 -7.08
CA PRO E 389 37.09 38.53 -6.70
C PRO E 389 36.11 38.26 -7.85
N GLN E 390 36.57 37.86 -9.03
CA GLN E 390 35.61 37.51 -10.08
C GLN E 390 34.68 36.42 -9.57
N LYS E 391 35.25 35.43 -8.90
CA LYS E 391 34.50 34.37 -8.26
C LYS E 391 34.78 34.39 -6.76
N GLY E 392 33.92 33.72 -5.99
CA GLY E 392 34.14 33.57 -4.57
C GLY E 392 33.95 34.87 -3.78
N ALA E 393 33.25 35.84 -4.36
CA ALA E 393 33.12 37.13 -3.70
C ALA E 393 31.71 37.70 -3.76
N VAL E 394 31.36 38.48 -2.75
CA VAL E 394 30.20 39.34 -2.82
C VAL E 394 30.71 40.77 -2.68
N VAL E 395 31.25 41.30 -3.79
CA VAL E 395 31.76 42.67 -3.86
C VAL E 395 31.35 43.25 -5.22
N PRO E 396 31.24 44.59 -5.32
CA PRO E 396 30.83 45.16 -6.62
C PRO E 396 31.79 44.78 -7.73
N GLY E 397 31.26 44.36 -8.89
CA GLY E 397 32.10 43.94 -10.00
C GLY E 397 32.32 42.44 -10.11
N ALA E 398 32.07 41.70 -9.03
CA ALA E 398 32.19 40.24 -9.05
C ALA E 398 31.10 39.64 -9.94
N ASP E 399 31.36 38.46 -10.52
CA ASP E 399 30.32 37.69 -11.20
C ASP E 399 29.21 37.40 -10.18
N ALA E 400 27.96 37.54 -10.58
CA ALA E 400 26.85 37.30 -9.65
C ALA E 400 26.59 35.81 -9.48
N ASP E 401 27.57 35.10 -8.92
CA ASP E 401 27.43 33.68 -8.59
C ASP E 401 27.09 33.61 -7.12
N LEU E 402 25.82 33.33 -6.82
CA LEU E 402 25.31 33.48 -5.47
C LEU E 402 24.40 32.35 -5.10
N VAL E 403 24.39 31.99 -3.82
CA VAL E 403 23.43 31.03 -3.32
C VAL E 403 22.58 31.67 -2.21
N ILE E 404 21.26 31.49 -2.33
CA ILE E 404 20.33 31.94 -1.31
C ILE E 404 19.99 30.74 -0.44
N TRP E 405 20.37 30.85 0.83
CA TRP E 405 20.39 29.73 1.76
C TRP E 405 19.35 29.91 2.85
N ASP E 406 18.38 29.02 2.88
CA ASP E 406 17.36 29.05 3.93
C ASP E 406 17.86 28.22 5.12
N PRO E 407 18.22 28.89 6.23
CA PRO E 407 18.83 28.19 7.35
C PRO E 407 17.88 27.24 8.07
N GLU E 408 16.58 27.34 7.80
CA GLU E 408 15.59 26.56 8.53
C GLU E 408 15.04 25.34 7.79
N THR E 409 15.14 25.32 6.47
CA THR E 409 14.56 24.23 5.71
C THR E 409 15.37 22.93 5.87
N THR E 410 14.68 21.80 5.85
CA THR E 410 15.33 20.53 6.12
C THR E 410 15.14 19.52 4.99
N LYS E 411 15.98 18.50 4.97
CA LYS E 411 15.82 17.38 4.07
C LYS E 411 16.64 16.17 4.54
N LYS E 412 16.30 15.01 4.01
CA LYS E 412 17.13 13.83 4.22
C LYS E 412 17.72 13.45 2.87
N ILE E 413 19.04 13.32 2.82
CA ILE E 413 19.71 12.97 1.57
C ILE E 413 19.29 11.58 1.14
N SER E 414 18.99 11.44 -0.14
CA SER E 414 18.54 10.19 -0.72
C SER E 414 18.95 10.04 -2.17
N ALA E 415 19.33 8.82 -2.55
CA ALA E 415 19.66 8.57 -3.95
C ALA E 415 18.43 8.79 -4.85
N LYS E 416 17.24 8.53 -4.32
CA LYS E 416 16.03 8.63 -5.11
C LYS E 416 15.71 10.09 -5.50
N THR E 417 16.23 11.04 -4.75
CA THR E 417 15.93 12.46 -4.97
C THR E 417 17.14 13.29 -5.47
N GLN E 418 18.29 12.66 -5.63
CA GLN E 418 19.52 13.38 -6.02
C GLN E 418 19.52 13.76 -7.50
N HIS E 419 20.34 14.74 -7.88
CA HIS E 419 20.49 15.10 -9.29
C HIS E 419 21.64 14.35 -9.97
N SER E 420 22.53 13.73 -9.20
CA SER E 420 23.57 12.89 -9.80
C SER E 420 22.89 11.74 -10.52
N SER E 421 23.51 11.24 -11.59
CA SER E 421 22.82 10.26 -12.43
C SER E 421 22.95 8.81 -11.92
N ILE E 422 23.84 8.57 -10.96
CA ILE E 422 24.02 7.19 -10.51
C ILE E 422 22.92 6.75 -9.54
N ASP E 423 22.92 5.46 -9.21
CA ASP E 423 21.82 4.81 -8.51
C ASP E 423 22.03 4.75 -6.99
N TYR E 424 23.07 5.40 -6.49
CA TYR E 424 23.29 5.41 -5.05
C TYR E 424 23.90 6.72 -4.59
N ASN E 425 24.03 6.88 -3.28
CA ASN E 425 24.52 8.11 -2.69
C ASN E 425 25.27 7.75 -1.40
N VAL E 426 26.55 8.09 -1.32
CA VAL E 426 27.33 7.70 -0.15
C VAL E 426 26.93 8.52 1.07
N PHE E 427 26.13 9.56 0.86
CA PHE E 427 25.59 10.35 1.97
C PHE E 427 24.14 10.00 2.27
N GLU E 428 23.69 8.86 1.76
CA GLU E 428 22.35 8.37 2.02
C GLU E 428 21.96 8.48 3.50
N GLY E 429 20.81 9.12 3.77
CA GLY E 429 20.28 9.18 5.13
C GLY E 429 20.76 10.35 5.97
N PHE E 430 21.69 11.15 5.46
CA PHE E 430 22.13 12.33 6.19
C PHE E 430 20.97 13.31 6.39
N GLU E 431 20.68 13.66 7.64
CA GLU E 431 19.64 14.66 7.94
C GLU E 431 20.24 16.05 7.95
N LEU E 432 19.69 16.90 7.10
CA LEU E 432 20.24 18.23 6.92
C LEU E 432 19.27 19.30 7.37
N LYS E 433 19.83 20.40 7.84
CA LYS E 433 19.02 21.60 8.07
C LYS E 433 19.81 22.82 7.61
N GLY E 434 19.19 23.62 6.74
CA GLY E 434 19.87 24.74 6.12
C GLY E 434 20.28 24.32 4.73
N LEU E 435 19.59 24.84 3.72
CA LEU E 435 19.74 24.35 2.36
C LEU E 435 19.71 25.47 1.32
N PRO E 436 20.39 25.24 0.19
CA PRO E 436 20.23 26.16 -0.94
C PRO E 436 18.80 26.09 -1.49
N ILE E 437 18.13 27.23 -1.60
CA ILE E 437 16.79 27.25 -2.21
C ILE E 437 16.82 27.92 -3.57
N MET E 438 17.84 28.73 -3.81
CA MET E 438 18.06 29.29 -5.14
C MET E 438 19.54 29.46 -5.40
N THR E 439 19.97 29.13 -6.61
CA THR E 439 21.36 29.35 -7.00
C THR E 439 21.41 30.21 -8.25
N LEU E 440 22.23 31.25 -8.22
CA LEU E 440 22.41 32.10 -9.38
C LEU E 440 23.80 31.97 -9.95
N SER E 441 23.87 31.82 -11.26
CA SER E 441 25.12 31.75 -12.00
C SER E 441 25.19 32.93 -12.95
N ARG E 442 26.14 33.81 -12.70
CA ARG E 442 26.24 35.09 -13.42
C ARG E 442 24.86 35.75 -13.55
N GLY E 443 24.15 35.83 -12.43
CA GLY E 443 22.89 36.55 -12.38
C GLY E 443 21.72 35.80 -12.95
N ARG E 444 21.94 34.61 -13.50
CA ARG E 444 20.83 33.83 -14.03
C ARG E 444 20.31 32.86 -12.98
N ILE E 445 19.00 32.73 -12.85
CA ILE E 445 18.45 31.73 -11.95
C ILE E 445 18.79 30.33 -12.51
N ALA E 446 19.64 29.62 -11.79
CA ALA E 446 20.22 28.36 -12.28
C ALA E 446 19.66 27.18 -11.52
N PHE E 447 19.17 27.45 -10.32
CA PHE E 447 18.52 26.46 -9.49
C PHE E 447 17.44 27.16 -8.67
N ASP E 448 16.24 26.59 -8.63
CA ASP E 448 15.13 27.25 -7.96
C ASP E 448 14.05 26.27 -7.53
N LYS E 449 13.70 26.31 -6.25
CA LYS E 449 12.65 25.46 -5.71
C LYS E 449 12.85 24.00 -6.07
N GLY E 450 14.07 23.49 -5.90
CA GLY E 450 14.36 22.09 -6.13
C GLY E 450 14.54 21.67 -7.58
N GLN E 451 14.39 22.62 -8.50
CA GLN E 451 14.55 22.32 -9.92
C GLN E 451 15.75 23.05 -10.52
N VAL E 452 16.56 22.32 -11.27
CA VAL E 452 17.66 22.94 -12.00
C VAL E 452 17.14 23.62 -13.26
N THR E 453 17.29 24.94 -13.34
CA THR E 453 16.75 25.71 -14.45
C THR E 453 17.80 26.10 -15.48
N ALA E 454 19.07 26.07 -15.09
CA ALA E 454 20.15 26.31 -16.03
C ALA E 454 20.22 25.17 -17.05
N LYS E 455 20.51 25.50 -18.30
CA LYS E 455 20.52 24.50 -19.37
C LYS E 455 21.97 24.13 -19.78
N PRO E 456 22.16 22.91 -20.34
CA PRO E 456 23.50 22.54 -20.80
C PRO E 456 24.05 23.54 -21.80
N GLY E 457 25.30 23.98 -21.64
CA GLY E 457 25.84 24.98 -22.54
C GLY E 457 25.80 26.39 -21.96
N ASP E 458 25.08 26.57 -20.85
CA ASP E 458 25.04 27.86 -20.15
C ASP E 458 26.37 28.18 -19.42
N GLY E 459 27.13 27.16 -19.07
CA GLY E 459 28.41 27.39 -18.39
C GLY E 459 29.50 27.87 -19.32
N ARG E 460 30.36 28.74 -18.83
CA ARG E 460 31.51 29.16 -19.65
C ARG E 460 32.84 28.96 -18.89
N PHE E 461 33.91 28.80 -19.67
CA PHE E 461 35.25 28.60 -19.16
C PHE E 461 35.81 29.86 -18.51
N ILE E 462 36.37 29.71 -17.30
CA ILE E 462 36.96 30.83 -16.59
C ILE E 462 38.48 30.83 -16.73
N GLU E 463 39.01 31.81 -17.44
CA GLU E 463 40.45 31.95 -17.61
C GLU E 463 41.09 32.46 -16.34
N ARG E 464 42.29 31.98 -16.04
CA ARG E 464 42.98 32.37 -14.83
C ARG E 464 44.39 32.88 -15.15
N GLU E 465 44.82 33.93 -14.47
CA GLU E 465 46.14 34.50 -14.70
CA GLU E 465 46.14 34.50 -14.70
C GLU E 465 47.21 33.86 -13.82
N PRO E 466 48.39 33.64 -14.37
CA PRO E 466 49.49 33.08 -13.56
C PRO E 466 50.07 34.15 -12.63
N ASN E 467 51.04 33.76 -11.80
CA ASN E 467 51.75 34.68 -10.90
C ASN E 467 50.87 35.38 -9.87
N GLY E 468 50.05 34.61 -9.15
CA GLY E 468 49.33 35.12 -8.00
C GLY E 468 50.26 35.60 -6.91
N ALA E 469 49.69 36.27 -5.92
CA ALA E 469 50.44 36.94 -4.86
C ALA E 469 51.38 36.00 -4.10
N VAL E 470 50.92 34.79 -3.81
CA VAL E 470 51.73 33.85 -3.05
C VAL E 470 52.94 33.30 -3.85
N ASN E 471 52.74 32.99 -5.13
CA ASN E 471 53.86 32.64 -6.03
C ASN E 471 54.93 33.73 -6.03
N ARG E 472 54.48 34.99 -6.18
CA ARG E 472 55.41 36.12 -6.28
C ARG E 472 56.15 36.33 -4.97
N ALA E 473 55.42 36.24 -3.86
CA ALA E 473 56.04 36.41 -2.55
C ALA E 473 57.09 35.30 -2.32
N LEU E 474 56.75 34.05 -2.65
CA LEU E 474 57.68 32.95 -2.44
C LEU E 474 58.93 33.13 -3.31
N SER E 475 58.73 33.49 -4.58
CA SER E 475 59.85 33.71 -5.49
C SER E 475 60.78 34.79 -4.97
N GLN E 476 60.21 35.85 -4.40
CA GLN E 476 60.99 36.93 -3.84
C GLN E 476 61.81 36.46 -2.64
N TRP E 477 61.16 35.70 -1.76
CA TRP E 477 61.83 35.20 -0.56
C TRP E 477 63.00 34.26 -0.89
N LYS E 478 62.82 33.37 -1.85
CA LYS E 478 63.87 32.43 -2.27
C LYS E 478 65.08 33.16 -2.84
N GLU E 479 64.84 34.25 -3.57
CA GLU E 479 65.95 35.03 -4.08
C GLU E 479 66.73 35.67 -2.92
N ILE E 480 66.01 36.15 -1.90
CA ILE E 480 66.63 36.78 -0.73
C ILE E 480 67.54 35.81 0.03
N VAL E 481 67.07 34.57 0.21
CA VAL E 481 67.82 33.61 1.00
C VAL E 481 68.69 32.68 0.15
N ALA E 482 68.79 32.94 -1.15
CA ALA E 482 69.59 32.10 -2.04
C ALA E 482 71.07 32.03 -1.59
N PRO E 483 71.63 30.82 -1.49
CA PRO E 483 73.01 30.63 -1.05
C PRO E 483 74.02 31.13 -2.07
N ARG E 484 75.04 31.84 -1.60
CA ARG E 484 75.97 32.51 -2.48
C ARG E 484 77.35 31.86 -2.43
N LYS E 485 78.05 31.91 -3.56
CA LYS E 485 79.41 31.44 -3.65
C LYS E 485 80.34 32.21 -2.72
N VAL E 486 81.26 31.50 -2.06
CA VAL E 486 82.31 32.14 -1.29
C VAL E 486 83.41 32.59 -2.25
N GLU E 487 83.73 33.89 -2.23
CA GLU E 487 84.80 34.39 -3.09
C GLU E 487 86.15 34.13 -2.44
N ARG E 488 87.04 33.44 -3.16
CA ARG E 488 88.33 33.10 -2.60
C ARG E 488 89.49 33.60 -3.47
N SER E 489 90.36 34.39 -2.87
CA SER E 489 91.60 34.86 -3.49
C SER E 489 92.59 33.71 -3.75
N ALA E 490 93.63 33.97 -4.54
CA ALA E 490 94.65 32.97 -4.84
C ALA E 490 95.45 32.56 -3.60
N ALA F 14 31.58 68.49 3.03
CA ALA F 14 32.69 68.54 2.09
C ALA F 14 33.41 67.19 1.96
N SER F 15 33.28 66.56 0.80
CA SER F 15 33.85 65.23 0.58
C SER F 15 35.33 65.26 0.13
N LYS F 16 36.01 64.14 0.36
CA LYS F 16 37.37 63.92 -0.15
C LYS F 16 37.38 62.71 -1.08
N VAL F 17 38.14 62.78 -2.16
CA VAL F 17 38.34 61.61 -2.99
C VAL F 17 39.83 61.31 -3.14
N ILE F 18 40.21 60.07 -2.84
CA ILE F 18 41.58 59.64 -3.02
C ILE F 18 41.73 59.00 -4.40
N LYS F 19 42.48 59.66 -5.28
CA LYS F 19 42.56 59.26 -6.67
C LYS F 19 43.93 58.71 -7.05
N GLY F 20 43.93 57.71 -7.93
CA GLY F 20 45.16 57.24 -8.56
C GLY F 20 45.90 56.16 -7.79
N GLY F 21 45.38 55.81 -6.62
CA GLY F 21 46.07 54.84 -5.78
C GLY F 21 45.70 53.40 -6.08
N THR F 22 46.45 52.50 -5.47
CA THR F 22 46.14 51.08 -5.53
C THR F 22 45.70 50.61 -4.16
N VAL F 23 44.48 50.10 -4.08
CA VAL F 23 43.96 49.64 -2.81
C VAL F 23 44.54 48.26 -2.47
N ILE F 24 45.07 48.12 -1.26
CA ILE F 24 45.44 46.81 -0.74
C ILE F 24 44.63 46.50 0.52
N THR F 25 43.85 45.42 0.47
CA THR F 25 43.13 44.95 1.64
C THR F 25 43.60 43.56 2.01
N ALA F 26 43.02 42.99 3.06
CA ALA F 26 43.36 41.65 3.49
C ALA F 26 42.99 40.59 2.43
N ASP F 27 42.02 40.88 1.56
CA ASP F 27 41.56 39.87 0.61
CA ASP F 27 41.53 39.89 0.60
C ASP F 27 42.02 40.12 -0.83
N ARG F 28 42.33 41.36 -1.17
CA ARG F 28 42.73 41.65 -2.54
C ARG F 28 43.47 42.97 -2.74
N THR F 29 44.03 43.09 -3.94
CA THR F 29 44.75 44.27 -4.34
C THR F 29 44.16 44.72 -5.66
N PHE F 30 43.81 46.00 -5.76
CA PHE F 30 43.18 46.52 -6.98
C PHE F 30 43.26 48.02 -7.10
N ARG F 31 43.36 48.51 -8.35
CA ARG F 31 43.36 49.95 -8.60
C ARG F 31 41.94 50.49 -8.40
N ALA F 32 41.82 51.56 -7.62
CA ALA F 32 40.53 52.20 -7.37
C ALA F 32 40.69 53.58 -6.74
N ASP F 33 39.71 54.44 -6.98
CA ASP F 33 39.55 55.68 -6.23
C ASP F 33 38.69 55.43 -5.00
N ILE F 34 38.87 56.23 -3.97
CA ILE F 34 38.07 56.10 -2.76
C ILE F 34 37.38 57.42 -2.42
N LEU F 35 36.04 57.40 -2.39
CA LEU F 35 35.25 58.58 -2.05
C LEU F 35 34.91 58.56 -0.55
N ILE F 36 35.20 59.67 0.12
CA ILE F 36 34.98 59.80 1.56
C ILE F 36 33.95 60.88 1.89
N GLU F 37 32.90 60.48 2.61
CA GLU F 37 31.85 61.40 3.04
C GLU F 37 31.48 61.10 4.48
N ASP F 38 31.32 62.14 5.29
CA ASP F 38 30.90 62.00 6.69
C ASP F 38 31.80 61.06 7.49
N GLY F 39 33.11 61.15 7.24
CA GLY F 39 34.08 60.37 7.98
C GLY F 39 34.12 58.90 7.59
N LYS F 40 33.35 58.54 6.57
CA LYS F 40 33.24 57.16 6.17
C LYS F 40 33.59 56.98 4.69
N ILE F 41 33.90 55.77 4.29
CA ILE F 41 34.09 55.45 2.88
C ILE F 41 32.72 55.37 2.23
N ALA F 42 32.46 56.27 1.28
CA ALA F 42 31.17 56.34 0.63
C ALA F 42 31.10 55.44 -0.60
N ALA F 43 32.20 55.37 -1.33
CA ALA F 43 32.22 54.58 -2.56
C ALA F 43 33.65 54.21 -2.93
N ILE F 44 33.77 53.07 -3.60
CA ILE F 44 35.05 52.60 -4.12
C ILE F 44 34.83 52.20 -5.56
N GLY F 45 35.63 52.75 -6.47
CA GLY F 45 35.44 52.51 -7.90
C GLY F 45 36.50 53.12 -8.78
N ASP F 46 36.34 52.93 -10.09
CA ASP F 46 37.37 53.28 -11.07
C ASP F 46 37.74 54.76 -11.11
N SER F 47 36.75 55.63 -11.28
CA SER F 47 37.01 57.05 -11.28
C SER F 47 35.89 57.78 -10.55
N LEU F 48 36.25 58.38 -9.43
CA LEU F 48 35.28 59.04 -8.58
C LEU F 48 35.68 60.50 -8.44
N GLU F 49 34.70 61.35 -8.15
CA GLU F 49 34.99 62.76 -7.96
C GLU F 49 34.60 63.17 -6.54
N GLY F 50 35.25 64.23 -6.05
CA GLY F 50 34.96 64.73 -4.73
C GLY F 50 35.37 66.19 -4.59
N ASP F 51 34.94 66.83 -3.51
CA ASP F 51 35.17 68.25 -3.30
C ASP F 51 36.66 68.55 -3.22
N GLU F 52 37.39 67.67 -2.52
CA GLU F 52 38.82 67.83 -2.35
C GLU F 52 39.54 66.58 -2.86
N VAL F 53 40.58 66.76 -3.66
CA VAL F 53 41.29 65.65 -4.27
C VAL F 53 42.64 65.40 -3.60
N ILE F 54 42.86 64.14 -3.23
CA ILE F 54 44.14 63.69 -2.71
C ILE F 54 44.80 62.77 -3.72
N ASP F 55 45.98 63.18 -4.20
CA ASP F 55 46.65 62.41 -5.23
C ASP F 55 47.45 61.27 -4.62
N ALA F 56 47.03 60.05 -4.92
CA ALA F 56 47.69 58.85 -4.39
C ALA F 56 48.34 58.07 -5.51
N SER F 57 48.62 58.76 -6.62
CA SER F 57 49.30 58.14 -7.75
C SER F 57 50.62 57.50 -7.35
N GLY F 58 50.86 56.29 -7.82
CA GLY F 58 52.08 55.58 -7.48
C GLY F 58 52.13 55.09 -6.05
N CYS F 59 51.02 55.23 -5.32
CA CYS F 59 50.96 54.81 -3.91
C CYS F 59 49.95 53.70 -3.66
N TYR F 60 50.11 53.04 -2.52
CA TYR F 60 49.15 52.05 -2.05
C TYR F 60 48.24 52.71 -1.01
N VAL F 61 46.99 52.29 -0.96
CA VAL F 61 46.08 52.78 0.07
C VAL F 61 45.63 51.59 0.90
N MET F 62 45.87 51.65 2.20
CA MET F 62 45.58 50.53 3.08
C MET F 62 44.76 51.00 4.27
N PRO F 63 44.06 50.05 4.92
CA PRO F 63 43.41 50.42 6.19
C PRO F 63 44.46 50.95 7.15
N GLY F 64 44.14 52.00 7.91
CA GLY F 64 45.05 52.45 8.94
C GLY F 64 45.32 51.31 9.91
N GLY F 65 46.54 51.22 10.41
CA GLY F 65 46.90 50.15 11.33
C GLY F 65 46.12 50.20 12.63
N ILE F 66 45.88 49.02 13.20
CA ILE F 66 45.32 48.96 14.55
C ILE F 66 46.33 48.23 15.44
N ASP F 67 46.83 48.93 16.46
CA ASP F 67 47.78 48.32 17.41
C ASP F 67 47.02 47.94 18.67
N PRO F 68 46.81 46.64 18.89
CA PRO F 68 45.93 46.22 19.98
C PRO F 68 46.60 46.21 21.33
N HIS F 69 47.81 46.75 21.42
CA HIS F 69 48.59 46.56 22.62
C HIS F 69 49.44 47.78 22.97
N THR F 70 48.86 48.71 23.74
CA THR F 70 49.60 49.89 24.18
C THR F 70 49.39 50.18 25.66
N HIS F 71 50.35 50.89 26.24
CA HIS F 71 50.28 51.30 27.65
C HIS F 71 50.68 52.74 27.72
N LEU F 72 49.79 53.62 27.29
CA LEU F 72 50.08 55.05 27.26
C LEU F 72 49.73 55.69 28.60
N GLN F 73 50.62 56.54 29.09
CA GLN F 73 50.52 57.14 30.42
C GLN F 73 50.18 56.07 31.47
N MET F 74 50.91 54.96 31.43
CA MET F 74 50.72 53.85 32.36
C MET F 74 51.40 54.11 33.69
N PRO F 75 50.71 53.83 34.81
CA PRO F 75 51.31 54.06 36.14
C PRO F 75 52.51 53.16 36.44
N PHE F 76 53.62 53.78 36.84
CA PHE F 76 54.80 53.07 37.32
C PHE F 76 55.52 53.88 38.40
N MET F 77 55.71 53.28 39.56
CA MET F 77 56.51 53.85 40.65
C MET F 77 56.12 55.28 41.02
N GLY F 78 54.82 55.56 41.07
CA GLY F 78 54.34 56.85 41.49
C GLY F 78 54.36 57.90 40.38
N THR F 79 54.86 57.49 39.23
CA THR F 79 54.86 58.34 38.04
C THR F 79 54.04 57.70 36.91
N TYR F 80 54.52 57.85 35.69
CA TYR F 80 53.87 57.24 34.53
C TYR F 80 54.92 56.95 33.46
N SER F 81 54.58 56.09 32.50
CA SER F 81 55.40 55.94 31.29
C SER F 81 55.46 57.31 30.58
N SER F 82 56.45 57.52 29.72
CA SER F 82 56.70 58.85 29.19
CA SER F 82 56.71 58.85 29.19
C SER F 82 55.83 59.20 28.00
N ASP F 83 55.37 58.20 27.25
CA ASP F 83 54.42 58.49 26.17
C ASP F 83 53.00 58.38 26.70
N ASP F 84 52.25 59.48 26.63
CA ASP F 84 50.85 59.47 27.03
C ASP F 84 49.97 59.32 25.78
N PHE F 85 48.66 59.52 25.94
CA PHE F 85 47.76 59.33 24.81
C PHE F 85 47.97 60.41 23.76
N ASP F 86 48.57 61.52 24.14
CA ASP F 86 48.89 62.60 23.20
C ASP F 86 50.07 62.19 22.31
N THR F 87 51.27 62.06 22.89
CA THR F 87 52.44 61.75 22.08
C THR F 87 52.37 60.33 21.49
N GLY F 88 51.80 59.41 22.25
CA GLY F 88 51.61 58.03 21.79
C GLY F 88 50.79 57.93 20.51
N THR F 89 49.67 58.65 20.45
CA THR F 89 48.83 58.59 19.26
C THR F 89 49.45 59.37 18.12
N ALA F 90 50.26 60.39 18.46
CA ALA F 90 51.04 61.08 17.45
C ALA F 90 51.99 60.11 16.74
N ALA F 91 52.75 59.36 17.52
CA ALA F 91 53.67 58.34 17.00
C ALA F 91 52.92 57.31 16.15
N ALA F 92 51.78 56.85 16.67
CA ALA F 92 50.95 55.89 15.95
C ALA F 92 50.60 56.41 14.56
N LEU F 93 50.07 57.62 14.49
CA LEU F 93 49.65 58.22 13.22
C LEU F 93 50.80 58.38 12.21
N ALA F 94 51.96 58.80 12.72
CA ALA F 94 53.13 59.00 11.89
C ALA F 94 53.66 57.67 11.34
N GLY F 95 53.17 56.57 11.91
CA GLY F 95 53.56 55.25 11.46
C GLY F 95 52.46 54.53 10.69
N GLY F 96 51.41 55.27 10.33
CA GLY F 96 50.32 54.74 9.55
C GLY F 96 49.27 54.02 10.38
N THR F 97 49.42 54.08 11.71
CA THR F 97 48.50 53.41 12.61
C THR F 97 47.42 54.36 13.11
N THR F 98 46.16 54.00 12.87
CA THR F 98 45.05 54.92 13.13
C THR F 98 44.23 54.59 14.38
N MET F 99 44.54 53.48 15.02
CA MET F 99 43.82 53.11 16.23
C MET F 99 44.72 52.37 17.21
N VAL F 100 44.60 52.72 18.50
CA VAL F 100 45.31 51.97 19.53
C VAL F 100 44.32 51.38 20.51
N VAL F 101 44.68 50.25 21.10
CA VAL F 101 43.87 49.67 22.16
C VAL F 101 44.73 49.56 23.42
N ASP F 102 44.32 50.28 24.46
CA ASP F 102 45.12 50.39 25.68
C ASP F 102 44.54 49.50 26.76
N PHE F 103 45.30 49.31 27.83
CA PHE F 103 44.87 48.44 28.92
C PHE F 103 44.49 49.22 30.18
N VAL F 104 43.21 49.16 30.56
CA VAL F 104 42.78 49.74 31.83
C VAL F 104 43.25 48.85 32.97
N LEU F 105 43.92 49.43 33.97
CA LEU F 105 44.47 48.67 35.08
C LEU F 105 43.82 49.05 36.40
N PRO F 106 42.86 48.24 36.87
CA PRO F 106 42.19 48.45 38.15
C PRO F 106 42.98 47.85 39.32
N ASP F 107 42.59 48.23 40.53
CA ASP F 107 43.13 47.58 41.71
CA ASP F 107 43.09 47.61 41.76
C ASP F 107 42.49 46.21 41.88
N SER F 108 43.12 45.35 42.69
CA SER F 108 42.66 43.97 42.83
C SER F 108 41.30 43.87 43.51
N GLU F 109 40.89 44.95 44.18
CA GLU F 109 39.56 45.02 44.77
C GLU F 109 38.47 44.91 43.71
N GLY F 110 38.83 45.21 42.46
CA GLY F 110 37.93 45.07 41.34
C GLY F 110 37.13 46.32 41.01
N ASN F 111 37.75 47.49 41.20
CA ASN F 111 37.08 48.74 40.87
C ASN F 111 37.16 49.02 39.37
N LEU F 112 36.58 48.11 38.57
CA LEU F 112 36.70 48.17 37.11
C LEU F 112 36.16 49.46 36.52
N LEU F 113 34.96 49.81 36.96
CA LEU F 113 34.27 50.98 36.41
C LEU F 113 34.98 52.27 36.80
N ASP F 114 35.47 52.34 38.05
CA ASP F 114 36.23 53.50 38.51
C ASP F 114 37.50 53.68 37.68
N ALA F 115 38.20 52.58 37.46
CA ALA F 115 39.42 52.60 36.66
C ALA F 115 39.11 53.03 35.21
N LEU F 116 37.99 52.55 34.68
CA LEU F 116 37.58 52.90 33.31
C LEU F 116 37.40 54.41 33.13
N GLN F 117 36.76 55.07 34.10
CA GLN F 117 36.59 56.52 34.07
C GLN F 117 37.94 57.21 34.10
N GLU F 118 38.85 56.68 34.90
CA GLU F 118 40.18 57.24 35.00
C GLU F 118 40.88 57.14 33.64
N TRP F 119 40.70 56.02 32.96
CA TRP F 119 41.32 55.87 31.65
C TRP F 119 40.66 56.76 30.59
N PHE F 120 39.35 56.99 30.70
CA PHE F 120 38.72 57.94 29.79
C PHE F 120 39.33 59.32 29.96
N GLN F 121 39.68 59.70 31.19
CA GLN F 121 40.35 60.97 31.44
C GLN F 121 41.71 61.01 30.73
N LYS F 122 42.47 59.93 30.83
CA LYS F 122 43.76 59.83 30.15
C LYS F 122 43.59 59.98 28.64
N ALA F 123 42.57 59.30 28.10
CA ALA F 123 42.44 59.19 26.67
C ALA F 123 41.88 60.47 26.05
N GLY F 124 41.55 61.44 26.87
CA GLY F 124 41.05 62.71 26.36
C GLY F 124 42.04 63.43 25.44
N LYS F 125 43.32 63.15 25.62
CA LYS F 125 44.36 63.76 24.80
C LYS F 125 44.63 63.00 23.49
N ALA F 126 43.88 61.93 23.23
CA ALA F 126 44.10 61.10 22.03
C ALA F 126 43.92 61.88 20.73
N ARG F 127 44.82 61.67 19.77
CA ARG F 127 44.74 62.35 18.48
C ARG F 127 44.05 61.49 17.44
N THR F 128 43.91 60.20 17.76
CA THR F 128 43.23 59.28 16.86
C THR F 128 42.39 58.31 17.69
N ASP F 129 41.54 57.52 17.03
CA ASP F 129 40.57 56.70 17.75
C ASP F 129 41.25 55.63 18.59
N TYR F 130 40.54 55.16 19.60
CA TYR F 130 41.12 54.23 20.56
C TYR F 130 40.05 53.36 21.16
N SER F 131 40.48 52.28 21.80
CA SER F 131 39.57 51.52 22.66
C SER F 131 40.36 50.92 23.82
N PHE F 132 39.68 50.15 24.67
CA PHE F 132 40.32 49.59 25.86
C PHE F 132 40.13 48.09 25.98
N HIS F 133 41.12 47.45 26.61
CA HIS F 133 40.96 46.15 27.24
C HIS F 133 40.80 46.43 28.72
N MET F 134 39.97 45.66 29.42
CA MET F 134 39.88 45.79 30.88
C MET F 134 40.72 44.70 31.58
N ALA F 135 41.74 45.09 32.32
CA ALA F 135 42.52 44.08 33.04
C ALA F 135 41.75 43.61 34.27
N ILE F 136 41.99 42.36 34.64
CA ILE F 136 41.41 41.76 35.83
C ILE F 136 42.58 41.37 36.75
N THR F 137 42.73 42.07 37.87
CA THR F 137 43.92 41.91 38.69
C THR F 137 43.62 41.29 40.03
N GLY F 138 42.50 40.57 40.12
CA GLY F 138 42.15 39.86 41.34
C GLY F 138 40.86 39.14 41.05
N TRP F 139 40.20 38.62 42.08
CA TRP F 139 38.88 38.02 41.88
C TRP F 139 38.03 38.14 43.14
N ASN F 140 36.79 38.57 42.95
CA ASN F 140 35.83 38.73 44.04
C ASN F 140 34.45 39.01 43.46
N GLU F 141 33.45 39.19 44.33
CA GLU F 141 32.08 39.43 43.87
C GLU F 141 31.99 40.73 43.08
N ARG F 142 32.70 41.75 43.54
CA ARG F 142 32.70 43.04 42.87
C ARG F 142 33.19 42.90 41.44
N THR F 143 34.31 42.21 41.29
CA THR F 143 34.92 41.99 39.99
C THR F 143 33.96 41.26 39.04
N PHE F 144 33.39 40.16 39.55
CA PHE F 144 32.41 39.37 38.82
C PHE F 144 31.27 40.24 38.30
N ASN F 145 30.75 41.09 39.19
CA ASN F 145 29.62 41.94 38.88
C ASN F 145 29.98 43.03 37.88
N GLU F 146 31.10 43.71 38.10
CA GLU F 146 31.42 44.86 37.26
C GLU F 146 31.83 44.48 35.84
N MET F 147 32.27 43.24 35.66
CA MET F 147 32.59 42.74 34.31
C MET F 147 31.38 42.85 33.38
N ALA F 148 30.19 42.54 33.90
CA ALA F 148 28.97 42.65 33.09
C ALA F 148 28.76 44.10 32.65
N GLU F 149 28.95 45.03 33.57
CA GLU F 149 28.80 46.45 33.27
C GLU F 149 29.89 46.94 32.33
N VAL F 150 31.10 46.42 32.48
CA VAL F 150 32.18 46.80 31.58
C VAL F 150 31.85 46.39 30.14
N VAL F 151 31.29 45.20 29.98
CA VAL F 151 30.92 44.74 28.66
C VAL F 151 29.82 45.65 28.05
N LYS F 152 28.85 46.05 28.87
CA LYS F 152 27.80 46.95 28.37
C LYS F 152 28.36 48.28 27.90
N ARG F 153 29.51 48.67 28.44
CA ARG F 153 30.10 49.96 28.10
C ARG F 153 31.02 49.86 26.89
N GLY F 154 31.04 48.69 26.26
CA GLY F 154 31.70 48.51 24.98
C GLY F 154 33.10 47.91 25.02
N ILE F 155 33.48 47.28 26.13
CA ILE F 155 34.75 46.59 26.22
C ILE F 155 34.46 45.08 26.28
N ASN F 156 34.95 44.34 25.29
CA ASN F 156 34.60 42.93 25.21
C ASN F 156 35.81 42.02 25.44
N THR F 157 36.86 42.61 26.02
CA THR F 157 38.09 41.87 26.33
C THR F 157 38.58 42.12 27.76
N PHE F 158 39.10 41.07 28.37
CA PHE F 158 39.62 41.16 29.72
C PHE F 158 41.03 40.61 29.82
N KCX F 159 41.96 41.43 30.30
CA KCX F 159 43.35 41.08 30.26
CB KCX F 159 44.18 42.32 29.93
CG KCX F 159 45.68 42.04 30.24
CD KCX F 159 46.21 41.09 29.14
CE KCX F 159 47.73 41.19 29.10
NZ KCX F 159 48.08 42.59 29.04
C KCX F 159 43.77 40.49 31.59
O KCX F 159 43.43 41.04 32.66
CX KCX F 159 49.46 42.93 28.91
OQ1 KCX F 159 49.83 44.13 28.86
OQ2 KCX F 159 50.32 42.00 28.85
N HIS F 160 44.47 39.36 31.54
CA HIS F 160 44.92 38.70 32.75
C HIS F 160 46.46 38.60 32.76
N PHE F 161 47.06 38.82 33.92
CA PHE F 161 48.52 38.70 34.06
C PHE F 161 48.89 37.50 34.91
N MET F 162 49.66 36.58 34.33
CA MET F 162 50.10 35.40 35.04
C MET F 162 51.45 35.68 35.73
N ALA F 163 52.06 36.80 35.36
CA ALA F 163 53.28 37.27 36.01
C ALA F 163 53.01 38.53 36.84
N TYR F 164 54.08 39.23 37.19
CA TYR F 164 54.03 40.40 38.08
C TYR F 164 53.38 40.04 39.43
N LYS F 165 53.97 39.04 40.06
CA LYS F 165 53.54 38.54 41.37
C LYS F 165 53.53 39.70 42.38
N GLY F 166 52.51 39.74 43.23
CA GLY F 166 52.40 40.79 44.22
C GLY F 166 51.86 42.10 43.67
N ALA F 167 51.66 42.16 42.36
CA ALA F 167 51.15 43.38 41.73
C ALA F 167 49.91 43.10 40.88
N LEU F 168 50.07 42.43 39.75
CA LEU F 168 48.95 42.22 38.82
C LEU F 168 48.49 40.77 38.72
N MET F 169 49.28 39.87 39.29
CA MET F 169 49.12 38.44 39.03
C MET F 169 47.81 37.85 39.56
N VAL F 170 47.18 36.99 38.76
CA VAL F 170 46.08 36.14 39.25
C VAL F 170 46.52 34.68 39.17
N ASN F 171 45.89 33.83 39.97
CA ASN F 171 46.22 32.41 39.95
C ASN F 171 45.23 31.62 39.08
N ASP F 172 45.41 30.31 39.01
CA ASP F 172 44.58 29.45 38.14
C ASP F 172 43.11 29.48 38.53
N ASP F 173 42.87 29.51 39.83
CA ASP F 173 41.52 29.49 40.36
C ASP F 173 40.79 30.75 39.92
N GLU F 174 41.43 31.88 40.19
CA GLU F 174 40.87 33.17 39.81
C GLU F 174 40.73 33.25 38.29
N MET F 175 41.75 32.77 37.58
CA MET F 175 41.70 32.84 36.13
C MET F 175 40.55 31.98 35.54
N PHE F 176 40.33 30.78 36.07
CA PHE F 176 39.26 29.93 35.58
C PHE F 176 37.87 30.57 35.83
N ALA F 177 37.69 31.13 37.02
CA ALA F 177 36.43 31.83 37.35
C ALA F 177 36.22 33.01 36.41
N SER F 178 37.27 33.78 36.17
CA SER F 178 37.15 34.95 35.30
C SER F 178 36.85 34.56 33.86
N PHE F 179 37.51 33.51 33.39
CA PHE F 179 37.30 33.04 32.03
C PHE F 179 35.88 32.55 31.81
N GLN F 180 35.31 31.89 32.82
CA GLN F 180 33.94 31.39 32.74
C GLN F 180 32.97 32.58 32.66
N ARG F 181 33.28 33.62 33.42
CA ARG F 181 32.52 34.85 33.38
C ARG F 181 32.60 35.50 31.99
N CYS F 182 33.79 35.48 31.39
CA CYS F 182 33.98 35.96 30.02
C CYS F 182 33.09 35.20 29.06
N ALA F 183 33.10 33.87 29.18
CA ALA F 183 32.31 33.01 28.32
C ALA F 183 30.84 33.38 28.42
N GLU F 184 30.38 33.56 29.66
CA GLU F 184 29.00 33.92 29.92
C GLU F 184 28.60 35.26 29.30
N LEU F 185 29.50 36.24 29.36
CA LEU F 185 29.19 37.58 28.87
C LEU F 185 29.48 37.73 27.38
N GLY F 186 30.03 36.70 26.76
CA GLY F 186 30.44 36.79 25.37
C GLY F 186 31.69 37.63 25.17
N ALA F 187 32.50 37.73 26.23
CA ALA F 187 33.78 38.43 26.15
C ALA F 187 34.88 37.46 25.83
N MET F 188 36.07 37.99 25.54
CA MET F 188 37.27 37.17 25.31
C MET F 188 38.42 37.58 26.23
N PRO F 189 38.99 36.60 26.95
CA PRO F 189 40.16 36.92 27.77
C PRO F 189 41.43 37.12 26.95
N LEU F 190 42.26 38.07 27.39
CA LEU F 190 43.64 38.21 26.94
C LEU F 190 44.54 37.77 28.08
N VAL F 191 45.73 37.27 27.75
CA VAL F 191 46.64 36.82 28.79
C VAL F 191 48.08 37.21 28.53
N HIS F 192 48.72 37.72 29.57
CA HIS F 192 50.16 37.86 29.62
C HIS F 192 50.68 36.57 30.23
N ALA F 193 51.29 35.72 29.41
CA ALA F 193 51.60 34.37 29.85
C ALA F 193 53.08 34.15 30.17
N GLU F 194 53.45 34.38 31.44
CA GLU F 194 54.73 33.95 32.01
C GLU F 194 54.40 33.40 33.38
N ASN F 195 55.11 32.36 33.83
CA ASN F 195 54.83 31.82 35.16
C ASN F 195 55.42 32.74 36.24
N GLY F 196 54.53 33.50 36.89
CA GLY F 196 54.95 34.50 37.85
C GLY F 196 55.69 33.99 39.07
N ASP F 197 55.34 32.80 39.53
CA ASP F 197 55.99 32.24 40.71
C ASP F 197 57.44 31.88 40.39
N ILE F 198 57.66 31.30 39.22
CA ILE F 198 59.02 30.90 38.87
C ILE F 198 59.86 32.15 38.56
N VAL F 199 59.28 33.11 37.84
CA VAL F 199 59.99 34.35 37.57
C VAL F 199 60.42 35.06 38.87
N ALA F 200 59.52 35.15 39.86
CA ALA F 200 59.85 35.84 41.12
C ALA F 200 61.03 35.19 41.83
N GLN F 201 61.04 33.86 41.88
CA GLN F 201 62.12 33.12 42.53
C GLN F 201 63.42 33.22 41.73
N LEU F 202 63.32 33.17 40.40
CA LEU F 202 64.53 33.31 39.60
C LEU F 202 65.10 34.72 39.76
N GLN F 203 64.23 35.72 39.86
CA GLN F 203 64.67 37.09 40.14
C GLN F 203 65.45 37.14 41.45
N ALA F 204 64.89 36.57 42.51
CA ALA F 204 65.49 36.61 43.83
C ALA F 204 66.82 35.86 43.83
N LYS F 205 66.86 34.72 43.16
CA LYS F 205 68.07 33.91 43.12
C LYS F 205 69.18 34.63 42.35
N LEU F 206 68.85 35.20 41.20
CA LEU F 206 69.83 35.94 40.41
C LEU F 206 70.39 37.13 41.19
N MET F 207 69.52 37.89 41.83
CA MET F 207 69.96 39.04 42.63
C MET F 207 70.88 38.62 43.77
N ALA F 208 70.51 37.55 44.48
CA ALA F 208 71.33 37.08 45.60
C ALA F 208 72.71 36.61 45.13
N GLU F 209 72.81 36.24 43.86
CA GLU F 209 74.08 35.77 43.32
C GLU F 209 74.90 36.89 42.68
N GLY F 210 74.42 38.13 42.78
CA GLY F 210 75.12 39.25 42.17
C GLY F 210 74.90 39.37 40.67
N ASN F 211 74.00 38.57 40.12
CA ASN F 211 73.65 38.67 38.71
C ASN F 211 72.57 39.72 38.55
N ASP F 212 72.97 40.99 38.57
CA ASP F 212 72.04 42.10 38.78
C ASP F 212 71.92 43.08 37.62
N GLY F 213 72.61 42.81 36.52
CA GLY F 213 72.58 43.69 35.36
C GLY F 213 71.35 43.50 34.49
N PRO F 214 71.20 44.38 33.48
CA PRO F 214 70.05 44.30 32.58
C PRO F 214 69.92 42.93 31.92
N GLU F 215 71.02 42.28 31.58
CA GLU F 215 70.95 40.95 30.94
C GLU F 215 70.27 39.93 31.84
N ALA F 216 70.33 40.15 33.16
CA ALA F 216 69.75 39.21 34.11
C ALA F 216 68.22 39.27 34.10
N HIS F 217 67.65 40.34 33.58
CA HIS F 217 66.20 40.39 33.39
C HIS F 217 65.76 39.26 32.46
N ALA F 218 66.47 39.11 31.35
CA ALA F 218 66.18 38.02 30.42
C ALA F 218 66.41 36.67 31.10
N TYR F 219 67.49 36.58 31.89
CA TYR F 219 67.82 35.34 32.58
C TYR F 219 66.70 34.90 33.52
N SER F 220 66.01 35.85 34.13
CA SER F 220 65.00 35.55 35.15
C SER F 220 63.69 35.04 34.55
N ARG F 221 63.53 35.14 33.23
CA ARG F 221 62.30 34.66 32.59
C ARG F 221 62.60 34.06 31.21
N PRO F 222 63.26 32.90 31.21
CA PRO F 222 63.60 32.25 29.95
C PRO F 222 62.35 31.75 29.22
N PRO F 223 62.47 31.46 27.91
CA PRO F 223 61.32 31.08 27.08
C PRO F 223 60.46 29.93 27.66
N GLU F 224 61.08 28.95 28.33
CA GLU F 224 60.27 27.85 28.88
C GLU F 224 59.19 28.35 29.84
N VAL F 225 59.49 29.44 30.55
CA VAL F 225 58.56 30.02 31.50
C VAL F 225 57.35 30.63 30.78
N GLU F 226 57.57 31.19 29.60
CA GLU F 226 56.49 31.74 28.79
C GLU F 226 55.70 30.61 28.12
N GLY F 227 56.43 29.62 27.59
CA GLY F 227 55.80 28.49 26.95
C GLY F 227 54.84 27.76 27.88
N GLU F 228 55.28 27.53 29.11
CA GLU F 228 54.45 26.85 30.09
C GLU F 228 53.16 27.61 30.36
N ALA F 229 53.29 28.89 30.68
CA ALA F 229 52.14 29.70 31.07
C ALA F 229 51.17 29.85 29.90
N THR F 230 51.70 29.95 28.68
CA THR F 230 50.84 30.01 27.49
C THR F 230 50.01 28.74 27.40
N ASN F 231 50.68 27.60 27.51
CA ASN F 231 50.02 26.30 27.50
C ASN F 231 48.92 26.18 28.58
N ARG F 232 49.20 26.66 29.78
CA ARG F 232 48.24 26.59 30.89
C ARG F 232 47.02 27.52 30.66
N ALA F 233 47.26 28.74 30.21
CA ALA F 233 46.19 29.69 29.96
C ALA F 233 45.22 29.12 28.91
N ILE F 234 45.81 28.48 27.89
CA ILE F 234 45.05 27.82 26.84
C ILE F 234 44.16 26.70 27.39
N MET F 235 44.72 25.84 28.22
CA MET F 235 43.93 24.79 28.84
C MET F 235 42.73 25.39 29.59
N ILE F 236 42.98 26.46 30.36
CA ILE F 236 41.94 27.04 31.19
C ILE F 236 40.83 27.72 30.34
N ALA F 237 41.23 28.45 29.31
CA ALA F 237 40.29 29.08 28.41
C ALA F 237 39.42 28.04 27.71
N ASP F 238 40.05 26.98 27.22
CA ASP F 238 39.32 25.91 26.55
C ASP F 238 38.36 25.20 27.51
N GLN F 239 38.80 24.97 28.76
CA GLN F 239 37.89 24.38 29.74
C GLN F 239 36.71 25.31 30.02
N ALA F 240 36.94 26.62 29.95
CA ALA F 240 35.87 27.58 30.21
C ALA F 240 35.00 27.77 28.96
N GLY F 241 35.41 27.23 27.83
CA GLY F 241 34.63 27.35 26.61
C GLY F 241 34.65 28.75 26.03
N VAL F 242 35.80 29.43 26.12
CA VAL F 242 35.93 30.79 25.61
C VAL F 242 37.21 30.93 24.77
N PRO F 243 37.16 31.69 23.67
CA PRO F 243 38.41 31.86 22.92
C PRO F 243 39.45 32.62 23.74
N LEU F 244 40.72 32.45 23.42
CA LEU F 244 41.79 33.10 24.16
C LEU F 244 42.71 33.84 23.21
N TYR F 245 43.10 35.02 23.61
CA TYR F 245 44.06 35.82 22.85
C TYR F 245 45.35 35.97 23.68
N VAL F 246 46.43 35.39 23.16
CA VAL F 246 47.72 35.45 23.84
C VAL F 246 48.54 36.64 23.36
N VAL F 247 48.81 37.57 24.26
CA VAL F 247 49.56 38.77 23.90
C VAL F 247 51.05 38.47 23.83
N HIS F 248 51.75 39.26 23.02
CA HIS F 248 53.21 39.20 22.85
C HIS F 248 53.78 37.79 22.92
N VAL F 249 53.41 36.98 21.91
CA VAL F 249 53.98 35.66 21.70
C VAL F 249 55.43 35.87 21.22
N SER F 250 56.41 35.55 22.06
CA SER F 250 57.78 35.99 21.76
C SER F 250 58.73 34.90 21.29
N CYS F 251 58.35 33.64 21.49
CA CYS F 251 59.28 32.54 21.28
C CYS F 251 58.59 31.31 20.73
N GLU F 252 59.38 30.35 20.26
CA GLU F 252 58.83 29.13 19.66
C GLU F 252 58.00 28.33 20.66
N GLN F 253 58.39 28.34 21.94
CA GLN F 253 57.68 27.56 22.95
C GLN F 253 56.22 28.00 23.11
N SER F 254 55.96 29.29 23.16
CA SER F 254 54.58 29.75 23.28
C SER F 254 53.86 29.63 21.93
N HIS F 255 54.57 29.88 20.83
CA HIS F 255 53.98 29.68 19.51
C HIS F 255 53.57 28.23 19.32
N GLU F 256 54.42 27.30 19.72
CA GLU F 256 54.11 25.86 19.60
C GLU F 256 52.84 25.50 20.39
N ALA F 257 52.69 26.05 21.59
CA ALA F 257 51.50 25.77 22.41
C ALA F 257 50.24 26.21 21.67
N ILE F 258 50.33 27.34 20.99
CA ILE F 258 49.19 27.86 20.24
C ILE F 258 48.86 27.00 19.03
N ARG F 259 49.90 26.60 18.28
CA ARG F 259 49.72 25.72 17.13
C ARG F 259 49.09 24.41 17.53
N ARG F 260 49.58 23.85 18.63
CA ARG F 260 49.10 22.55 19.11
C ARG F 260 47.65 22.67 19.56
N ALA F 261 47.33 23.75 20.26
CA ALA F 261 45.97 23.99 20.72
C ALA F 261 45.01 24.18 19.53
N ARG F 262 45.43 24.97 18.55
CA ARG F 262 44.62 25.18 17.36
C ARG F 262 44.37 23.86 16.63
N GLN F 263 45.36 22.98 16.59
CA GLN F 263 45.18 21.72 15.89
C GLN F 263 44.23 20.78 16.63
N LYS F 264 44.03 21.04 17.92
CA LYS F 264 43.03 20.29 18.68
C LYS F 264 41.65 20.91 18.49
N GLY F 265 41.56 21.99 17.73
CA GLY F 265 40.28 22.66 17.55
C GLY F 265 39.99 23.71 18.60
N MET F 266 40.99 24.11 19.39
CA MET F 266 40.74 25.17 20.38
C MET F 266 40.85 26.54 19.70
N ARG F 267 40.08 27.51 20.17
CA ARG F 267 40.13 28.84 19.59
C ARG F 267 41.12 29.71 20.34
N VAL F 268 42.32 29.84 19.78
CA VAL F 268 43.39 30.59 20.39
C VAL F 268 44.01 31.50 19.35
N PHE F 269 44.18 32.77 19.72
CA PHE F 269 44.87 33.74 18.87
C PHE F 269 46.23 34.10 19.49
N GLY F 270 47.18 34.47 18.65
CA GLY F 270 48.50 34.87 19.10
C GLY F 270 49.01 36.15 18.45
N GLU F 271 49.72 36.95 19.24
CA GLU F 271 50.18 38.28 18.85
C GLU F 271 51.69 38.47 19.05
N PRO F 272 52.49 38.35 17.97
CA PRO F 272 53.92 38.67 18.11
C PRO F 272 54.17 40.17 18.03
N LEU F 273 55.05 40.68 18.89
CA LEU F 273 55.43 42.09 18.82
C LEU F 273 56.44 42.28 17.69
N ILE F 274 56.40 43.47 17.08
CA ILE F 274 57.37 43.82 16.05
C ILE F 274 58.80 43.75 16.63
N GLN F 275 58.94 44.05 17.93
CA GLN F 275 60.25 43.91 18.58
C GLN F 275 60.74 42.46 18.51
N HIS F 276 59.85 41.50 18.77
CA HIS F 276 60.28 40.11 18.84
C HIS F 276 60.46 39.47 17.46
N LEU F 277 59.91 40.11 16.42
CA LEU F 277 60.15 39.69 15.04
C LEU F 277 61.50 40.14 14.51
N THR F 278 62.06 41.22 15.06
CA THR F 278 63.21 41.87 14.40
C THR F 278 64.42 42.20 15.29
N LEU F 279 64.25 42.07 16.60
CA LEU F 279 65.32 42.37 17.56
C LEU F 279 65.59 41.10 18.37
N ASP F 280 66.75 41.02 19.01
CA ASP F 280 67.07 39.79 19.75
C ASP F 280 67.88 40.04 21.02
N GLU F 281 68.01 39.00 21.84
CA GLU F 281 68.61 39.11 23.17
C GLU F 281 70.06 39.55 23.21
N SER F 282 70.76 39.49 22.06
CA SER F 282 72.17 39.93 22.05
C SER F 282 72.29 41.40 22.47
N GLU F 283 71.22 42.16 22.28
CA GLU F 283 71.20 43.57 22.69
C GLU F 283 71.52 43.74 24.17
N TYR F 284 71.10 42.78 25.01
CA TYR F 284 71.30 42.89 26.44
C TYR F 284 72.77 42.72 26.84
N HIS F 285 73.58 42.21 25.92
CA HIS F 285 74.98 41.94 26.19
C HIS F 285 75.87 43.05 25.67
N ASN F 286 75.26 44.14 25.26
CA ASN F 286 75.99 45.36 24.93
C ASN F 286 76.82 45.84 26.13
N ARG F 287 78.04 46.31 25.88
CA ARG F 287 78.90 46.77 26.97
C ARG F 287 78.32 48.00 27.68
N ASP F 288 77.49 48.79 26.98
CA ASP F 288 76.92 49.99 27.59
C ASP F 288 75.66 49.67 28.38
N TRP F 289 75.67 50.03 29.66
CA TRP F 289 74.57 49.75 30.56
C TRP F 289 73.26 50.38 30.06
N ASP F 290 73.32 51.67 29.71
CA ASP F 290 72.16 52.37 29.18
C ASP F 290 71.58 51.64 27.97
N TYR F 291 72.46 51.23 27.06
CA TYR F 291 72.00 50.56 25.84
C TYR F 291 71.19 49.32 26.19
N ALA F 292 71.74 48.50 27.08
CA ALA F 292 71.10 47.23 27.45
C ALA F 292 69.80 47.44 28.24
N ALA F 293 69.83 48.35 29.21
CA ALA F 293 68.68 48.60 30.08
C ALA F 293 67.46 49.12 29.29
N ARG F 294 67.73 49.93 28.28
CA ARG F 294 66.68 50.51 27.44
C ARG F 294 65.82 49.44 26.77
N ARG F 295 66.45 48.32 26.42
CA ARG F 295 65.76 47.25 25.71
C ARG F 295 65.03 46.29 26.64
N VAL F 296 65.14 46.51 27.94
CA VAL F 296 64.45 45.66 28.90
C VAL F 296 62.93 45.79 28.80
N MET F 297 62.28 44.65 28.59
CA MET F 297 60.82 44.57 28.54
C MET F 297 60.41 43.12 28.81
N SER F 298 59.11 42.89 28.97
CA SER F 298 58.60 41.55 29.25
C SER F 298 57.47 41.17 28.28
N PRO F 299 57.64 40.05 27.57
CA PRO F 299 58.80 39.16 27.59
C PRO F 299 60.05 39.83 26.98
N PRO F 300 61.24 39.43 27.43
CA PRO F 300 62.46 40.09 26.94
C PRO F 300 62.76 39.74 25.48
N PHE F 301 63.63 40.51 24.84
CA PHE F 301 64.14 40.08 23.53
C PHE F 301 64.67 38.66 23.67
N ARG F 302 64.44 37.86 22.65
CA ARG F 302 64.77 36.43 22.72
C ARG F 302 65.95 36.10 21.81
N ASP F 303 66.42 34.86 21.91
CA ASP F 303 67.40 34.32 20.97
C ASP F 303 66.87 34.56 19.56
N LYS F 304 67.71 35.08 18.67
CA LYS F 304 67.30 35.40 17.30
C LYS F 304 66.61 34.24 16.56
N LEU F 305 66.93 33.01 16.93
CA LEU F 305 66.34 31.84 16.29
C LEU F 305 64.82 31.86 16.37
N ASN F 306 64.28 32.50 17.40
CA ASN F 306 62.84 32.52 17.58
C ASN F 306 62.10 33.32 16.51
N GLN F 307 62.80 34.26 15.91
CA GLN F 307 62.16 35.12 14.93
C GLN F 307 61.51 34.38 13.77
N ASP F 308 62.22 33.41 13.17
CA ASP F 308 61.67 32.65 12.06
C ASP F 308 60.38 31.93 12.43
N SER F 309 60.28 31.48 13.67
CA SER F 309 59.06 30.81 14.11
C SER F 309 57.89 31.78 14.06
N LEU F 310 58.13 32.98 14.57
CA LEU F 310 57.05 33.98 14.61
C LEU F 310 56.64 34.43 13.20
N TRP F 311 57.62 34.66 12.33
CA TRP F 311 57.36 35.03 10.96
C TRP F 311 56.53 33.96 10.25
N ALA F 312 56.90 32.70 10.43
CA ALA F 312 56.17 31.60 9.79
C ALA F 312 54.71 31.56 10.29
N GLY F 313 54.53 31.84 11.58
CA GLY F 313 53.19 31.88 12.14
C GLY F 313 52.27 32.90 11.48
N LEU F 314 52.83 34.08 11.19
CA LEU F 314 52.06 35.12 10.52
C LEU F 314 51.66 34.67 9.11
N ALA F 315 52.58 34.02 8.40
CA ALA F 315 52.32 33.57 7.05
C ALA F 315 51.34 32.38 7.00
N ALA F 316 51.42 31.52 8.01
CA ALA F 316 50.62 30.31 8.07
C ALA F 316 49.27 30.52 8.77
N GLY F 317 49.07 31.68 9.41
CA GLY F 317 47.81 31.95 10.09
C GLY F 317 47.71 31.44 11.52
N SER F 318 48.79 30.90 12.07
CA SER F 318 48.79 30.46 13.46
C SER F 318 49.04 31.64 14.42
N LEU F 319 49.55 32.75 13.88
CA LEU F 319 49.62 34.01 14.63
C LEU F 319 48.96 35.05 13.77
N GLN F 320 48.17 35.95 14.36
CA GLN F 320 47.25 36.78 13.56
C GLN F 320 47.47 38.29 13.62
N CYS F 321 48.09 38.78 14.68
CA CYS F 321 48.17 40.23 14.89
C CYS F 321 49.55 40.67 15.34
N VAL F 322 50.10 41.68 14.66
CA VAL F 322 51.36 42.31 15.07
C VAL F 322 51.05 43.52 15.95
N ALA F 323 51.76 43.66 17.07
CA ALA F 323 51.56 44.77 18.00
C ALA F 323 52.91 45.30 18.46
N THR F 324 52.92 46.24 19.39
CA THR F 324 54.16 46.83 19.92
C THR F 324 54.29 46.78 21.45
N ASP F 325 53.18 46.59 22.16
CA ASP F 325 53.20 46.65 23.62
C ASP F 325 53.83 47.98 24.04
N HIS F 326 53.46 49.05 23.33
CA HIS F 326 54.14 50.34 23.48
C HIS F 326 54.05 50.89 24.89
N CYS F 327 55.22 50.96 25.52
CA CYS F 327 55.35 51.46 26.87
C CYS F 327 56.72 52.12 26.98
N ALA F 328 56.77 53.45 26.82
CA ALA F 328 58.05 54.14 26.67
C ALA F 328 58.54 54.83 27.94
N PHE F 329 59.79 54.55 28.30
CA PHE F 329 60.43 55.21 29.43
C PHE F 329 61.71 55.91 29.00
N THR F 330 62.01 57.04 29.62
CA THR F 330 63.25 57.77 29.34
C THR F 330 64.43 57.00 29.92
N THR F 331 65.63 57.36 29.48
CA THR F 331 66.85 56.77 30.02
C THR F 331 66.93 56.97 31.53
N GLU F 332 66.55 58.15 31.99
CA GLU F 332 66.59 58.48 33.41
C GLU F 332 65.71 57.52 34.21
N GLN F 333 64.55 57.18 33.64
CA GLN F 333 63.61 56.23 34.24
C GLN F 333 64.17 54.80 34.23
N LYS F 334 64.78 54.39 33.12
CA LYS F 334 65.43 53.09 33.04
C LYS F 334 66.51 52.95 34.11
N ARG F 335 67.17 54.07 34.40
CA ARG F 335 68.29 54.05 35.34
C ARG F 335 67.84 53.83 36.78
N TYR F 336 66.53 53.80 37.03
CA TYR F 336 66.04 53.41 38.35
C TYR F 336 66.51 52.01 38.74
N GLY F 337 66.82 51.19 37.74
CA GLY F 337 67.24 49.81 37.98
C GLY F 337 68.75 49.59 38.02
N ILE F 338 69.53 50.65 38.19
CA ILE F 338 70.97 50.50 38.33
C ILE F 338 71.27 49.62 39.54
N GLY F 339 71.99 48.53 39.31
CA GLY F 339 72.32 47.60 40.38
C GLY F 339 71.20 46.66 40.75
N ASN F 340 70.04 46.80 40.10
CA ASN F 340 68.93 45.91 40.37
C ASN F 340 68.00 45.86 39.17
N PHE F 341 68.15 44.81 38.35
CA PHE F 341 67.38 44.71 37.11
C PHE F 341 65.87 44.64 37.34
N THR F 342 65.44 44.19 38.52
CA THR F 342 64.00 44.09 38.78
C THR F 342 63.37 45.46 38.92
N LYS F 343 64.21 46.50 39.04
CA LYS F 343 63.71 47.86 39.17
C LYS F 343 63.83 48.66 37.88
N ILE F 344 64.33 48.03 36.81
CA ILE F 344 64.26 48.65 35.49
C ILE F 344 62.85 48.58 34.97
N PRO F 345 62.21 49.74 34.73
CA PRO F 345 60.85 49.72 34.18
C PRO F 345 60.81 48.97 32.86
N ASN F 346 59.89 48.02 32.73
CA ASN F 346 59.82 47.19 31.53
C ASN F 346 59.08 47.90 30.42
N GLY F 347 59.70 47.97 29.25
CA GLY F 347 59.00 48.46 28.08
C GLY F 347 59.86 49.15 27.07
N THR F 348 59.49 48.96 25.81
CA THR F 348 60.09 49.65 24.70
C THR F 348 58.94 50.26 23.88
N GLY F 349 59.23 51.29 23.10
CA GLY F 349 58.20 51.89 22.29
C GLY F 349 58.32 51.38 20.86
N GLY F 350 57.20 51.17 20.18
CA GLY F 350 57.27 50.84 18.77
C GLY F 350 56.13 51.33 17.91
N LEU F 351 55.25 52.17 18.47
CA LEU F 351 54.00 52.51 17.79
C LEU F 351 54.23 53.03 16.38
N GLU F 352 55.18 53.97 16.26
CA GLU F 352 55.52 54.57 14.97
C GLU F 352 56.22 53.57 14.06
N GLU F 353 56.93 52.62 14.67
CA GLU F 353 57.81 51.74 13.90
C GLU F 353 57.13 50.45 13.41
N ARG F 354 56.00 50.08 14.01
CA ARG F 354 55.40 48.78 13.74
C ARG F 354 55.16 48.55 12.25
N MET F 355 54.31 49.35 11.62
CA MET F 355 54.02 49.14 10.20
C MET F 355 55.23 49.39 9.28
N PRO F 356 55.98 50.49 9.47
CA PRO F 356 57.13 50.67 8.56
C PRO F 356 58.15 49.54 8.64
N VAL F 357 58.49 49.08 9.84
CA VAL F 357 59.42 47.96 9.96
C VAL F 357 58.85 46.67 9.37
N LEU F 358 57.58 46.37 9.66
CA LEU F 358 56.98 45.13 9.15
C LEU F 358 56.91 45.11 7.63
N TRP F 359 56.69 46.28 7.03
CA TRP F 359 56.65 46.40 5.57
C TRP F 359 58.02 46.04 4.94
N THR F 360 59.09 46.65 5.44
CA THR F 360 60.41 46.38 4.89
C THR F 360 60.90 44.96 5.17
N ARG F 361 60.83 44.52 6.43
CA ARG F 361 61.31 43.19 6.83
C ARG F 361 60.41 42.05 6.35
N GLY F 362 59.13 42.34 6.14
CA GLY F 362 58.15 41.33 5.79
C GLY F 362 57.62 41.32 4.36
N VAL F 363 57.17 42.48 3.90
CA VAL F 363 56.61 42.58 2.54
C VAL F 363 57.68 42.63 1.45
N ARG F 364 58.70 43.46 1.62
CA ARG F 364 59.73 43.62 0.61
C ARG F 364 60.56 42.35 0.48
N THR F 365 60.58 41.54 1.53
CA THR F 365 61.30 40.29 1.53
C THR F 365 60.51 39.11 1.00
N GLY F 366 59.18 39.29 0.91
CA GLY F 366 58.31 38.21 0.49
C GLY F 366 57.89 37.26 1.61
N ARG F 367 58.23 37.58 2.86
CA ARG F 367 57.80 36.75 3.98
C ARG F 367 56.29 36.86 4.13
N LEU F 368 55.76 38.04 3.81
CA LEU F 368 54.31 38.29 3.80
C LEU F 368 53.90 38.90 2.47
N THR F 369 52.75 38.49 1.93
CA THR F 369 52.15 39.21 0.81
C THR F 369 51.68 40.57 1.33
N PRO F 370 51.49 41.54 0.44
CA PRO F 370 50.94 42.82 0.91
C PRO F 370 49.59 42.64 1.61
N ASN F 371 48.80 41.68 1.13
CA ASN F 371 47.51 41.42 1.73
C ASN F 371 47.63 40.82 3.15
N GLU F 372 48.60 39.93 3.34
CA GLU F 372 48.87 39.38 4.67
C GLU F 372 49.35 40.49 5.61
N PHE F 373 50.12 41.43 5.07
CA PHE F 373 50.55 42.62 5.83
C PHE F 373 49.36 43.42 6.34
N VAL F 374 48.36 43.64 5.48
CA VAL F 374 47.18 44.36 5.92
C VAL F 374 46.46 43.53 7.00
N ALA F 375 46.31 42.23 6.75
CA ALA F 375 45.62 41.35 7.69
C ALA F 375 46.26 41.43 9.09
N VAL F 376 47.59 41.38 9.19
CA VAL F 376 48.23 41.33 10.50
C VAL F 376 48.52 42.71 11.12
N THR F 377 48.22 43.79 10.41
CA THR F 377 48.36 45.11 11.04
C THR F 377 47.03 45.80 11.36
N SER F 378 45.92 45.34 10.76
CA SER F 378 44.63 45.97 11.06
C SER F 378 43.44 45.02 10.98
N THR F 379 43.25 44.36 9.85
CA THR F 379 42.02 43.62 9.62
C THR F 379 41.76 42.49 10.59
N ASN F 380 42.77 41.67 10.85
CA ASN F 380 42.57 40.55 11.77
C ASN F 380 42.15 41.02 13.17
N ILE F 381 42.85 42.02 13.72
CA ILE F 381 42.53 42.44 15.07
C ILE F 381 41.15 43.06 15.10
N ALA F 382 40.79 43.78 14.04
CA ALA F 382 39.43 44.35 13.95
C ALA F 382 38.38 43.25 14.03
N LYS F 383 38.62 42.18 13.30
CA LYS F 383 37.71 41.04 13.27
C LYS F 383 37.65 40.37 14.64
N ILE F 384 38.82 40.20 15.23
CA ILE F 384 38.93 39.54 16.51
C ILE F 384 38.23 40.35 17.61
N LEU F 385 38.34 41.66 17.53
CA LEU F 385 37.73 42.52 18.55
C LEU F 385 36.29 42.89 18.19
N ASN F 386 35.80 42.34 17.08
CA ASN F 386 34.41 42.48 16.64
C ASN F 386 34.08 43.90 16.16
N ILE F 387 35.07 44.58 15.61
CA ILE F 387 34.82 45.92 15.07
C ILE F 387 35.13 46.01 13.58
N TYR F 388 35.11 44.87 12.90
CA TYR F 388 35.21 44.83 11.44
C TYR F 388 33.79 44.80 10.89
N PRO F 389 33.48 45.61 9.85
CA PRO F 389 34.36 46.46 9.06
C PRO F 389 34.35 47.95 9.44
N GLN F 390 33.86 48.33 10.61
CA GLN F 390 33.96 49.74 11.02
C GLN F 390 35.43 50.18 10.98
N LYS F 391 36.29 49.31 11.47
CA LYS F 391 37.73 49.50 11.42
C LYS F 391 38.36 48.37 10.62
N GLY F 392 39.59 48.58 10.17
CA GLY F 392 40.33 47.54 9.48
C GLY F 392 39.85 47.19 8.09
N ALA F 393 39.08 48.07 7.48
CA ALA F 393 38.43 47.76 6.22
C ALA F 393 38.54 48.88 5.20
N VAL F 394 38.53 48.50 3.93
CA VAL F 394 38.27 49.43 2.85
C VAL F 394 36.99 48.99 2.14
N VAL F 395 35.85 49.27 2.76
CA VAL F 395 34.56 48.95 2.18
C VAL F 395 33.61 50.10 2.45
N PRO F 396 32.58 50.26 1.59
CA PRO F 396 31.63 51.33 1.84
C PRO F 396 31.03 51.17 3.24
N GLY F 397 30.90 52.29 3.95
CA GLY F 397 30.34 52.27 5.30
C GLY F 397 31.39 52.20 6.40
N ALA F 398 32.60 51.79 6.03
CA ALA F 398 33.71 51.76 6.98
C ALA F 398 34.13 53.16 7.39
N ASP F 399 34.66 53.31 8.59
CA ASP F 399 35.31 54.56 8.96
C ASP F 399 36.47 54.78 7.99
N ALA F 400 36.64 56.02 7.54
CA ALA F 400 37.74 56.32 6.61
C ALA F 400 39.06 56.45 7.38
N ASP F 401 39.50 55.34 7.97
CA ASP F 401 40.80 55.28 8.62
C ASP F 401 41.76 54.66 7.61
N LEU F 402 42.61 55.49 7.03
CA LEU F 402 43.41 55.06 5.89
C LEU F 402 44.83 55.57 5.97
N VAL F 403 45.75 54.78 5.40
CA VAL F 403 47.12 55.21 5.22
C VAL F 403 47.48 55.16 3.73
N ILE F 404 48.11 56.21 3.24
CA ILE F 404 48.61 56.27 1.89
C ILE F 404 50.10 55.97 1.93
N TRP F 405 50.49 54.90 1.27
CA TRP F 405 51.82 54.31 1.42
C TRP F 405 52.64 54.50 0.16
N ASP F 406 53.73 55.24 0.27
CA ASP F 406 54.67 55.40 -0.83
C ASP F 406 55.69 54.30 -0.74
N PRO F 407 55.62 53.34 -1.67
CA PRO F 407 56.49 52.15 -1.61
C PRO F 407 57.96 52.46 -1.91
N GLU F 408 58.24 53.64 -2.44
CA GLU F 408 59.59 53.98 -2.88
C GLU F 408 60.39 54.85 -1.92
N THR F 409 59.71 55.53 -0.98
CA THR F 409 60.43 56.42 -0.07
C THR F 409 61.23 55.64 0.96
N THR F 410 62.40 56.16 1.28
CA THR F 410 63.33 55.49 2.16
C THR F 410 63.65 56.38 3.33
N LYS F 411 64.09 55.76 4.42
CA LYS F 411 64.57 56.47 5.59
C LYS F 411 65.33 55.50 6.47
N LYS F 412 66.15 56.06 7.34
CA LYS F 412 66.83 55.26 8.35
C LYS F 412 66.23 55.67 9.70
N ILE F 413 65.77 54.70 10.48
CA ILE F 413 65.13 55.02 11.75
C ILE F 413 66.12 55.61 12.74
N SER F 414 65.70 56.70 13.38
CA SER F 414 66.53 57.41 14.33
C SER F 414 65.70 58.11 15.41
N ALA F 415 66.21 58.10 16.63
CA ALA F 415 65.57 58.77 17.75
C ALA F 415 65.46 60.27 17.50
N LYS F 416 66.38 60.80 16.69
CA LYS F 416 66.42 62.23 16.40
C LYS F 416 65.18 62.69 15.63
N THR F 417 64.55 61.76 14.91
CA THR F 417 63.40 62.08 14.07
C THR F 417 62.08 61.42 14.51
N GLN F 418 62.09 60.66 15.59
CA GLN F 418 60.89 59.94 16.01
C GLN F 418 59.86 60.87 16.64
N HIS F 419 58.59 60.45 16.64
CA HIS F 419 57.54 61.26 17.24
C HIS F 419 57.31 60.89 18.71
N SER F 420 57.81 59.73 19.13
CA SER F 420 57.79 59.35 20.54
C SER F 420 58.62 60.31 21.38
N SER F 421 58.24 60.50 22.64
CA SER F 421 58.85 61.54 23.45
C SER F 421 60.17 61.16 24.10
N ILE F 422 60.51 59.87 24.10
CA ILE F 422 61.75 59.46 24.77
C ILE F 422 62.98 59.72 23.92
N ASP F 423 64.15 59.53 24.54
CA ASP F 423 65.41 59.99 23.98
C ASP F 423 66.18 58.92 23.19
N TYR F 424 65.57 57.76 22.97
CA TYR F 424 66.19 56.69 22.19
C TYR F 424 65.13 55.92 21.41
N ASN F 425 65.59 55.01 20.57
CA ASN F 425 64.74 54.21 19.70
C ASN F 425 65.37 52.82 19.51
N VAL F 426 64.70 51.77 19.93
CA VAL F 426 65.31 50.44 19.89
C VAL F 426 65.44 49.93 18.45
N PHE F 427 64.81 50.65 17.52
CA PHE F 427 64.93 50.36 16.09
C PHE F 427 65.91 51.30 15.41
N GLU F 428 66.72 51.98 16.22
CA GLU F 428 67.77 52.88 15.74
C GLU F 428 68.59 52.20 14.62
N GLY F 429 68.71 52.88 13.47
CA GLY F 429 69.55 52.41 12.39
C GLY F 429 68.87 51.52 11.37
N PHE F 430 67.64 51.10 11.64
CA PHE F 430 66.87 50.30 10.68
C PHE F 430 66.67 51.02 9.35
N GLU F 431 67.07 50.38 8.27
CA GLU F 431 66.89 50.97 6.94
C GLU F 431 65.54 50.58 6.35
N LEU F 432 64.73 51.58 6.04
CA LEU F 432 63.39 51.32 5.54
C LEU F 432 63.22 51.79 4.10
N LYS F 433 62.36 51.09 3.37
CA LYS F 433 61.90 51.54 2.07
C LYS F 433 60.43 51.21 1.99
N GLY F 434 59.61 52.21 1.67
CA GLY F 434 58.18 52.05 1.70
C GLY F 434 57.66 52.64 3.00
N LEU F 435 57.02 53.80 2.91
CA LEU F 435 56.63 54.54 4.11
C LEU F 435 55.25 55.19 4.01
N PRO F 436 54.58 55.32 5.16
CA PRO F 436 53.32 56.09 5.21
C PRO F 436 53.62 57.56 4.96
N ILE F 437 52.99 58.18 3.97
CA ILE F 437 53.20 59.60 3.74
C ILE F 437 51.96 60.42 4.12
N MET F 438 50.82 59.76 4.21
CA MET F 438 49.63 60.42 4.73
C MET F 438 48.80 59.43 5.52
N THR F 439 48.27 59.88 6.66
CA THR F 439 47.39 59.06 7.46
C THR F 439 46.07 59.80 7.67
N LEU F 440 44.96 59.12 7.40
CA LEU F 440 43.65 59.72 7.61
C LEU F 440 42.88 58.99 8.71
N SER F 441 42.26 59.75 9.61
CA SER F 441 41.45 59.19 10.69
C SER F 441 40.00 59.66 10.57
N ARG F 442 39.09 58.72 10.32
CA ARG F 442 37.70 59.01 9.99
C ARG F 442 37.61 60.15 8.97
N GLY F 443 38.40 60.03 7.91
CA GLY F 443 38.39 60.96 6.81
C GLY F 443 39.13 62.27 7.02
N ARG F 444 39.65 62.49 8.22
CA ARG F 444 40.42 63.70 8.48
C ARG F 444 41.90 63.43 8.26
N ILE F 445 42.58 64.35 7.60
CA ILE F 445 44.03 64.22 7.45
C ILE F 445 44.68 64.41 8.83
N ALA F 446 45.29 63.33 9.31
CA ALA F 446 45.82 63.25 10.67
C ALA F 446 47.36 63.30 10.68
N PHE F 447 47.95 62.89 9.56
CA PHE F 447 49.39 62.94 9.39
C PHE F 447 49.67 63.23 7.92
N ASP F 448 50.53 64.20 7.66
CA ASP F 448 50.74 64.66 6.29
C ASP F 448 52.09 65.35 6.14
N LYS F 449 52.84 64.97 5.11
CA LYS F 449 54.13 65.59 4.83
C LYS F 449 55.04 65.61 6.06
N GLY F 450 55.09 64.48 6.76
CA GLY F 450 55.94 64.31 7.92
C GLY F 450 55.49 64.96 9.22
N GLN F 451 54.36 65.67 9.18
CA GLN F 451 53.85 66.35 10.37
C GLN F 451 52.53 65.73 10.84
N VAL F 452 52.42 65.55 12.15
CA VAL F 452 51.14 65.10 12.72
C VAL F 452 50.15 66.27 12.79
N THR F 453 49.07 66.16 12.04
CA THR F 453 48.13 67.27 11.89
C THR F 453 46.89 67.08 12.76
N ALA F 454 46.64 65.85 13.22
CA ALA F 454 45.55 65.62 14.17
C ALA F 454 45.87 66.28 15.51
N LYS F 455 44.84 66.85 16.14
CA LYS F 455 45.00 67.56 17.40
C LYS F 455 44.55 66.65 18.55
N PRO F 456 45.10 66.87 19.76
CA PRO F 456 44.63 66.12 20.93
C PRO F 456 43.13 66.29 21.14
N GLY F 457 42.41 65.19 21.36
CA GLY F 457 40.96 65.26 21.47
C GLY F 457 40.23 64.87 20.20
N ASP F 458 40.97 64.73 19.11
CA ASP F 458 40.34 64.30 17.86
C ASP F 458 39.94 62.82 17.90
N GLY F 459 40.61 62.04 18.74
CA GLY F 459 40.28 60.63 18.86
C GLY F 459 39.04 60.35 19.69
N ARG F 460 38.28 59.33 19.30
CA ARG F 460 37.09 58.95 20.04
C ARG F 460 37.11 57.48 20.43
N PHE F 461 36.45 57.16 21.54
CA PHE F 461 36.39 55.79 22.04
C PHE F 461 35.54 54.93 21.11
N ILE F 462 36.05 53.76 20.74
CA ILE F 462 35.31 52.85 19.89
C ILE F 462 34.65 51.77 20.73
N GLU F 463 33.33 51.79 20.81
CA GLU F 463 32.62 50.76 21.56
C GLU F 463 32.60 49.47 20.78
N ARG F 464 32.66 48.35 21.50
CA ARG F 464 32.71 47.03 20.86
C ARG F 464 31.62 46.11 21.39
N GLU F 465 31.03 45.31 20.52
CA GLU F 465 29.98 44.39 20.95
C GLU F 465 30.54 43.04 21.34
N PRO F 466 29.93 42.42 22.36
CA PRO F 466 30.28 41.06 22.79
C PRO F 466 29.70 40.00 21.84
N ASN F 467 30.03 38.74 22.08
CA ASN F 467 29.52 37.61 21.33
C ASN F 467 29.80 37.65 19.84
N GLY F 468 31.06 37.88 19.48
CA GLY F 468 31.50 37.74 18.10
C GLY F 468 31.34 36.31 17.59
N ALA F 469 31.55 36.12 16.29
CA ALA F 469 31.28 34.85 15.61
C ALA F 469 32.06 33.68 16.23
N VAL F 470 33.31 33.89 16.56
CA VAL F 470 34.12 32.80 17.10
C VAL F 470 33.66 32.41 18.52
N ASN F 471 33.36 33.39 19.37
CA ASN F 471 32.75 33.11 20.67
C ASN F 471 31.51 32.26 20.48
N ARG F 472 30.66 32.66 19.54
CA ARG F 472 29.39 31.99 19.33
C ARG F 472 29.59 30.56 18.82
N ALA F 473 30.51 30.36 17.89
CA ALA F 473 30.78 29.04 17.36
C ALA F 473 31.32 28.11 18.46
N LEU F 474 32.27 28.62 19.26
CA LEU F 474 32.85 27.79 20.31
C LEU F 474 31.77 27.38 21.34
N SER F 475 30.92 28.33 21.73
CA SER F 475 29.86 28.01 22.70
C SER F 475 28.92 26.93 22.17
N GLN F 476 28.58 27.02 20.89
CA GLN F 476 27.71 26.03 20.27
C GLN F 476 28.40 24.65 20.26
N TRP F 477 29.67 24.61 19.90
CA TRP F 477 30.42 23.35 19.87
C TRP F 477 30.53 22.71 21.27
N LYS F 478 30.82 23.52 22.27
CA LYS F 478 30.89 23.01 23.65
C LYS F 478 29.55 22.46 24.12
N GLU F 479 28.46 23.13 23.74
CA GLU F 479 27.14 22.60 24.11
C GLU F 479 26.96 21.25 23.43
N ILE F 480 27.37 21.14 22.17
CA ILE F 480 27.26 19.89 21.43
C ILE F 480 28.01 18.73 22.09
N VAL F 481 29.24 18.97 22.55
CA VAL F 481 30.06 17.88 23.08
C VAL F 481 30.00 17.74 24.61
N ALA F 482 29.10 18.47 25.25
CA ALA F 482 28.99 18.40 26.72
C ALA F 482 28.69 16.97 27.20
N PRO F 483 29.47 16.48 28.18
CA PRO F 483 29.32 15.14 28.72
C PRO F 483 28.01 14.97 29.47
N ARG F 484 27.35 13.85 29.26
CA ARG F 484 26.01 13.65 29.79
C ARG F 484 25.98 12.56 30.84
N LYS F 485 25.08 12.70 31.80
CA LYS F 485 24.88 11.71 32.85
C LYS F 485 24.42 10.37 32.25
N VAL F 486 24.93 9.27 32.77
CA VAL F 486 24.45 7.96 32.37
C VAL F 486 23.16 7.65 33.13
N GLU F 487 22.09 7.34 32.42
CA GLU F 487 20.82 7.03 33.07
C GLU F 487 20.88 5.61 33.61
N ARG F 488 20.70 5.45 34.91
CA ARG F 488 20.75 4.14 35.55
C ARG F 488 19.44 3.87 36.26
N SER F 489 18.78 2.76 35.90
CA SER F 489 17.54 2.33 36.56
C SER F 489 17.81 2.00 38.02
N ALA F 490 16.75 1.90 38.81
CA ALA F 490 16.90 1.52 40.21
C ALA F 490 17.36 0.07 40.30
N GLU F 491 17.05 -0.70 39.26
CA GLU F 491 17.52 -2.08 39.11
C GLU F 491 19.05 -2.17 39.02
N HIS F 492 19.69 -1.10 38.54
CA HIS F 492 21.13 -1.12 38.32
C HIS F 492 21.85 -0.15 39.27
N MET F 493 21.16 0.22 40.34
CA MET F 493 21.71 1.08 41.38
C MET F 493 21.76 0.27 42.67
N PRO F 494 22.71 0.60 43.57
CA PRO F 494 22.87 -0.22 44.77
C PRO F 494 21.83 0.09 45.83
ZN ZN G . -19.17 -20.31 -32.84
ZN ZN H . -17.34 -18.66 -30.57
C1 EDO I . -25.08 -33.29 -11.11
O1 EDO I . -25.45 -33.12 -12.49
C2 EDO I . -24.37 -32.04 -10.63
O2 EDO I . -23.17 -31.83 -11.39
C1 EDO J . -37.21 -20.71 -22.37
O1 EDO J . -37.51 -22.08 -22.10
C2 EDO J . -36.12 -20.28 -21.38
O2 EDO J . -35.26 -21.41 -21.19
C1 EDO K . -35.56 -13.30 -29.81
O1 EDO K . -36.74 -13.91 -29.26
C2 EDO K . -35.95 -11.91 -30.34
O2 EDO K . -36.94 -11.38 -29.47
C1 EDO L . -36.44 -9.15 -15.08
O1 EDO L . -37.27 -9.59 -14.00
C2 EDO L . -37.19 -8.33 -16.11
O2 EDO L . -38.03 -9.21 -16.89
C1 EDO M . -29.09 -33.79 -10.21
O1 EDO M . -28.59 -33.37 -11.50
C2 EDO M . -29.62 -35.21 -10.24
O2 EDO M . -30.73 -35.27 -11.17
ZN ZN N . -48.13 -23.36 6.34
ZN ZN O . -45.28 -22.94 7.83
C1 EDO P . -36.91 -7.72 -11.08
O1 EDO P . -37.91 -8.73 -10.91
C2 EDO P . -35.71 -8.02 -10.19
O2 EDO P . -36.10 -8.08 -8.82
C1 EDO Q . -41.40 -27.93 -12.55
O1 EDO Q . -41.86 -27.18 -13.69
C2 EDO Q . -40.25 -27.17 -11.90
O2 EDO Q . -40.64 -25.80 -11.78
C1 EDO R . -43.88 -35.88 -6.25
O1 EDO R . -43.51 -36.07 -7.62
C2 EDO R . -43.74 -37.23 -5.61
O2 EDO R . -42.80 -37.94 -6.43
ZN ZN S . -9.59 10.12 -7.15
ZN ZN T . -11.39 8.28 -9.12
C1 EDO U . -21.95 -4.59 10.67
O1 EDO U . -20.74 -3.85 10.43
C2 EDO U . -22.59 -5.10 9.37
O2 EDO U . -22.49 -4.11 8.34
C1 EDO V . -1.62 -5.00 4.65
O1 EDO V . -2.02 -4.77 6.01
C2 EDO V . -2.77 -5.72 3.96
O2 EDO V . -3.96 -5.50 4.71
C1 EDO W . 3.97 -1.54 -3.39
O1 EDO W . 4.31 -2.51 -2.40
C2 EDO W . 4.81 -1.86 -4.60
O2 EDO W . 5.60 -2.98 -4.23
C1 EDO X . -1.77 -15.70 -3.80
O1 EDO X . -1.85 -16.75 -2.83
C2 EDO X . -0.38 -15.65 -4.42
O2 EDO X . 0.54 -15.20 -3.40
ZN ZN Y . -9.88 -31.85 17.86
ZN ZN Z . -12.74 -32.10 16.27
C1 EDO AA . -2.95 -19.75 -4.20
O1 EDO AA . -2.73 -19.80 -2.78
C2 EDO AA . -4.45 -19.87 -4.51
O2 EDO AA . -5.05 -20.79 -3.58
C1 EDO BA . -6.68 -11.54 14.60
O1 EDO BA . -5.35 -11.27 14.15
C2 EDO BA . -7.47 -12.09 13.42
O2 EDO BA . -6.64 -13.01 12.70
C1 EDO CA . -10.93 -14.55 23.63
O1 EDO CA . -10.35 -13.31 23.21
C2 EDO CA . -11.92 -14.24 24.73
O2 EDO CA . -12.53 -12.98 24.44
C1 EDO DA . -19.55 -6.74 13.56
O1 EDO DA . -19.16 -5.77 12.58
C2 EDO DA . -19.35 -6.19 14.96
O2 EDO DA . -17.97 -5.85 15.12
ZN ZN EA . 40.80 13.49 -8.19
ZN ZN FA . 43.38 11.80 -6.76
C1 EDO GA . 36.71 20.83 16.35
O1 EDO GA . 36.11 20.86 15.05
C2 EDO GA . 37.14 19.41 16.69
O2 EDO GA . 37.85 18.85 15.58
C1 EDO HA . 43.92 31.95 0.54
O1 EDO HA . 42.78 32.57 1.16
C2 EDO HA . 44.48 30.95 1.52
O2 EDO HA . 43.38 30.19 2.01
C1 EDO IA . 47.99 30.21 -8.95
O1 EDO IA . 47.38 31.34 -8.32
C2 EDO IA . 49.07 30.79 -9.85
O2 EDO IA . 49.57 31.92 -9.14
C1 EDO JA . 57.12 32.23 3.28
O1 EDO JA . 57.25 33.14 4.38
C2 EDO JA . 57.69 32.81 2.00
O2 EDO JA . 56.73 33.72 1.43
ZN ZN KA . 51.49 44.89 27.73
ZN ZN LA . 52.54 42.08 28.90
C1 EDO MA . 59.93 32.72 6.31
O1 EDO MA . 59.09 33.79 6.73
C2 EDO MA . 59.92 31.61 7.36
O2 EDO MA . 60.38 32.11 8.61
C1 EDO NA . 40.42 36.60 12.19
O1 EDO NA . 40.84 37.14 10.93
C2 EDO NA . 41.48 35.60 12.64
O2 EDO NA . 42.73 36.13 12.24
C1 EDO OA . 35.44 39.50 21.00
O1 EDO OA . 35.02 39.50 19.62
C2 EDO OA . 34.20 39.34 21.87
O2 EDO OA . 33.29 38.45 21.18
C1 EDO PA . 36.32 24.58 17.40
O1 EDO PA . 36.41 24.07 16.07
C2 EDO PA . 34.92 25.12 17.66
O2 EDO PA . 34.71 26.27 16.83
#